data_8FD3
#
_entry.id   8FD3
#
_cell.length_a   1.00
_cell.length_b   1.00
_cell.length_c   1.00
_cell.angle_alpha   90.00
_cell.angle_beta   90.00
_cell.angle_gamma   90.00
#
_symmetry.space_group_name_H-M   'P 1'
#
loop_
_entity.id
_entity.type
_entity.pdbx_description
1 polymer 'Type I-B CRISPR-associated protein Cas5'
2 polymer 'Type I-B CRISPR-associated protein Cas6'
3 polymer 'Type I-B CRISPR-associated protein Cas7'
4 polymer 'Type I-MYXAN CRISPR-associated Cas8a1/Cmx1'
5 polymer 'Type I-B CRISPR-associated protein Cas11'
6 polymer RNA
7 polymer 'Target DNA strand'
8 polymer 'Non-target DNA strand'
#
loop_
_entity_poly.entity_id
_entity_poly.type
_entity_poly.pdbx_seq_one_letter_code
_entity_poly.pdbx_strand_id
1 'polypeptide(L)'
;MIAPLILYLDVPFTTFRESHAREMGKTYPVPPPATVYGMLLSLVGETNVYRHCGVELAIAMLSSPKKSRILRQMRRFKNA
DFSHPENVIPCYQEILSNLKCLIWVRSDEEKIQPSLRERIQLAFDHPELVRRFGCLFLGESDQLIKTIKLAREDYLEGVR
QWAIRDNRGRLTLPYWVDHVGSRNTRFLRYRIEEMDRLSPPDLAWTMVQSPI
;
A
2 'polypeptide(L)'
;MTAILIQSEEYVDLTFKLRGAPIPLDNGYLTYAALSRICPPLHELKSIGIHPIAGIPTRNNLLELTAQSRLKIRIYHQQI
PLIYPYLAGQAFHIGQNFYQLDIPDYKPLISSESVYSRLVIIKGFQDSTNFIEAVQRQMDNLGIQGKIELLTRQDGTPQR
RQLTINKEGKQFKVRGFGVKISELNPEDSLTLQEQGIGGKRKMMCGIFVPATRSKEEEET
;
B
3 'polypeptide(L)'
;MMTQKKNDSNIPNYYLYGTVLTRYGLASLNHDIRRGNKTILQKGYWNNGKIHSFVGSSAIRWALRFYLQKQGYLVNRVWD
EEEHINRLTSEDFDPEKFYDDDIFGFALLESAETEEDTSTTKRKKKQTKTSTPNQRMGALGMNMAVSLTPYDGAVKLGAK
SGREKDSTSLHFTEYHATRYQYYFGIDATHLKDFSRILPMIDGIMNLPKVGGSSNIFNYPFCPDSLVFQWTNHFASYISY
CFEYCDPKSKEAKLSQEFIDEVECGQIDPSKLWIGGTIVKDLQQLDNFESSPLNKAHIYRNRNEMIEALKTVIKRDLGLE
ESK
;
C,D,E,F,G,H
4 'polypeptide(L)'
;MHHHHHHHHIVSTQPKISLSLHAADTTIMHRVGMTGLYMTLKRLEKQYPLSRQRGGHISWFLTADTIELFWEGSDFIALS
WLINESFQLDDTGLIHLVGLDNDRIDLRQKIHIHEGICGVFLRLNKFYQAGEIINTELRFEEKQVEYQYKSLTWYAHQTF
AEKLCEADTQQLRHDYIQITSWLYLGGIVRHARTQNTTKLEEKPEYALALLFVPVVCHYCLLHIPSEDLKERKPHRYLVV
IPEIKDFEDASQRRWRLQQLETKQFHVSSLGEAGLLYYSLDDIQPEVAYYQACQVWLYEKTNKASRQRTLMSIEEIKIDK
NILITYQQVQKYFKTNYQIIKYKQIFIKVNPIRSLIADNLVKGIHWWSNFWEKLVIEDSKEYLFNQLFSNREGFIIMAEN
SEEDKQYLIFIKVFQQAMKGNFAKIYAKTEEGKDPPIKKKVERLRAELNYCYDELSFKEYLSDFLVRGGLNKYFNEHQEE
IALLIKKSPWQEIRIWSLLAIASYKPKDKLTNRDDSSLSNNQKLEEVNDDSEEE
;
I
5 'polypeptide(L)'
;MAENSEEDKQYLIFIKVFQQAMKGNFAKIYAKTEEGKDPPIKKKVERLRAELNYCYDELSFKEYLSDFLVRGGLNKYFNE
HQEEIALLIKKSPWQEIRIWSLLAIASYKPKDKLTNRDDSSLSNNQKLEEVNDDSEEE
;
J,K,L
6 'polyribonucleotide' UUGCUCAAGAGAAGUCAUUUAAUAAGGCCACUGUUAAACGUAGGUGAGUCGUGGCUUUAUGCCGUUAGGCG M
7 'polydeoxyribonucleotide' (DC)(DA)(DT)(DG)(DA)(DT)(DC)(DT)(DA)(DC) N
8 'polydeoxyribonucleotide'
;(DG)(DT)(DA)(DG)(DA)(DT)(DC)(DA)(DT)(DG)(DG)(DA)(DG)(DA)(DA)(DG)(DT)(DC)(DA)(DT)
(DT)(DT)(DA)(DA)(DT)(DA)(DA)(DG)(DG)(DC)(DC)(DA)(DC)(DT)(DG)(DT)(DT)(DA)(DA)(DA)
(DC)(DG)(DT)(DA)(DG)
;
O
#
# COMPACT_ATOMS: atom_id res chain seq x y z
N MET A 1 -21.65 -47.32 59.51
CA MET A 1 -21.74 -48.05 58.25
C MET A 1 -20.68 -47.49 57.32
N ILE A 2 -20.10 -48.33 56.47
CA ILE A 2 -19.06 -47.89 55.55
C ILE A 2 -19.59 -46.80 54.64
N ALA A 3 -18.79 -45.76 54.44
CA ALA A 3 -19.20 -44.64 53.61
C ALA A 3 -19.42 -45.10 52.18
N PRO A 4 -20.47 -44.62 51.50
CA PRO A 4 -20.73 -45.05 50.13
C PRO A 4 -19.60 -44.65 49.19
N LEU A 5 -19.36 -45.50 48.21
CA LEU A 5 -18.34 -45.22 47.20
C LEU A 5 -18.78 -44.07 46.30
N ILE A 6 -17.82 -43.25 45.89
CA ILE A 6 -18.08 -42.12 45.01
C ILE A 6 -17.20 -42.26 43.78
N LEU A 7 -17.81 -42.18 42.61
CA LEU A 7 -17.10 -42.25 41.33
C LEU A 7 -17.34 -40.96 40.54
N TYR A 8 -16.27 -40.41 39.99
CA TYR A 8 -16.36 -39.24 39.13
C TYR A 8 -16.34 -39.69 37.68
N LEU A 9 -17.37 -39.31 36.93
CA LEU A 9 -17.51 -39.72 35.54
C LEU A 9 -17.35 -38.52 34.62
N ASP A 10 -16.72 -38.76 33.46
CA ASP A 10 -16.57 -37.76 32.43
C ASP A 10 -16.64 -38.51 31.10
N VAL A 11 -17.74 -38.33 30.38
CA VAL A 11 -17.95 -38.98 29.10
C VAL A 11 -18.18 -37.91 28.04
N PRO A 12 -17.33 -37.81 27.02
CA PRO A 12 -17.53 -36.77 26.00
C PRO A 12 -18.86 -36.86 25.29
N PHE A 13 -19.36 -38.06 25.03
CA PHE A 13 -20.62 -38.26 24.32
C PHE A 13 -21.37 -39.43 24.92
N THR A 14 -22.68 -39.26 25.06
CA THR A 14 -23.54 -40.30 25.64
C THR A 14 -24.86 -40.35 24.89
N THR A 15 -25.50 -41.51 24.93
CA THR A 15 -26.83 -41.72 24.36
C THR A 15 -27.60 -42.65 25.27
N PHE A 16 -28.47 -42.08 26.11
CA PHE A 16 -29.33 -42.90 26.96
C PHE A 16 -30.70 -42.92 26.31
N ARG A 17 -30.85 -43.65 25.21
CA ARG A 17 -32.12 -43.69 24.50
C ARG A 17 -33.31 -43.99 25.41
N GLU A 18 -34.49 -43.47 25.05
CA GLU A 18 -35.67 -43.74 25.85
C GLU A 18 -36.22 -45.12 25.54
N SER A 19 -36.83 -45.75 26.53
CA SER A 19 -37.37 -47.10 26.36
C SER A 19 -38.35 -47.16 25.21
N HIS A 20 -39.23 -46.16 25.11
CA HIS A 20 -40.26 -46.13 24.07
C HIS A 20 -39.82 -45.37 22.83
N ALA A 21 -38.60 -44.84 22.81
CA ALA A 21 -38.11 -44.09 21.66
C ALA A 21 -37.38 -45.06 20.72
N ARG A 22 -38.17 -45.70 19.85
CA ARG A 22 -37.64 -46.63 18.87
C ARG A 22 -37.63 -46.07 17.45
N GLU A 23 -38.60 -45.22 17.09
CA GLU A 23 -38.57 -44.60 15.78
C GLU A 23 -37.52 -43.52 15.68
N MET A 24 -37.25 -42.82 16.78
CA MET A 24 -36.23 -41.78 16.83
C MET A 24 -35.42 -41.95 18.10
N GLY A 25 -34.13 -41.67 18.02
CA GLY A 25 -33.23 -41.88 19.15
C GLY A 25 -33.24 -40.77 20.17
N LYS A 26 -34.37 -40.60 20.86
CA LYS A 26 -34.45 -39.61 21.93
C LYS A 26 -33.67 -40.10 23.15
N THR A 27 -32.99 -39.18 23.82
CA THR A 27 -32.11 -39.52 24.92
C THR A 27 -32.62 -38.92 26.23
N TYR A 28 -32.30 -39.60 27.34
CA TYR A 28 -32.59 -39.07 28.66
C TYR A 28 -31.58 -37.99 29.03
N PRO A 29 -32.01 -36.95 29.74
CA PRO A 29 -31.04 -35.93 30.20
C PRO A 29 -29.99 -36.48 31.15
N VAL A 30 -30.34 -37.49 31.95
CA VAL A 30 -29.45 -38.04 32.97
C VAL A 30 -29.34 -39.54 32.74
N PRO A 31 -28.17 -40.14 32.95
CA PRO A 31 -28.05 -41.60 32.79
C PRO A 31 -29.01 -42.33 33.71
N PRO A 32 -29.77 -43.28 33.18
CA PRO A 32 -30.70 -44.04 34.01
C PRO A 32 -29.96 -44.93 34.99
N PRO A 33 -30.60 -45.31 36.10
CA PRO A 33 -29.94 -46.25 37.02
C PRO A 33 -29.57 -47.57 36.37
N ALA A 34 -30.38 -48.05 35.42
CA ALA A 34 -30.05 -49.31 34.75
C ALA A 34 -28.77 -49.19 33.94
N THR A 35 -28.59 -48.08 33.22
CA THR A 35 -27.37 -47.89 32.44
C THR A 35 -26.15 -47.81 33.34
N VAL A 36 -26.25 -47.08 34.46
CA VAL A 36 -25.15 -46.98 35.40
C VAL A 36 -24.84 -48.34 36.00
N TYR A 37 -25.88 -49.12 36.32
CA TYR A 37 -25.67 -50.45 36.87
C TYR A 37 -24.96 -51.35 35.87
N GLY A 38 -25.36 -51.29 34.60
CA GLY A 38 -24.67 -52.07 33.58
C GLY A 38 -23.23 -51.64 33.39
N MET A 39 -22.99 -50.32 33.44
CA MET A 39 -21.62 -49.83 33.34
C MET A 39 -20.76 -50.32 34.49
N LEU A 40 -21.31 -50.31 35.71
CA LEU A 40 -20.56 -50.80 36.87
C LEU A 40 -20.29 -52.29 36.75
N LEU A 41 -21.28 -53.06 36.27
CA LEU A 41 -21.06 -54.49 36.08
C LEU A 41 -19.97 -54.74 35.06
N SER A 42 -19.95 -53.95 33.98
CA SER A 42 -18.87 -54.06 33.00
C SER A 42 -17.53 -53.68 33.62
N LEU A 43 -17.53 -52.67 34.50
CA LEU A 43 -16.30 -52.23 35.14
C LEU A 43 -15.72 -53.33 36.01
N VAL A 44 -16.57 -54.03 36.77
CA VAL A 44 -16.11 -55.14 37.59
C VAL A 44 -16.06 -56.45 36.83
N GLY A 45 -16.43 -56.45 35.55
CA GLY A 45 -16.40 -57.67 34.75
C GLY A 45 -17.37 -58.73 35.18
N GLU A 46 -18.61 -58.34 35.52
CA GLU A 46 -19.64 -59.27 35.97
C GLU A 46 -20.67 -59.41 34.86
N THR A 47 -20.71 -60.57 34.21
CA THR A 47 -21.63 -60.79 33.11
C THR A 47 -23.05 -61.00 33.60
N ASN A 48 -23.22 -61.68 34.73
CA ASN A 48 -24.56 -61.93 35.27
C ASN A 48 -25.17 -60.64 35.78
N VAL A 49 -26.40 -60.37 35.36
CA VAL A 49 -27.06 -59.12 35.75
C VAL A 49 -27.79 -59.25 37.08
N TYR A 50 -28.18 -60.45 37.47
CA TYR A 50 -28.86 -60.68 38.74
C TYR A 50 -27.90 -60.79 39.91
N ARG A 51 -26.59 -60.76 39.65
CA ARG A 51 -25.62 -60.97 40.72
C ARG A 51 -25.66 -59.86 41.76
N HIS A 52 -25.78 -58.61 41.33
CA HIS A 52 -25.67 -57.46 42.21
C HIS A 52 -27.00 -56.73 42.37
N CYS A 53 -28.09 -57.47 42.42
CA CYS A 53 -29.39 -56.85 42.68
C CYS A 53 -29.44 -56.37 44.13
N GLY A 54 -29.95 -55.15 44.33
CA GLY A 54 -30.03 -54.55 45.64
C GLY A 54 -29.09 -53.38 45.85
N VAL A 55 -28.15 -53.15 44.93
CA VAL A 55 -27.24 -52.01 45.06
C VAL A 55 -28.01 -50.72 44.83
N GLU A 56 -27.69 -49.70 45.62
CA GLU A 56 -28.35 -48.41 45.53
C GLU A 56 -27.40 -47.39 44.91
N LEU A 57 -27.89 -46.64 43.93
CA LEU A 57 -27.08 -45.69 43.18
C LEU A 57 -27.69 -44.30 43.28
N ALA A 58 -26.83 -43.29 43.42
CA ALA A 58 -27.23 -41.89 43.40
C ALA A 58 -26.37 -41.14 42.40
N ILE A 59 -27.01 -40.33 41.56
CA ILE A 59 -26.33 -39.61 40.49
C ILE A 59 -26.47 -38.12 40.74
N ALA A 60 -25.34 -37.41 40.70
CA ALA A 60 -25.31 -35.96 40.84
C ALA A 60 -24.69 -35.37 39.58
N MET A 61 -25.44 -34.51 38.91
CA MET A 61 -24.98 -33.90 37.67
C MET A 61 -24.08 -32.71 37.98
N LEU A 62 -22.82 -32.78 37.55
CA LEU A 62 -21.91 -31.67 37.78
C LEU A 62 -22.19 -30.50 36.86
N SER A 63 -22.81 -30.75 35.71
CA SER A 63 -23.16 -29.70 34.77
C SER A 63 -24.29 -30.21 33.88
N SER A 64 -25.01 -29.28 33.27
CA SER A 64 -26.11 -29.65 32.39
C SER A 64 -25.57 -29.88 30.98
N PRO A 65 -25.59 -31.11 30.47
CA PRO A 65 -25.09 -31.35 29.12
C PRO A 65 -26.02 -30.79 28.06
N LYS A 66 -25.45 -30.52 26.89
CA LYS A 66 -26.19 -30.00 25.75
C LYS A 66 -26.62 -31.14 24.86
N LYS A 67 -27.85 -31.05 24.36
CA LYS A 67 -28.45 -32.08 23.53
C LYS A 67 -28.25 -31.76 22.06
N SER A 68 -27.73 -32.73 21.30
CA SER A 68 -27.49 -32.57 19.88
C SER A 68 -27.99 -33.79 19.13
N ARG A 69 -28.38 -33.58 17.88
CA ARG A 69 -28.89 -34.64 17.02
C ARG A 69 -27.90 -34.94 15.92
N ILE A 70 -27.65 -36.23 15.68
CA ILE A 70 -26.77 -36.68 14.62
C ILE A 70 -27.49 -37.70 13.76
N LEU A 71 -27.34 -37.57 12.44
CA LEU A 71 -27.89 -38.55 11.53
C LEU A 71 -27.05 -39.82 11.55
N ARG A 72 -27.69 -40.96 11.31
CA ARG A 72 -27.02 -42.25 11.39
C ARG A 72 -27.73 -43.24 10.48
N GLN A 73 -26.95 -43.99 9.71
CA GLN A 73 -27.50 -45.06 8.85
C GLN A 73 -27.51 -46.37 9.64
N MET A 74 -28.37 -46.40 10.66
CA MET A 74 -28.47 -47.56 11.53
C MET A 74 -29.09 -48.74 10.77
N ARG A 75 -28.59 -49.93 11.07
CA ARG A 75 -29.09 -51.15 10.45
C ARG A 75 -30.18 -51.77 11.31
N ARG A 76 -30.93 -52.70 10.70
CA ARG A 76 -31.98 -53.41 11.42
C ARG A 76 -32.22 -54.74 10.73
N PHE A 77 -32.89 -55.64 11.45
CA PHE A 77 -33.22 -56.97 10.92
C PHE A 77 -34.63 -56.92 10.36
N LYS A 78 -34.75 -56.42 9.13
CA LYS A 78 -36.02 -56.36 8.42
C LYS A 78 -36.16 -57.40 7.33
N ASN A 79 -35.09 -57.67 6.58
CA ASN A 79 -35.11 -58.65 5.50
C ASN A 79 -34.10 -59.74 5.81
N ALA A 80 -34.38 -60.95 5.30
CA ALA A 80 -33.46 -62.06 5.49
C ALA A 80 -32.13 -61.80 4.82
N ASP A 81 -32.15 -61.20 3.63
CA ASP A 81 -30.92 -60.89 2.92
C ASP A 81 -30.20 -59.74 3.62
N PHE A 82 -28.90 -59.93 3.89
CA PHE A 82 -28.13 -58.87 4.54
C PHE A 82 -27.93 -57.68 3.62
N SER A 83 -27.78 -57.93 2.32
CA SER A 83 -27.50 -56.87 1.36
C SER A 83 -28.74 -56.14 0.88
N HIS A 84 -29.92 -56.54 1.34
CA HIS A 84 -31.14 -55.88 0.92
C HIS A 84 -31.15 -54.42 1.39
N PRO A 85 -31.57 -53.48 0.55
CA PRO A 85 -31.58 -52.07 0.97
C PRO A 85 -32.52 -51.80 2.13
N GLU A 86 -33.50 -52.66 2.39
CA GLU A 86 -34.45 -52.43 3.48
C GLU A 86 -33.79 -52.51 4.85
N ASN A 87 -32.61 -53.12 4.94
CA ASN A 87 -31.96 -53.30 6.24
C ASN A 87 -31.30 -52.03 6.76
N VAL A 88 -31.15 -51.00 5.93
CA VAL A 88 -30.52 -49.75 6.32
C VAL A 88 -31.57 -48.66 6.34
N ILE A 89 -31.69 -47.97 7.47
CA ILE A 89 -32.66 -46.88 7.61
C ILE A 89 -31.96 -45.66 8.19
N PRO A 90 -32.19 -44.46 7.64
CA PRO A 90 -31.61 -43.26 8.22
C PRO A 90 -32.49 -42.69 9.33
N CYS A 91 -31.94 -42.49 10.51
CA CYS A 91 -32.70 -41.97 11.64
C CYS A 91 -31.80 -41.14 12.52
N TYR A 92 -32.39 -40.18 13.22
CA TYR A 92 -31.64 -39.29 14.11
C TYR A 92 -31.42 -39.94 15.47
N GLN A 93 -30.27 -39.64 16.05
CA GLN A 93 -29.92 -40.09 17.39
C GLN A 93 -29.46 -38.88 18.19
N GLU A 94 -30.08 -38.68 19.36
CA GLU A 94 -29.76 -37.54 20.20
C GLU A 94 -28.64 -37.89 21.16
N ILE A 95 -27.60 -37.05 21.19
CA ILE A 95 -26.44 -37.30 22.03
C ILE A 95 -26.29 -36.15 23.02
N LEU A 96 -25.59 -36.44 24.11
CA LEU A 96 -25.26 -35.46 25.13
C LEU A 96 -23.74 -35.27 25.14
N SER A 97 -23.31 -34.01 25.15
CA SER A 97 -21.90 -33.67 25.03
C SER A 97 -21.35 -33.16 26.36
N ASN A 98 -20.15 -33.63 26.70
CA ASN A 98 -19.43 -33.20 27.90
C ASN A 98 -20.25 -33.46 29.16
N LEU A 99 -20.49 -34.75 29.42
CA LEU A 99 -21.23 -35.18 30.58
C LEU A 99 -20.26 -35.41 31.74
N LYS A 100 -20.45 -34.67 32.83
CA LYS A 100 -19.68 -34.85 34.05
C LYS A 100 -20.66 -35.09 35.19
N CYS A 101 -20.42 -36.14 35.97
CA CYS A 101 -21.33 -36.49 37.05
C CYS A 101 -20.57 -37.28 38.10
N LEU A 102 -21.14 -37.30 39.31
CA LEU A 102 -20.64 -38.09 40.42
C LEU A 102 -21.66 -39.17 40.74
N ILE A 103 -21.19 -40.40 40.93
CA ILE A 103 -22.04 -41.55 41.18
C ILE A 103 -21.76 -42.09 42.57
N TRP A 104 -22.79 -42.18 43.39
CA TRP A 104 -22.69 -42.77 44.72
C TRP A 104 -23.14 -44.21 44.67
N VAL A 105 -22.31 -45.11 45.20
CA VAL A 105 -22.61 -46.54 45.22
C VAL A 105 -22.73 -46.98 46.66
N ARG A 106 -23.90 -47.52 47.03
CA ARG A 106 -24.16 -48.04 48.36
C ARG A 106 -24.67 -49.46 48.22
N SER A 107 -24.04 -50.39 48.92
CA SER A 107 -24.30 -51.82 48.75
C SER A 107 -24.71 -52.47 50.06
N ASP A 108 -25.59 -51.83 50.81
CA ASP A 108 -26.04 -52.38 52.08
C ASP A 108 -27.07 -53.49 51.89
N GLU A 109 -27.85 -53.46 50.81
CA GLU A 109 -28.95 -54.37 50.62
C GLU A 109 -28.60 -55.62 49.83
N GLU A 110 -27.34 -55.80 49.47
CA GLU A 110 -26.92 -56.98 48.73
C GLU A 110 -26.81 -58.19 49.65
N LYS A 111 -27.23 -59.35 49.15
CA LYS A 111 -27.20 -60.59 49.90
C LYS A 111 -26.06 -61.51 49.46
N ILE A 112 -25.29 -61.12 48.45
CA ILE A 112 -24.23 -61.95 47.91
C ILE A 112 -22.91 -61.21 48.09
N GLN A 113 -21.92 -61.90 48.68
CA GLN A 113 -20.61 -61.31 48.93
C GLN A 113 -19.59 -61.83 47.94
N PRO A 114 -18.64 -60.99 47.50
CA PRO A 114 -18.46 -59.58 47.86
C PRO A 114 -19.46 -58.67 47.15
N SER A 115 -19.77 -57.53 47.75
CA SER A 115 -20.76 -56.61 47.21
C SER A 115 -20.17 -55.83 46.03
N LEU A 116 -21.05 -55.14 45.31
CA LEU A 116 -20.61 -54.36 44.15
C LEU A 116 -19.66 -53.24 44.56
N ARG A 117 -19.94 -52.59 45.70
CA ARG A 117 -19.06 -51.53 46.18
C ARG A 117 -17.67 -52.06 46.46
N GLU A 118 -17.59 -53.21 47.14
CA GLU A 118 -16.29 -53.82 47.42
C GLU A 118 -15.58 -54.21 46.14
N ARG A 119 -16.32 -54.73 45.16
CA ARG A 119 -15.70 -55.12 43.90
C ARG A 119 -15.15 -53.92 43.16
N ILE A 120 -15.89 -52.81 43.12
CA ILE A 120 -15.39 -51.61 42.47
C ILE A 120 -14.16 -51.07 43.20
N GLN A 121 -14.20 -51.05 44.53
CA GLN A 121 -13.05 -50.58 45.29
C GLN A 121 -11.81 -51.44 45.04
N LEU A 122 -12.00 -52.76 44.99
CA LEU A 122 -10.87 -53.65 44.73
C LEU A 122 -10.35 -53.49 43.31
N ALA A 123 -11.25 -53.29 42.34
CA ALA A 123 -10.83 -53.08 40.96
C ALA A 123 -10.02 -51.80 40.82
N PHE A 124 -10.43 -50.74 41.52
CA PHE A 124 -9.65 -49.51 41.47
C PHE A 124 -8.37 -49.61 42.27
N ASP A 125 -8.34 -50.47 43.29
CA ASP A 125 -7.13 -50.64 44.09
C ASP A 125 -6.05 -51.38 43.32
N HIS A 126 -6.42 -52.47 42.64
CA HIS A 126 -5.50 -53.30 41.87
C HIS A 126 -6.08 -53.49 40.47
N PRO A 127 -5.89 -52.51 39.58
CA PRO A 127 -6.44 -52.63 38.23
C PRO A 127 -5.89 -53.80 37.44
N GLU A 128 -4.72 -54.33 37.80
CA GLU A 128 -4.13 -55.44 37.07
C GLU A 128 -4.79 -56.78 37.40
N LEU A 129 -5.66 -56.83 38.42
CA LEU A 129 -6.34 -58.06 38.80
C LEU A 129 -7.79 -58.09 38.32
N VAL A 130 -8.19 -57.13 37.49
CA VAL A 130 -9.55 -57.08 36.98
C VAL A 130 -9.62 -57.91 35.70
N ARG A 131 -10.56 -58.85 35.66
CA ARG A 131 -10.76 -59.73 34.50
C ARG A 131 -12.05 -59.31 33.81
N ARG A 132 -11.92 -58.55 32.73
CA ARG A 132 -13.06 -58.04 31.99
C ARG A 132 -12.70 -58.01 30.51
N PHE A 133 -13.70 -57.73 29.68
CA PHE A 133 -13.52 -57.70 28.23
C PHE A 133 -14.12 -56.43 27.65
N GLY A 134 -13.54 -55.98 26.54
CA GLY A 134 -14.00 -54.78 25.89
C GLY A 134 -13.54 -53.53 26.61
N CYS A 135 -13.96 -52.39 26.07
CA CYS A 135 -13.62 -51.08 26.60
C CYS A 135 -14.81 -50.51 27.36
N LEU A 136 -14.52 -49.85 28.49
CA LEU A 136 -15.58 -49.28 29.31
C LEU A 136 -16.28 -48.15 28.58
N PHE A 137 -17.61 -48.18 28.57
CA PHE A 137 -18.40 -47.17 27.88
C PHE A 137 -19.68 -46.93 28.66
N LEU A 138 -20.28 -45.76 28.41
CA LEU A 138 -21.56 -45.38 28.99
C LEU A 138 -22.53 -45.09 27.86
N GLY A 139 -23.56 -45.93 27.72
CA GLY A 139 -24.48 -45.79 26.62
C GLY A 139 -24.19 -46.75 25.49
N GLU A 140 -23.77 -46.23 24.34
CA GLU A 140 -23.42 -47.05 23.20
C GLU A 140 -21.95 -47.47 23.27
N SER A 141 -21.64 -48.60 22.63
CA SER A 141 -20.30 -49.18 22.72
C SER A 141 -19.23 -48.23 22.19
N ASP A 142 -19.58 -47.37 21.24
CA ASP A 142 -18.61 -46.44 20.70
C ASP A 142 -18.43 -45.20 21.56
N GLN A 143 -19.25 -45.01 22.59
CA GLN A 143 -19.16 -43.84 23.47
C GLN A 143 -18.33 -44.20 24.70
N LEU A 144 -17.02 -44.18 24.52
CA LEU A 144 -16.09 -44.56 25.57
C LEU A 144 -16.11 -43.53 26.70
N ILE A 145 -15.72 -43.99 27.88
CA ILE A 145 -15.63 -43.14 29.07
C ILE A 145 -14.26 -42.47 29.09
N LYS A 146 -14.25 -41.15 29.26
CA LYS A 146 -12.99 -40.43 29.33
C LYS A 146 -12.32 -40.60 30.68
N THR A 147 -13.00 -40.20 31.76
CA THR A 147 -12.44 -40.23 33.09
C THR A 147 -13.42 -40.91 34.02
N ILE A 148 -12.99 -42.02 34.64
CA ILE A 148 -13.70 -42.65 35.74
C ILE A 148 -12.70 -42.91 36.84
N LYS A 149 -12.95 -42.35 38.03
CA LYS A 149 -11.98 -42.39 39.11
C LYS A 149 -12.71 -42.34 40.45
N LEU A 150 -12.00 -42.76 41.49
CA LEU A 150 -12.51 -42.61 42.85
C LEU A 150 -12.33 -41.16 43.28
N ALA A 151 -13.40 -40.55 43.77
CA ALA A 151 -13.39 -39.15 44.17
C ALA A 151 -14.05 -39.01 45.53
N ARG A 152 -13.97 -37.79 46.08
CA ARG A 152 -14.54 -37.48 47.38
C ARG A 152 -15.83 -36.68 47.17
N GLU A 153 -16.45 -36.28 48.29
CA GLU A 153 -17.72 -35.56 48.23
C GLU A 153 -17.58 -34.17 47.62
N ASP A 154 -16.37 -33.63 47.52
CA ASP A 154 -16.13 -32.27 47.05
C ASP A 154 -15.07 -32.24 45.96
N TYR A 155 -15.22 -33.11 44.95
CA TYR A 155 -14.21 -33.17 43.89
C TYR A 155 -14.16 -31.86 43.11
N LEU A 156 -15.31 -31.30 42.77
CA LEU A 156 -15.38 -29.93 42.23
C LEU A 156 -15.84 -28.93 43.27
N GLU A 157 -16.22 -29.39 44.47
CA GLU A 157 -16.70 -28.58 45.58
C GLU A 157 -17.61 -27.44 45.11
N GLY A 158 -18.48 -27.74 44.14
CA GLY A 158 -19.35 -26.73 43.57
C GLY A 158 -20.80 -26.93 43.95
N VAL A 159 -21.71 -26.79 42.99
CA VAL A 159 -23.13 -27.00 43.21
C VAL A 159 -23.58 -28.16 42.35
N ARG A 160 -24.43 -29.02 42.90
CA ARG A 160 -24.76 -30.31 42.31
C ARG A 160 -26.22 -30.35 41.88
N GLN A 161 -26.47 -30.92 40.70
CA GLN A 161 -27.83 -31.17 40.22
C GLN A 161 -28.19 -32.62 40.51
N TRP A 162 -28.90 -32.85 41.60
CA TRP A 162 -29.25 -34.19 42.00
C TRP A 162 -30.48 -34.70 41.24
N ALA A 163 -30.59 -36.02 41.15
CA ALA A 163 -31.74 -36.69 40.59
C ALA A 163 -32.59 -37.23 41.74
N ILE A 164 -33.72 -36.58 42.00
CA ILE A 164 -34.56 -36.88 43.16
C ILE A 164 -35.77 -37.68 42.69
N ARG A 165 -36.06 -38.76 43.39
CA ARG A 165 -37.24 -39.58 43.08
C ARG A 165 -38.48 -38.81 43.49
N ASP A 166 -39.14 -38.17 42.51
CA ASP A 166 -40.34 -37.39 42.75
C ASP A 166 -41.44 -37.98 41.88
N ASN A 167 -42.57 -38.30 42.51
CA ASN A 167 -43.70 -38.88 41.78
C ASN A 167 -44.33 -37.89 40.80
N ARG A 168 -44.05 -36.60 40.93
CA ARG A 168 -44.51 -35.60 39.98
C ARG A 168 -43.40 -35.15 39.04
N GLY A 169 -42.28 -35.89 39.00
CA GLY A 169 -41.16 -35.50 38.19
C GLY A 169 -41.40 -35.69 36.71
N ARG A 170 -40.53 -35.06 35.92
CA ARG A 170 -40.63 -35.13 34.46
C ARG A 170 -40.05 -36.43 33.93
N LEU A 171 -38.80 -36.73 34.29
CA LEU A 171 -38.09 -37.86 33.73
C LEU A 171 -38.65 -39.18 34.26
N THR A 172 -38.69 -40.18 33.39
CA THR A 172 -39.08 -41.53 33.76
C THR A 172 -37.90 -42.44 33.43
N LEU A 173 -36.97 -42.57 34.37
CA LEU A 173 -35.79 -43.37 34.10
C LEU A 173 -35.98 -44.79 34.60
N PRO A 174 -35.54 -45.79 33.83
CA PRO A 174 -35.67 -47.18 34.27
C PRO A 174 -34.48 -47.67 35.06
N TYR A 175 -34.75 -48.37 36.15
CA TYR A 175 -33.71 -49.04 36.92
C TYR A 175 -33.53 -50.50 36.53
N TRP A 176 -34.42 -51.05 35.71
CA TRP A 176 -34.27 -52.36 35.11
C TRP A 176 -34.80 -52.30 33.69
N VAL A 177 -34.05 -52.88 32.76
CA VAL A 177 -34.34 -52.75 31.34
C VAL A 177 -34.55 -54.13 30.75
N ASP A 178 -35.65 -54.30 30.02
CA ASP A 178 -35.91 -55.51 29.24
C ASP A 178 -35.54 -55.18 27.81
N HIS A 179 -34.47 -55.79 27.30
CA HIS A 179 -33.95 -55.46 25.99
C HIS A 179 -34.74 -56.11 24.86
N VAL A 180 -35.59 -57.09 25.14
CA VAL A 180 -36.38 -57.71 24.10
C VAL A 180 -37.60 -56.87 23.78
N GLY A 181 -38.47 -56.66 24.78
CA GLY A 181 -39.63 -55.82 24.61
C GLY A 181 -39.69 -54.73 25.67
N SER A 182 -40.79 -54.69 26.42
CA SER A 182 -40.91 -53.76 27.54
C SER A 182 -41.63 -54.37 28.73
N ARG A 183 -41.84 -55.69 28.74
CA ARG A 183 -42.59 -56.32 29.83
C ARG A 183 -41.84 -56.22 31.15
N ASN A 184 -40.55 -56.51 31.15
CA ASN A 184 -39.76 -56.57 32.38
C ASN A 184 -39.09 -55.24 32.71
N THR A 185 -39.27 -54.21 31.90
CA THR A 185 -38.70 -52.90 32.21
C THR A 185 -39.46 -52.26 33.35
N ARG A 186 -38.73 -51.76 34.34
CA ARG A 186 -39.31 -51.12 35.51
C ARG A 186 -38.86 -49.67 35.57
N PHE A 187 -39.80 -48.77 35.84
CA PHE A 187 -39.56 -47.34 35.74
C PHE A 187 -39.70 -46.68 37.10
N LEU A 188 -39.10 -45.48 37.21
CA LEU A 188 -39.27 -44.60 38.35
C LEU A 188 -39.17 -43.17 37.86
N ARG A 189 -39.94 -42.28 38.48
CA ARG A 189 -40.00 -40.88 38.07
C ARG A 189 -39.03 -40.06 38.88
N TYR A 190 -38.24 -39.23 38.20
CA TYR A 190 -37.21 -38.43 38.83
C TYR A 190 -37.40 -36.96 38.48
N ARG A 191 -36.69 -36.12 39.21
CA ARG A 191 -36.60 -34.70 38.92
C ARG A 191 -35.17 -34.24 39.18
N ILE A 192 -34.78 -33.16 38.53
CA ILE A 192 -33.44 -32.61 38.68
C ILE A 192 -33.56 -31.36 39.52
N GLU A 193 -33.20 -31.47 40.80
CA GLU A 193 -33.25 -30.35 41.72
C GLU A 193 -31.84 -29.80 41.92
N GLU A 194 -31.67 -28.50 41.80
CA GLU A 194 -30.32 -27.95 41.92
C GLU A 194 -29.90 -27.84 43.38
N MET A 195 -29.04 -28.74 43.83
CA MET A 195 -28.61 -28.73 45.23
C MET A 195 -27.12 -28.96 45.40
N ASP A 196 -26.39 -27.93 45.81
CA ASP A 196 -24.95 -28.07 46.03
C ASP A 196 -24.62 -29.25 46.91
N ARG A 197 -25.61 -29.78 47.62
CA ARG A 197 -25.42 -30.95 48.46
C ARG A 197 -24.28 -31.81 47.96
N LEU A 198 -23.32 -32.08 48.81
CA LEU A 198 -22.25 -32.99 48.43
C LEU A 198 -22.81 -34.39 48.57
N SER A 199 -23.48 -34.64 49.69
CA SER A 199 -24.07 -35.94 49.93
C SER A 199 -25.44 -36.06 49.27
N PRO A 200 -25.84 -37.29 48.93
CA PRO A 200 -27.16 -37.49 48.33
C PRO A 200 -28.25 -37.47 49.39
N PRO A 201 -29.38 -36.84 49.09
CA PRO A 201 -30.54 -36.94 49.98
C PRO A 201 -31.12 -38.34 49.94
N ASP A 202 -32.06 -38.58 50.87
CA ASP A 202 -32.64 -39.91 51.01
C ASP A 202 -33.38 -40.33 49.74
N LEU A 203 -34.08 -39.38 49.11
CA LEU A 203 -34.85 -39.69 47.91
C LEU A 203 -34.00 -39.79 46.66
N ALA A 204 -32.71 -39.47 46.74
CA ALA A 204 -31.83 -39.56 45.58
C ALA A 204 -31.28 -40.96 45.36
N TRP A 205 -31.54 -41.90 46.26
CA TRP A 205 -31.02 -43.25 46.14
C TRP A 205 -32.03 -44.14 45.42
N THR A 206 -31.56 -44.88 44.42
CA THR A 206 -32.38 -45.82 43.68
C THR A 206 -31.78 -47.21 43.81
N MET A 207 -32.60 -48.17 44.24
CA MET A 207 -32.16 -49.54 44.39
C MET A 207 -32.49 -50.34 43.14
N VAL A 208 -31.48 -51.02 42.60
CA VAL A 208 -31.67 -51.84 41.40
C VAL A 208 -32.16 -53.21 41.82
N GLN A 209 -33.39 -53.55 41.45
CA GLN A 209 -34.00 -54.82 41.80
C GLN A 209 -34.54 -55.48 40.55
N SER A 210 -34.72 -56.80 40.64
CA SER A 210 -35.32 -57.55 39.55
C SER A 210 -36.79 -57.17 39.39
N PRO A 211 -37.34 -57.29 38.18
CA PRO A 211 -38.75 -56.94 37.98
C PRO A 211 -39.70 -57.83 38.76
N ILE A 212 -39.26 -59.01 39.19
CA ILE A 212 -40.11 -59.92 39.94
C ILE A 212 -40.45 -59.34 41.30
N LEU B 5 64.20 24.96 14.32
CA LEU B 5 63.58 26.05 15.08
C LEU B 5 63.91 27.40 14.44
N ILE B 6 64.72 27.38 13.39
CA ILE B 6 65.12 28.58 12.67
C ILE B 6 64.39 28.58 11.33
N GLN B 7 63.62 29.64 11.08
CA GLN B 7 62.94 29.77 9.79
C GLN B 7 63.90 30.39 8.77
N SER B 8 64.14 29.67 7.69
CA SER B 8 65.08 30.13 6.68
C SER B 8 64.53 31.34 5.95
N GLU B 9 65.39 32.33 5.73
CA GLU B 9 65.05 33.48 4.91
C GLU B 9 65.51 33.28 3.47
N GLU B 10 64.98 34.11 2.58
CA GLU B 10 65.34 34.12 1.16
C GLU B 10 64.81 32.91 0.42
N TYR B 11 64.21 31.96 1.14
CA TYR B 11 63.64 30.76 0.53
C TYR B 11 62.28 30.49 1.14
N VAL B 12 61.28 30.26 0.27
CA VAL B 12 59.91 30.01 0.68
C VAL B 12 59.40 28.79 -0.07
N ASP B 13 58.19 28.37 0.28
CA ASP B 13 57.51 27.24 -0.38
C ASP B 13 56.19 27.75 -0.91
N LEU B 14 56.13 27.98 -2.23
CA LEU B 14 54.91 28.43 -2.87
C LEU B 14 54.00 27.23 -3.10
N THR B 15 52.87 27.19 -2.39
CA THR B 15 51.98 26.04 -2.40
C THR B 15 50.70 26.40 -3.13
N PHE B 16 50.39 25.67 -4.19
CA PHE B 16 49.15 25.82 -4.94
C PHE B 16 48.26 24.62 -4.68
N LYS B 17 47.03 24.86 -4.26
CA LYS B 17 46.07 23.76 -4.13
C LYS B 17 45.85 23.11 -5.49
N LEU B 18 45.94 21.79 -5.53
CA LEU B 18 45.90 21.03 -6.77
C LEU B 18 44.67 20.15 -6.80
N ARG B 19 43.94 20.19 -7.93
CA ARG B 19 42.77 19.36 -8.14
C ARG B 19 42.75 18.89 -9.57
N GLY B 20 42.20 17.71 -9.80
CA GLY B 20 42.09 17.18 -11.13
C GLY B 20 41.98 15.67 -11.11
N ALA B 21 42.15 15.08 -12.30
CA ALA B 21 42.09 13.64 -12.46
C ALA B 21 43.29 12.97 -11.78
N PRO B 22 43.18 11.69 -11.45
CA PRO B 22 44.33 10.97 -10.88
C PRO B 22 45.52 11.01 -11.83
N ILE B 23 46.70 11.08 -11.24
CA ILE B 23 47.93 11.29 -11.99
C ILE B 23 48.90 10.15 -11.71
N PRO B 24 49.81 9.83 -12.62
CA PRO B 24 50.81 8.79 -12.35
C PRO B 24 51.65 9.15 -11.13
N LEU B 25 52.03 8.13 -10.37
CA LEU B 25 52.82 8.32 -9.16
C LEU B 25 54.20 8.88 -9.48
N ASP B 26 54.63 8.82 -10.73
CA ASP B 26 55.96 9.26 -11.14
C ASP B 26 55.85 10.43 -12.09
N ASN B 27 55.07 11.44 -11.70
CA ASN B 27 54.76 12.57 -12.57
C ASN B 27 56.02 13.11 -13.24
N GLY B 28 56.93 13.66 -12.44
CA GLY B 28 58.23 14.07 -12.93
C GLY B 28 58.18 14.92 -14.18
N TYR B 29 58.61 14.33 -15.30
CA TYR B 29 58.62 15.04 -16.57
C TYR B 29 57.24 15.52 -16.97
N LEU B 30 56.20 14.76 -16.61
CA LEU B 30 54.83 15.19 -16.94
C LEU B 30 54.54 16.56 -16.35
N THR B 31 54.61 16.67 -15.02
CA THR B 31 54.32 17.93 -14.35
C THR B 31 55.30 19.02 -14.77
N TYR B 32 56.58 18.67 -14.90
CA TYR B 32 57.56 19.68 -15.28
C TYR B 32 57.27 20.26 -16.66
N ALA B 33 56.95 19.39 -17.63
CA ALA B 33 56.64 19.85 -18.98
C ALA B 33 55.35 20.66 -19.01
N ALA B 34 54.35 20.24 -18.24
CA ALA B 34 53.10 21.00 -18.18
C ALA B 34 53.35 22.41 -17.65
N LEU B 35 54.11 22.52 -16.55
CA LEU B 35 54.40 23.82 -15.98
C LEU B 35 55.27 24.66 -16.93
N SER B 36 56.23 24.02 -17.60
CA SER B 36 57.06 24.75 -18.55
C SER B 36 56.24 25.29 -19.72
N ARG B 37 55.29 24.49 -20.21
CA ARG B 37 54.38 24.98 -21.24
C ARG B 37 53.55 26.15 -20.73
N ILE B 38 53.06 26.06 -19.50
CA ILE B 38 52.32 27.17 -18.92
C ILE B 38 53.26 28.33 -18.61
N CYS B 39 54.43 28.04 -18.02
CA CYS B 39 55.37 29.08 -17.60
C CYS B 39 56.70 28.91 -18.34
N PRO B 40 56.92 29.62 -19.43
CA PRO B 40 58.21 29.55 -20.13
C PRO B 40 59.39 29.93 -19.24
N PRO B 41 59.27 30.94 -18.36
CA PRO B 41 60.43 31.27 -17.51
C PRO B 41 60.86 30.16 -16.57
N LEU B 42 59.99 29.17 -16.29
CA LEU B 42 60.36 28.10 -15.38
C LEU B 42 61.50 27.25 -15.94
N HIS B 43 61.62 27.18 -17.26
CA HIS B 43 62.65 26.35 -17.87
C HIS B 43 64.05 26.88 -17.55
N GLU B 44 64.23 28.20 -17.55
CA GLU B 44 65.54 28.80 -17.41
C GLU B 44 65.93 29.11 -15.96
N LEU B 45 65.06 28.82 -15.00
CA LEU B 45 65.43 29.02 -13.61
C LEU B 45 66.46 27.98 -13.18
N LYS B 46 67.19 28.29 -12.12
CA LYS B 46 68.26 27.41 -11.65
C LYS B 46 67.98 26.84 -10.26
N SER B 47 67.79 27.69 -9.25
CA SER B 47 67.65 27.23 -7.87
C SER B 47 66.16 27.15 -7.49
N ILE B 48 65.47 26.23 -8.14
CA ILE B 48 64.05 26.02 -7.90
C ILE B 48 63.77 24.53 -7.88
N GLY B 49 62.90 24.10 -6.97
CA GLY B 49 62.51 22.71 -6.87
C GLY B 49 61.02 22.52 -6.72
N ILE B 50 60.49 21.43 -7.26
CA ILE B 50 59.06 21.13 -7.20
C ILE B 50 58.86 19.97 -6.22
N HIS B 51 57.98 20.17 -5.24
CA HIS B 51 57.77 19.16 -4.22
C HIS B 51 57.03 17.96 -4.79
N PRO B 52 57.28 16.77 -4.25
CA PRO B 52 56.48 15.59 -4.61
C PRO B 52 55.04 15.79 -4.15
N ILE B 53 54.09 15.54 -5.04
CA ILE B 53 52.69 15.78 -4.72
C ILE B 53 52.25 14.81 -3.62
N ALA B 54 51.49 15.34 -2.67
CA ALA B 54 51.07 14.60 -1.48
C ALA B 54 49.62 14.15 -1.67
N GLY B 55 49.44 12.85 -1.88
CA GLY B 55 48.11 12.27 -1.99
C GLY B 55 48.21 10.78 -1.73
N ILE B 56 47.06 10.18 -1.42
CA ILE B 56 47.04 8.75 -1.11
C ILE B 56 47.31 7.95 -2.38
N PRO B 57 47.87 6.74 -2.27
CA PRO B 57 48.11 5.93 -3.47
C PRO B 57 46.84 5.21 -3.91
N THR B 58 46.61 5.19 -5.22
CA THR B 58 45.49 4.46 -5.81
C THR B 58 46.04 3.30 -6.65
N ARG B 59 45.14 2.62 -7.36
CA ARG B 59 45.52 1.43 -8.10
C ARG B 59 46.49 1.76 -9.22
N ASN B 60 47.12 0.72 -9.75
CA ASN B 60 48.20 0.83 -10.74
C ASN B 60 49.32 1.66 -10.12
N ASN B 61 50.04 2.42 -10.94
CA ASN B 61 51.05 3.37 -10.47
C ASN B 61 50.54 4.80 -10.52
N LEU B 62 49.26 5.00 -10.22
CA LEU B 62 48.65 6.31 -10.26
C LEU B 62 48.57 6.91 -8.86
N LEU B 63 48.30 8.21 -8.81
CA LEU B 63 48.19 8.96 -7.57
C LEU B 63 46.93 9.80 -7.63
N GLU B 64 46.07 9.67 -6.62
CA GLU B 64 44.81 10.40 -6.58
C GLU B 64 44.98 11.69 -5.78
N LEU B 65 44.42 12.78 -6.32
CA LEU B 65 44.54 14.09 -5.71
C LEU B 65 43.43 14.30 -4.69
N THR B 66 43.80 14.66 -3.47
CA THR B 66 42.85 14.95 -2.41
C THR B 66 42.74 16.46 -2.20
N ALA B 67 41.87 16.86 -1.28
CA ALA B 67 41.76 18.27 -0.94
C ALA B 67 43.04 18.80 -0.30
N GLN B 68 43.82 17.92 0.33
CA GLN B 68 45.11 18.31 0.89
C GLN B 68 46.25 18.18 -0.09
N SER B 69 46.00 17.64 -1.29
CA SER B 69 47.04 17.56 -2.31
C SER B 69 47.27 18.95 -2.89
N ARG B 70 48.55 19.34 -2.95
CA ARG B 70 48.89 20.69 -3.39
C ARG B 70 50.23 20.68 -4.10
N LEU B 71 50.34 21.48 -5.15
CA LEU B 71 51.61 21.67 -5.84
C LEU B 71 52.45 22.68 -5.05
N LYS B 72 53.61 22.25 -4.60
CA LYS B 72 54.47 23.07 -3.75
C LYS B 72 55.79 23.31 -4.47
N ILE B 73 56.23 24.57 -4.49
CA ILE B 73 57.43 24.97 -5.21
C ILE B 73 58.37 25.69 -4.25
N ARG B 74 59.62 25.24 -4.19
CA ARG B 74 60.65 25.89 -3.40
C ARG B 74 61.45 26.81 -4.31
N ILE B 75 61.46 28.10 -3.98
CA ILE B 75 62.02 29.12 -4.86
C ILE B 75 62.57 30.26 -4.04
N TYR B 76 63.61 30.91 -4.55
CA TYR B 76 64.11 32.16 -3.98
C TYR B 76 62.96 33.17 -3.92
N HIS B 77 62.78 33.78 -2.74
CA HIS B 77 61.61 34.62 -2.54
C HIS B 77 61.64 35.88 -3.39
N GLN B 78 62.80 36.27 -3.92
CA GLN B 78 62.87 37.39 -4.85
C GLN B 78 62.57 36.98 -6.29
N GLN B 79 62.56 35.68 -6.58
CA GLN B 79 62.26 35.18 -7.93
C GLN B 79 60.81 34.79 -8.10
N ILE B 80 59.97 34.97 -7.08
CA ILE B 80 58.55 34.68 -7.23
C ILE B 80 57.91 35.53 -8.33
N PRO B 81 58.14 36.84 -8.43
CA PRO B 81 57.50 37.61 -9.50
C PRO B 81 57.86 37.17 -10.92
N LEU B 82 58.73 36.18 -11.08
CA LEU B 82 59.02 35.63 -12.40
C LEU B 82 58.09 34.50 -12.81
N ILE B 83 57.47 33.81 -11.85
CA ILE B 83 56.58 32.69 -12.15
C ILE B 83 55.20 32.85 -11.55
N TYR B 84 54.99 33.78 -10.63
CA TYR B 84 53.67 33.94 -10.01
C TYR B 84 52.58 34.30 -11.01
N PRO B 85 52.74 35.30 -11.89
CA PRO B 85 51.65 35.62 -12.83
C PRO B 85 51.31 34.50 -13.79
N TYR B 86 52.23 33.57 -14.04
CA TYR B 86 51.98 32.49 -14.96
C TYR B 86 51.26 31.31 -14.31
N LEU B 87 51.40 31.15 -13.00
CA LEU B 87 50.84 30.00 -12.29
C LEU B 87 49.63 30.34 -11.43
N ALA B 88 49.63 31.47 -10.76
CA ALA B 88 48.55 31.83 -9.84
C ALA B 88 47.27 32.07 -10.62
N GLY B 89 46.29 31.18 -10.43
CA GLY B 89 45.00 31.30 -11.08
C GLY B 89 44.90 30.68 -12.45
N GLN B 90 46.00 30.17 -12.99
CA GLN B 90 45.99 29.56 -14.32
C GLN B 90 45.77 28.05 -14.20
N ALA B 91 45.71 27.38 -15.35
CA ALA B 91 45.46 25.96 -15.42
C ALA B 91 46.46 25.29 -16.34
N PHE B 92 46.86 24.06 -15.98
CA PHE B 92 47.77 23.26 -16.78
C PHE B 92 47.14 21.89 -17.03
N HIS B 93 47.55 21.25 -18.11
CA HIS B 93 47.00 19.97 -18.53
C HIS B 93 48.06 18.88 -18.45
N ILE B 94 47.75 17.80 -17.75
CA ILE B 94 48.57 16.59 -17.73
C ILE B 94 47.85 15.55 -18.58
N GLY B 95 48.47 15.16 -19.69
CA GLY B 95 47.80 14.27 -20.62
C GLY B 95 46.64 14.95 -21.30
N GLN B 96 45.42 14.57 -20.94
CA GLN B 96 44.21 15.15 -21.52
C GLN B 96 43.30 15.78 -20.48
N ASN B 97 43.71 15.81 -19.22
CA ASN B 97 42.89 16.37 -18.15
C ASN B 97 43.36 17.78 -17.80
N PHE B 98 42.42 18.62 -17.39
CA PHE B 98 42.72 19.99 -17.01
C PHE B 98 42.82 20.10 -15.49
N TYR B 99 43.89 20.71 -15.01
CA TYR B 99 44.12 20.91 -13.58
C TYR B 99 44.23 22.40 -13.29
N GLN B 100 43.58 22.83 -12.20
CA GLN B 100 43.46 24.23 -11.88
C GLN B 100 44.26 24.57 -10.62
N LEU B 101 44.96 25.70 -10.67
CA LEU B 101 45.69 26.23 -9.53
C LEU B 101 45.06 27.54 -9.07
N ASP B 102 44.94 27.71 -7.76
CA ASP B 102 44.39 28.92 -7.17
C ASP B 102 45.51 29.81 -6.66
N ILE B 103 45.14 30.86 -5.93
CA ILE B 103 46.12 31.79 -5.36
C ILE B 103 47.00 31.02 -4.38
N PRO B 104 48.31 31.03 -4.56
CA PRO B 104 49.18 30.23 -3.69
C PRO B 104 49.35 30.85 -2.32
N ASP B 105 49.82 30.02 -1.39
CA ASP B 105 50.17 30.45 -0.04
C ASP B 105 51.65 30.23 0.19
N TYR B 106 52.25 31.07 1.02
CA TYR B 106 53.67 31.00 1.31
C TYR B 106 53.90 30.23 2.61
N LYS B 107 54.85 29.31 2.57
CA LYS B 107 55.21 28.53 3.75
C LYS B 107 56.70 28.71 4.02
N PRO B 108 57.08 29.12 5.23
CA PRO B 108 58.50 29.30 5.54
C PRO B 108 59.25 27.98 5.59
N LEU B 109 60.55 28.06 5.40
CA LEU B 109 61.42 26.89 5.41
C LEU B 109 61.92 26.67 6.83
N ILE B 110 61.39 25.65 7.50
CA ILE B 110 61.68 25.39 8.90
C ILE B 110 62.89 24.47 8.99
N SER B 111 63.71 24.67 10.03
CA SER B 111 64.85 23.81 10.28
C SER B 111 64.43 22.58 11.07
N SER B 112 65.13 21.47 10.82
CA SER B 112 64.86 20.22 11.52
C SER B 112 66.16 19.43 11.63
N GLU B 113 66.31 18.75 12.77
CA GLU B 113 67.52 17.96 12.99
C GLU B 113 67.63 16.81 11.98
N SER B 114 66.50 16.15 11.68
CA SER B 114 66.46 15.06 10.73
C SER B 114 65.61 15.47 9.54
N VAL B 115 66.20 15.38 8.34
CA VAL B 115 65.55 15.78 7.11
C VAL B 115 65.48 14.57 6.18
N TYR B 116 64.53 14.59 5.25
CA TYR B 116 64.26 13.46 4.38
C TYR B 116 64.19 13.89 2.92
N SER B 117 64.63 12.99 2.04
CA SER B 117 64.45 13.19 0.60
C SER B 117 63.86 11.90 0.03
N ARG B 118 62.68 12.01 -0.57
CA ARG B 118 62.00 10.83 -1.11
C ARG B 118 62.74 10.24 -2.31
N LEU B 119 63.61 11.00 -2.94
CA LEU B 119 64.35 10.52 -4.11
C LEU B 119 65.57 11.40 -4.32
N VAL B 120 66.73 10.77 -4.47
CA VAL B 120 67.97 11.47 -4.79
C VAL B 120 68.61 10.78 -5.98
N ILE B 121 68.95 11.57 -7.01
CA ILE B 121 69.51 11.04 -8.25
C ILE B 121 70.90 11.63 -8.45
N ILE B 122 71.89 10.76 -8.65
CA ILE B 122 73.25 11.15 -9.00
C ILE B 122 73.65 10.37 -10.24
N LYS B 123 74.19 11.08 -11.23
CA LYS B 123 74.52 10.47 -12.52
C LYS B 123 75.70 9.53 -12.37
N GLY B 124 75.53 8.30 -12.84
CA GLY B 124 76.61 7.33 -12.89
C GLY B 124 76.84 6.54 -11.63
N PHE B 125 76.04 6.74 -10.58
CA PHE B 125 76.18 6.00 -9.33
C PHE B 125 74.88 5.23 -9.11
N GLN B 126 74.96 3.90 -9.26
CA GLN B 126 73.79 3.04 -9.10
C GLN B 126 73.86 2.14 -7.88
N ASP B 127 75.04 1.74 -7.45
CA ASP B 127 75.17 0.89 -6.28
C ASP B 127 75.10 1.73 -5.00
N SER B 128 74.85 1.06 -3.88
CA SER B 128 74.61 1.76 -2.62
C SER B 128 75.87 2.47 -2.13
N THR B 129 77.02 1.80 -2.19
CA THR B 129 78.25 2.37 -1.61
C THR B 129 78.73 3.58 -2.41
N ASN B 130 78.75 3.46 -3.74
CA ASN B 130 79.15 4.59 -4.57
C ASN B 130 78.18 5.75 -4.40
N PHE B 131 76.89 5.46 -4.31
CA PHE B 131 75.92 6.51 -4.06
C PHE B 131 76.16 7.21 -2.73
N ILE B 132 76.47 6.43 -1.69
CA ILE B 132 76.68 7.02 -0.36
C ILE B 132 77.92 7.90 -0.37
N GLU B 133 79.01 7.43 -0.98
CA GLU B 133 80.20 8.27 -1.03
C GLU B 133 79.98 9.50 -1.91
N ALA B 134 79.14 9.39 -2.93
CA ALA B 134 78.82 10.54 -3.75
C ALA B 134 78.03 11.59 -2.96
N VAL B 135 77.06 11.15 -2.15
CA VAL B 135 76.33 12.11 -1.32
C VAL B 135 77.24 12.71 -0.26
N GLN B 136 78.20 11.93 0.25
CA GLN B 136 79.18 12.50 1.18
C GLN B 136 80.02 13.58 0.50
N ARG B 137 80.46 13.31 -0.73
CA ARG B 137 81.20 14.31 -1.49
C ARG B 137 80.37 15.56 -1.72
N GLN B 138 79.09 15.38 -2.07
CA GLN B 138 78.21 16.52 -2.31
C GLN B 138 78.02 17.33 -1.03
N MET B 139 77.92 16.66 0.12
CA MET B 139 77.94 17.36 1.39
C MET B 139 79.24 18.16 1.55
N ASP B 140 80.36 17.56 1.16
CA ASP B 140 81.64 18.25 1.28
C ASP B 140 81.69 19.51 0.43
N ASN B 141 81.10 19.49 -0.77
CA ASN B 141 81.08 20.69 -1.60
C ASN B 141 80.32 21.82 -0.94
N LEU B 142 79.17 21.51 -0.32
CA LEU B 142 78.37 22.54 0.35
C LEU B 142 78.78 22.77 1.79
N GLY B 143 79.76 22.05 2.30
CA GLY B 143 80.20 22.23 3.67
C GLY B 143 79.16 21.85 4.70
N ILE B 144 78.49 20.71 4.52
CA ILE B 144 77.46 20.25 5.43
C ILE B 144 77.91 18.93 6.04
N GLN B 145 77.72 18.80 7.36
CA GLN B 145 78.13 17.61 8.10
C GLN B 145 76.90 16.90 8.63
N GLY B 146 76.84 15.59 8.42
CA GLY B 146 75.72 14.80 8.89
C GLY B 146 75.93 13.34 8.56
N LYS B 147 75.07 12.51 9.13
CA LYS B 147 75.11 11.07 8.92
C LYS B 147 74.07 10.69 7.88
N ILE B 148 74.47 9.89 6.90
CA ILE B 148 73.62 9.52 5.77
C ILE B 148 72.99 8.16 6.04
N GLU B 149 71.67 8.10 5.91
CA GLU B 149 70.92 6.86 6.05
C GLU B 149 70.00 6.70 4.85
N LEU B 150 69.83 5.45 4.41
CA LEU B 150 69.03 5.16 3.23
C LEU B 150 67.69 4.56 3.65
N LEU B 151 66.61 5.08 3.06
CA LEU B 151 65.29 4.56 3.35
C LEU B 151 65.16 3.12 2.87
N THR B 152 64.49 2.29 3.66
CA THR B 152 64.35 0.87 3.37
C THR B 152 62.89 0.48 3.29
N ARG B 153 62.63 -0.56 2.50
CA ARG B 153 61.28 -1.13 2.38
C ARG B 153 61.02 -2.02 3.59
N GLN B 154 59.97 -2.83 3.50
CA GLN B 154 59.66 -3.78 4.57
C GLN B 154 60.73 -4.85 4.72
N ASP B 155 61.51 -5.10 3.66
CA ASP B 155 62.55 -6.12 3.70
C ASP B 155 63.91 -5.61 4.16
N GLY B 156 64.06 -4.30 4.34
CA GLY B 156 65.30 -3.71 4.78
C GLY B 156 66.26 -3.31 3.67
N THR B 157 65.97 -3.67 2.43
CA THR B 157 66.81 -3.27 1.31
C THR B 157 66.74 -1.76 1.12
N PRO B 158 67.85 -1.10 0.77
CA PRO B 158 67.76 0.31 0.39
C PRO B 158 66.81 0.52 -0.77
N GLN B 159 66.03 1.60 -0.69
CA GLN B 159 64.94 1.83 -1.63
C GLN B 159 65.45 2.56 -2.87
N ARG B 160 65.05 2.06 -4.04
CA ARG B 160 65.36 2.71 -5.30
C ARG B 160 64.08 3.18 -5.98
N ARG B 161 64.18 4.26 -6.73
CA ARG B 161 63.08 4.81 -7.51
C ARG B 161 63.58 5.14 -8.91
N GLN B 162 62.64 5.28 -9.84
CA GLN B 162 62.96 5.50 -11.24
C GLN B 162 62.23 6.73 -11.76
N LEU B 163 62.93 7.53 -12.55
CA LEU B 163 62.37 8.71 -13.19
C LEU B 163 62.29 8.48 -14.68
N THR B 164 61.10 8.64 -15.25
CA THR B 164 60.85 8.37 -16.67
C THR B 164 60.75 9.70 -17.40
N ILE B 165 61.75 9.99 -18.22
CA ILE B 165 61.76 11.20 -19.03
C ILE B 165 61.27 10.84 -20.43
N ASN B 166 60.10 11.35 -20.80
CA ASN B 166 59.51 11.06 -22.11
C ASN B 166 59.92 12.09 -23.14
N LYS B 167 61.22 12.30 -23.30
CA LYS B 167 61.74 13.29 -24.24
C LYS B 167 61.61 12.76 -25.66
N GLU B 168 60.84 13.46 -26.48
CA GLU B 168 60.61 13.09 -27.89
C GLU B 168 59.97 11.70 -27.91
N GLY B 169 60.23 10.93 -28.99
CA GLY B 169 59.64 9.61 -29.10
C GLY B 169 60.14 8.64 -28.05
N LYS B 170 61.44 8.64 -27.80
CA LYS B 170 62.03 7.71 -26.85
C LYS B 170 61.65 8.09 -25.42
N GLN B 171 61.63 7.09 -24.54
CA GLN B 171 61.42 7.28 -23.12
C GLN B 171 62.69 6.89 -22.39
N PHE B 172 63.06 7.67 -21.37
CA PHE B 172 64.39 7.61 -20.78
C PHE B 172 64.32 7.03 -19.38
N LYS B 173 65.44 6.46 -18.94
CA LYS B 173 65.54 5.82 -17.63
C LYS B 173 66.57 6.54 -16.78
N VAL B 174 66.11 7.21 -15.73
CA VAL B 174 66.99 7.83 -14.73
C VAL B 174 66.52 7.36 -13.36
N ARG B 175 67.45 6.88 -12.55
CA ARG B 175 67.10 6.20 -11.30
C ARG B 175 67.96 6.72 -10.17
N GLY B 176 67.48 6.53 -8.94
CA GLY B 176 68.19 6.99 -7.77
C GLY B 176 67.67 6.34 -6.51
N PHE B 177 68.12 6.87 -5.38
CA PHE B 177 67.79 6.35 -4.05
C PHE B 177 67.00 7.40 -3.27
N GLY B 178 66.45 6.96 -2.14
CA GLY B 178 65.82 7.86 -1.18
C GLY B 178 66.52 7.81 0.16
N VAL B 179 67.05 8.94 0.62
CA VAL B 179 67.96 8.98 1.76
C VAL B 179 67.28 9.67 2.92
N LYS B 180 67.73 9.33 4.13
CA LYS B 180 67.35 10.03 5.36
C LYS B 180 68.61 10.59 6.00
N ILE B 181 68.60 11.88 6.34
CA ILE B 181 69.79 12.57 6.81
C ILE B 181 69.47 13.24 8.14
N SER B 182 70.34 13.03 9.13
CA SER B 182 70.18 13.60 10.47
C SER B 182 71.52 14.15 10.92
N GLU B 183 71.54 14.65 12.17
CA GLU B 183 72.73 15.25 12.76
C GLU B 183 73.27 16.39 11.90
N LEU B 184 72.42 17.39 11.69
CA LEU B 184 72.72 18.46 10.77
C LEU B 184 72.86 19.83 11.41
N ASN B 185 72.21 20.07 12.55
CA ASN B 185 72.04 21.35 13.25
C ASN B 185 71.23 22.30 12.38
N PRO B 186 70.50 23.25 12.97
CA PRO B 186 69.51 24.02 12.17
C PRO B 186 70.11 24.77 10.98
N GLU B 187 71.31 25.34 11.12
CA GLU B 187 71.87 26.13 10.02
C GLU B 187 72.18 25.26 8.81
N ASP B 188 72.91 24.17 9.02
CA ASP B 188 73.21 23.27 7.91
C ASP B 188 71.96 22.56 7.42
N SER B 189 71.00 22.31 8.32
CA SER B 189 69.73 21.72 7.89
C SER B 189 69.01 22.63 6.90
N LEU B 190 68.94 23.93 7.22
CA LEU B 190 68.34 24.88 6.30
C LEU B 190 69.14 24.98 5.00
N THR B 191 70.47 24.97 5.12
CA THR B 191 71.30 25.04 3.92
C THR B 191 71.03 23.87 2.98
N LEU B 192 70.92 22.66 3.55
CA LEU B 192 70.64 21.49 2.73
C LEU B 192 69.23 21.51 2.18
N GLN B 193 68.27 22.02 2.97
CA GLN B 193 66.89 22.09 2.50
C GLN B 193 66.75 23.04 1.32
N GLU B 194 67.42 24.20 1.37
CA GLU B 194 67.37 25.12 0.23
C GLU B 194 68.16 24.57 -0.96
N GLN B 195 69.41 24.18 -0.72
CA GLN B 195 70.26 23.76 -1.83
C GLN B 195 69.83 22.41 -2.40
N GLY B 196 69.44 21.48 -1.53
CA GLY B 196 69.14 20.14 -1.98
C GLY B 196 70.41 19.37 -2.29
N ILE B 197 70.23 18.14 -2.77
CA ILE B 197 71.35 17.29 -3.11
C ILE B 197 71.04 16.61 -4.44
N GLY B 198 72.09 16.18 -5.13
CA GLY B 198 71.89 15.52 -6.41
C GLY B 198 71.46 16.51 -7.47
N GLY B 199 70.90 15.96 -8.55
CA GLY B 199 70.34 16.73 -9.62
C GLY B 199 68.85 16.58 -9.75
N LYS B 200 68.31 17.06 -10.87
CA LYS B 200 66.90 16.90 -11.21
C LYS B 200 66.00 17.51 -10.13
N ARG B 201 66.40 18.69 -9.62
CA ARG B 201 65.67 19.30 -8.52
C ARG B 201 64.25 19.69 -8.93
N LYS B 202 64.08 20.26 -10.12
CA LYS B 202 62.75 20.56 -10.62
C LYS B 202 61.96 19.32 -10.97
N MET B 203 62.61 18.15 -11.02
CA MET B 203 62.02 16.92 -11.50
C MET B 203 61.31 16.14 -10.40
N MET B 204 60.82 16.82 -9.36
CA MET B 204 60.10 16.20 -8.25
C MET B 204 60.97 15.18 -7.51
N CYS B 205 62.27 15.47 -7.41
CA CYS B 205 63.20 14.60 -6.70
C CYS B 205 64.45 15.40 -6.36
N GLY B 206 65.07 15.08 -5.23
CA GLY B 206 66.31 15.70 -4.81
C GLY B 206 66.16 16.76 -3.72
N ILE B 207 64.95 17.27 -3.53
CA ILE B 207 64.68 18.25 -2.48
C ILE B 207 64.52 17.52 -1.15
N PHE B 208 64.47 18.27 -0.05
CA PHE B 208 64.40 17.67 1.28
C PHE B 208 63.14 18.12 2.01
N VAL B 209 62.89 17.46 3.14
CA VAL B 209 61.67 17.63 3.93
C VAL B 209 61.92 16.98 5.28
N PRO B 210 61.21 17.35 6.36
CA PRO B 210 61.38 16.66 7.65
C PRO B 210 61.26 15.14 7.60
N ALA B 211 61.75 14.48 8.65
CA ALA B 211 61.80 13.03 8.72
C ALA B 211 60.45 12.38 8.99
N THR B 212 59.42 13.16 9.31
CA THR B 212 58.08 12.59 9.41
C THR B 212 57.68 11.97 8.08
N ARG B 213 57.96 12.67 6.98
CA ARG B 213 57.75 12.08 5.65
C ARG B 213 58.64 10.87 5.44
N SER B 214 59.82 10.84 6.05
CA SER B 214 60.67 9.65 5.96
C SER B 214 59.96 8.43 6.55
N LYS B 215 59.43 8.57 7.76
CA LYS B 215 58.70 7.47 8.38
C LYS B 215 57.47 7.11 7.56
N GLU B 216 56.76 8.11 7.05
CA GLU B 216 55.55 7.87 6.27
C GLU B 216 55.87 7.09 5.00
N GLU B 217 56.95 7.46 4.31
CA GLU B 217 57.38 6.69 3.15
C GLU B 217 57.83 5.29 3.54
N GLU B 218 58.45 5.15 4.71
CA GLU B 218 58.85 3.83 5.17
C GLU B 218 57.64 2.93 5.40
N GLU B 219 56.51 3.51 5.83
CA GLU B 219 55.33 2.70 6.11
C GLU B 219 54.84 1.98 4.86
N THR B 220 54.80 2.67 3.72
CA THR B 220 54.33 2.07 2.48
C THR B 220 55.09 2.62 1.28
N PRO C 12 16.83 69.90 -11.86
CA PRO C 12 17.00 68.58 -12.50
C PRO C 12 17.97 67.70 -11.75
N ASN C 13 17.87 66.38 -11.96
CA ASN C 13 18.78 65.44 -11.32
C ASN C 13 20.14 65.52 -11.99
N TYR C 14 21.18 65.74 -11.18
CA TYR C 14 22.55 65.84 -11.68
C TYR C 14 23.41 64.81 -10.97
N TYR C 15 24.27 64.15 -11.73
CA TYR C 15 25.15 63.11 -11.20
C TYR C 15 26.57 63.36 -11.65
N LEU C 16 27.52 63.08 -10.76
CA LEU C 16 28.94 63.21 -11.04
C LEU C 16 29.58 61.83 -10.93
N TYR C 17 29.84 61.22 -12.08
CA TYR C 17 30.54 59.94 -12.15
C TYR C 17 32.01 60.18 -12.48
N GLY C 18 32.87 59.37 -11.89
CA GLY C 18 34.29 59.54 -12.14
C GLY C 18 35.14 58.33 -11.81
N THR C 19 36.16 58.09 -12.61
CA THR C 19 37.18 57.09 -12.34
C THR C 19 38.50 57.79 -12.12
N VAL C 20 39.13 57.54 -10.98
CA VAL C 20 40.36 58.21 -10.58
C VAL C 20 41.47 57.18 -10.49
N LEU C 21 42.63 57.52 -11.02
CA LEU C 21 43.79 56.64 -11.06
C LEU C 21 44.86 57.17 -10.12
N THR C 22 45.35 56.32 -9.22
CA THR C 22 46.34 56.72 -8.25
C THR C 22 47.74 56.68 -8.85
N ARG C 23 48.72 57.14 -8.07
CA ARG C 23 50.10 57.20 -8.53
C ARG C 23 50.81 55.88 -8.26
N TYR C 24 51.79 55.58 -9.10
CA TYR C 24 52.54 54.34 -8.97
C TYR C 24 53.38 54.32 -7.71
N GLY C 25 53.48 53.16 -7.09
CA GLY C 25 54.29 53.01 -5.89
C GLY C 25 53.96 51.71 -5.18
N LEU C 26 54.79 51.40 -4.19
CA LEU C 26 54.55 50.22 -3.37
C LEU C 26 53.30 50.41 -2.53
N ALA C 27 52.46 49.38 -2.50
CA ALA C 27 51.17 49.46 -1.84
C ALA C 27 50.94 48.23 -0.96
N SER C 28 50.46 48.46 0.26
CA SER C 28 50.00 47.39 1.14
C SER C 28 48.87 47.98 1.98
N LEU C 29 47.64 47.82 1.50
CA LEU C 29 46.48 48.45 2.09
C LEU C 29 45.35 47.44 2.24
N ASN C 30 44.58 47.60 3.31
CA ASN C 30 43.36 46.82 3.55
C ASN C 30 43.65 45.32 3.43
N HIS C 31 44.54 44.84 4.30
CA HIS C 31 44.95 43.44 4.24
C HIS C 31 43.79 42.53 4.62
N ASP C 32 43.89 41.28 4.14
CA ASP C 32 42.89 40.26 4.44
C ASP C 32 43.14 39.70 5.83
N ILE C 33 42.49 38.57 6.15
CA ILE C 33 42.66 37.96 7.46
C ILE C 33 44.13 37.64 7.69
N ARG C 34 44.66 38.12 8.82
CA ARG C 34 46.08 37.96 9.14
C ARG C 34 46.30 36.60 9.80
N ARG C 35 46.05 35.55 9.02
CA ARG C 35 46.18 34.19 9.50
C ARG C 35 47.63 33.76 9.48
N GLY C 36 48.09 33.18 10.59
CA GLY C 36 49.48 32.79 10.71
C GLY C 36 50.39 33.97 10.97
N ASN C 37 51.55 33.99 10.31
CA ASN C 37 52.46 35.12 10.42
C ASN C 37 52.35 36.08 9.25
N LYS C 38 51.76 35.65 8.13
CA LYS C 38 51.74 36.46 6.93
C LYS C 38 50.60 37.49 6.96
N THR C 39 50.86 38.63 6.35
CA THR C 39 49.85 39.66 6.11
C THR C 39 49.61 39.70 4.61
N ILE C 40 48.53 39.07 4.18
CA ILE C 40 48.25 38.88 2.75
C ILE C 40 47.38 40.02 2.25
N LEU C 41 47.65 40.45 1.02
CA LEU C 41 46.87 41.49 0.39
C LEU C 41 45.49 40.99 0.02
N GLN C 42 44.55 41.91 -0.13
CA GLN C 42 43.21 41.58 -0.61
C GLN C 42 43.25 41.48 -2.13
N LYS C 43 43.18 40.25 -2.65
CA LYS C 43 43.34 40.01 -4.08
C LYS C 43 42.24 39.09 -4.58
N GLY C 44 41.97 39.20 -5.88
CA GLY C 44 40.97 38.39 -6.52
C GLY C 44 41.13 38.44 -8.02
N TYR C 45 40.11 37.93 -8.72
CA TYR C 45 40.14 37.88 -10.18
C TYR C 45 39.66 39.18 -10.79
N TRP C 46 40.23 39.51 -11.94
CA TRP C 46 39.87 40.72 -12.68
C TRP C 46 39.93 40.35 -14.17
N ASN C 47 39.96 41.34 -15.05
CA ASN C 47 39.97 41.06 -16.49
C ASN C 47 41.16 40.19 -16.86
N ASN C 48 40.98 39.44 -17.95
CA ASN C 48 41.94 38.46 -18.45
C ASN C 48 42.15 37.29 -17.50
N GLY C 49 41.32 37.16 -16.47
CA GLY C 49 41.44 36.05 -15.54
C GLY C 49 42.74 36.03 -14.77
N LYS C 50 43.27 37.19 -14.42
CA LYS C 50 44.50 37.31 -13.68
C LYS C 50 44.23 37.92 -12.31
N ILE C 51 45.09 37.61 -11.35
CA ILE C 51 44.90 38.03 -9.97
C ILE C 51 45.29 39.50 -9.84
N HIS C 52 44.38 40.30 -9.30
CA HIS C 52 44.63 41.71 -9.04
C HIS C 52 44.36 42.01 -7.57
N SER C 53 45.14 42.92 -7.00
CA SER C 53 44.97 43.33 -5.62
C SER C 53 43.89 44.40 -5.51
N PHE C 54 43.03 44.25 -4.52
CA PHE C 54 41.90 45.15 -4.30
C PHE C 54 42.11 45.97 -3.04
N VAL C 55 41.48 47.15 -3.02
CA VAL C 55 41.41 47.99 -1.83
C VAL C 55 39.95 48.30 -1.57
N GLY C 56 39.51 48.04 -0.34
CA GLY C 56 38.10 48.21 -0.03
C GLY C 56 37.67 49.65 -0.17
N SER C 57 36.43 49.84 -0.64
CA SER C 57 35.89 51.19 -0.78
C SER C 57 35.52 51.81 0.55
N SER C 58 35.29 50.99 1.58
CA SER C 58 34.99 51.54 2.90
C SER C 58 36.18 52.33 3.44
N ALA C 59 37.40 51.86 3.18
CA ALA C 59 38.58 52.61 3.58
C ALA C 59 38.66 53.96 2.89
N ILE C 60 38.33 54.01 1.60
CA ILE C 60 38.35 55.28 0.87
C ILE C 60 37.28 56.22 1.40
N ARG C 61 36.09 55.68 1.71
CA ARG C 61 35.04 56.51 2.29
C ARG C 61 35.47 57.05 3.65
N TRP C 62 36.13 56.23 4.46
CA TRP C 62 36.65 56.69 5.75
C TRP C 62 37.69 57.79 5.54
N ALA C 63 38.55 57.64 4.55
CA ALA C 63 39.55 58.66 4.27
C ALA C 63 38.89 59.98 3.85
N LEU C 64 37.85 59.90 3.03
CA LEU C 64 37.13 61.11 2.64
C LEU C 64 36.45 61.77 3.83
N ARG C 65 35.85 60.97 4.71
CA ARG C 65 35.24 61.52 5.92
C ARG C 65 36.28 62.16 6.82
N PHE C 66 37.46 61.54 6.93
CA PHE C 66 38.54 62.12 7.73
C PHE C 66 39.02 63.43 7.12
N TYR C 67 39.10 63.52 5.80
CA TYR C 67 39.42 64.79 5.17
C TYR C 67 38.38 65.85 5.51
N LEU C 68 37.10 65.48 5.46
CA LEU C 68 36.05 66.42 5.81
C LEU C 68 36.21 66.90 7.24
N GLN C 69 36.54 66.00 8.17
CA GLN C 69 36.74 66.37 9.56
C GLN C 69 37.94 67.30 9.71
N LYS C 70 39.05 66.97 9.05
CA LYS C 70 40.29 67.73 9.24
C LYS C 70 40.17 69.14 8.67
N GLN C 71 39.47 69.30 7.55
CA GLN C 71 39.38 70.60 6.92
C GLN C 71 38.56 71.60 7.71
N GLY C 72 37.87 71.17 8.76
CA GLY C 72 37.09 72.06 9.61
C GLY C 72 35.60 72.00 9.38
N TYR C 73 35.14 71.28 8.36
CA TYR C 73 33.71 71.15 8.13
C TYR C 73 33.05 70.40 9.28
N LEU C 74 31.86 70.85 9.67
CA LEU C 74 31.15 70.25 10.79
C LEU C 74 30.71 68.83 10.44
N VAL C 75 31.20 67.86 11.19
CA VAL C 75 30.89 66.44 10.98
C VAL C 75 30.43 65.85 12.30
N ASN C 76 29.45 64.94 12.22
CA ASN C 76 28.92 64.31 13.43
C ASN C 76 29.96 63.38 14.05
N ARG C 77 30.58 62.53 13.23
CA ARG C 77 31.57 61.58 13.71
C ARG C 77 32.96 62.23 13.69
N VAL C 78 33.66 62.15 14.82
CA VAL C 78 34.95 62.79 14.99
C VAL C 78 35.97 61.72 15.36
N TRP C 79 37.10 61.72 14.66
CA TRP C 79 38.20 60.80 14.94
C TRP C 79 39.14 61.41 15.96
N ASP C 80 39.42 60.66 17.03
CA ASP C 80 40.26 61.18 18.09
C ASP C 80 41.72 61.30 17.65
N GLU C 81 42.17 60.37 16.82
CA GLU C 81 43.54 60.32 16.27
C GLU C 81 44.57 59.94 17.32
N GLU C 82 44.17 59.90 18.59
CA GLU C 82 45.04 59.45 19.66
C GLU C 82 44.51 58.21 20.37
N GLU C 83 43.25 58.23 20.82
CA GLU C 83 42.66 57.04 21.43
C GLU C 83 42.13 56.05 20.41
N HIS C 84 42.11 56.43 19.12
CA HIS C 84 41.61 55.56 18.05
C HIS C 84 40.17 55.12 18.31
N ILE C 85 39.35 56.05 18.80
CA ILE C 85 37.94 55.79 19.09
C ILE C 85 37.11 56.82 18.35
N ASN C 86 36.04 56.36 17.70
CA ASN C 86 35.13 57.25 16.98
C ASN C 86 34.04 57.72 17.93
N ARG C 87 33.89 59.04 18.04
CA ARG C 87 32.90 59.65 18.91
C ARG C 87 31.86 60.40 18.07
N LEU C 88 30.65 60.44 18.58
CA LEU C 88 29.52 61.09 17.89
C LEU C 88 29.22 62.41 18.57
N THR C 89 29.22 63.49 17.78
CA THR C 89 28.87 64.80 18.33
C THR C 89 27.42 64.82 18.83
N SER C 90 26.50 64.27 18.05
CA SER C 90 25.10 64.20 18.41
C SER C 90 24.58 62.79 18.16
N GLU C 91 23.83 62.26 19.13
CA GLU C 91 23.24 60.93 18.97
C GLU C 91 22.25 60.91 17.80
N ASP C 92 21.42 61.95 17.69
CA ASP C 92 20.50 62.07 16.58
C ASP C 92 21.24 62.54 15.34
N PHE C 93 20.98 61.87 14.22
CA PHE C 93 21.62 62.21 12.95
C PHE C 93 20.83 63.31 12.25
N ASP C 94 21.51 64.40 11.92
CA ASP C 94 20.90 65.55 11.26
C ASP C 94 21.67 65.85 9.98
N PRO C 95 21.24 65.31 8.85
CA PRO C 95 21.94 65.59 7.58
C PRO C 95 21.91 67.05 7.17
N GLU C 96 20.94 67.82 7.68
CA GLU C 96 20.88 69.24 7.33
C GLU C 96 22.09 70.00 7.86
N LYS C 97 22.54 69.64 9.07
CA LYS C 97 23.62 70.37 9.73
C LYS C 97 24.99 69.71 9.57
N PHE C 98 25.04 68.38 9.56
CA PHE C 98 26.31 67.66 9.52
C PHE C 98 26.66 67.28 8.09
N TYR C 99 27.91 67.55 7.69
CA TYR C 99 28.39 67.11 6.39
C TYR C 99 28.43 65.59 6.31
N ASP C 100 28.85 64.94 7.41
CA ASP C 100 28.96 63.48 7.42
C ASP C 100 27.61 62.82 7.13
N ASP C 101 26.56 63.25 7.85
CA ASP C 101 25.26 62.64 7.67
C ASP C 101 24.65 62.99 6.32
N ASP C 102 24.90 64.20 5.84
CA ASP C 102 24.39 64.59 4.52
C ASP C 102 25.03 63.75 3.42
N ILE C 103 26.32 63.47 3.53
CA ILE C 103 27.08 62.87 2.45
C ILE C 103 27.06 61.35 2.52
N PHE C 104 27.54 60.79 3.63
CA PHE C 104 27.73 59.35 3.73
C PHE C 104 26.49 58.62 4.23
N GLY C 105 25.45 59.33 4.64
CA GLY C 105 24.28 58.67 5.19
C GLY C 105 24.53 58.15 6.59
N PHE C 106 23.53 57.46 7.11
CA PHE C 106 23.61 56.90 8.45
C PHE C 106 22.60 55.77 8.58
N ALA C 107 22.79 54.95 9.61
CA ALA C 107 21.88 53.85 9.91
C ALA C 107 22.13 53.42 11.34
N LEU C 108 21.09 53.44 12.17
CA LEU C 108 21.23 53.08 13.57
C LEU C 108 20.70 51.68 13.86
N LEU C 109 19.64 51.26 13.17
CA LEU C 109 19.00 49.97 13.38
C LEU C 109 18.66 49.74 14.86
N PRO C 133 13.45 60.34 10.38
CA PRO C 133 14.38 59.68 9.45
C PRO C 133 15.55 59.02 10.18
N ASN C 134 15.42 57.73 10.46
CA ASN C 134 16.47 57.00 11.15
C ASN C 134 17.59 56.54 10.23
N GLN C 135 17.44 56.70 8.92
CA GLN C 135 18.45 56.26 7.97
C GLN C 135 18.44 57.17 6.76
N ARG C 136 19.59 57.26 6.09
CA ARG C 136 19.75 58.05 4.89
C ARG C 136 20.67 57.32 3.93
N MET C 137 20.32 57.34 2.65
CA MET C 137 21.12 56.60 1.66
C MET C 137 22.51 57.20 1.51
N GLY C 138 22.59 58.51 1.34
CA GLY C 138 23.88 59.14 1.12
C GLY C 138 24.18 59.36 -0.35
N ALA C 139 24.65 60.56 -0.70
CA ALA C 139 24.89 60.88 -2.10
C ALA C 139 26.06 60.08 -2.67
N LEU C 140 27.08 59.83 -1.86
CA LEU C 140 28.29 59.20 -2.35
C LEU C 140 28.09 57.69 -2.51
N GLY C 141 28.51 57.16 -3.66
CA GLY C 141 28.51 55.73 -3.90
C GLY C 141 29.77 55.32 -4.62
N MET C 142 30.50 54.36 -4.08
CA MET C 142 31.82 54.02 -4.57
C MET C 142 31.94 52.53 -4.84
N ASN C 143 33.03 52.15 -5.48
CA ASN C 143 33.41 50.76 -5.72
C ASN C 143 34.83 50.55 -5.26
N MET C 144 35.24 49.29 -5.15
CA MET C 144 36.56 48.97 -4.66
C MET C 144 37.63 49.45 -5.63
N ALA C 145 38.78 49.82 -5.08
CA ALA C 145 39.93 50.20 -5.89
C ALA C 145 40.63 48.94 -6.40
N VAL C 146 40.91 48.90 -7.69
CA VAL C 146 41.49 47.73 -8.34
C VAL C 146 42.86 48.10 -8.87
N SER C 147 43.85 47.24 -8.61
CA SER C 147 45.19 47.47 -9.13
C SER C 147 45.17 47.42 -10.66
N LEU C 148 45.94 48.33 -11.27
CA LEU C 148 45.99 48.37 -12.72
C LEU C 148 46.65 47.12 -13.29
N THR C 149 47.82 46.77 -12.78
CA THR C 149 48.54 45.61 -13.27
C THR C 149 48.25 44.40 -12.39
N PRO C 150 48.31 43.19 -12.97
CA PRO C 150 48.08 41.98 -12.16
C PRO C 150 49.13 41.83 -11.08
N TYR C 151 48.72 41.23 -9.96
CA TYR C 151 49.60 41.06 -8.82
C TYR C 151 50.76 40.13 -9.19
N ASP C 152 51.98 40.61 -8.98
CA ASP C 152 53.16 39.85 -9.37
C ASP C 152 53.58 38.82 -8.33
N GLY C 153 52.94 38.82 -7.16
CA GLY C 153 53.28 37.89 -6.11
C GLY C 153 54.47 38.26 -5.27
N ALA C 154 54.99 39.47 -5.41
CA ALA C 154 56.15 39.88 -4.62
C ALA C 154 55.81 39.90 -3.14
N VAL C 155 56.74 39.42 -2.32
CA VAL C 155 56.58 39.36 -0.88
C VAL C 155 57.82 39.96 -0.24
N LYS C 156 57.65 40.50 0.96
CA LYS C 156 58.72 41.16 1.70
C LYS C 156 58.92 40.48 3.05
N LEU C 157 60.19 40.30 3.42
CA LEU C 157 60.53 39.67 4.69
C LEU C 157 60.71 40.73 5.77
N GLY C 158 60.05 40.54 6.89
CA GLY C 158 60.15 41.47 8.01
C GLY C 158 60.25 40.75 9.33
N ALA C 159 61.01 41.33 10.25
CA ALA C 159 61.22 40.77 11.57
C ALA C 159 60.45 41.61 12.59
N LYS C 160 59.42 41.02 13.18
CA LYS C 160 58.61 41.70 14.18
C LYS C 160 59.15 41.45 15.57
N SER C 161 58.89 42.38 16.47
CA SER C 161 59.44 42.32 17.82
C SER C 161 58.80 41.19 18.63
N GLY C 162 59.55 40.69 19.61
CA GLY C 162 59.08 39.64 20.48
C GLY C 162 59.66 39.73 21.87
N ARG C 163 58.87 39.40 22.89
CA ARG C 163 59.31 39.49 24.27
C ARG C 163 60.08 38.27 24.75
N GLU C 164 60.14 37.20 23.94
CA GLU C 164 60.82 35.97 24.34
C GLU C 164 62.32 36.17 24.19
N LYS C 165 62.90 36.85 25.19
CA LYS C 165 64.33 37.16 25.23
C LYS C 165 64.76 37.91 23.96
N ASP C 166 64.00 38.96 23.63
CA ASP C 166 64.27 39.80 22.46
C ASP C 166 64.32 38.98 21.17
N SER C 167 63.41 38.01 21.06
CA SER C 167 63.35 37.18 19.86
C SER C 167 62.73 37.95 18.70
N THR C 168 63.21 37.65 17.50
CA THR C 168 62.68 38.25 16.27
C THR C 168 62.19 37.13 15.37
N SER C 169 60.90 37.15 15.04
CA SER C 169 60.28 36.14 14.19
C SER C 169 60.05 36.73 12.80
N LEU C 170 60.48 35.99 11.78
CA LEU C 170 60.35 36.46 10.41
C LEU C 170 58.93 36.18 9.92
N HIS C 171 58.25 37.23 9.47
CA HIS C 171 56.89 37.11 8.98
C HIS C 171 56.82 37.77 7.60
N PHE C 172 55.79 37.38 6.83
CA PHE C 172 55.67 37.75 5.44
C PHE C 172 54.65 38.87 5.29
N THR C 173 55.01 39.91 4.57
CA THR C 173 54.08 40.99 4.22
C THR C 173 54.08 41.13 2.70
N GLU C 174 52.87 41.12 2.12
CA GLU C 174 52.72 41.28 0.68
C GLU C 174 52.70 42.76 0.30
N TYR C 175 53.40 43.11 -0.77
CA TYR C 175 53.37 44.46 -1.31
C TYR C 175 53.19 44.39 -2.82
N HIS C 176 52.46 45.35 -3.36
CA HIS C 176 52.18 45.43 -4.79
C HIS C 176 52.61 46.79 -5.30
N ALA C 177 53.47 46.80 -6.31
CA ALA C 177 53.91 48.04 -6.94
C ALA C 177 53.02 48.29 -8.14
N THR C 178 51.98 49.10 -7.94
CA THR C 178 50.98 49.31 -8.98
C THR C 178 50.23 50.60 -8.70
N ARG C 179 49.38 50.97 -9.65
CA ARG C 179 48.46 52.09 -9.51
C ARG C 179 47.05 51.54 -9.34
N TYR C 180 46.32 52.09 -8.38
CA TYR C 180 44.94 51.68 -8.11
C TYR C 180 43.97 52.64 -8.77
N GLN C 181 42.87 52.09 -9.27
CA GLN C 181 41.80 52.88 -9.85
C GLN C 181 40.48 52.48 -9.21
N TYR C 182 39.65 53.46 -8.89
CA TYR C 182 38.35 53.19 -8.28
C TYR C 182 37.30 54.07 -8.92
N TYR C 183 36.05 53.61 -8.84
CA TYR C 183 34.92 54.26 -9.46
C TYR C 183 33.96 54.74 -8.38
N PHE C 184 33.54 55.99 -8.50
CA PHE C 184 32.63 56.60 -7.53
C PHE C 184 31.51 57.30 -8.27
N GLY C 185 30.37 57.41 -7.60
CA GLY C 185 29.22 58.09 -8.17
C GLY C 185 28.57 59.04 -7.19
N ILE C 186 28.31 60.26 -7.62
CA ILE C 186 27.76 61.31 -6.77
C ILE C 186 26.38 61.68 -7.29
N ASP C 187 25.39 61.64 -6.39
CA ASP C 187 24.06 62.16 -6.69
C ASP C 187 23.95 63.54 -6.07
N ALA C 188 24.22 64.58 -6.86
CA ALA C 188 24.27 65.94 -6.33
C ALA C 188 22.91 66.36 -5.79
N THR C 189 21.83 66.00 -6.48
CA THR C 189 20.50 66.37 -6.04
C THR C 189 20.16 65.79 -4.68
N HIS C 190 20.62 64.56 -4.41
CA HIS C 190 20.31 63.89 -3.15
C HIS C 190 20.90 64.63 -1.94
N LEU C 191 21.89 65.47 -2.15
CA LEU C 191 22.49 66.22 -1.05
C LEU C 191 21.49 67.20 -0.47
N LYS C 192 21.44 67.29 0.86
CA LYS C 192 20.57 68.27 1.51
C LYS C 192 21.03 69.68 1.19
N ASP C 193 22.33 69.91 1.18
CA ASP C 193 22.92 71.18 0.77
C ASP C 193 23.69 70.94 -0.53
N PHE C 194 23.31 71.67 -1.58
CA PHE C 194 23.93 71.44 -2.89
C PHE C 194 25.37 71.91 -2.93
N SER C 195 25.76 72.82 -2.04
CA SER C 195 27.13 73.32 -2.01
C SER C 195 28.12 72.31 -1.44
N ARG C 196 27.65 71.21 -0.87
CA ARG C 196 28.53 70.24 -0.25
C ARG C 196 29.26 69.37 -1.27
N ILE C 197 28.94 69.48 -2.56
CA ILE C 197 29.64 68.68 -3.57
C ILE C 197 31.08 69.15 -3.74
N LEU C 198 31.33 70.45 -3.66
CA LEU C 198 32.69 70.97 -3.84
C LEU C 198 33.67 70.43 -2.79
N PRO C 199 33.36 70.43 -1.49
CA PRO C 199 34.28 69.79 -0.54
C PRO C 199 34.53 68.34 -0.84
N MET C 200 33.53 67.62 -1.37
CA MET C 200 33.75 66.23 -1.76
C MET C 200 34.77 66.10 -2.88
N ILE C 201 34.68 66.96 -3.90
CA ILE C 201 35.66 66.93 -4.98
C ILE C 201 37.04 67.26 -4.45
N ASP C 202 37.13 68.28 -3.57
CA ASP C 202 38.42 68.63 -3.00
C ASP C 202 39.01 67.47 -2.20
N GLY C 203 38.17 66.77 -1.44
CA GLY C 203 38.66 65.62 -0.68
C GLY C 203 39.09 64.47 -1.56
N ILE C 204 38.37 64.23 -2.66
CA ILE C 204 38.78 63.21 -3.60
C ILE C 204 40.14 63.55 -4.17
N MET C 205 40.35 64.82 -4.52
CA MET C 205 41.66 65.25 -5.01
C MET C 205 42.72 65.15 -3.92
N ASN C 206 42.46 65.72 -2.75
CA ASN C 206 43.39 65.69 -1.63
C ASN C 206 42.97 64.62 -0.62
N LEU C 207 43.05 63.37 -1.05
CA LEU C 207 42.66 62.26 -0.19
C LEU C 207 43.73 62.02 0.87
N PRO C 208 43.35 61.89 2.15
CA PRO C 208 44.35 61.58 3.18
C PRO C 208 44.85 60.14 3.08
N LYS C 209 45.69 59.74 4.04
CA LYS C 209 46.21 58.38 4.05
C LYS C 209 45.09 57.37 4.23
N VAL C 210 45.08 56.35 3.38
CA VAL C 210 44.07 55.29 3.43
C VAL C 210 44.62 54.12 4.23
N GLY C 211 43.78 53.52 5.05
CA GLY C 211 44.19 52.38 5.86
C GLY C 211 44.79 52.73 7.20
N GLY C 212 45.57 53.80 7.25
CA GLY C 212 46.14 54.27 8.51
C GLY C 212 47.32 53.41 8.96
N SER C 213 47.14 52.68 10.06
CA SER C 213 48.22 51.85 10.58
C SER C 213 48.55 50.70 9.64
N SER C 214 47.53 50.13 9.00
CA SER C 214 47.75 49.00 8.10
C SER C 214 48.55 49.38 6.87
N ASN C 215 48.57 50.66 6.50
CA ASN C 215 49.34 51.10 5.34
C ASN C 215 50.82 51.15 5.70
N ILE C 216 51.51 50.02 5.53
CA ILE C 216 52.93 49.94 5.90
C ILE C 216 53.74 50.97 5.12
N PHE C 217 53.76 50.82 3.79
CA PHE C 217 54.37 51.83 2.93
C PHE C 217 53.36 52.94 2.68
N ASN C 218 53.79 54.19 2.91
CA ASN C 218 52.90 55.33 2.75
C ASN C 218 52.54 55.45 1.27
N TYR C 219 51.33 55.03 0.92
CA TYR C 219 50.88 55.03 -0.46
C TYR C 219 49.93 56.18 -0.69
N PRO C 220 50.33 57.22 -1.42
CA PRO C 220 49.40 58.33 -1.67
C PRO C 220 48.27 57.89 -2.59
N PHE C 221 47.04 58.10 -2.13
CA PHE C 221 45.85 57.73 -2.89
C PHE C 221 45.26 58.91 -3.65
N CYS C 222 45.96 60.04 -3.69
CA CYS C 222 45.50 61.18 -4.46
C CYS C 222 45.52 60.85 -5.94
N PRO C 223 44.57 61.38 -6.71
CA PRO C 223 44.48 61.03 -8.13
C PRO C 223 45.71 61.46 -8.91
N ASP C 224 46.09 60.64 -9.88
CA ASP C 224 47.09 61.00 -10.88
C ASP C 224 46.49 61.28 -12.25
N SER C 225 45.39 60.60 -12.58
CA SER C 225 44.63 60.88 -13.79
C SER C 225 43.16 60.73 -13.48
N LEU C 226 42.33 61.62 -14.03
CA LEU C 226 40.91 61.63 -13.75
C LEU C 226 40.11 61.54 -15.04
N VAL C 227 38.99 60.84 -14.97
CA VAL C 227 37.99 60.79 -16.03
C VAL C 227 36.65 61.04 -15.36
N PHE C 228 36.21 62.29 -15.34
CA PHE C 228 34.96 62.67 -14.70
C PHE C 228 33.86 62.86 -15.74
N GLN C 229 32.62 62.88 -15.25
CA GLN C 229 31.46 63.03 -16.13
C GLN C 229 30.36 63.70 -15.34
N TRP C 230 30.01 64.93 -15.73
CA TRP C 230 28.95 65.70 -15.09
C TRP C 230 27.75 65.68 -16.02
N THR C 231 26.84 64.73 -15.80
CA THR C 231 25.69 64.52 -16.66
C THR C 231 24.43 64.43 -15.82
N ASN C 232 23.28 64.36 -16.51
CA ASN C 232 21.98 64.25 -15.87
C ASN C 232 21.31 62.91 -16.17
N HIS C 233 22.07 61.91 -16.57
CA HIS C 233 21.56 60.59 -16.87
C HIS C 233 22.11 59.56 -15.89
N PHE C 234 21.29 58.55 -15.60
CA PHE C 234 21.74 57.47 -14.72
C PHE C 234 22.84 56.64 -15.34
N ALA C 235 22.89 56.57 -16.67
CA ALA C 235 23.86 55.72 -17.36
C ALA C 235 25.23 56.35 -17.35
N SER C 236 26.25 55.55 -17.00
CA SER C 236 27.63 55.96 -17.04
C SER C 236 28.46 54.87 -17.67
N TYR C 237 29.34 55.24 -18.60
CA TYR C 237 30.19 54.29 -19.31
C TYR C 237 31.67 54.58 -19.06
N ILE C 238 31.99 55.07 -17.87
CA ILE C 238 33.36 55.43 -17.51
C ILE C 238 33.76 54.70 -16.23
N SER C 239 33.19 53.51 -16.02
CA SER C 239 33.39 52.79 -14.76
C SER C 239 34.87 52.54 -14.51
N TYR C 240 35.51 51.75 -15.36
CA TYR C 240 36.94 51.45 -15.26
C TYR C 240 37.54 51.64 -16.64
N CYS C 241 37.94 52.86 -16.95
CA CYS C 241 38.40 53.21 -18.29
C CYS C 241 39.90 53.11 -18.48
N PHE C 242 40.65 52.74 -17.44
CA PHE C 242 42.10 52.68 -17.52
C PHE C 242 42.56 51.23 -17.70
N GLU C 243 43.71 51.09 -18.35
CA GLU C 243 44.30 49.78 -18.61
C GLU C 243 45.79 49.95 -18.80
N TYR C 244 46.51 48.84 -18.74
CA TYR C 244 47.97 48.83 -18.85
C TYR C 244 48.40 48.40 -20.24
N CYS C 245 49.41 49.07 -20.78
CA CYS C 245 49.97 48.67 -22.06
C CYS C 245 50.71 47.34 -21.94
N ASP C 246 51.53 47.19 -20.91
CA ASP C 246 52.26 45.98 -20.61
C ASP C 246 52.01 45.59 -19.16
N PRO C 247 52.06 44.30 -18.83
CA PRO C 247 51.79 43.88 -17.45
C PRO C 247 52.77 44.44 -16.43
N LYS C 248 53.96 44.85 -16.85
CA LYS C 248 54.95 45.45 -15.96
C LYS C 248 55.31 46.83 -16.52
N SER C 249 54.53 47.83 -16.13
CA SER C 249 54.76 49.20 -16.59
C SER C 249 54.31 50.17 -15.51
N LYS C 250 54.90 51.37 -15.54
CA LYS C 250 54.55 52.44 -14.62
C LYS C 250 53.72 53.52 -15.28
N GLU C 251 53.24 53.29 -16.50
CA GLU C 251 52.40 54.23 -17.22
C GLU C 251 51.08 53.56 -17.56
N ALA C 252 50.04 54.39 -17.74
CA ALA C 252 48.69 53.91 -17.97
C ALA C 252 48.15 54.43 -19.29
N LYS C 253 47.22 53.67 -19.86
CA LYS C 253 46.54 54.05 -21.10
C LYS C 253 45.04 53.88 -20.91
N LEU C 254 44.27 54.76 -21.54
CA LEU C 254 42.83 54.63 -21.54
C LEU C 254 42.43 53.39 -22.34
N SER C 255 41.44 52.66 -21.83
CA SER C 255 41.00 51.44 -22.50
C SER C 255 40.43 51.76 -23.87
N GLN C 256 40.68 50.85 -24.82
CA GLN C 256 40.18 51.04 -26.17
C GLN C 256 38.65 51.08 -26.19
N GLU C 257 38.01 50.40 -25.25
CA GLU C 257 36.55 50.45 -25.16
C GLU C 257 36.07 51.87 -24.86
N PHE C 258 36.75 52.57 -23.94
CA PHE C 258 36.37 53.94 -23.62
C PHE C 258 36.57 54.86 -24.82
N ILE C 259 37.68 54.69 -25.54
CA ILE C 259 37.94 55.52 -26.72
C ILE C 259 36.88 55.26 -27.78
N ASP C 260 36.51 53.99 -27.99
CA ASP C 260 35.46 53.67 -28.94
C ASP C 260 34.12 54.28 -28.52
N GLU C 261 33.82 54.23 -27.21
CA GLU C 261 32.59 54.81 -26.71
C GLU C 261 32.54 56.32 -26.95
N VAL C 262 33.69 56.99 -26.77
CA VAL C 262 33.75 58.42 -27.05
C VAL C 262 33.60 58.69 -28.54
N GLU C 263 34.26 57.88 -29.37
CA GLU C 263 34.28 58.15 -30.81
C GLU C 263 32.91 57.91 -31.44
N CYS C 264 32.21 56.85 -31.02
CA CYS C 264 30.92 56.54 -31.64
C CYS C 264 29.90 57.63 -31.37
N GLY C 265 29.90 58.19 -30.17
CA GLY C 265 28.99 59.27 -29.83
C GLY C 265 28.16 58.96 -28.60
N GLN C 266 28.40 57.81 -27.99
CA GLN C 266 27.65 57.44 -26.79
C GLN C 266 27.93 58.41 -25.65
N ILE C 267 29.19 58.78 -25.47
CA ILE C 267 29.58 59.71 -24.41
C ILE C 267 29.66 61.11 -25.02
N ASP C 268 28.88 62.03 -24.47
CA ASP C 268 28.87 63.40 -24.97
C ASP C 268 30.17 64.08 -24.58
N PRO C 269 30.96 64.57 -25.53
CA PRO C 269 32.23 65.22 -25.17
C PRO C 269 32.07 66.43 -24.27
N SER C 270 30.97 67.17 -24.41
CA SER C 270 30.75 68.33 -23.55
C SER C 270 30.57 67.96 -22.09
N LYS C 271 30.19 66.71 -21.80
CA LYS C 271 30.02 66.23 -20.44
C LYS C 271 31.22 65.45 -19.91
N LEU C 272 32.29 65.34 -20.71
CA LEU C 272 33.44 64.53 -20.35
C LEU C 272 34.58 65.42 -19.87
N TRP C 273 35.20 65.05 -18.75
CA TRP C 273 36.30 65.80 -18.16
C TRP C 273 37.46 64.84 -17.93
N ILE C 274 38.60 65.11 -18.57
CA ILE C 274 39.79 64.30 -18.45
C ILE C 274 40.95 65.19 -18.02
N GLY C 275 41.67 64.78 -16.99
CA GLY C 275 42.81 65.55 -16.52
C GLY C 275 43.80 64.66 -15.81
N GLY C 276 45.07 65.03 -15.89
CA GLY C 276 46.14 64.31 -15.23
C GLY C 276 47.22 63.89 -16.21
N THR C 277 47.95 62.83 -15.83
CA THR C 277 49.05 62.34 -16.67
C THR C 277 48.54 61.72 -17.95
N ILE C 278 47.35 61.12 -17.92
CA ILE C 278 46.81 60.46 -19.11
C ILE C 278 46.59 61.45 -20.24
N VAL C 279 46.42 62.73 -19.91
CA VAL C 279 46.22 63.76 -20.93
C VAL C 279 47.46 63.88 -21.82
N LYS C 280 48.65 63.79 -21.22
CA LYS C 280 49.88 63.88 -21.99
C LYS C 280 49.97 62.76 -23.02
N ASP C 281 49.63 61.54 -22.61
CA ASP C 281 49.63 60.42 -23.56
C ASP C 281 48.54 60.59 -24.61
N LEU C 282 47.37 61.09 -24.21
CA LEU C 282 46.27 61.26 -25.17
C LEU C 282 46.63 62.26 -26.25
N GLN C 283 47.26 63.38 -25.87
CA GLN C 283 47.57 64.43 -26.84
C GLN C 283 48.61 63.99 -27.86
N GLN C 284 49.39 62.95 -27.56
CA GLN C 284 50.38 62.45 -28.52
C GLN C 284 49.80 61.48 -29.52
N LEU C 285 48.56 61.04 -29.35
CA LEU C 285 47.95 60.12 -30.29
C LEU C 285 47.68 60.79 -31.63
N ASP C 286 47.80 60.01 -32.70
CA ASP C 286 47.53 60.52 -34.03
C ASP C 286 46.04 60.76 -34.22
N ASN C 287 45.72 61.72 -35.09
CA ASN C 287 44.35 62.12 -35.40
C ASN C 287 43.60 62.61 -34.16
N PHE C 288 44.33 63.11 -33.16
CA PHE C 288 43.68 63.60 -31.95
C PHE C 288 42.79 64.80 -32.23
N GLU C 289 43.26 65.72 -33.08
CA GLU C 289 42.46 66.90 -33.40
C GLU C 289 41.16 66.52 -34.10
N SER C 290 41.22 65.58 -35.03
CA SER C 290 40.01 65.12 -35.72
C SER C 290 39.14 64.22 -34.86
N SER C 291 39.71 63.56 -33.86
CA SER C 291 38.95 62.65 -33.03
C SER C 291 37.94 63.42 -32.17
N PRO C 292 36.79 62.82 -31.88
CA PRO C 292 35.81 63.47 -30.98
C PRO C 292 36.33 63.63 -29.56
N LEU C 293 37.41 62.95 -29.18
CA LEU C 293 37.98 63.13 -27.86
C LEU C 293 38.53 64.52 -27.63
N ASN C 294 38.87 65.24 -28.72
CA ASN C 294 39.47 66.56 -28.56
C ASN C 294 38.48 67.56 -27.98
N LYS C 295 37.22 67.54 -28.43
CA LYS C 295 36.25 68.52 -27.96
C LYS C 295 35.82 68.30 -26.52
N ALA C 296 36.19 67.17 -25.92
CA ALA C 296 35.94 66.97 -24.50
C ALA C 296 36.85 67.89 -23.68
N HIS C 297 36.41 68.20 -22.47
CA HIS C 297 37.19 69.05 -21.57
C HIS C 297 38.43 68.28 -21.11
N ILE C 298 39.58 68.64 -21.65
CA ILE C 298 40.84 67.94 -21.39
C ILE C 298 41.88 68.96 -20.94
N TYR C 299 42.49 68.71 -19.78
CA TYR C 299 43.49 69.61 -19.21
C TYR C 299 44.67 68.79 -18.72
N ARG C 300 45.89 69.26 -19.04
CA ARG C 300 47.08 68.60 -18.51
C ARG C 300 47.15 68.73 -17.00
N ASN C 301 46.80 69.90 -16.46
CA ASN C 301 46.84 70.15 -15.03
C ASN C 301 45.52 69.71 -14.40
N ARG C 302 45.62 68.92 -13.34
CA ARG C 302 44.42 68.44 -12.66
C ARG C 302 43.66 69.58 -12.01
N ASN C 303 44.38 70.55 -11.44
CA ASN C 303 43.73 71.65 -10.72
C ASN C 303 42.89 72.51 -11.66
N GLU C 304 43.38 72.75 -12.87
CA GLU C 304 42.61 73.53 -13.83
C GLU C 304 41.31 72.83 -14.21
N MET C 305 41.38 71.52 -14.45
CA MET C 305 40.16 70.77 -14.76
C MET C 305 39.20 70.79 -13.59
N ILE C 306 39.73 70.64 -12.36
CA ILE C 306 38.86 70.66 -11.18
C ILE C 306 38.18 72.02 -11.05
N GLU C 307 38.91 73.10 -11.26
CA GLU C 307 38.33 74.44 -11.18
C GLU C 307 37.25 74.64 -12.23
N ALA C 308 37.52 74.22 -13.48
CA ALA C 308 36.52 74.37 -14.52
C ALA C 308 35.27 73.54 -14.23
N LEU C 309 35.46 72.31 -13.77
CA LEU C 309 34.32 71.46 -13.45
C LEU C 309 33.52 72.03 -12.29
N LYS C 310 34.20 72.59 -11.28
CA LYS C 310 33.49 73.19 -10.16
C LYS C 310 32.71 74.42 -10.61
N THR C 311 33.28 75.21 -11.53
CA THR C 311 32.55 76.34 -12.09
C THR C 311 31.29 75.87 -12.81
N VAL C 312 31.42 74.81 -13.62
CA VAL C 312 30.26 74.29 -14.33
C VAL C 312 29.20 73.77 -13.36
N ILE C 313 29.64 73.06 -12.31
CA ILE C 313 28.71 72.53 -11.32
C ILE C 313 27.98 73.66 -10.61
N LYS C 314 28.72 74.70 -10.21
CA LYS C 314 28.10 75.84 -9.53
C LYS C 314 27.10 76.53 -10.46
N ARG C 315 27.43 76.66 -11.74
CA ARG C 315 26.48 77.25 -12.69
C ARG C 315 25.23 76.40 -12.81
N ASP C 316 25.39 75.08 -12.90
CA ASP C 316 24.24 74.20 -13.10
C ASP C 316 23.42 74.02 -11.83
N LEU C 317 24.06 73.97 -10.66
CA LEU C 317 23.35 73.77 -9.41
C LEU C 317 22.80 75.05 -8.82
N GLY C 318 23.04 76.20 -9.46
CA GLY C 318 22.55 77.46 -8.96
C GLY C 318 23.16 77.87 -7.64
N LEU C 319 24.47 77.71 -7.52
CA LEU C 319 25.17 78.08 -6.29
C LEU C 319 25.78 79.48 -6.42
N PRO D 12 -2.37 45.35 -34.79
CA PRO D 12 -1.58 44.12 -34.71
C PRO D 12 -0.83 43.99 -33.39
N ASN D 13 -0.78 42.78 -32.84
CA ASN D 13 -0.08 42.55 -31.58
C ASN D 13 1.42 42.68 -31.80
N TYR D 14 2.02 43.69 -31.18
CA TYR D 14 3.44 43.96 -31.31
C TYR D 14 4.13 43.70 -29.98
N TYR D 15 5.26 42.99 -30.03
CA TYR D 15 6.02 42.65 -28.84
C TYR D 15 7.47 43.08 -29.00
N LEU D 16 8.04 43.61 -27.93
CA LEU D 16 9.44 44.03 -27.89
C LEU D 16 10.20 43.09 -26.96
N TYR D 17 11.00 42.22 -27.55
CA TYR D 17 11.84 41.30 -26.79
C TYR D 17 13.28 41.82 -26.79
N GLY D 18 13.98 41.58 -25.69
CA GLY D 18 15.35 42.05 -25.59
C GLY D 18 16.17 41.39 -24.50
N THR D 19 17.44 41.16 -24.79
CA THR D 19 18.41 40.69 -23.82
C THR D 19 19.44 41.78 -23.59
N VAL D 20 19.68 42.11 -22.33
CA VAL D 20 20.51 43.25 -21.95
C VAL D 20 21.74 42.74 -21.22
N LEU D 21 22.91 43.17 -21.66
CA LEU D 21 24.17 42.85 -21.02
C LEU D 21 24.70 44.11 -20.33
N THR D 22 25.12 43.97 -19.07
CA THR D 22 25.59 45.10 -18.30
C THR D 22 27.11 45.22 -18.41
N ARG D 23 27.65 46.27 -17.80
CA ARG D 23 29.09 46.50 -17.83
C ARG D 23 29.79 45.64 -16.78
N TYR D 24 31.10 45.51 -16.94
CA TYR D 24 31.91 44.72 -16.01
C TYR D 24 32.23 45.53 -14.76
N GLY D 25 32.13 44.87 -13.62
CA GLY D 25 32.44 45.53 -12.36
C GLY D 25 32.21 44.59 -11.20
N LEU D 26 32.53 45.08 -10.01
CA LEU D 26 32.33 44.33 -8.78
C LEU D 26 30.91 44.57 -8.29
N ALA D 27 30.14 43.49 -8.17
CA ALA D 27 28.70 43.59 -7.92
C ALA D 27 28.30 42.77 -6.71
N SER D 28 27.54 43.39 -5.82
CA SER D 28 26.83 42.69 -4.73
C SER D 28 25.46 43.36 -4.65
N LEU D 29 24.51 42.86 -5.44
CA LEU D 29 23.23 43.53 -5.63
C LEU D 29 22.10 42.83 -4.88
N ASN D 30 21.89 41.54 -5.10
CA ASN D 30 20.84 40.79 -4.43
C ASN D 30 21.46 39.75 -3.52
N HIS D 31 21.03 39.74 -2.27
CA HIS D 31 21.52 38.81 -1.26
C HIS D 31 20.44 37.83 -0.87
N ASP D 32 20.88 36.68 -0.36
CA ASP D 32 19.97 35.66 0.14
C ASP D 32 19.54 36.03 1.56
N ILE D 33 18.95 35.06 2.28
CA ILE D 33 18.53 35.31 3.65
C ILE D 33 19.74 35.73 4.48
N ARG D 34 19.60 36.85 5.19
CA ARG D 34 20.72 37.48 5.89
C ARG D 34 20.70 37.06 7.37
N ARG D 35 21.66 36.24 7.76
CA ARG D 35 21.90 35.90 9.15
C ARG D 35 23.27 35.29 9.29
N GLY D 36 23.98 35.66 10.35
CA GLY D 36 25.33 35.19 10.57
C GLY D 36 26.39 36.18 10.16
N ASN D 37 27.54 35.69 9.69
CA ASN D 37 28.64 36.53 9.26
C ASN D 37 28.58 36.89 7.78
N LYS D 38 28.32 35.91 6.92
CA LYS D 38 28.32 36.15 5.48
C LYS D 38 26.98 36.67 5.02
N THR D 39 27.02 37.66 4.13
CA THR D 39 25.84 38.07 3.36
C THR D 39 25.88 37.28 2.06
N ILE D 40 25.07 36.22 2.00
CA ILE D 40 25.17 35.27 0.89
C ILE D 40 24.61 35.90 -0.37
N LEU D 41 25.41 35.91 -1.43
CA LEU D 41 24.95 36.38 -2.73
C LEU D 41 23.89 35.43 -3.27
N GLN D 42 22.85 36.00 -3.89
CA GLN D 42 21.81 35.18 -4.50
C GLN D 42 22.39 34.45 -5.70
N LYS D 43 22.64 33.16 -5.55
CA LYS D 43 23.31 32.38 -6.59
C LYS D 43 22.65 31.03 -6.73
N GLY D 44 22.87 30.42 -7.89
CA GLY D 44 22.33 29.10 -8.18
C GLY D 44 23.00 28.54 -9.41
N TYR D 45 22.52 27.38 -9.84
CA TYR D 45 23.08 26.72 -11.00
C TYR D 45 22.63 27.40 -12.29
N TRP D 46 23.43 27.24 -13.33
CA TRP D 46 23.15 27.80 -14.64
C TRP D 46 23.72 26.84 -15.68
N ASN D 47 23.93 27.33 -16.91
CA ASN D 47 24.45 26.49 -17.97
C ASN D 47 25.77 25.84 -17.58
N ASN D 48 26.07 24.71 -18.23
CA ASN D 48 27.27 23.89 -18.00
C ASN D 48 27.50 23.54 -16.53
N GLY D 49 26.46 23.63 -15.71
CA GLY D 49 26.50 23.12 -14.35
C GLY D 49 27.47 23.80 -13.40
N LYS D 50 27.55 25.12 -13.44
CA LYS D 50 28.39 25.87 -12.51
C LYS D 50 27.56 26.95 -11.82
N ILE D 51 27.99 27.33 -10.61
CA ILE D 51 27.23 28.27 -9.80
C ILE D 51 27.38 29.67 -10.38
N HIS D 52 26.25 30.32 -10.64
CA HIS D 52 26.21 31.68 -11.14
C HIS D 52 25.44 32.56 -10.17
N SER D 53 25.90 33.80 -10.00
CA SER D 53 25.21 34.76 -9.16
C SER D 53 24.04 35.37 -9.92
N PHE D 54 22.94 35.60 -9.20
CA PHE D 54 21.70 36.06 -9.79
C PHE D 54 21.29 37.40 -9.23
N VAL D 55 20.54 38.15 -10.04
CA VAL D 55 19.89 39.38 -9.61
C VAL D 55 18.40 39.23 -9.92
N GLY D 56 17.56 39.40 -8.91
CA GLY D 56 16.14 39.16 -9.10
C GLY D 56 15.52 40.15 -10.05
N SER D 57 14.52 39.68 -10.79
CA SER D 57 13.79 40.55 -11.71
C SER D 57 12.91 41.55 -10.98
N SER D 58 12.51 41.25 -9.74
CA SER D 58 11.73 42.21 -8.97
C SER D 58 12.54 43.47 -8.68
N ALA D 59 13.83 43.32 -8.42
CA ALA D 59 14.69 44.48 -8.21
C ALA D 59 14.76 45.33 -9.48
N ILE D 60 14.86 44.69 -10.64
CA ILE D 60 14.93 45.44 -11.90
C ILE D 60 13.61 46.16 -12.16
N ARG D 61 12.48 45.50 -11.86
CA ARG D 61 11.19 46.16 -12.02
C ARG D 61 11.06 47.35 -11.07
N TRP D 62 11.56 47.20 -9.84
CA TRP D 62 11.56 48.32 -8.90
C TRP D 62 12.41 49.46 -9.43
N ALA D 63 13.56 49.15 -10.01
CA ALA D 63 14.42 50.19 -10.57
C ALA D 63 13.73 50.91 -11.73
N LEU D 64 13.02 50.16 -12.58
CA LEU D 64 12.28 50.78 -13.68
C LEU D 64 11.18 51.70 -13.15
N ARG D 65 10.44 51.24 -12.14
CA ARG D 65 9.40 52.07 -11.55
C ARG D 65 9.99 53.32 -10.90
N PHE D 66 11.15 53.17 -10.25
CA PHE D 66 11.81 54.32 -9.66
C PHE D 66 12.26 55.32 -10.73
N TYR D 67 12.75 54.82 -11.86
CA TYR D 67 13.09 55.71 -12.96
C TYR D 67 11.86 56.46 -13.44
N LEU D 68 10.73 55.76 -13.59
CA LEU D 68 9.50 56.43 -14.00
C LEU D 68 9.11 57.50 -13.00
N GLN D 69 9.32 57.24 -11.70
CA GLN D 69 9.01 58.22 -10.68
C GLN D 69 9.92 59.44 -10.77
N LYS D 70 11.22 59.22 -10.96
CA LYS D 70 12.18 60.32 -10.93
C LYS D 70 12.03 61.25 -12.13
N GLN D 71 11.51 60.74 -13.25
CA GLN D 71 11.36 61.56 -14.45
C GLN D 71 10.08 62.38 -14.46
N GLY D 72 9.28 62.31 -13.41
CA GLY D 72 8.07 63.11 -13.30
C GLY D 72 6.83 62.47 -13.87
N TYR D 73 6.92 61.26 -14.43
CA TYR D 73 5.73 60.58 -14.90
C TYR D 73 4.81 60.23 -13.75
N LEU D 74 3.51 60.32 -14.00
CA LEU D 74 2.52 60.08 -12.96
C LEU D 74 2.46 58.59 -12.63
N VAL D 75 2.76 58.25 -11.38
CA VAL D 75 2.75 56.87 -10.92
C VAL D 75 1.94 56.79 -9.63
N ASN D 76 1.43 55.60 -9.34
CA ASN D 76 0.66 55.36 -8.13
C ASN D 76 1.59 55.14 -6.93
N ARG D 77 2.43 54.11 -7.00
CA ARG D 77 3.40 53.87 -5.94
C ARG D 77 4.54 54.86 -6.02
N VAL D 78 4.85 55.49 -4.88
CA VAL D 78 5.90 56.51 -4.81
C VAL D 78 6.90 56.08 -3.75
N TRP D 79 8.18 56.04 -4.11
CA TRP D 79 9.24 55.76 -3.16
C TRP D 79 9.57 57.02 -2.38
N ASP D 80 9.52 56.91 -1.05
CA ASP D 80 9.65 58.11 -0.20
C ASP D 80 11.06 58.67 -0.25
N GLU D 81 12.07 57.81 -0.28
CA GLU D 81 13.50 58.13 -0.26
C GLU D 81 13.95 58.72 1.07
N GLU D 82 13.03 59.00 2.00
CA GLU D 82 13.38 59.44 3.34
C GLU D 82 12.90 58.46 4.40
N GLU D 83 11.64 58.04 4.34
CA GLU D 83 11.14 56.99 5.21
C GLU D 83 11.42 55.59 4.66
N HIS D 84 11.88 55.50 3.41
CA HIS D 84 12.19 54.21 2.77
C HIS D 84 10.97 53.29 2.78
N ILE D 85 9.79 53.86 2.51
CA ILE D 85 8.55 53.11 2.43
C ILE D 85 7.87 53.44 1.11
N ASN D 86 6.90 52.61 0.74
CA ASN D 86 6.14 52.78 -0.48
C ASN D 86 4.77 53.37 -0.17
N ARG D 87 4.45 54.48 -0.82
CA ARG D 87 3.18 55.17 -0.63
C ARG D 87 2.34 55.08 -1.90
N LEU D 88 1.05 54.84 -1.72
CA LEU D 88 0.10 54.76 -2.83
C LEU D 88 -0.68 56.06 -2.93
N THR D 89 -0.54 56.74 -4.07
CA THR D 89 -1.29 57.99 -4.27
C THR D 89 -2.79 57.74 -4.29
N SER D 90 -3.22 56.66 -4.94
CA SER D 90 -4.62 56.29 -5.00
C SER D 90 -4.79 54.86 -4.53
N GLU D 91 -5.72 54.64 -3.60
CA GLU D 91 -5.96 53.29 -3.11
C GLU D 91 -6.54 52.38 -4.19
N ASP D 92 -7.29 52.95 -5.12
CA ASP D 92 -7.86 52.19 -6.23
C ASP D 92 -6.94 52.34 -7.45
N PHE D 93 -6.39 51.23 -7.90
CA PHE D 93 -5.49 51.25 -9.04
C PHE D 93 -6.24 51.66 -10.31
N ASP D 94 -5.61 52.53 -11.09
CA ASP D 94 -6.19 53.03 -12.34
C ASP D 94 -5.12 52.99 -13.43
N PRO D 95 -5.09 51.92 -14.22
CA PRO D 95 -4.06 51.82 -15.27
C PRO D 95 -4.16 52.90 -16.33
N GLU D 96 -5.32 53.52 -16.50
CA GLU D 96 -5.46 54.57 -17.50
C GLU D 96 -4.62 55.78 -17.15
N LYS D 97 -4.54 56.13 -15.86
CA LYS D 97 -3.89 57.35 -15.41
C LYS D 97 -2.45 57.14 -14.97
N PHE D 98 -2.18 56.08 -14.22
CA PHE D 98 -0.88 55.88 -13.60
C PHE D 98 0.00 55.00 -14.49
N TYR D 99 1.25 55.43 -14.69
CA TYR D 99 2.18 54.67 -15.52
C TYR D 99 2.51 53.32 -14.89
N ASP D 100 2.78 53.30 -13.59
CA ASP D 100 3.21 52.06 -12.95
C ASP D 100 2.11 51.01 -12.96
N ASP D 101 0.86 51.41 -12.71
CA ASP D 101 -0.24 50.46 -12.77
C ASP D 101 -0.43 49.91 -14.17
N ASP D 102 -0.28 50.77 -15.18
CA ASP D 102 -0.43 50.32 -16.57
C ASP D 102 0.67 49.35 -16.96
N ILE D 103 1.91 49.62 -16.52
CA ILE D 103 3.06 48.86 -17.00
C ILE D 103 3.27 47.58 -16.19
N PHE D 104 3.36 47.69 -14.87
CA PHE D 104 3.70 46.55 -14.03
C PHE D 104 2.48 45.81 -13.50
N GLY D 105 1.27 46.31 -13.74
CA GLY D 105 0.10 45.66 -13.22
C GLY D 105 -0.04 45.84 -11.71
N PHE D 106 -1.01 45.14 -11.15
CA PHE D 106 -1.29 45.24 -9.72
C PHE D 106 -2.15 44.05 -9.30
N ALA D 107 -2.17 43.81 -7.99
CA ALA D 107 -3.01 42.79 -7.40
C ALA D 107 -3.44 43.25 -6.00
N LEU D 108 -4.75 43.25 -5.76
CA LEU D 108 -5.28 43.80 -4.51
C LEU D 108 -5.45 42.71 -3.45
N LEU D 109 -6.27 41.70 -3.75
CA LEU D 109 -6.57 40.62 -2.81
C LEU D 109 -7.14 41.16 -1.49
N PRO D 133 -11.99 46.29 -11.75
CA PRO D 133 -10.94 45.28 -11.81
C PRO D 133 -9.84 45.53 -10.79
N ASN D 134 -9.51 44.50 -10.00
CA ASN D 134 -8.49 44.61 -8.97
C ASN D 134 -7.19 43.90 -9.34
N GLN D 135 -7.10 43.36 -10.56
CA GLN D 135 -5.89 42.70 -11.02
C GLN D 135 -5.57 43.16 -12.43
N ARG D 136 -4.28 43.12 -12.77
CA ARG D 136 -3.83 43.44 -14.12
C ARG D 136 -2.51 42.73 -14.37
N MET D 137 -2.38 42.13 -15.55
CA MET D 137 -1.20 41.33 -15.85
C MET D 137 0.02 42.18 -16.17
N GLY D 138 -0.18 43.44 -16.54
CA GLY D 138 0.95 44.30 -16.82
C GLY D 138 1.59 44.02 -18.17
N ALA D 139 2.08 45.07 -18.84
CA ALA D 139 2.64 44.91 -20.16
C ALA D 139 4.10 44.46 -20.14
N LEU D 140 4.75 44.53 -18.98
CA LEU D 140 6.18 44.21 -18.88
C LEU D 140 6.38 42.83 -18.27
N GLY D 141 7.10 41.98 -18.98
CA GLY D 141 7.52 40.69 -18.46
C GLY D 141 9.02 40.56 -18.50
N MET D 142 9.64 40.37 -17.34
CA MET D 142 11.09 40.38 -17.21
C MET D 142 11.56 39.15 -16.48
N ASN D 143 12.68 38.59 -16.93
CA ASN D 143 13.28 37.42 -16.30
C ASN D 143 14.47 37.85 -15.44
N MET D 144 14.90 36.93 -14.59
CA MET D 144 15.96 37.20 -13.63
C MET D 144 17.30 37.42 -14.34
N ALA D 145 18.13 38.27 -13.75
CA ALA D 145 19.43 38.61 -14.31
C ALA D 145 20.44 37.55 -13.90
N VAL D 146 21.24 37.08 -14.85
CA VAL D 146 22.19 36.00 -14.65
C VAL D 146 23.59 36.54 -14.91
N SER D 147 24.52 36.23 -14.00
CA SER D 147 25.91 36.59 -14.21
C SER D 147 26.48 35.84 -15.41
N LEU D 148 27.20 36.56 -16.26
CA LEU D 148 27.78 35.94 -17.45
C LEU D 148 28.84 34.91 -17.07
N THR D 149 29.66 35.21 -16.08
CA THR D 149 30.80 34.51 -15.50
C THR D 149 30.38 33.75 -14.24
N PRO D 150 30.83 32.51 -14.08
CA PRO D 150 30.49 31.78 -12.84
C PRO D 150 31.10 32.43 -11.61
N TYR D 151 30.42 32.25 -10.48
CA TYR D 151 30.85 32.82 -9.21
C TYR D 151 31.81 31.87 -8.52
N ASP D 152 33.04 32.31 -8.30
CA ASP D 152 34.08 31.46 -7.72
C ASP D 152 34.33 31.77 -6.24
N GLY D 153 34.76 32.98 -5.93
CA GLY D 153 35.18 33.34 -4.58
C GLY D 153 34.77 34.73 -4.19
N ALA D 154 35.77 35.55 -3.81
CA ALA D 154 35.62 36.99 -3.65
C ALA D 154 34.62 37.32 -2.54
N VAL D 155 35.01 36.97 -1.31
CA VAL D 155 34.34 37.43 -0.11
C VAL D 155 35.09 38.64 0.43
N LYS D 156 34.35 39.58 1.02
CA LYS D 156 34.91 40.83 1.50
C LYS D 156 34.91 40.87 3.03
N LEU D 157 35.86 41.62 3.57
CA LEU D 157 36.03 41.76 5.02
C LEU D 157 35.26 42.99 5.50
N GLY D 158 34.46 42.82 6.54
CA GLY D 158 33.56 43.88 6.96
C GLY D 158 33.69 44.34 8.40
N ALA D 159 34.91 44.47 8.89
CA ALA D 159 35.13 44.98 10.25
C ALA D 159 34.74 46.45 10.34
N LYS D 160 34.43 46.89 11.55
CA LYS D 160 33.97 48.25 11.81
C LYS D 160 34.90 48.92 12.81
N SER D 161 35.89 49.63 12.30
CA SER D 161 36.82 50.45 13.10
C SER D 161 37.53 49.54 14.11
N GLY D 162 37.82 50.08 15.29
CA GLY D 162 38.48 49.32 16.34
C GLY D 162 37.72 49.31 17.65
N ARG D 163 38.00 48.30 18.49
CA ARG D 163 37.37 48.12 19.79
C ARG D 163 35.87 47.90 19.68
N GLU D 164 35.22 47.58 20.79
CA GLU D 164 33.78 47.34 20.86
C GLU D 164 33.34 46.32 19.81
N LYS D 165 33.91 45.12 19.91
CA LYS D 165 33.65 44.05 18.94
C LYS D 165 32.28 43.45 19.24
N ASP D 166 31.24 44.18 18.85
CA ASP D 166 29.85 43.78 19.02
C ASP D 166 29.41 42.98 17.79
N SER D 167 28.09 42.81 17.63
CA SER D 167 27.57 42.16 16.43
C SER D 167 27.95 42.91 15.15
N THR D 168 28.25 44.20 15.25
CA THR D 168 28.73 44.98 14.12
C THR D 168 30.22 44.77 13.84
N SER D 169 30.86 43.84 14.54
CA SER D 169 32.27 43.52 14.34
C SER D 169 32.45 42.62 13.12
N LEU D 170 33.58 41.92 13.07
CA LEU D 170 34.07 41.17 11.91
C LEU D 170 32.92 40.50 11.15
N HIS D 171 32.84 40.80 9.85
CA HIS D 171 31.72 40.41 9.02
C HIS D 171 32.23 40.10 7.62
N PHE D 172 31.46 39.32 6.87
CA PHE D 172 31.83 38.94 5.52
C PHE D 172 30.74 39.36 4.53
N THR D 173 31.17 39.85 3.38
CA THR D 173 30.27 40.24 2.30
C THR D 173 30.74 39.60 1.00
N GLU D 174 29.82 38.95 0.30
CA GLU D 174 30.15 38.31 -0.97
C GLU D 174 29.94 39.29 -2.12
N TYR D 175 30.93 39.35 -3.01
CA TYR D 175 30.83 40.18 -4.20
C TYR D 175 31.30 39.37 -5.40
N HIS D 176 30.82 39.77 -6.58
CA HIS D 176 31.12 39.07 -7.82
C HIS D 176 31.59 40.08 -8.86
N ALA D 177 32.70 39.77 -9.52
CA ALA D 177 33.26 40.62 -10.57
C ALA D 177 32.83 40.03 -11.92
N THR D 178 31.70 40.49 -12.42
CA THR D 178 31.15 39.96 -13.67
C THR D 178 30.21 41.00 -14.26
N ARG D 179 29.66 40.67 -15.43
CA ARG D 179 28.65 41.49 -16.09
C ARG D 179 27.35 40.69 -16.13
N TYR D 180 26.28 41.26 -15.58
CA TYR D 180 25.02 40.55 -15.51
C TYR D 180 24.25 40.68 -16.83
N GLN D 181 23.38 39.73 -17.06
CA GLN D 181 22.57 39.67 -18.29
C GLN D 181 21.15 39.25 -17.93
N TYR D 182 20.17 39.98 -18.46
CA TYR D 182 18.78 39.68 -18.19
C TYR D 182 17.96 39.81 -19.47
N TYR D 183 16.81 39.13 -19.47
CA TYR D 183 15.92 39.07 -20.62
C TYR D 183 14.56 39.60 -20.23
N PHE D 184 13.99 40.47 -21.08
CA PHE D 184 12.70 41.07 -20.82
C PHE D 184 11.84 40.99 -22.07
N GLY D 185 10.54 41.14 -21.88
CA GLY D 185 9.60 41.16 -22.98
C GLY D 185 8.41 42.06 -22.72
N ILE D 186 8.11 42.95 -23.65
CA ILE D 186 7.02 43.91 -23.51
C ILE D 186 5.93 43.58 -24.52
N ASP D 187 4.69 43.46 -24.03
CA ASP D 187 3.53 43.33 -24.89
C ASP D 187 2.96 44.73 -25.11
N ALA D 188 3.35 45.35 -26.23
CA ALA D 188 3.02 46.75 -26.45
C ALA D 188 1.52 46.98 -26.53
N THR D 189 0.79 46.06 -27.18
CA THR D 189 -0.65 46.25 -27.34
C THR D 189 -1.38 46.16 -26.01
N HIS D 190 -0.79 45.50 -25.01
CA HIS D 190 -1.42 45.36 -23.71
C HIS D 190 -1.42 46.68 -22.92
N LEU D 191 -0.59 47.63 -23.32
CA LEU D 191 -0.54 48.92 -22.63
C LEU D 191 -1.85 49.68 -22.82
N LYS D 192 -2.33 50.30 -21.74
CA LYS D 192 -3.50 51.16 -21.84
C LYS D 192 -3.23 52.36 -22.73
N ASP D 193 -2.05 52.96 -22.59
CA ASP D 193 -1.58 54.03 -23.46
C ASP D 193 -0.37 53.52 -24.23
N PHE D 194 -0.49 53.49 -25.56
CA PHE D 194 0.56 52.90 -26.39
C PHE D 194 1.85 53.69 -26.32
N SER D 195 1.77 54.99 -26.03
CA SER D 195 2.96 55.84 -25.99
C SER D 195 3.84 55.56 -24.78
N ARG D 196 3.36 54.78 -23.81
CA ARG D 196 4.13 54.54 -22.59
C ARG D 196 5.29 53.58 -22.80
N ILE D 197 5.39 52.93 -23.97
CA ILE D 197 6.51 52.03 -24.23
C ILE D 197 7.82 52.80 -24.32
N LEU D 198 7.79 54.01 -24.87
CA LEU D 198 9.02 54.79 -25.00
C LEU D 198 9.67 55.11 -23.66
N PRO D 199 8.95 55.57 -22.63
CA PRO D 199 9.59 55.72 -21.32
C PRO D 199 10.15 54.43 -20.77
N MET D 200 9.53 53.29 -21.07
CA MET D 200 10.09 52.01 -20.64
C MET D 200 11.45 51.75 -21.29
N ILE D 201 11.57 52.03 -22.58
CA ILE D 201 12.85 51.86 -23.27
C ILE D 201 13.88 52.82 -22.68
N ASP D 202 13.48 54.06 -22.43
CA ASP D 202 14.41 55.02 -21.84
C ASP D 202 14.88 54.56 -20.47
N GLY D 203 13.97 54.03 -19.66
CA GLY D 203 14.35 53.53 -18.35
C GLY D 203 15.26 52.33 -18.42
N ILE D 204 15.02 51.43 -19.38
CA ILE D 204 15.92 50.31 -19.59
C ILE D 204 17.31 50.82 -19.97
N MET D 205 17.36 51.87 -20.78
CA MET D 205 18.64 52.51 -21.10
C MET D 205 19.30 53.07 -19.85
N ASN D 206 18.63 54.02 -19.19
CA ASN D 206 19.18 54.68 -18.01
C ASN D 206 18.54 54.09 -16.74
N LEU D 207 18.92 52.87 -16.43
CA LEU D 207 18.37 52.18 -15.27
C LEU D 207 19.01 52.72 -13.99
N PRO D 208 18.23 53.10 -12.99
CA PRO D 208 18.80 53.60 -11.73
C PRO D 208 19.43 52.48 -10.90
N LYS D 209 19.81 52.81 -9.67
CA LYS D 209 20.47 51.87 -8.78
C LYS D 209 19.66 50.59 -8.62
N VAL D 210 20.29 49.46 -8.92
CA VAL D 210 19.70 48.13 -8.74
C VAL D 210 20.47 47.43 -7.64
N GLY D 211 19.75 46.82 -6.71
CA GLY D 211 20.40 46.18 -5.58
C GLY D 211 20.59 47.12 -4.41
N GLY D 212 21.36 46.66 -3.43
CA GLY D 212 21.50 47.41 -2.20
C GLY D 212 22.89 47.91 -1.84
N SER D 213 23.94 47.16 -2.17
CA SER D 213 25.26 47.53 -1.68
C SER D 213 25.90 48.61 -2.54
N SER D 214 25.18 49.71 -2.75
CA SER D 214 25.69 50.79 -3.58
C SER D 214 26.74 51.64 -2.87
N ASN D 215 26.76 51.64 -1.54
CA ASN D 215 27.72 52.45 -0.82
C ASN D 215 29.14 51.95 -1.03
N ILE D 216 29.33 50.63 -1.07
CA ILE D 216 30.66 50.05 -1.23
C ILE D 216 30.82 49.33 -2.56
N PHE D 217 29.73 48.88 -3.21
CA PHE D 217 29.80 48.22 -4.51
C PHE D 217 28.87 48.99 -5.45
N ASN D 218 29.38 50.06 -6.06
CA ASN D 218 28.58 50.85 -6.98
C ASN D 218 28.60 50.18 -8.34
N TYR D 219 27.48 49.55 -8.71
CA TYR D 219 27.38 48.78 -9.94
C TYR D 219 26.34 49.40 -10.86
N PRO D 220 26.75 50.14 -11.89
CA PRO D 220 25.76 50.68 -12.84
C PRO D 220 25.16 49.55 -13.67
N PHE D 221 23.83 49.57 -13.80
CA PHE D 221 23.11 48.52 -14.51
C PHE D 221 22.71 48.95 -15.91
N CYS D 222 23.26 50.05 -16.41
CA CYS D 222 22.95 50.49 -17.77
C CYS D 222 23.51 49.50 -18.77
N PRO D 223 22.79 49.24 -19.87
CA PRO D 223 23.28 48.27 -20.86
C PRO D 223 24.53 48.76 -21.56
N ASP D 224 25.44 47.82 -21.84
CA ASP D 224 26.55 48.08 -22.74
C ASP D 224 26.50 47.25 -24.01
N SER D 225 25.63 46.23 -24.04
CA SER D 225 25.36 45.46 -25.25
C SER D 225 23.89 45.10 -25.25
N LEU D 226 23.23 45.28 -26.39
CA LEU D 226 21.80 45.07 -26.50
C LEU D 226 21.47 44.20 -27.71
N VAL D 227 20.45 43.37 -27.55
CA VAL D 227 19.88 42.60 -28.65
C VAL D 227 18.37 42.70 -28.55
N PHE D 228 17.77 43.59 -29.34
CA PHE D 228 16.34 43.83 -29.30
C PHE D 228 15.66 43.24 -30.52
N GLN D 229 14.41 42.85 -30.34
CA GLN D 229 13.60 42.30 -31.43
C GLN D 229 12.20 42.88 -31.34
N TRP D 230 11.81 43.64 -32.36
CA TRP D 230 10.49 44.25 -32.44
C TRP D 230 9.70 43.50 -33.50
N THR D 231 8.90 42.53 -33.07
CA THR D 231 8.19 41.65 -33.99
C THR D 231 6.75 41.50 -33.52
N ASN D 232 5.95 40.85 -34.36
CA ASN D 232 4.54 40.60 -34.07
C ASN D 232 4.26 39.11 -33.86
N HIS D 233 5.23 38.39 -33.30
CA HIS D 233 5.08 36.97 -33.00
C HIS D 233 5.36 36.71 -31.53
N PHE D 234 4.67 35.71 -30.98
CA PHE D 234 4.91 35.30 -29.61
C PHE D 234 6.23 34.56 -29.43
N ALA D 235 6.86 34.12 -30.52
CA ALA D 235 8.08 33.34 -30.45
C ALA D 235 9.29 34.26 -30.33
N SER D 236 10.13 34.01 -29.33
CA SER D 236 11.35 34.77 -29.12
C SER D 236 12.52 33.81 -29.00
N TYR D 237 13.59 34.09 -29.74
CA TYR D 237 14.77 33.23 -29.77
C TYR D 237 16.03 34.01 -29.40
N ILE D 238 15.89 35.06 -28.59
CA ILE D 238 17.01 35.92 -28.22
C ILE D 238 17.23 35.95 -26.71
N SER D 239 16.58 35.05 -25.97
CA SER D 239 16.71 35.05 -24.52
C SER D 239 18.09 34.55 -24.12
N TYR D 240 18.84 35.38 -23.41
CA TYR D 240 20.17 35.05 -22.91
C TYR D 240 21.10 34.62 -24.04
N CYS D 241 21.31 35.55 -24.98
CA CYS D 241 22.09 35.27 -26.17
C CYS D 241 23.59 35.49 -25.98
N PHE D 242 24.00 36.10 -24.87
CA PHE D 242 25.41 36.38 -24.63
C PHE D 242 26.07 35.24 -23.87
N GLU D 243 27.37 35.09 -24.08
CA GLU D 243 28.15 34.08 -23.38
C GLU D 243 29.61 34.54 -23.33
N TYR D 244 30.36 33.93 -22.41
CA TYR D 244 31.74 34.33 -22.18
C TYR D 244 32.69 33.55 -23.09
N CYS D 245 33.83 34.17 -23.37
CA CYS D 245 34.90 33.51 -24.12
C CYS D 245 35.90 32.83 -23.18
N ASP D 246 36.08 33.38 -21.98
CA ASP D 246 36.98 32.83 -20.98
C ASP D 246 36.25 32.86 -19.65
N PRO D 247 36.15 31.72 -18.95
CA PRO D 247 35.36 31.67 -17.71
C PRO D 247 35.74 32.67 -16.64
N LYS D 248 36.84 33.42 -16.82
CA LYS D 248 37.26 34.40 -15.83
C LYS D 248 37.59 35.76 -16.45
N SER D 249 37.11 36.04 -17.65
CA SER D 249 37.40 37.29 -18.33
C SER D 249 36.15 38.14 -18.48
N LYS D 250 36.37 39.44 -18.68
CA LYS D 250 35.27 40.37 -18.91
C LYS D 250 34.75 40.35 -20.33
N GLU D 251 35.44 39.68 -21.25
CA GLU D 251 35.01 39.66 -22.64
C GLU D 251 33.70 38.92 -22.80
N ALA D 252 32.84 39.45 -23.67
CA ALA D 252 31.54 38.86 -23.93
C ALA D 252 31.38 38.63 -25.42
N LYS D 253 30.61 37.61 -25.77
CA LYS D 253 30.44 37.22 -27.16
C LYS D 253 29.06 36.60 -27.34
N LEU D 254 28.40 36.95 -28.44
CA LEU D 254 27.11 36.35 -28.75
C LEU D 254 27.27 34.85 -28.92
N SER D 255 26.37 34.09 -28.31
CA SER D 255 26.47 32.64 -28.34
C SER D 255 26.35 32.13 -29.77
N GLN D 256 27.09 31.05 -30.07
CA GLN D 256 27.04 30.47 -31.40
C GLN D 256 25.64 30.00 -31.76
N GLU D 257 24.84 29.64 -30.76
CA GLU D 257 23.45 29.26 -31.02
C GLU D 257 22.66 30.42 -31.61
N PHE D 258 22.85 31.63 -31.08
CA PHE D 258 22.14 32.79 -31.61
C PHE D 258 22.57 33.11 -33.03
N ILE D 259 23.87 33.04 -33.32
CA ILE D 259 24.35 33.31 -34.66
C ILE D 259 23.84 32.26 -35.63
N ASP D 260 23.83 30.99 -35.21
CA ASP D 260 23.27 29.94 -36.04
C ASP D 260 21.78 30.16 -36.29
N GLU D 261 21.06 30.63 -35.27
CA GLU D 261 19.64 30.91 -35.43
C GLU D 261 19.42 32.01 -36.45
N VAL D 262 20.24 33.06 -36.41
CA VAL D 262 20.11 34.14 -37.38
C VAL D 262 20.47 33.65 -38.78
N GLU D 263 21.52 32.83 -38.89
CA GLU D 263 22.00 32.43 -40.21
C GLU D 263 21.08 31.41 -40.87
N CYS D 264 20.45 30.54 -40.08
CA CYS D 264 19.64 29.48 -40.66
C CYS D 264 18.44 30.03 -41.42
N GLY D 265 17.84 31.11 -40.90
CA GLY D 265 16.65 31.66 -41.51
C GLY D 265 15.67 32.16 -40.47
N GLN D 266 15.73 31.58 -39.27
CA GLN D 266 14.95 32.08 -38.16
C GLN D 266 15.45 33.45 -37.74
N ILE D 267 14.60 34.19 -37.04
CA ILE D 267 14.89 35.55 -36.59
C ILE D 267 15.15 36.44 -37.80
N ASP D 268 14.10 37.10 -38.29
CA ASP D 268 14.22 37.98 -39.44
C ASP D 268 15.18 39.11 -39.11
N PRO D 269 16.26 39.30 -39.88
CA PRO D 269 17.21 40.37 -39.55
C PRO D 269 16.59 41.76 -39.55
N SER D 270 15.56 42.00 -40.36
CA SER D 270 14.92 43.31 -40.37
C SER D 270 14.27 43.65 -39.03
N LYS D 271 13.91 42.63 -38.25
CA LYS D 271 13.33 42.84 -36.93
C LYS D 271 14.35 42.79 -35.81
N LEU D 272 15.63 42.56 -36.13
CA LEU D 272 16.67 42.40 -35.12
C LEU D 272 17.43 43.70 -34.95
N TRP D 273 17.60 44.12 -33.69
CA TRP D 273 18.33 45.33 -33.35
C TRP D 273 19.45 44.97 -32.38
N ILE D 274 20.69 45.08 -32.84
CA ILE D 274 21.87 44.75 -32.05
C ILE D 274 22.73 46.00 -31.91
N GLY D 275 23.15 46.30 -30.69
CA GLY D 275 23.98 47.47 -30.46
C GLY D 275 24.76 47.36 -29.18
N GLY D 276 25.78 48.20 -29.09
CA GLY D 276 26.64 48.24 -27.92
C GLY D 276 28.08 47.86 -28.25
N THR D 277 28.84 47.43 -27.25
CA THR D 277 30.22 47.02 -27.48
C THR D 277 30.32 45.68 -28.19
N ILE D 278 29.22 44.93 -28.30
CA ILE D 278 29.23 43.69 -29.06
C ILE D 278 29.27 43.97 -30.56
N VAL D 279 28.98 45.20 -30.97
CA VAL D 279 29.00 45.55 -32.39
C VAL D 279 30.40 45.39 -32.96
N LYS D 280 31.41 45.83 -32.22
CA LYS D 280 32.78 45.71 -32.71
C LYS D 280 33.17 44.26 -32.91
N ASP D 281 32.85 43.40 -31.94
CA ASP D 281 33.16 41.98 -32.07
C ASP D 281 32.40 41.34 -33.22
N LEU D 282 31.14 41.74 -33.41
CA LEU D 282 30.37 41.22 -34.53
C LEU D 282 30.99 41.62 -35.87
N GLN D 283 31.43 42.87 -35.98
CA GLN D 283 32.00 43.35 -37.23
C GLN D 283 33.38 42.78 -37.50
N GLN D 284 34.16 42.45 -36.47
CA GLN D 284 35.45 41.81 -36.70
C GLN D 284 35.32 40.36 -37.14
N LEU D 285 34.13 39.78 -37.09
CA LEU D 285 33.94 38.40 -37.54
C LEU D 285 34.19 38.30 -39.04
N ASP D 286 34.74 37.15 -39.45
CA ASP D 286 34.95 36.90 -40.86
C ASP D 286 33.62 36.67 -41.57
N ASN D 287 33.63 36.87 -42.89
CA ASN D 287 32.45 36.75 -43.77
C ASN D 287 31.22 37.46 -43.19
N PHE D 288 31.43 38.53 -42.43
CA PHE D 288 30.33 39.25 -41.83
C PHE D 288 29.43 39.89 -42.89
N GLU D 289 30.04 40.42 -43.96
CA GLU D 289 29.26 41.06 -45.01
C GLU D 289 28.31 40.07 -45.69
N SER D 290 28.80 38.86 -45.97
CA SER D 290 27.95 37.86 -46.60
C SER D 290 26.95 37.25 -45.62
N SER D 291 27.21 37.37 -44.33
CA SER D 291 26.33 36.77 -43.34
C SER D 291 25.00 37.51 -43.28
N PRO D 292 23.90 36.79 -43.01
CA PRO D 292 22.61 37.47 -42.84
C PRO D 292 22.58 38.42 -41.66
N LEU D 293 23.49 38.26 -40.70
CA LEU D 293 23.52 39.16 -39.55
C LEU D 293 23.83 40.59 -39.96
N ASN D 294 24.48 40.77 -41.12
CA ASN D 294 24.80 42.12 -41.58
C ASN D 294 23.55 42.92 -41.92
N LYS D 295 22.46 42.24 -42.30
CA LYS D 295 21.23 42.92 -42.65
C LYS D 295 20.45 43.40 -41.44
N ALA D 296 20.83 42.99 -40.23
CA ALA D 296 20.17 43.47 -39.03
C ALA D 296 20.60 44.90 -38.74
N HIS D 297 19.76 45.59 -37.96
CA HIS D 297 20.05 46.98 -37.58
C HIS D 297 21.13 46.97 -36.51
N ILE D 298 22.37 47.19 -36.92
CA ILE D 298 23.53 47.13 -36.04
C ILE D 298 24.08 48.55 -35.88
N TYR D 299 24.05 49.06 -34.66
CA TYR D 299 24.53 50.40 -34.34
C TYR D 299 25.53 50.30 -33.19
N ARG D 300 26.74 50.83 -33.40
CA ARG D 300 27.70 50.87 -32.31
C ARG D 300 27.23 51.78 -31.19
N ASN D 301 26.63 52.92 -31.53
CA ASN D 301 26.09 53.85 -30.54
C ASN D 301 24.71 53.36 -30.12
N ARG D 302 24.53 53.17 -28.80
CA ARG D 302 23.25 52.68 -28.31
C ARG D 302 22.15 53.73 -28.49
N ASN D 303 22.50 55.00 -28.38
CA ASN D 303 21.51 56.06 -28.55
C ASN D 303 20.94 56.07 -29.96
N GLU D 304 21.79 55.86 -30.97
CA GLU D 304 21.30 55.80 -32.35
C GLU D 304 20.36 54.62 -32.54
N MET D 305 20.70 53.45 -31.98
CA MET D 305 19.81 52.31 -32.06
C MET D 305 18.48 52.61 -31.40
N ILE D 306 18.51 53.25 -30.23
CA ILE D 306 17.28 53.53 -29.51
C ILE D 306 16.43 54.52 -30.29
N GLU D 307 17.05 55.52 -30.90
CA GLU D 307 16.29 56.49 -31.70
C GLU D 307 15.64 55.81 -32.90
N ALA D 308 16.40 54.97 -33.61
CA ALA D 308 15.83 54.31 -34.78
C ALA D 308 14.72 53.34 -34.38
N LEU D 309 14.92 52.58 -33.30
CA LEU D 309 13.91 51.65 -32.85
C LEU D 309 12.65 52.37 -32.39
N LYS D 310 12.82 53.51 -31.70
CA LYS D 310 11.66 54.28 -31.28
C LYS D 310 10.93 54.88 -32.46
N THR D 311 11.65 55.29 -33.50
CA THR D 311 10.99 55.75 -34.72
C THR D 311 10.16 54.63 -35.34
N VAL D 312 10.74 53.42 -35.41
CA VAL D 312 10.00 52.29 -35.97
C VAL D 312 8.77 51.97 -35.12
N ILE D 313 8.92 51.99 -33.79
CA ILE D 313 7.82 51.69 -32.89
C ILE D 313 6.71 52.72 -33.03
N LYS D 314 7.08 54.00 -33.11
CA LYS D 314 6.07 55.04 -33.28
C LYS D 314 5.36 54.91 -34.61
N ARG D 315 6.09 54.54 -35.67
CA ARG D 315 5.45 54.31 -36.96
C ARG D 315 4.47 53.15 -36.90
N ASP D 316 4.86 52.06 -36.24
CA ASP D 316 4.03 50.86 -36.20
C ASP D 316 2.81 51.01 -35.28
N LEU D 317 2.95 51.73 -34.17
CA LEU D 317 1.87 51.87 -33.21
C LEU D 317 1.03 53.11 -33.46
N GLY D 318 1.33 53.88 -34.50
CA GLY D 318 0.56 55.07 -34.82
C GLY D 318 0.65 56.15 -33.76
N LEU D 319 1.86 56.42 -33.27
CA LEU D 319 2.06 57.46 -32.27
C LEU D 319 2.43 58.78 -32.94
N PRO E 12 -8.58 8.46 -45.08
CA PRO E 12 -7.70 7.76 -44.13
C PRO E 12 -7.64 8.45 -42.77
N ASN E 13 -7.10 7.76 -41.78
CA ASN E 13 -6.99 8.28 -40.43
C ASN E 13 -5.56 8.78 -40.22
N TYR E 14 -5.37 10.08 -40.35
CA TYR E 14 -4.05 10.70 -40.24
C TYR E 14 -3.89 11.32 -38.86
N TYR E 15 -2.76 11.04 -38.22
CA TYR E 15 -2.44 11.57 -36.91
C TYR E 15 -1.09 12.28 -36.96
N LEU E 16 -1.03 13.45 -36.32
CA LEU E 16 0.21 14.24 -36.22
C LEU E 16 0.69 14.18 -34.78
N TYR E 17 1.67 13.33 -34.52
CA TYR E 17 2.31 13.26 -33.23
C TYR E 17 3.54 14.15 -33.22
N GLY E 18 3.93 14.57 -32.02
CA GLY E 18 5.10 15.44 -31.91
C GLY E 18 5.58 15.68 -30.49
N THR E 19 6.89 15.78 -30.34
CA THR E 19 7.52 16.15 -29.08
C THR E 19 8.34 17.42 -29.31
N VAL E 20 8.04 18.47 -28.56
CA VAL E 20 8.65 19.78 -28.74
C VAL E 20 9.46 20.09 -27.50
N LEU E 21 10.67 20.61 -27.70
CA LEU E 21 11.57 20.99 -26.62
C LEU E 21 11.67 22.51 -26.58
N THR E 22 11.51 23.07 -25.39
CA THR E 22 11.53 24.52 -25.22
C THR E 22 12.98 25.01 -25.09
N ARG E 23 13.13 26.28 -24.78
CA ARG E 23 14.44 26.91 -24.64
C ARG E 23 14.86 26.94 -23.18
N TYR E 24 16.16 27.07 -22.96
CA TYR E 24 16.70 27.13 -21.61
C TYR E 24 16.35 28.45 -20.94
N GLY E 25 16.00 28.41 -19.66
CA GLY E 25 15.66 29.64 -18.97
C GLY E 25 15.04 29.39 -17.62
N LEU E 26 15.05 30.40 -16.77
CA LEU E 26 14.46 30.26 -15.47
C LEU E 26 12.97 30.11 -15.63
N ALA E 27 12.40 29.03 -15.08
CA ALA E 27 10.99 28.78 -15.27
C ALA E 27 10.26 28.49 -13.98
N SER E 28 9.18 29.23 -13.72
CA SER E 28 8.37 28.98 -12.55
C SER E 28 6.98 28.96 -13.09
N LEU E 29 6.77 28.23 -14.17
CA LEU E 29 5.48 28.24 -14.84
C LEU E 29 4.30 27.67 -14.08
N ASN E 30 4.37 26.42 -13.64
CA ASN E 30 3.18 25.82 -13.05
C ASN E 30 3.44 25.58 -11.57
N HIS E 31 2.57 26.11 -10.73
CA HIS E 31 2.72 26.03 -9.29
C HIS E 31 1.73 25.02 -8.71
N ASP E 32 1.83 24.82 -7.40
CA ASP E 32 1.00 23.88 -6.66
C ASP E 32 0.18 24.64 -5.62
N ILE E 33 -0.45 23.88 -4.72
CA ILE E 33 -1.26 24.43 -3.65
C ILE E 33 -0.49 25.50 -2.89
N ARG E 34 -1.20 26.55 -2.45
CA ARG E 34 -0.57 27.73 -1.87
C ARG E 34 0.42 27.38 -0.77
N ARG E 35 0.06 26.45 0.10
CA ARG E 35 0.89 26.06 1.25
C ARG E 35 1.08 27.24 2.18
N GLY E 36 2.33 27.59 2.47
CA GLY E 36 2.61 28.71 3.36
C GLY E 36 2.98 29.98 2.63
N ASN E 37 4.16 30.52 2.91
CA ASN E 37 4.67 31.70 2.24
C ASN E 37 5.46 31.36 0.98
N LYS E 38 5.65 30.08 0.68
CA LYS E 38 6.50 29.64 -0.41
C LYS E 38 5.64 28.99 -1.48
N THR E 39 5.72 29.51 -2.70
CA THR E 39 5.01 28.95 -3.84
C THR E 39 5.89 27.89 -4.49
N ILE E 40 5.41 26.64 -4.48
CA ILE E 40 6.20 25.53 -4.95
C ILE E 40 5.77 25.16 -6.37
N LEU E 41 6.68 24.55 -7.11
CA LEU E 41 6.39 24.09 -8.46
C LEU E 41 5.65 22.76 -8.41
N GLN E 42 5.05 22.40 -9.54
CA GLN E 42 4.44 21.08 -9.70
C GLN E 42 5.54 20.10 -10.08
N LYS E 43 5.97 19.27 -9.13
CA LYS E 43 7.12 18.40 -9.34
C LYS E 43 6.79 16.98 -8.88
N GLY E 44 7.50 16.03 -9.46
CA GLY E 44 7.35 14.63 -9.12
C GLY E 44 8.46 13.83 -9.75
N TYR E 45 8.53 12.56 -9.36
CA TYR E 45 9.56 11.68 -9.88
C TYR E 45 9.32 11.37 -11.35
N TRP E 46 10.35 11.54 -12.17
CA TRP E 46 10.24 11.30 -13.60
C TRP E 46 11.15 10.17 -14.08
N ASN E 47 12.44 10.26 -13.81
CA ASN E 47 13.39 9.26 -14.28
C ASN E 47 14.51 9.10 -13.25
N ASN E 48 15.04 7.88 -13.17
CA ASN E 48 16.15 7.54 -12.28
C ASN E 48 15.84 7.87 -10.82
N GLY E 49 14.57 8.00 -10.47
CA GLY E 49 14.22 8.36 -9.10
C GLY E 49 14.50 9.80 -8.75
N LYS E 50 14.74 10.66 -9.75
CA LYS E 50 14.99 12.07 -9.52
C LYS E 50 13.71 12.86 -9.74
N ILE E 51 13.62 14.01 -9.07
CA ILE E 51 12.42 14.82 -9.09
C ILE E 51 12.57 15.90 -10.16
N HIS E 52 11.66 15.89 -11.12
CA HIS E 52 11.60 16.88 -12.18
C HIS E 52 10.40 17.79 -11.96
N SER E 53 10.48 18.99 -12.53
CA SER E 53 9.38 19.95 -12.47
C SER E 53 8.49 19.79 -13.69
N PHE E 54 7.18 19.89 -13.46
CA PHE E 54 6.18 19.64 -14.50
C PHE E 54 5.40 20.91 -14.81
N VAL E 55 4.96 21.01 -16.06
CA VAL E 55 4.02 22.04 -16.49
C VAL E 55 2.78 21.32 -17.01
N GLY E 56 1.63 21.65 -16.42
CA GLY E 56 0.41 20.94 -16.78
C GLY E 56 0.03 21.15 -18.23
N SER E 57 -0.56 20.11 -18.82
CA SER E 57 -1.02 20.21 -20.21
C SER E 57 -2.22 21.13 -20.34
N SER E 58 -2.99 21.34 -19.26
CA SER E 58 -4.07 22.31 -19.31
C SER E 58 -3.54 23.72 -19.53
N ALA E 59 -2.34 24.01 -19.00
CA ALA E 59 -1.71 25.31 -19.25
C ALA E 59 -1.42 25.50 -20.74
N ILE E 60 -0.86 24.48 -21.39
CA ILE E 60 -0.54 24.58 -22.80
C ILE E 60 -1.82 24.65 -23.63
N ARG E 61 -2.87 23.93 -23.22
CA ARG E 61 -4.15 24.03 -23.92
C ARG E 61 -4.74 25.43 -23.80
N TRP E 62 -4.63 26.03 -22.60
CA TRP E 62 -5.10 27.40 -22.43
C TRP E 62 -4.30 28.36 -23.29
N ALA E 63 -2.98 28.15 -23.38
CA ALA E 63 -2.16 29.00 -24.23
C ALA E 63 -2.56 28.87 -25.70
N LEU E 64 -2.84 27.64 -26.15
CA LEU E 64 -3.30 27.44 -27.52
C LEU E 64 -4.64 28.11 -27.77
N ARG E 65 -5.56 28.01 -26.81
CA ARG E 65 -6.83 28.72 -26.93
C ARG E 65 -6.63 30.22 -27.03
N PHE E 66 -5.73 30.76 -26.21
CA PHE E 66 -5.45 32.18 -26.25
C PHE E 66 -4.85 32.58 -27.59
N TYR E 67 -3.96 31.75 -28.14
CA TYR E 67 -3.42 32.04 -29.47
C TYR E 67 -4.52 32.08 -30.51
N LEU E 68 -5.43 31.10 -30.47
CA LEU E 68 -6.52 31.06 -31.42
C LEU E 68 -7.40 32.30 -31.29
N GLN E 69 -7.63 32.76 -30.06
CA GLN E 69 -8.43 33.96 -29.85
C GLN E 69 -7.73 35.20 -30.39
N LYS E 70 -6.42 35.33 -30.12
CA LYS E 70 -5.71 36.55 -30.48
C LYS E 70 -5.64 36.74 -32.00
N GLN E 71 -5.35 35.67 -32.73
CA GLN E 71 -5.22 35.75 -34.18
C GLN E 71 -6.57 35.63 -34.87
N GLY E 72 -7.51 36.49 -34.48
CA GLY E 72 -8.85 36.42 -35.07
C GLY E 72 -9.52 35.12 -34.71
N TYR E 73 -10.02 34.43 -35.72
CA TYR E 73 -10.68 33.13 -35.59
C TYR E 73 -11.94 33.22 -34.74
N LEU E 74 -12.74 32.15 -34.74
CA LEU E 74 -13.98 32.08 -33.97
C LEU E 74 -13.78 31.10 -32.82
N VAL E 75 -13.83 31.60 -31.59
CA VAL E 75 -13.68 30.79 -30.40
C VAL E 75 -14.89 31.02 -29.51
N ASN E 76 -15.50 29.93 -29.04
CA ASN E 76 -16.64 30.06 -28.13
C ASN E 76 -16.22 30.70 -26.82
N ARG E 77 -15.10 30.26 -26.26
CA ARG E 77 -14.56 30.89 -25.06
C ARG E 77 -13.72 32.09 -25.43
N VAL E 78 -14.04 33.24 -24.86
CA VAL E 78 -13.32 34.48 -25.09
C VAL E 78 -12.72 34.93 -23.78
N TRP E 79 -11.40 34.98 -23.71
CA TRP E 79 -10.71 35.46 -22.52
C TRP E 79 -10.82 36.98 -22.47
N ASP E 80 -11.33 37.51 -21.36
CA ASP E 80 -11.56 38.94 -21.27
C ASP E 80 -10.25 39.72 -21.33
N GLU E 81 -9.21 39.22 -20.66
CA GLU E 81 -7.88 39.81 -20.66
C GLU E 81 -7.86 41.14 -19.92
N GLU E 82 -9.03 41.59 -19.46
CA GLU E 82 -9.15 42.79 -18.65
C GLU E 82 -9.73 42.51 -17.28
N GLU E 83 -10.85 41.78 -17.22
CA GLU E 83 -11.44 41.34 -15.97
C GLU E 83 -11.02 39.93 -15.58
N HIS E 84 -10.16 39.29 -16.37
CA HIS E 84 -9.72 37.92 -16.12
C HIS E 84 -10.91 36.98 -15.97
N ILE E 85 -11.85 37.10 -16.91
CA ILE E 85 -13.07 36.32 -16.88
C ILE E 85 -13.23 35.61 -18.22
N ASN E 86 -13.99 34.53 -18.22
CA ASN E 86 -14.25 33.75 -19.43
C ASN E 86 -15.71 33.90 -19.82
N ARG E 87 -15.94 34.32 -21.06
CA ARG E 87 -17.29 34.49 -21.59
C ARG E 87 -17.51 33.53 -22.74
N LEU E 88 -18.71 32.97 -22.81
CA LEU E 88 -19.10 32.05 -23.88
C LEU E 88 -20.01 32.80 -24.84
N THR E 89 -19.58 32.90 -26.10
CA THR E 89 -20.39 33.60 -27.10
C THR E 89 -21.72 32.90 -27.32
N SER E 90 -21.72 31.57 -27.35
CA SER E 90 -22.94 30.79 -27.48
C SER E 90 -22.98 29.77 -26.34
N GLU E 91 -24.10 29.73 -25.62
CA GLU E 91 -24.24 28.79 -24.51
C GLU E 91 -24.26 27.35 -25.00
N ASP E 92 -24.66 27.12 -26.25
CA ASP E 92 -24.66 25.78 -26.84
C ASP E 92 -23.41 25.63 -27.68
N PHE E 93 -22.57 24.66 -27.33
CA PHE E 93 -21.32 24.45 -28.05
C PHE E 93 -21.59 23.98 -29.47
N ASP E 94 -20.91 24.61 -30.43
CA ASP E 94 -21.07 24.29 -31.85
C ASP E 94 -19.70 24.05 -32.45
N PRO E 95 -19.24 22.79 -32.47
CA PRO E 95 -17.91 22.51 -33.03
C PRO E 95 -17.80 22.84 -34.51
N GLU E 96 -18.92 22.91 -35.24
CA GLU E 96 -18.86 23.25 -36.66
C GLU E 96 -18.37 24.68 -36.86
N LYS E 97 -18.79 25.60 -36.00
CA LYS E 97 -18.48 27.01 -36.19
C LYS E 97 -17.24 27.45 -35.41
N PHE E 98 -17.17 27.12 -34.12
CA PHE E 98 -16.09 27.63 -33.28
C PHE E 98 -14.86 26.75 -33.35
N TYR E 99 -13.69 27.39 -33.40
CA TYR E 99 -12.44 26.66 -33.46
C TYR E 99 -12.15 25.92 -32.16
N ASP E 100 -12.35 26.58 -31.02
CA ASP E 100 -12.00 25.99 -29.74
C ASP E 100 -12.87 24.77 -29.43
N ASP E 101 -14.16 24.85 -29.73
CA ASP E 101 -15.03 23.69 -29.51
C ASP E 101 -14.63 22.53 -30.40
N ASP E 102 -14.27 22.82 -31.66
CA ASP E 102 -13.86 21.77 -32.58
C ASP E 102 -12.58 21.10 -32.12
N ILE E 103 -11.62 21.89 -31.63
CA ILE E 103 -10.28 21.39 -31.34
C ILE E 103 -10.20 20.76 -29.96
N PHE E 104 -10.59 21.51 -28.92
CA PHE E 104 -10.39 21.07 -27.54
C PHE E 104 -11.58 20.33 -26.96
N GLY E 105 -12.71 20.29 -27.67
CA GLY E 105 -13.89 19.63 -27.16
C GLY E 105 -14.59 20.43 -26.09
N PHE E 106 -15.62 19.83 -25.51
CA PHE E 106 -16.41 20.48 -24.48
C PHE E 106 -17.16 19.41 -23.69
N ALA E 107 -17.71 19.82 -22.55
CA ALA E 107 -18.48 18.92 -21.70
C ALA E 107 -19.47 19.76 -20.90
N LEU E 108 -20.73 19.75 -21.33
CA LEU E 108 -21.80 20.47 -20.65
C LEU E 108 -22.57 19.45 -19.80
N LEU E 109 -22.22 19.39 -18.52
CA LEU E 109 -22.81 18.39 -17.63
C LEU E 109 -24.02 18.90 -16.89
N GLU E 110 -24.16 20.22 -16.71
CA GLU E 110 -25.25 20.75 -15.91
C GLU E 110 -26.59 20.36 -16.49
N SER E 111 -27.47 19.85 -15.63
CA SER E 111 -28.79 19.39 -16.06
C SER E 111 -29.75 19.31 -14.88
N THR E 132 -27.55 19.03 -30.99
CA THR E 132 -26.14 18.70 -31.00
C THR E 132 -25.74 18.02 -29.69
N PRO E 133 -24.76 17.13 -29.71
CA PRO E 133 -24.33 16.48 -28.47
C PRO E 133 -23.72 17.49 -27.50
N ASN E 134 -23.89 17.20 -26.21
CA ASN E 134 -23.37 18.08 -25.17
C ASN E 134 -21.90 17.83 -24.87
N GLN E 135 -21.30 16.78 -25.42
CA GLN E 135 -19.92 16.42 -25.14
C GLN E 135 -19.17 16.14 -26.43
N ARG E 136 -17.86 16.40 -26.41
CA ARG E 136 -17.01 16.15 -27.56
C ARG E 136 -15.60 15.83 -27.07
N MET E 137 -14.96 14.87 -27.72
CA MET E 137 -13.65 14.39 -27.30
C MET E 137 -12.51 15.28 -27.78
N GLY E 138 -12.74 16.18 -28.72
CA GLY E 138 -11.68 17.06 -29.20
C GLY E 138 -10.65 16.35 -30.04
N ALA E 139 -9.96 17.09 -30.91
CA ALA E 139 -8.97 16.51 -31.80
C ALA E 139 -7.55 16.65 -31.28
N LEU E 140 -7.35 17.28 -30.13
CA LEU E 140 -6.01 17.52 -29.59
C LEU E 140 -5.83 16.74 -28.30
N GLY E 141 -4.74 15.99 -28.22
CA GLY E 141 -4.39 15.28 -27.00
C GLY E 141 -2.98 15.60 -26.55
N MET E 142 -2.84 16.20 -25.38
CA MET E 142 -1.56 16.67 -24.88
C MET E 142 -1.15 15.89 -23.65
N ASN E 143 0.15 15.99 -23.32
CA ASN E 143 0.70 15.44 -22.10
C ASN E 143 1.47 16.52 -21.36
N MET E 144 1.62 16.32 -20.05
CA MET E 144 2.29 17.30 -19.21
C MET E 144 3.73 17.51 -19.65
N ALA E 145 4.16 18.77 -19.65
CA ALA E 145 5.53 19.11 -20.01
C ALA E 145 6.47 18.75 -18.87
N VAL E 146 7.54 18.04 -19.19
CA VAL E 146 8.48 17.54 -18.20
C VAL E 146 9.80 18.28 -18.39
N SER E 147 10.33 18.80 -17.28
CA SER E 147 11.63 19.46 -17.32
C SER E 147 12.71 18.45 -17.69
N LEU E 148 13.56 18.84 -18.65
CA LEU E 148 14.64 17.95 -19.08
C LEU E 148 15.69 17.74 -18.00
N THR E 149 15.78 18.64 -17.04
CA THR E 149 16.80 18.60 -16.00
C THR E 149 16.15 18.40 -14.63
N PRO E 150 16.73 17.56 -13.78
CA PRO E 150 16.18 17.37 -12.43
C PRO E 150 16.19 18.67 -11.64
N TYR E 151 15.16 18.87 -10.82
CA TYR E 151 14.99 20.08 -10.03
C TYR E 151 15.65 19.88 -8.68
N ASP E 152 16.75 20.58 -8.43
CA ASP E 152 17.49 20.39 -7.18
C ASP E 152 17.15 21.41 -6.11
N GLY E 153 17.47 22.68 -6.35
CA GLY E 153 17.25 23.74 -5.37
C GLY E 153 16.37 24.85 -5.87
N ALA E 154 17.00 26.00 -6.14
CA ALA E 154 16.40 27.09 -6.92
C ALA E 154 15.10 27.60 -6.28
N VAL E 155 15.26 28.18 -5.09
CA VAL E 155 14.20 28.95 -4.44
C VAL E 155 14.65 30.41 -4.39
N LYS E 156 13.78 31.31 -4.84
CA LYS E 156 14.10 32.72 -4.96
C LYS E 156 13.43 33.50 -3.84
N LEU E 157 14.23 34.22 -3.07
CA LEU E 157 13.70 35.06 -1.99
C LEU E 157 12.93 36.24 -2.57
N GLY E 158 11.77 36.53 -1.97
CA GLY E 158 10.97 37.66 -2.40
C GLY E 158 10.51 38.52 -1.24
N ALA E 159 10.67 39.83 -1.35
CA ALA E 159 10.33 40.75 -0.28
C ALA E 159 9.42 41.85 -0.79
N LYS E 160 8.44 42.22 0.02
CA LYS E 160 7.57 43.35 -0.29
C LYS E 160 8.30 44.68 -0.13
N SER E 161 9.51 44.66 0.46
CA SER E 161 10.37 45.83 0.61
C SER E 161 9.75 46.88 1.51
N GLY E 162 10.28 48.11 1.43
CA GLY E 162 9.91 49.15 2.36
C GLY E 162 10.57 48.93 3.71
N ARG E 163 10.21 49.79 4.66
CA ARG E 163 10.66 49.62 6.04
C ARG E 163 9.64 48.91 6.90
N GLU E 164 8.35 49.18 6.68
CA GLU E 164 7.30 48.45 7.38
C GLU E 164 7.27 47.00 6.93
N LYS E 165 7.01 46.11 7.89
CA LYS E 165 6.85 44.70 7.63
C LYS E 165 5.45 44.25 8.02
N ASP E 166 4.98 43.20 7.37
CA ASP E 166 3.69 42.61 7.71
C ASP E 166 3.72 41.14 7.31
N SER E 167 2.56 40.49 7.38
CA SER E 167 2.49 39.07 7.02
C SER E 167 2.84 38.86 5.56
N THR E 168 2.37 39.74 4.68
CA THR E 168 2.64 39.64 3.24
C THR E 168 3.90 40.40 2.87
N SER E 169 5.00 40.11 3.55
CA SER E 169 6.27 40.79 3.32
C SER E 169 7.35 39.84 2.82
N LEU E 170 7.58 38.73 3.50
CA LEU E 170 8.65 37.79 3.18
C LEU E 170 8.02 36.55 2.56
N HIS E 171 8.26 36.34 1.26
CA HIS E 171 7.75 35.19 0.54
C HIS E 171 8.87 34.58 -0.31
N PHE E 172 8.67 33.31 -0.67
CA PHE E 172 9.65 32.58 -1.46
C PHE E 172 8.96 32.00 -2.69
N THR E 173 9.68 31.99 -3.82
CA THR E 173 9.17 31.47 -5.06
C THR E 173 10.18 30.49 -5.64
N GLU E 174 9.72 29.28 -5.98
CA GLU E 174 10.57 28.29 -6.59
C GLU E 174 10.68 28.56 -8.09
N TYR E 175 11.90 28.41 -8.62
CA TYR E 175 12.15 28.50 -10.05
C TYR E 175 12.97 27.28 -10.46
N HIS E 176 13.30 27.22 -11.75
CA HIS E 176 14.02 26.06 -12.28
C HIS E 176 14.65 26.44 -13.61
N ALA E 177 15.97 26.39 -13.68
CA ALA E 177 16.71 26.68 -14.92
C ALA E 177 16.81 25.39 -15.73
N THR E 178 15.88 25.19 -16.65
CA THR E 178 15.83 23.96 -17.42
C THR E 178 15.04 24.18 -18.70
N ARG E 179 15.18 23.25 -19.62
CA ARG E 179 14.33 23.15 -20.79
C ARG E 179 13.12 22.29 -20.45
N TYR E 180 12.02 22.55 -21.13
CA TYR E 180 10.80 21.76 -20.96
C TYR E 180 10.47 21.03 -22.26
N GLN E 181 9.83 19.88 -22.10
CA GLN E 181 9.57 18.98 -23.22
C GLN E 181 8.24 18.29 -23.01
N TYR E 182 7.34 18.42 -23.98
CA TYR E 182 6.00 17.84 -23.88
C TYR E 182 5.65 17.13 -25.17
N TYR E 183 4.69 16.22 -25.06
CA TYR E 183 4.27 15.37 -26.17
C TYR E 183 2.79 15.60 -26.45
N PHE E 184 2.45 15.69 -27.74
CA PHE E 184 1.08 15.92 -28.15
C PHE E 184 0.75 15.06 -29.35
N GLY E 185 -0.54 14.86 -29.56
CA GLY E 185 -1.02 14.10 -30.71
C GLY E 185 -2.35 14.62 -31.22
N ILE E 186 -2.50 14.70 -32.53
CA ILE E 186 -3.68 15.28 -33.15
C ILE E 186 -4.35 14.22 -34.01
N ASP E 187 -5.64 14.01 -33.79
CA ASP E 187 -6.45 13.17 -34.66
C ASP E 187 -7.08 14.08 -35.70
N ALA E 188 -6.39 14.24 -36.83
CA ALA E 188 -6.81 15.23 -37.83
C ALA E 188 -8.19 14.89 -38.40
N THR E 189 -8.47 13.60 -38.61
CA THR E 189 -9.76 13.21 -39.17
C THR E 189 -10.90 13.56 -38.23
N HIS E 190 -10.64 13.63 -36.92
CA HIS E 190 -11.68 13.95 -35.96
C HIS E 190 -12.12 15.41 -36.02
N LEU E 191 -11.35 16.27 -36.68
CA LEU E 191 -11.71 17.67 -36.77
C LEU E 191 -12.96 17.86 -37.62
N LYS E 192 -13.85 18.75 -37.18
CA LYS E 192 -15.02 19.07 -37.98
C LYS E 192 -14.61 19.74 -39.29
N ASP E 193 -13.65 20.65 -39.23
CA ASP E 193 -13.06 21.26 -40.42
C ASP E 193 -11.61 20.81 -40.49
N PHE E 194 -11.24 20.13 -41.59
CA PHE E 194 -9.91 19.56 -41.71
C PHE E 194 -8.84 20.63 -41.79
N SER E 195 -9.19 21.83 -42.23
CA SER E 195 -8.21 22.90 -42.39
C SER E 195 -7.80 23.53 -41.07
N ARG E 196 -8.47 23.21 -39.96
CA ARG E 196 -8.15 23.83 -38.68
C ARG E 196 -6.87 23.31 -38.07
N ILE E 197 -6.26 22.27 -38.66
CA ILE E 197 -4.99 21.77 -38.14
C ILE E 197 -3.87 22.79 -38.34
N LEU E 198 -3.91 23.52 -39.45
CA LEU E 198 -2.85 24.49 -39.74
C LEU E 198 -2.75 25.59 -38.68
N PRO E 199 -3.85 26.25 -38.28
CA PRO E 199 -3.73 27.21 -37.17
C PRO E 199 -3.22 26.57 -35.88
N MET E 200 -3.54 25.31 -35.64
CA MET E 200 -3.04 24.62 -34.46
C MET E 200 -1.52 24.47 -34.51
N ILE E 201 -0.98 24.10 -35.67
CA ILE E 201 0.47 24.00 -35.82
C ILE E 201 1.12 25.37 -35.65
N ASP E 202 0.49 26.40 -36.24
CA ASP E 202 1.01 27.75 -36.06
C ASP E 202 1.03 28.17 -34.59
N GLY E 203 -0.02 27.81 -33.85
CA GLY E 203 -0.05 28.12 -32.44
C GLY E 203 0.98 27.36 -31.64
N ILE E 204 1.20 26.09 -31.99
CA ILE E 204 2.26 25.32 -31.34
C ILE E 204 3.61 25.98 -31.60
N MET E 205 3.80 26.52 -32.80
CA MET E 205 5.05 27.22 -33.10
C MET E 205 5.13 28.54 -32.34
N ASN E 206 4.16 29.42 -32.52
CA ASN E 206 4.14 30.72 -31.85
C ASN E 206 3.21 30.67 -30.64
N LEU E 207 3.61 29.86 -29.67
CA LEU E 207 2.80 29.69 -28.46
C LEU E 207 2.89 30.93 -27.58
N PRO E 208 1.76 31.45 -27.11
CA PRO E 208 1.83 32.56 -26.14
C PRO E 208 2.36 32.10 -24.80
N LYS E 209 2.40 32.99 -23.81
CA LYS E 209 2.93 32.63 -22.51
C LYS E 209 2.11 31.51 -21.88
N VAL E 210 2.79 30.52 -21.35
CA VAL E 210 2.15 29.42 -20.61
C VAL E 210 1.97 29.86 -19.17
N GLY E 211 0.76 29.68 -18.65
CA GLY E 211 0.37 30.21 -17.36
C GLY E 211 1.41 30.11 -16.27
N GLY E 212 1.83 31.27 -15.76
CA GLY E 212 2.86 31.30 -14.73
C GLY E 212 3.26 32.72 -14.43
N SER E 213 4.18 32.84 -13.46
CA SER E 213 4.65 34.14 -12.99
C SER E 213 5.55 34.75 -14.05
N SER E 214 4.91 35.30 -15.10
CA SER E 214 5.67 35.94 -16.17
C SER E 214 6.21 37.31 -15.77
N ASN E 215 5.69 37.89 -14.69
CA ASN E 215 6.17 39.20 -14.25
C ASN E 215 7.64 39.13 -13.81
N ILE E 216 8.01 38.07 -13.10
CA ILE E 216 9.36 37.92 -12.59
C ILE E 216 10.12 36.77 -13.25
N PHE E 217 9.43 35.79 -13.83
CA PHE E 217 10.06 34.67 -14.53
C PHE E 217 9.41 34.55 -15.90
N ASN E 218 9.92 35.31 -16.87
CA ASN E 218 9.39 35.30 -18.23
C ASN E 218 10.04 34.16 -18.99
N TYR E 219 9.27 33.12 -19.26
CA TYR E 219 9.77 31.92 -19.92
C TYR E 219 9.07 31.70 -21.25
N PRO E 220 9.73 31.99 -22.37
CA PRO E 220 9.09 31.74 -23.68
C PRO E 220 8.98 30.24 -23.93
N PHE E 221 7.77 29.80 -24.30
CA PHE E 221 7.49 28.40 -24.55
C PHE E 221 7.53 28.03 -26.02
N CYS E 222 8.04 28.93 -26.87
CA CYS E 222 8.18 28.60 -28.27
C CYS E 222 9.18 27.47 -28.45
N PRO E 223 8.91 26.53 -29.35
CA PRO E 223 9.81 25.38 -29.51
C PRO E 223 11.16 25.79 -30.07
N ASP E 224 12.19 25.05 -29.65
CA ASP E 224 13.51 25.17 -30.23
C ASP E 224 14.01 23.87 -30.86
N SER E 225 13.34 22.75 -30.63
CA SER E 225 13.63 21.50 -31.30
C SER E 225 12.32 20.75 -31.47
N LEU E 226 12.13 20.16 -32.65
CA LEU E 226 10.89 19.49 -33.00
C LEU E 226 11.16 18.08 -33.50
N VAL E 227 10.32 17.15 -33.10
CA VAL E 227 10.30 15.80 -33.65
C VAL E 227 8.84 15.50 -33.95
N PHE E 228 8.41 15.72 -35.18
CA PHE E 228 7.03 15.52 -35.58
C PHE E 228 6.92 14.27 -36.45
N GLN E 229 5.75 13.63 -36.38
CA GLN E 229 5.49 12.43 -37.18
C GLN E 229 4.08 12.53 -37.73
N TRP E 230 3.97 12.54 -39.07
CA TRP E 230 2.69 12.62 -39.76
C TRP E 230 2.45 11.25 -40.40
N THR E 231 1.78 10.37 -39.65
CA THR E 231 1.56 9.00 -40.09
C THR E 231 0.06 8.70 -40.07
N ASN E 232 -0.28 7.51 -40.53
CA ASN E 232 -1.67 7.07 -40.61
C ASN E 232 -1.92 5.82 -39.76
N HIS E 233 -1.19 5.67 -38.66
CA HIS E 233 -1.44 4.60 -37.70
C HIS E 233 -1.23 5.14 -36.29
N PHE E 234 -1.77 4.41 -35.32
CA PHE E 234 -1.88 4.93 -33.96
C PHE E 234 -0.55 4.91 -33.21
N ALA E 235 0.36 3.99 -33.55
CA ALA E 235 1.63 3.90 -32.85
C ALA E 235 2.48 5.14 -33.13
N SER E 236 3.14 5.64 -32.08
CA SER E 236 3.94 6.85 -32.18
C SER E 236 5.43 6.59 -31.95
N TYR E 237 5.78 6.04 -30.79
CA TYR E 237 7.17 5.74 -30.41
C TYR E 237 8.05 6.99 -30.36
N ILE E 238 7.46 8.18 -30.32
CA ILE E 238 8.23 9.41 -30.28
C ILE E 238 7.78 10.26 -29.10
N SER E 239 7.31 9.62 -28.03
CA SER E 239 6.71 10.31 -26.90
C SER E 239 7.66 11.34 -26.29
N TYR E 240 8.77 10.89 -25.72
CA TYR E 240 9.76 11.79 -25.12
C TYR E 240 11.13 11.39 -25.64
N CYS E 241 11.51 11.95 -26.79
CA CYS E 241 12.74 11.57 -27.47
C CYS E 241 13.95 12.38 -27.02
N PHE E 242 13.77 13.42 -26.22
CA PHE E 242 14.88 14.26 -25.79
C PHE E 242 15.36 13.87 -24.41
N GLU E 243 16.67 13.73 -24.26
CA GLU E 243 17.29 13.43 -22.98
C GLU E 243 18.52 14.29 -22.79
N TYR E 244 18.89 14.49 -21.53
CA TYR E 244 19.95 15.42 -21.18
C TYR E 244 21.32 14.76 -21.18
N CYS E 245 22.35 15.59 -21.07
CA CYS E 245 23.70 15.15 -20.77
C CYS E 245 24.29 16.12 -19.76
N ASP E 246 25.04 15.59 -18.78
CA ASP E 246 25.63 16.39 -17.71
C ASP E 246 24.45 17.07 -17.02
N PRO E 247 23.74 16.35 -16.15
CA PRO E 247 22.36 16.73 -15.77
C PRO E 247 22.12 18.18 -15.36
N LYS E 248 23.17 18.96 -15.15
CA LYS E 248 23.01 20.35 -14.72
C LYS E 248 23.32 21.34 -15.85
N SER E 249 23.21 20.88 -17.10
CA SER E 249 23.56 21.70 -18.25
C SER E 249 22.36 21.96 -19.13
N LYS E 250 22.48 22.99 -19.97
CA LYS E 250 21.44 23.34 -20.93
C LYS E 250 21.48 22.47 -22.18
N GLU E 251 22.57 21.73 -22.40
CA GLU E 251 22.70 20.93 -23.60
C GLU E 251 21.63 19.83 -23.64
N ALA E 252 21.05 19.62 -24.82
CA ALA E 252 20.01 18.62 -25.01
C ALA E 252 20.36 17.78 -26.22
N LYS E 253 20.16 16.47 -26.11
CA LYS E 253 20.42 15.54 -27.20
C LYS E 253 19.24 14.61 -27.38
N LEU E 254 19.22 13.94 -28.53
CA LEU E 254 18.19 12.96 -28.84
C LEU E 254 18.51 11.67 -28.09
N SER E 255 17.50 11.09 -27.45
CA SER E 255 17.71 9.89 -26.65
C SER E 255 18.19 8.74 -27.52
N GLN E 256 19.09 7.93 -26.98
CA GLN E 256 19.63 6.81 -27.73
C GLN E 256 18.55 5.79 -28.07
N GLU E 257 17.51 5.69 -27.24
CA GLU E 257 16.41 4.78 -27.54
C GLU E 257 15.68 5.20 -28.81
N PHE E 258 15.46 6.51 -28.99
CA PHE E 258 14.79 6.98 -30.20
C PHE E 258 15.64 6.73 -31.43
N ILE E 259 16.95 6.95 -31.33
CA ILE E 259 17.84 6.70 -32.46
C ILE E 259 17.86 5.22 -32.80
N ASP E 260 17.89 4.36 -31.79
CA ASP E 260 17.83 2.92 -32.04
C ASP E 260 16.52 2.54 -32.70
N GLU E 261 15.41 3.16 -32.27
CA GLU E 261 14.12 2.89 -32.89
C GLU E 261 14.13 3.28 -34.36
N VAL E 262 14.74 4.43 -34.68
CA VAL E 262 14.81 4.86 -36.07
C VAL E 262 15.69 3.92 -36.89
N GLU E 263 16.83 3.52 -36.35
CA GLU E 263 17.79 2.72 -37.13
C GLU E 263 17.32 1.29 -37.31
N CYS E 264 16.63 0.73 -36.30
CA CYS E 264 16.27 -0.69 -36.36
C CYS E 264 15.31 -0.99 -37.50
N GLY E 265 14.55 0.00 -37.95
CA GLY E 265 13.60 -0.20 -39.02
C GLY E 265 12.25 0.40 -38.71
N GLN E 266 11.90 0.45 -37.42
CA GLN E 266 10.66 1.08 -37.00
C GLN E 266 10.78 2.60 -37.19
N ILE E 267 9.62 3.27 -37.16
CA ILE E 267 9.53 4.70 -37.40
C ILE E 267 10.04 5.01 -38.80
N ASP E 268 9.14 4.99 -39.78
CA ASP E 268 9.51 5.25 -41.16
C ASP E 268 10.14 6.64 -41.28
N PRO E 269 11.36 6.75 -41.78
CA PRO E 269 11.99 8.09 -41.86
C PRO E 269 11.22 9.07 -42.72
N SER E 270 10.51 8.61 -43.75
CA SER E 270 9.76 9.51 -44.60
C SER E 270 8.63 10.21 -43.85
N LYS E 271 8.17 9.64 -42.74
CA LYS E 271 7.13 10.24 -41.93
C LYS E 271 7.68 11.07 -40.77
N LEU E 272 9.00 11.16 -40.64
CA LEU E 272 9.63 11.84 -39.52
C LEU E 272 10.06 13.24 -39.92
N TRP E 273 9.63 14.24 -39.14
CA TRP E 273 10.01 15.63 -39.35
C TRP E 273 10.78 16.10 -38.12
N ILE E 274 12.07 16.38 -38.30
CA ILE E 274 12.93 16.84 -37.23
C ILE E 274 13.41 18.25 -37.57
N GLY E 275 13.21 19.18 -36.66
CA GLY E 275 13.63 20.55 -36.90
C GLY E 275 13.99 21.23 -35.59
N GLY E 276 14.91 22.19 -35.69
CA GLY E 276 15.34 22.94 -34.53
C GLY E 276 16.84 22.92 -34.31
N THR E 277 17.28 23.28 -33.10
CA THR E 277 18.70 23.30 -32.80
C THR E 277 19.28 21.89 -32.63
N ILE E 278 18.43 20.87 -32.49
CA ILE E 278 18.93 19.50 -32.44
C ILE E 278 19.44 19.05 -33.79
N VAL E 279 19.11 19.79 -34.86
CA VAL E 279 19.55 19.42 -36.20
C VAL E 279 21.07 19.47 -36.28
N LYS E 280 21.68 20.49 -35.69
CA LYS E 280 23.14 20.60 -35.72
C LYS E 280 23.80 19.40 -35.04
N ASP E 281 23.29 19.02 -33.87
CA ASP E 281 23.85 17.86 -33.16
C ASP E 281 23.64 16.58 -33.95
N LEU E 282 22.47 16.44 -34.59
CA LEU E 282 22.22 15.26 -35.41
C LEU E 282 23.19 15.18 -36.58
N GLN E 283 23.42 16.30 -37.26
CA GLN E 283 24.33 16.31 -38.40
C GLN E 283 25.79 16.15 -37.99
N GLN E 284 26.13 16.51 -36.75
CA GLN E 284 27.50 16.31 -36.28
C GLN E 284 27.78 14.87 -35.88
N LEU E 285 26.77 14.01 -35.85
CA LEU E 285 26.98 12.61 -35.49
C LEU E 285 27.79 11.90 -36.56
N ASP E 286 28.59 10.94 -36.11
CA ASP E 286 29.38 10.14 -37.04
C ASP E 286 28.49 9.15 -37.79
N ASN E 287 28.87 8.87 -39.04
CA ASN E 287 28.12 7.99 -39.93
C ASN E 287 26.67 8.45 -40.10
N PHE E 288 26.46 9.76 -40.05
CA PHE E 288 25.11 10.30 -40.20
C PHE E 288 24.56 10.04 -41.59
N GLU E 289 25.39 10.18 -42.62
CA GLU E 289 24.92 9.97 -43.99
C GLU E 289 24.48 8.53 -44.21
N SER E 290 25.22 7.56 -43.67
CA SER E 290 24.84 6.16 -43.81
C SER E 290 23.68 5.78 -42.90
N SER E 291 23.42 6.57 -41.86
CA SER E 291 22.35 6.25 -40.94
C SER E 291 20.98 6.45 -41.59
N PRO E 292 19.99 5.63 -41.24
CA PRO E 292 18.62 5.85 -41.75
C PRO E 292 18.03 7.17 -41.31
N LEU E 293 18.54 7.77 -40.23
CA LEU E 293 18.02 9.06 -39.77
C LEU E 293 18.24 10.16 -40.78
N ASN E 294 19.21 10.01 -41.68
CA ASN E 294 19.47 11.02 -42.69
C ASN E 294 18.34 11.15 -43.70
N LYS E 295 17.53 10.09 -43.88
CA LYS E 295 16.45 10.13 -44.84
C LYS E 295 15.20 10.84 -44.33
N ALA E 296 15.19 11.22 -43.05
CA ALA E 296 14.06 11.97 -42.51
C ALA E 296 14.11 13.42 -42.97
N HIS E 297 12.99 14.11 -42.82
CA HIS E 297 12.89 15.51 -43.20
C HIS E 297 13.51 16.34 -42.10
N ILE E 298 14.77 16.73 -42.29
CA ILE E 298 15.56 17.43 -41.29
C ILE E 298 15.80 18.85 -41.79
N TYR E 299 15.30 19.83 -41.06
CA TYR E 299 15.47 21.24 -41.39
C TYR E 299 15.99 21.98 -40.17
N ARG E 300 17.09 22.71 -40.33
CA ARG E 300 17.59 23.51 -39.22
C ARG E 300 16.64 24.66 -38.91
N ASN E 301 16.08 25.28 -39.93
CA ASN E 301 15.11 26.35 -39.74
C ASN E 301 13.74 25.76 -39.49
N ARG E 302 13.12 26.17 -38.38
CA ARG E 302 11.82 25.61 -38.01
C ARG E 302 10.73 26.01 -39.00
N ASN E 303 10.83 27.23 -39.54
CA ASN E 303 9.80 27.70 -40.47
C ASN E 303 9.76 26.86 -41.74
N GLU E 304 10.94 26.50 -42.27
CA GLU E 304 10.98 25.65 -43.46
C GLU E 304 10.38 24.28 -43.18
N MET E 305 10.72 23.69 -42.03
CA MET E 305 10.16 22.39 -41.67
C MET E 305 8.65 22.46 -41.53
N ILE E 306 8.15 23.51 -40.89
CA ILE E 306 6.71 23.67 -40.71
C ILE E 306 6.03 23.85 -42.06
N GLU E 307 6.65 24.62 -42.96
CA GLU E 307 6.07 24.82 -44.29
C GLU E 307 5.99 23.51 -45.06
N ALA E 308 7.06 22.72 -45.02
CA ALA E 308 7.06 21.44 -45.73
C ALA E 308 6.03 20.49 -45.12
N LEU E 309 5.97 20.43 -43.79
CA LEU E 309 5.00 19.56 -43.13
C LEU E 309 3.57 19.97 -43.46
N LYS E 310 3.31 21.29 -43.48
CA LYS E 310 1.96 21.75 -43.82
C LYS E 310 1.62 21.50 -45.28
N THR E 311 2.62 21.57 -46.17
CA THR E 311 2.38 21.19 -47.56
C THR E 311 1.98 19.73 -47.66
N VAL E 312 2.70 18.86 -46.95
CA VAL E 312 2.37 17.44 -46.96
C VAL E 312 0.98 17.21 -46.37
N ILE E 313 0.66 17.91 -45.28
CA ILE E 313 -0.63 17.74 -44.63
C ILE E 313 -1.76 18.19 -45.56
N LYS E 314 -1.58 19.32 -46.24
CA LYS E 314 -2.60 19.80 -47.17
C LYS E 314 -2.76 18.84 -48.34
N ARG E 315 -1.66 18.27 -48.83
CA ARG E 315 -1.76 17.28 -49.90
C ARG E 315 -2.53 16.05 -49.43
N ASP E 316 -2.25 15.57 -48.22
CA ASP E 316 -2.87 14.34 -47.74
C ASP E 316 -4.34 14.53 -47.37
N LEU E 317 -4.70 15.69 -46.82
CA LEU E 317 -6.05 15.96 -46.34
C LEU E 317 -6.95 16.56 -47.41
N GLY E 318 -6.44 16.77 -48.62
CA GLY E 318 -7.24 17.34 -49.69
C GLY E 318 -7.72 18.75 -49.41
N LEU E 319 -6.83 19.59 -48.93
CA LEU E 319 -7.18 20.98 -48.62
C LEU E 319 -6.90 21.89 -49.81
N PRO F 12 -5.62 -28.83 -35.21
CA PRO F 12 -4.91 -28.78 -33.92
C PRO F 12 -5.16 -27.48 -33.17
N ASN F 13 -5.37 -27.58 -31.86
CA ASN F 13 -5.59 -26.38 -31.05
C ASN F 13 -4.32 -25.52 -31.03
N TYR F 14 -4.49 -24.23 -31.30
CA TYR F 14 -3.38 -23.29 -31.32
C TYR F 14 -3.76 -22.08 -30.48
N TYR F 15 -2.85 -21.65 -29.61
CA TYR F 15 -3.07 -20.50 -28.75
C TYR F 15 -1.89 -19.54 -28.86
N LEU F 16 -2.18 -18.25 -28.86
CA LEU F 16 -1.16 -17.22 -28.91
C LEU F 16 -1.22 -16.43 -27.60
N TYR F 17 -0.31 -16.74 -26.70
CA TYR F 17 -0.16 -16.01 -25.45
C TYR F 17 0.90 -14.94 -25.61
N GLY F 18 0.69 -13.81 -24.95
CA GLY F 18 1.63 -12.70 -25.07
C GLY F 18 1.53 -11.76 -23.90
N THR F 19 2.68 -11.19 -23.54
CA THR F 19 2.75 -10.12 -22.54
C THR F 19 3.48 -8.96 -23.17
N VAL F 20 2.84 -7.80 -23.21
CA VAL F 20 3.41 -6.63 -23.87
C VAL F 20 3.72 -5.57 -22.81
N LEU F 21 4.68 -4.71 -23.15
CA LEU F 21 5.11 -3.63 -22.28
C LEU F 21 4.96 -2.31 -23.02
N THR F 22 4.26 -1.36 -22.40
CA THR F 22 4.02 -0.08 -23.03
C THR F 22 5.21 0.86 -22.80
N ARG F 23 5.19 1.98 -23.51
CA ARG F 23 6.26 2.97 -23.38
C ARG F 23 6.09 3.76 -22.08
N TYR F 24 7.16 4.45 -21.71
CA TYR F 24 7.16 5.24 -20.48
C TYR F 24 6.45 6.57 -20.72
N GLY F 25 5.61 6.95 -19.77
CA GLY F 25 4.90 8.22 -19.87
C GLY F 25 3.96 8.39 -18.70
N LEU F 26 3.33 9.56 -18.62
CA LEU F 26 2.39 9.83 -17.54
C LEU F 26 1.03 9.31 -17.95
N ALA F 27 0.47 8.41 -17.16
CA ALA F 27 -0.81 7.81 -17.51
C ALA F 27 -1.88 8.07 -16.47
N SER F 28 -3.05 8.50 -16.92
CA SER F 28 -4.17 8.72 -16.03
C SER F 28 -5.35 8.24 -16.82
N LEU F 29 -5.47 6.92 -16.96
CA LEU F 29 -6.52 6.39 -17.84
C LEU F 29 -7.65 5.61 -17.18
N ASN F 30 -7.47 5.06 -15.98
CA ASN F 30 -8.57 4.27 -15.43
C ASN F 30 -9.05 4.81 -14.09
N HIS F 31 -9.41 6.09 -14.04
CA HIS F 31 -10.06 6.68 -12.88
C HIS F 31 -11.10 5.73 -12.30
N ASP F 32 -11.04 5.54 -10.98
CA ASP F 32 -11.84 4.46 -10.37
C ASP F 32 -13.27 4.88 -10.11
N ILE F 33 -13.50 5.77 -9.13
CA ILE F 33 -14.86 6.12 -8.75
C ILE F 33 -15.03 7.62 -8.52
N ARG F 34 -13.91 8.33 -8.40
CA ARG F 34 -13.88 9.72 -7.92
C ARG F 34 -14.28 9.78 -6.46
N ARG F 35 -13.40 10.30 -5.61
CA ARG F 35 -13.65 10.44 -4.17
C ARG F 35 -13.62 11.93 -3.83
N GLY F 36 -14.78 12.54 -3.81
CA GLY F 36 -14.89 13.95 -3.49
C GLY F 36 -14.32 14.84 -4.56
N ASN F 37 -13.17 15.46 -4.28
CA ASN F 37 -12.54 16.39 -5.20
C ASN F 37 -11.54 15.72 -6.14
N LYS F 38 -11.25 14.44 -5.94
CA LYS F 38 -10.15 13.78 -6.63
C LYS F 38 -10.67 12.69 -7.55
N THR F 39 -10.11 12.61 -8.75
CA THR F 39 -10.34 11.49 -9.65
C THR F 39 -9.36 10.39 -9.28
N ILE F 40 -9.87 9.29 -8.75
CA ILE F 40 -9.04 8.25 -8.15
C ILE F 40 -8.57 7.31 -9.25
N LEU F 41 -7.27 7.34 -9.55
CA LEU F 41 -6.69 6.36 -10.45
C LEU F 41 -6.80 4.98 -9.82
N GLN F 42 -7.28 4.01 -10.58
CA GLN F 42 -7.50 2.67 -10.04
C GLN F 42 -6.18 2.01 -9.70
N LYS F 43 -6.07 1.49 -8.48
CA LYS F 43 -4.82 0.93 -8.01
C LYS F 43 -5.09 -0.13 -6.95
N GLY F 44 -4.08 -0.94 -6.69
CA GLY F 44 -4.18 -1.97 -5.69
C GLY F 44 -2.83 -2.58 -5.40
N TYR F 45 -2.83 -3.56 -4.51
CA TYR F 45 -1.59 -4.22 -4.13
C TYR F 45 -1.13 -5.18 -5.23
N TRP F 46 0.19 -5.33 -5.34
CA TRP F 46 0.76 -6.13 -6.41
C TRP F 46 2.21 -6.47 -6.08
N ASN F 47 2.60 -7.71 -6.37
CA ASN F 47 3.98 -8.16 -6.30
C ASN F 47 4.59 -8.05 -4.91
N ASN F 48 5.02 -6.84 -4.53
CA ASN F 48 5.79 -6.63 -3.31
C ASN F 48 4.94 -6.05 -2.18
N GLY F 49 3.62 -6.06 -2.31
CA GLY F 49 2.78 -5.42 -1.32
C GLY F 49 2.74 -3.92 -1.44
N LYS F 50 3.13 -3.38 -2.59
CA LYS F 50 3.07 -1.96 -2.87
C LYS F 50 1.85 -1.67 -3.75
N ILE F 51 1.40 -0.42 -3.70
CA ILE F 51 0.22 -0.02 -4.47
C ILE F 51 0.64 0.21 -5.91
N HIS F 52 0.01 -0.51 -6.83
CA HIS F 52 0.28 -0.41 -8.25
C HIS F 52 -0.98 0.02 -8.99
N SER F 53 -0.85 1.00 -9.87
CA SER F 53 -1.98 1.43 -10.67
C SER F 53 -2.34 0.37 -11.71
N PHE F 54 -3.63 0.32 -12.04
CA PHE F 54 -4.15 -0.72 -12.93
C PHE F 54 -4.90 -0.08 -14.08
N VAL F 55 -4.89 -0.77 -15.22
CA VAL F 55 -5.72 -0.44 -16.37
C VAL F 55 -6.56 -1.66 -16.68
N GLY F 56 -7.89 -1.49 -16.67
CA GLY F 56 -8.77 -2.63 -16.83
C GLY F 56 -8.64 -3.24 -18.22
N SER F 57 -8.80 -4.57 -18.28
CA SER F 57 -8.74 -5.26 -19.56
C SER F 57 -9.90 -4.86 -20.47
N SER F 58 -11.02 -4.45 -19.88
CA SER F 58 -12.14 -3.99 -20.70
C SER F 58 -11.77 -2.75 -21.51
N ALA F 59 -10.90 -1.90 -20.97
CA ALA F 59 -10.42 -0.76 -21.73
C ALA F 59 -9.65 -1.19 -22.96
N ILE F 60 -8.77 -2.19 -22.81
CA ILE F 60 -8.00 -2.67 -23.94
C ILE F 60 -8.89 -3.36 -24.96
N ARG F 61 -9.90 -4.11 -24.49
CA ARG F 61 -10.85 -4.72 -25.41
C ARG F 61 -11.63 -3.66 -26.17
N TRP F 62 -12.02 -2.58 -25.50
CA TRP F 62 -12.67 -1.47 -26.18
C TRP F 62 -11.76 -0.83 -27.22
N ALA F 63 -10.47 -0.69 -26.89
CA ALA F 63 -9.52 -0.14 -27.85
C ALA F 63 -9.39 -1.04 -29.08
N LEU F 64 -9.35 -2.35 -28.86
CA LEU F 64 -9.28 -3.28 -30.00
C LEU F 64 -10.55 -3.21 -30.84
N ARG F 65 -11.70 -3.10 -30.18
CA ARG F 65 -12.97 -2.94 -30.89
C ARG F 65 -12.94 -1.69 -31.76
N PHE F 66 -12.45 -0.58 -31.19
CA PHE F 66 -12.34 0.66 -31.95
C PHE F 66 -11.39 0.51 -33.12
N TYR F 67 -10.28 -0.20 -32.91
CA TYR F 67 -9.34 -0.43 -34.02
C TYR F 67 -10.02 -1.20 -35.15
N LEU F 68 -10.78 -2.24 -34.81
CA LEU F 68 -11.51 -2.97 -35.85
C LEU F 68 -12.51 -2.07 -36.56
N GLN F 69 -13.23 -1.25 -35.80
CA GLN F 69 -14.25 -0.40 -36.41
C GLN F 69 -13.63 0.63 -37.35
N LYS F 70 -12.49 1.20 -36.96
CA LYS F 70 -11.91 2.31 -37.73
C LYS F 70 -11.37 1.87 -39.09
N GLN F 71 -11.13 0.58 -39.30
CA GLN F 71 -10.55 0.08 -40.56
C GLN F 71 -11.42 -1.05 -41.09
N GLY F 72 -12.49 -0.69 -41.81
CA GLY F 72 -13.39 -1.70 -42.35
C GLY F 72 -13.87 -2.64 -41.26
N TYR F 73 -13.72 -3.94 -41.50
CA TYR F 73 -13.86 -4.96 -40.47
C TYR F 73 -15.23 -4.88 -39.80
N LEU F 74 -16.24 -5.25 -40.58
CA LEU F 74 -17.64 -5.23 -40.14
C LEU F 74 -17.78 -5.70 -38.70
N VAL F 75 -18.42 -4.87 -37.88
CA VAL F 75 -18.58 -5.12 -36.46
C VAL F 75 -20.03 -4.85 -36.08
N ASN F 76 -20.58 -5.69 -35.19
CA ASN F 76 -21.94 -5.49 -34.74
C ASN F 76 -22.08 -4.19 -33.96
N ARG F 77 -21.17 -3.94 -33.02
CA ARG F 77 -21.19 -2.71 -32.23
C ARG F 77 -20.44 -1.62 -32.99
N VAL F 78 -21.08 -0.48 -33.18
CA VAL F 78 -20.48 0.65 -33.86
C VAL F 78 -20.41 1.82 -32.89
N TRP F 79 -19.20 2.30 -32.62
CA TRP F 79 -19.02 3.46 -31.77
C TRP F 79 -19.32 4.72 -32.58
N ASP F 80 -20.31 5.50 -32.14
CA ASP F 80 -20.76 6.64 -32.92
C ASP F 80 -19.67 7.69 -33.04
N GLU F 81 -18.90 7.91 -31.97
CA GLU F 81 -17.79 8.84 -31.93
C GLU F 81 -18.26 10.30 -32.02
N GLU F 82 -19.56 10.51 -32.20
CA GLU F 82 -20.15 11.84 -32.20
C GLU F 82 -21.21 12.00 -31.13
N GLU F 83 -22.15 11.05 -31.04
CA GLU F 83 -23.12 11.02 -29.95
C GLU F 83 -22.60 10.25 -28.74
N HIS F 84 -21.42 9.64 -28.84
CA HIS F 84 -20.83 8.85 -27.77
C HIS F 84 -21.80 7.77 -27.29
N ILE F 85 -22.34 7.01 -28.25
CA ILE F 85 -23.21 5.88 -27.96
C ILE F 85 -22.85 4.72 -28.87
N ASN F 86 -23.27 3.53 -28.48
CA ASN F 86 -23.05 2.32 -29.26
C ASN F 86 -24.32 1.93 -29.99
N ARG F 87 -24.19 1.60 -31.27
CA ARG F 87 -25.30 1.14 -32.09
C ARG F 87 -25.02 -0.27 -32.58
N LEU F 88 -26.04 -1.12 -32.52
CA LEU F 88 -25.93 -2.50 -32.97
C LEU F 88 -26.53 -2.60 -34.38
N THR F 89 -25.70 -3.04 -35.33
CA THR F 89 -26.19 -3.21 -36.70
C THR F 89 -27.25 -4.31 -36.77
N SER F 90 -27.05 -5.39 -36.03
CA SER F 90 -28.02 -6.48 -35.95
C SER F 90 -28.24 -6.83 -34.48
N GLU F 91 -29.50 -6.79 -34.04
CA GLU F 91 -29.79 -7.13 -32.65
C GLU F 91 -29.49 -8.60 -32.36
N ASP F 92 -29.53 -9.46 -33.38
CA ASP F 92 -29.16 -10.86 -33.23
C ASP F 92 -27.68 -10.99 -33.54
N PHE F 93 -26.89 -11.32 -32.52
CA PHE F 93 -25.44 -11.43 -32.70
C PHE F 93 -25.12 -12.57 -33.66
N ASP F 94 -24.24 -12.30 -34.62
CA ASP F 94 -23.85 -13.27 -35.64
C ASP F 94 -22.33 -13.33 -35.71
N PRO F 95 -21.71 -14.24 -34.95
CA PRO F 95 -20.23 -14.34 -35.00
C PRO F 95 -19.70 -14.75 -36.36
N GLU F 96 -20.51 -15.38 -37.20
CA GLU F 96 -20.03 -15.81 -38.51
C GLU F 96 -19.77 -14.65 -39.45
N LYS F 97 -20.40 -13.50 -39.22
CA LYS F 97 -20.28 -12.35 -40.10
C LYS F 97 -19.48 -11.21 -39.50
N PHE F 98 -19.74 -10.87 -38.23
CA PHE F 98 -19.10 -9.72 -37.60
C PHE F 98 -17.83 -10.15 -36.88
N TYR F 99 -16.78 -9.34 -37.04
CA TYR F 99 -15.55 -9.58 -36.31
C TYR F 99 -15.75 -9.42 -34.81
N ASP F 100 -16.55 -8.43 -34.41
CA ASP F 100 -16.75 -8.14 -33.00
C ASP F 100 -17.37 -9.31 -32.27
N ASP F 101 -18.50 -9.82 -32.78
CA ASP F 101 -19.16 -10.94 -32.13
C ASP F 101 -18.29 -12.20 -32.17
N ASP F 102 -17.57 -12.40 -33.27
CA ASP F 102 -16.72 -13.57 -33.38
C ASP F 102 -15.60 -13.57 -32.34
N ILE F 103 -14.97 -12.42 -32.15
CA ILE F 103 -13.74 -12.38 -31.36
C ILE F 103 -14.01 -12.06 -29.90
N PHE F 104 -14.76 -11.00 -29.62
CA PHE F 104 -14.99 -10.60 -28.24
C PHE F 104 -16.19 -11.28 -27.60
N GLY F 105 -16.97 -12.03 -28.37
CA GLY F 105 -18.13 -12.69 -27.80
C GLY F 105 -19.25 -11.69 -27.53
N PHE F 106 -20.29 -12.20 -26.87
CA PHE F 106 -21.46 -11.40 -26.54
C PHE F 106 -22.27 -12.11 -25.45
N ALA F 107 -23.36 -11.47 -25.04
CA ALA F 107 -24.30 -12.05 -24.10
C ALA F 107 -25.62 -11.30 -24.13
N LEU F 108 -26.72 -12.00 -24.37
CA LEU F 108 -28.01 -11.34 -24.56
C LEU F 108 -28.68 -11.02 -23.22
N LEU F 109 -28.96 -12.05 -22.43
CA LEU F 109 -29.70 -11.90 -21.18
C LEU F 109 -31.04 -11.20 -21.39
N PRO F 133 -30.04 -17.96 -26.06
CA PRO F 133 -29.27 -17.50 -27.22
C PRO F 133 -28.05 -18.38 -27.48
N ASN F 134 -26.93 -17.75 -27.82
CA ASN F 134 -25.68 -18.46 -28.05
C ASN F 134 -24.56 -18.03 -27.11
N GLN F 135 -24.44 -16.73 -26.86
CA GLN F 135 -23.55 -16.16 -25.84
C GLN F 135 -22.08 -16.33 -26.17
N ARG F 136 -21.76 -17.07 -27.23
CA ARG F 136 -20.38 -17.33 -27.63
C ARG F 136 -19.53 -17.79 -26.45
N MET F 137 -18.22 -17.66 -26.58
CA MET F 137 -17.31 -17.78 -25.45
C MET F 137 -16.20 -16.74 -25.45
N GLY F 138 -15.91 -16.10 -26.58
CA GLY F 138 -14.84 -15.13 -26.65
C GLY F 138 -13.53 -15.76 -27.04
N ALA F 139 -13.00 -15.38 -28.21
CA ALA F 139 -11.75 -15.94 -28.68
C ALA F 139 -10.52 -15.24 -28.09
N LEU F 140 -10.72 -14.10 -27.44
CA LEU F 140 -9.61 -13.33 -26.87
C LEU F 140 -9.82 -13.24 -25.36
N GLY F 141 -8.81 -13.66 -24.61
CA GLY F 141 -8.81 -13.52 -23.16
C GLY F 141 -7.70 -12.60 -22.74
N MET F 142 -8.02 -11.65 -21.87
CA MET F 142 -7.08 -10.60 -21.50
C MET F 142 -7.13 -10.39 -19.99
N ASN F 143 -5.98 -9.99 -19.44
CA ASN F 143 -5.85 -9.65 -18.03
C ASN F 143 -5.61 -8.16 -17.88
N MET F 144 -5.90 -7.66 -16.68
CA MET F 144 -5.76 -6.23 -16.42
C MET F 144 -4.30 -5.79 -16.53
N ALA F 145 -4.09 -4.62 -17.12
CA ALA F 145 -2.76 -4.07 -17.26
C ALA F 145 -2.25 -3.60 -15.91
N VAL F 146 -0.99 -3.92 -15.61
CA VAL F 146 -0.39 -3.64 -14.32
C VAL F 146 0.79 -2.70 -14.52
N SER F 147 0.84 -1.64 -13.72
CA SER F 147 1.95 -0.72 -13.77
C SER F 147 3.23 -1.41 -13.30
N LEU F 148 4.32 -1.18 -14.04
CA LEU F 148 5.60 -1.80 -13.71
C LEU F 148 6.23 -1.19 -12.47
N THR F 149 5.71 -0.07 -11.98
CA THR F 149 6.28 0.68 -10.87
C THR F 149 5.20 0.99 -9.83
N PRO F 150 5.56 0.98 -8.55
CA PRO F 150 4.60 1.43 -7.53
C PRO F 150 4.23 2.88 -7.71
N TYR F 151 3.01 3.22 -7.28
CA TYR F 151 2.45 4.55 -7.42
C TYR F 151 2.63 5.31 -6.11
N ASP F 152 3.39 6.41 -6.15
CA ASP F 152 3.71 7.09 -4.89
C ASP F 152 2.64 8.06 -4.44
N GLY F 153 2.52 9.23 -5.08
CA GLY F 153 1.32 10.02 -4.91
C GLY F 153 0.75 10.62 -6.18
N ALA F 154 1.65 11.04 -7.07
CA ALA F 154 1.35 11.52 -8.42
C ALA F 154 0.01 12.26 -8.56
N VAL F 155 -0.17 13.36 -7.83
CA VAL F 155 -1.39 14.15 -7.89
C VAL F 155 -1.13 15.44 -8.64
N LYS F 156 -2.04 15.79 -9.55
CA LYS F 156 -1.94 17.01 -10.36
C LYS F 156 -3.11 17.92 -10.05
N LEU F 157 -2.81 19.19 -9.78
CA LEU F 157 -3.82 20.18 -9.47
C LEU F 157 -4.50 20.70 -10.74
N GLY F 158 -5.76 21.10 -10.60
CA GLY F 158 -6.51 21.66 -11.70
C GLY F 158 -7.47 22.76 -11.28
N ALA F 159 -7.38 23.92 -11.94
CA ALA F 159 -8.23 25.06 -11.64
C ALA F 159 -8.82 25.60 -12.93
N LYS F 160 -9.92 26.32 -12.81
CA LYS F 160 -10.69 26.81 -13.96
C LYS F 160 -10.51 28.33 -14.08
N SER F 161 -9.46 28.74 -14.81
CA SER F 161 -9.21 30.14 -15.18
C SER F 161 -9.22 30.99 -13.91
N GLY F 162 -10.04 32.03 -13.83
CA GLY F 162 -10.06 32.89 -12.66
C GLY F 162 -11.42 33.53 -12.47
N ARG F 163 -11.67 33.96 -11.23
CA ARG F 163 -12.89 34.64 -10.82
C ARG F 163 -14.13 33.77 -10.97
N GLU F 164 -15.25 34.26 -10.44
CA GLU F 164 -16.52 33.53 -10.34
C GLU F 164 -16.30 32.05 -10.02
N LYS F 165 -15.46 31.80 -9.02
CA LYS F 165 -15.10 30.44 -8.66
C LYS F 165 -16.29 29.75 -7.99
N ASP F 166 -16.55 28.52 -8.41
CA ASP F 166 -17.66 27.73 -7.88
C ASP F 166 -17.17 26.37 -7.38
N SER F 167 -18.10 25.47 -7.09
CA SER F 167 -17.73 24.16 -6.56
C SER F 167 -16.88 23.35 -7.53
N THR F 168 -16.92 23.68 -8.83
CA THR F 168 -16.15 22.96 -9.83
C THR F 168 -14.84 23.66 -10.17
N SER F 169 -14.50 24.73 -9.45
CA SER F 169 -13.29 25.50 -9.79
C SER F 169 -12.03 24.72 -9.47
N LEU F 170 -11.99 24.06 -8.32
CA LEU F 170 -10.79 23.35 -7.88
C LEU F 170 -11.02 21.85 -7.96
N HIS F 171 -10.04 21.12 -8.49
CA HIS F 171 -10.10 19.67 -8.56
C HIS F 171 -8.69 19.12 -8.71
N PHE F 172 -8.54 17.83 -8.41
CA PHE F 172 -7.27 17.15 -8.50
C PHE F 172 -7.41 15.90 -9.36
N THR F 173 -6.32 15.53 -10.03
CA THR F 173 -6.29 14.36 -10.89
C THR F 173 -5.04 13.54 -10.58
N GLU F 174 -5.22 12.23 -10.49
CA GLU F 174 -4.11 11.32 -10.24
C GLU F 174 -3.54 10.84 -11.56
N TYR F 175 -2.22 10.89 -11.69
CA TYR F 175 -1.53 10.37 -12.86
C TYR F 175 -0.52 9.32 -12.42
N HIS F 176 0.31 8.87 -13.35
CA HIS F 176 1.33 7.86 -13.04
C HIS F 176 2.37 7.81 -14.15
N ALA F 177 3.65 8.00 -13.80
CA ALA F 177 4.72 8.01 -14.79
C ALA F 177 5.44 6.66 -14.76
N THR F 178 4.83 5.66 -15.40
CA THR F 178 5.42 4.34 -15.51
C THR F 178 5.07 3.74 -16.87
N ARG F 179 5.48 2.49 -17.05
CA ARG F 179 5.06 1.67 -18.18
C ARG F 179 4.03 0.66 -17.70
N TYR F 180 3.03 0.40 -18.53
CA TYR F 180 1.99 -0.56 -18.22
C TYR F 180 2.25 -1.88 -18.94
N GLN F 181 1.86 -2.97 -18.29
CA GLN F 181 2.13 -4.31 -18.77
C GLN F 181 0.88 -5.17 -18.59
N TYR F 182 0.44 -5.82 -19.67
CA TYR F 182 -0.74 -6.68 -19.61
C TYR F 182 -0.45 -7.98 -20.33
N TYR F 183 -1.23 -9.00 -19.98
CA TYR F 183 -1.07 -10.35 -20.51
C TYR F 183 -2.38 -10.76 -21.17
N PHE F 184 -2.28 -11.29 -22.39
CA PHE F 184 -3.44 -11.69 -23.16
C PHE F 184 -3.21 -13.08 -23.75
N GLY F 185 -4.31 -13.74 -24.09
CA GLY F 185 -4.25 -15.02 -24.76
C GLY F 185 -5.44 -15.21 -25.69
N ILE F 186 -5.17 -15.54 -26.95
CA ILE F 186 -6.20 -15.68 -27.97
C ILE F 186 -6.21 -17.11 -28.47
N ASP F 187 -7.38 -17.74 -28.43
CA ASP F 187 -7.55 -19.12 -28.92
C ASP F 187 -7.87 -19.05 -30.40
N ALA F 188 -6.88 -19.36 -31.24
CA ALA F 188 -7.06 -19.24 -32.68
C ALA F 188 -8.12 -20.21 -33.20
N THR F 189 -8.13 -21.44 -32.67
CA THR F 189 -9.07 -22.45 -33.15
C THR F 189 -10.51 -22.06 -32.84
N HIS F 190 -10.75 -21.37 -31.72
CA HIS F 190 -12.11 -21.00 -31.35
C HIS F 190 -12.71 -19.97 -32.28
N LEU F 191 -11.90 -19.32 -33.12
CA LEU F 191 -12.41 -18.30 -34.03
C LEU F 191 -13.31 -18.94 -35.09
N LYS F 192 -14.43 -18.26 -35.37
CA LYS F 192 -15.31 -18.72 -36.45
C LYS F 192 -14.60 -18.64 -37.79
N ASP F 193 -13.86 -17.56 -38.02
CA ASP F 193 -13.00 -17.40 -39.19
C ASP F 193 -11.56 -17.34 -38.71
N PHE F 194 -10.74 -18.26 -39.19
CA PHE F 194 -9.36 -18.38 -38.69
C PHE F 194 -8.52 -17.17 -39.08
N SER F 195 -8.83 -16.53 -40.21
CA SER F 195 -8.04 -15.40 -40.67
C SER F 195 -8.22 -14.15 -39.80
N ARG F 196 -9.19 -14.15 -38.89
CA ARG F 196 -9.45 -12.99 -38.06
C ARG F 196 -8.41 -12.79 -36.96
N ILE F 197 -7.48 -13.73 -36.78
CA ILE F 197 -6.46 -13.56 -35.75
C ILE F 197 -5.45 -12.49 -36.17
N LEU F 198 -5.19 -12.35 -37.46
CA LEU F 198 -4.24 -11.34 -37.94
C LEU F 198 -4.67 -9.92 -37.59
N PRO F 199 -5.94 -9.51 -37.79
CA PRO F 199 -6.33 -8.16 -37.33
C PRO F 199 -6.12 -7.93 -35.85
N MET F 200 -6.29 -8.95 -35.01
CA MET F 200 -5.98 -8.79 -33.58
C MET F 200 -4.50 -8.51 -33.34
N ILE F 201 -3.62 -9.22 -34.05
CA ILE F 201 -2.20 -8.92 -33.90
C ILE F 201 -1.91 -7.49 -34.35
N ASP F 202 -2.47 -7.09 -35.49
CA ASP F 202 -2.24 -5.74 -36.00
C ASP F 202 -2.77 -4.69 -35.02
N GLY F 203 -3.95 -4.92 -34.45
CA GLY F 203 -4.51 -3.97 -33.51
C GLY F 203 -3.75 -3.91 -32.21
N ILE F 204 -3.28 -5.05 -31.72
CA ILE F 204 -2.47 -5.06 -30.50
C ILE F 204 -1.19 -4.28 -30.73
N MET F 205 -0.60 -4.41 -31.91
CA MET F 205 0.60 -3.63 -32.21
C MET F 205 0.30 -2.20 -32.63
N ASN F 206 -0.94 -1.88 -32.94
CA ASN F 206 -1.36 -0.53 -33.35
C ASN F 206 -2.56 -0.09 -32.53
N LEU F 207 -2.46 -0.25 -31.22
CA LEU F 207 -3.61 -0.02 -30.36
C LEU F 207 -4.01 1.45 -30.36
N PRO F 208 -5.30 1.76 -30.54
CA PRO F 208 -5.73 3.16 -30.47
C PRO F 208 -5.74 3.67 -29.04
N LYS F 209 -6.29 4.86 -28.83
CA LYS F 209 -6.37 5.44 -27.49
C LYS F 209 -7.10 4.49 -26.56
N VAL F 210 -6.40 4.02 -25.53
CA VAL F 210 -7.02 3.24 -24.46
C VAL F 210 -7.71 4.21 -23.52
N GLY F 211 -8.99 3.97 -23.24
CA GLY F 211 -9.84 4.88 -22.49
C GLY F 211 -9.17 5.55 -21.31
N GLY F 212 -9.16 6.88 -21.31
CA GLY F 212 -8.52 7.63 -20.25
C GLY F 212 -8.50 9.10 -20.59
N SER F 213 -7.89 9.87 -19.70
CA SER F 213 -7.81 11.33 -19.84
C SER F 213 -6.80 11.66 -20.93
N SER F 214 -7.21 11.42 -22.18
CA SER F 214 -6.32 11.67 -23.31
C SER F 214 -6.07 13.16 -23.51
N ASN F 215 -7.04 14.00 -23.16
CA ASN F 215 -6.87 15.44 -23.34
C ASN F 215 -5.73 15.98 -22.48
N ILE F 216 -5.62 15.51 -21.24
CA ILE F 216 -4.63 16.04 -20.30
C ILE F 216 -3.41 15.14 -20.22
N PHE F 217 -3.61 13.82 -20.15
CA PHE F 217 -2.52 12.85 -20.10
C PHE F 217 -2.65 11.92 -21.31
N ASN F 218 -2.06 12.33 -22.44
CA ASN F 218 -2.10 11.52 -23.64
C ASN F 218 -1.04 10.43 -23.54
N TYR F 219 -1.49 9.19 -23.34
CA TYR F 219 -0.59 8.06 -23.12
C TYR F 219 -0.75 7.05 -24.24
N PRO F 220 0.22 6.91 -25.14
CA PRO F 220 0.11 5.88 -26.19
C PRO F 220 0.28 4.50 -25.58
N PHE F 221 -0.61 3.58 -25.96
CA PHE F 221 -0.59 2.23 -25.44
C PHE F 221 0.06 1.24 -26.41
N CYS F 222 0.71 1.72 -27.45
CA CYS F 222 1.46 0.84 -28.33
C CYS F 222 2.62 0.23 -27.54
N PRO F 223 2.98 -1.02 -27.82
CA PRO F 223 4.00 -1.69 -27.02
C PRO F 223 5.42 -1.48 -27.55
N ASP F 224 6.36 -1.39 -26.62
CA ASP F 224 7.78 -1.29 -26.95
C ASP F 224 8.56 -2.56 -26.61
N SER F 225 7.91 -3.56 -26.01
CA SER F 225 8.56 -4.81 -25.68
C SER F 225 7.49 -5.90 -25.67
N LEU F 226 7.80 -7.01 -26.35
CA LEU F 226 6.84 -8.08 -26.55
C LEU F 226 7.46 -9.44 -26.23
N VAL F 227 6.65 -10.31 -25.66
CA VAL F 227 7.00 -11.71 -25.45
C VAL F 227 5.79 -12.53 -25.88
N PHE F 228 5.82 -13.03 -27.12
CA PHE F 228 4.72 -13.79 -27.68
C PHE F 228 5.08 -15.27 -27.72
N GLN F 229 4.10 -16.11 -27.42
CA GLN F 229 4.26 -17.56 -27.49
C GLN F 229 3.16 -18.13 -28.37
N TRP F 230 3.55 -18.76 -29.47
CA TRP F 230 2.63 -19.39 -30.40
C TRP F 230 2.82 -20.90 -30.26
N THR F 231 2.08 -21.51 -29.33
CA THR F 231 2.21 -22.92 -29.01
C THR F 231 0.88 -23.62 -29.27
N ASN F 232 0.84 -24.91 -28.95
CA ASN F 232 -0.35 -25.73 -29.22
C ASN F 232 -0.79 -26.49 -27.98
N HIS F 233 -0.58 -25.92 -26.79
CA HIS F 233 -1.14 -26.48 -25.57
C HIS F 233 -1.45 -25.35 -24.60
N PHE F 234 -2.38 -25.63 -23.70
CA PHE F 234 -2.89 -24.61 -22.78
C PHE F 234 -2.00 -24.46 -21.54
N ALA F 235 -0.72 -24.16 -21.75
CA ALA F 235 0.21 -23.94 -20.66
C ALA F 235 1.14 -22.79 -21.05
N SER F 236 0.95 -21.64 -20.41
CA SER F 236 1.76 -20.45 -20.69
C SER F 236 2.47 -20.03 -19.42
N TYR F 237 3.76 -19.73 -19.55
CA TYR F 237 4.58 -19.28 -18.43
C TYR F 237 5.20 -17.92 -18.71
N ILE F 238 4.57 -17.15 -19.59
CA ILE F 238 5.05 -15.82 -19.97
C ILE F 238 4.17 -14.72 -19.39
N SER F 239 3.21 -15.06 -18.56
CA SER F 239 2.29 -14.07 -18.01
C SER F 239 3.04 -13.12 -17.10
N TYR F 240 2.96 -11.82 -17.41
CA TYR F 240 3.60 -10.77 -16.62
C TYR F 240 5.09 -11.05 -16.44
N CYS F 241 5.74 -11.41 -17.54
CA CYS F 241 7.17 -11.69 -17.49
C CYS F 241 7.97 -10.45 -17.15
N PHE F 242 7.61 -9.30 -17.73
CA PHE F 242 8.37 -8.08 -17.52
C PHE F 242 8.26 -7.62 -16.07
N GLU F 243 9.40 -7.31 -15.47
CA GLU F 243 9.45 -6.79 -14.11
C GLU F 243 10.81 -6.14 -13.92
N TYR F 244 10.82 -4.97 -13.29
CA TYR F 244 12.08 -4.30 -13.02
C TYR F 244 12.14 -3.76 -11.59
N CYS F 245 10.98 -3.51 -11.00
CA CYS F 245 10.88 -2.82 -9.72
C CYS F 245 11.75 -1.56 -9.73
N ASP F 246 12.93 -1.65 -9.08
CA ASP F 246 13.90 -0.55 -8.99
C ASP F 246 13.19 0.78 -8.75
N PRO F 247 12.25 0.81 -7.79
CA PRO F 247 11.16 1.79 -7.81
C PRO F 247 11.13 2.75 -9.00
N LYS F 248 11.36 4.03 -8.74
CA LYS F 248 11.14 5.07 -9.74
C LYS F 248 12.23 5.06 -10.81
N SER F 249 12.01 4.29 -11.87
CA SER F 249 12.94 4.23 -13.00
C SER F 249 12.16 3.70 -14.20
N LYS F 250 12.86 3.49 -15.33
CA LYS F 250 12.21 2.97 -16.52
C LYS F 250 13.07 1.97 -17.29
N GLU F 251 14.10 1.39 -16.67
CA GLU F 251 15.00 0.53 -17.42
C GLU F 251 14.29 -0.73 -17.92
N ALA F 252 13.41 -1.31 -17.10
CA ALA F 252 12.51 -2.38 -17.50
C ALA F 252 13.29 -3.61 -18.02
N LYS F 253 14.03 -4.22 -17.10
CA LYS F 253 14.66 -5.49 -17.40
C LYS F 253 13.59 -6.58 -17.57
N LEU F 254 13.93 -7.63 -18.31
CA LEU F 254 12.94 -8.66 -18.61
C LEU F 254 12.45 -9.37 -17.37
N SER F 255 13.31 -10.17 -16.75
CA SER F 255 12.95 -10.95 -15.56
C SER F 255 14.13 -11.80 -15.09
N GLN F 256 13.95 -12.48 -13.96
CA GLN F 256 14.82 -13.58 -13.57
C GLN F 256 14.09 -14.91 -13.52
N GLU F 257 12.80 -14.91 -13.18
CA GLU F 257 12.03 -16.15 -13.16
C GLU F 257 11.71 -16.62 -14.57
N PHE F 258 11.34 -15.69 -15.46
CA PHE F 258 11.10 -16.06 -16.86
C PHE F 258 12.36 -16.55 -17.54
N ILE F 259 13.49 -15.87 -17.29
CA ILE F 259 14.76 -16.32 -17.86
C ILE F 259 15.11 -17.70 -17.34
N ASP F 260 14.94 -17.94 -16.04
CA ASP F 260 15.22 -19.26 -15.48
C ASP F 260 14.29 -20.31 -16.08
N GLU F 261 13.03 -19.94 -16.33
CA GLU F 261 12.10 -20.86 -16.98
C GLU F 261 12.59 -21.23 -18.37
N VAL F 262 13.12 -20.26 -19.10
CA VAL F 262 13.68 -20.55 -20.43
C VAL F 262 14.89 -21.46 -20.32
N GLU F 263 15.79 -21.19 -19.37
CA GLU F 263 17.01 -21.98 -19.23
C GLU F 263 16.69 -23.42 -18.82
N CYS F 264 15.72 -23.61 -17.93
CA CYS F 264 15.51 -24.92 -17.32
C CYS F 264 15.14 -25.97 -18.35
N GLY F 265 14.48 -25.58 -19.44
CA GLY F 265 14.16 -26.53 -20.50
C GLY F 265 12.78 -26.37 -21.08
N GLN F 266 11.82 -25.92 -20.27
CA GLN F 266 10.49 -25.63 -20.80
C GLN F 266 10.48 -24.27 -21.47
N ILE F 267 9.35 -23.94 -22.09
CA ILE F 267 9.24 -22.79 -22.98
C ILE F 267 10.32 -22.91 -24.04
N ASP F 268 10.13 -23.84 -24.98
CA ASP F 268 11.13 -24.07 -26.00
C ASP F 268 11.30 -22.82 -26.85
N PRO F 269 12.54 -22.42 -27.16
CA PRO F 269 12.76 -21.16 -27.89
C PRO F 269 12.12 -21.13 -29.26
N SER F 270 11.87 -22.28 -29.88
CA SER F 270 11.22 -22.29 -31.19
C SER F 270 9.82 -21.71 -31.13
N LYS F 271 9.14 -21.84 -29.99
CA LYS F 271 7.79 -21.32 -29.82
C LYS F 271 7.76 -19.95 -29.18
N LEU F 272 8.92 -19.36 -28.88
CA LEU F 272 9.00 -18.09 -28.17
C LEU F 272 9.35 -16.97 -29.14
N TRP F 273 8.63 -15.85 -29.03
CA TRP F 273 8.86 -14.67 -29.85
C TRP F 273 9.06 -13.47 -28.95
N ILE F 274 10.24 -12.87 -29.04
CA ILE F 274 10.60 -11.70 -28.24
C ILE F 274 10.95 -10.56 -29.18
N GLY F 275 10.33 -9.41 -28.96
CA GLY F 275 10.60 -8.26 -29.80
C GLY F 275 10.46 -6.97 -29.01
N GLY F 276 11.19 -5.95 -29.47
CA GLY F 276 11.10 -4.64 -28.85
C GLY F 276 12.40 -4.12 -28.27
N THR F 277 12.31 -3.09 -27.44
CA THR F 277 13.51 -2.52 -26.83
C THR F 277 14.16 -3.46 -25.83
N ILE F 278 13.43 -4.48 -25.36
CA ILE F 278 14.02 -5.47 -24.46
C ILE F 278 15.09 -6.29 -25.17
N VAL F 279 15.08 -6.30 -26.50
CA VAL F 279 16.07 -7.06 -27.26
C VAL F 279 17.47 -6.51 -27.02
N LYS F 280 17.60 -5.19 -26.95
CA LYS F 280 18.92 -4.58 -26.74
C LYS F 280 19.50 -5.01 -25.41
N ASP F 281 18.68 -5.04 -24.35
CA ASP F 281 19.16 -5.50 -23.05
C ASP F 281 19.45 -7.00 -23.08
N LEU F 282 18.61 -7.77 -23.77
CA LEU F 282 18.80 -9.22 -23.83
C LEU F 282 20.12 -9.58 -24.51
N GLN F 283 20.43 -8.92 -25.62
CA GLN F 283 21.64 -9.23 -26.37
C GLN F 283 22.91 -8.75 -25.69
N GLN F 284 22.80 -7.86 -24.71
CA GLN F 284 23.96 -7.38 -23.97
C GLN F 284 24.30 -8.24 -22.76
N LEU F 285 23.48 -9.24 -22.45
CA LEU F 285 23.76 -10.12 -21.33
C LEU F 285 24.99 -10.98 -21.61
N ASP F 286 25.68 -11.36 -20.55
CA ASP F 286 26.79 -12.29 -20.67
C ASP F 286 26.28 -13.67 -21.07
N ASN F 287 27.17 -14.46 -21.68
CA ASN F 287 26.93 -15.82 -22.16
C ASN F 287 25.58 -15.96 -22.89
N PHE F 288 25.12 -14.89 -23.53
CA PHE F 288 23.86 -14.93 -24.25
C PHE F 288 23.93 -15.86 -25.45
N GLU F 289 25.08 -15.88 -26.13
CA GLU F 289 25.23 -16.72 -27.31
C GLU F 289 25.10 -18.20 -26.98
N SER F 290 25.52 -18.60 -25.78
CA SER F 290 25.41 -19.99 -25.34
C SER F 290 24.09 -20.30 -24.65
N SER F 291 23.33 -19.27 -24.26
CA SER F 291 22.09 -19.51 -23.56
C SER F 291 21.01 -20.01 -24.52
N PRO F 292 20.09 -20.86 -24.04
CA PRO F 292 18.96 -21.27 -24.88
C PRO F 292 18.08 -20.12 -25.32
N LEU F 293 18.10 -18.99 -24.60
CA LEU F 293 17.32 -17.82 -25.02
C LEU F 293 17.78 -17.28 -26.37
N ASN F 294 19.00 -17.63 -26.80
CA ASN F 294 19.52 -17.12 -28.07
C ASN F 294 18.73 -17.68 -29.25
N LYS F 295 18.39 -18.96 -29.22
CA LYS F 295 17.73 -19.60 -30.35
C LYS F 295 16.24 -19.32 -30.41
N ALA F 296 15.75 -18.34 -29.66
CA ALA F 296 14.37 -17.89 -29.78
C ALA F 296 14.27 -16.83 -30.87
N HIS F 297 13.05 -16.65 -31.37
CA HIS F 297 12.81 -15.66 -32.42
C HIS F 297 12.89 -14.27 -31.80
N ILE F 298 14.07 -13.65 -31.87
CA ILE F 298 14.32 -12.37 -31.25
C ILE F 298 14.59 -11.35 -32.35
N TYR F 299 13.73 -10.34 -32.43
CA TYR F 299 13.87 -9.26 -33.40
C TYR F 299 13.80 -7.92 -32.67
N ARG F 300 14.77 -7.05 -32.93
CA ARG F 300 14.70 -5.71 -32.35
C ARG F 300 13.55 -4.92 -32.96
N ASN F 301 13.34 -5.05 -34.26
CA ASN F 301 12.22 -4.39 -34.93
C ASN F 301 10.94 -5.16 -34.68
N ARG F 302 9.93 -4.46 -34.15
CA ARG F 302 8.67 -5.13 -33.83
C ARG F 302 7.96 -5.60 -35.09
N ASN F 303 8.01 -4.79 -36.17
CA ASN F 303 7.30 -5.14 -37.39
C ASN F 303 7.86 -6.41 -38.01
N GLU F 304 9.18 -6.59 -37.99
CA GLU F 304 9.77 -7.80 -38.54
C GLU F 304 9.33 -9.04 -37.79
N MET F 305 9.34 -8.98 -36.45
CA MET F 305 8.90 -10.13 -35.67
C MET F 305 7.42 -10.40 -35.91
N ILE F 306 6.62 -9.35 -36.03
CA ILE F 306 5.19 -9.53 -36.30
C ILE F 306 4.99 -10.21 -37.66
N GLU F 307 5.76 -9.78 -38.67
CA GLU F 307 5.66 -10.40 -39.98
C GLU F 307 6.03 -11.88 -39.94
N ALA F 308 7.13 -12.21 -39.25
CA ALA F 308 7.54 -13.60 -39.15
C ALA F 308 6.51 -14.43 -38.39
N LEU F 309 5.99 -13.89 -37.29
CA LEU F 309 4.98 -14.61 -36.52
C LEU F 309 3.71 -14.81 -37.31
N LYS F 310 3.29 -13.80 -38.09
CA LYS F 310 2.11 -13.95 -38.93
C LYS F 310 2.35 -14.97 -40.04
N THR F 311 3.56 -15.02 -40.59
CA THR F 311 3.87 -16.07 -41.57
C THR F 311 3.74 -17.45 -40.94
N VAL F 312 4.28 -17.62 -39.73
CA VAL F 312 4.19 -18.90 -39.04
C VAL F 312 2.74 -19.26 -38.76
N ILE F 313 1.95 -18.28 -38.31
CA ILE F 313 0.55 -18.51 -37.98
C ILE F 313 -0.24 -18.89 -39.23
N LYS F 314 0.00 -18.19 -40.34
CA LYS F 314 -0.69 -18.52 -41.59
C LYS F 314 -0.31 -19.91 -42.08
N ARG F 315 0.96 -20.28 -41.93
CA ARG F 315 1.36 -21.64 -42.31
C ARG F 315 0.69 -22.68 -41.45
N ASP F 316 0.60 -22.43 -40.13
CA ASP F 316 0.06 -23.42 -39.22
C ASP F 316 -1.45 -23.56 -39.34
N LEU F 317 -2.15 -22.45 -39.59
CA LEU F 317 -3.60 -22.44 -39.65
C LEU F 317 -4.15 -22.71 -41.04
N GLY F 318 -3.29 -22.88 -42.04
CA GLY F 318 -3.75 -23.16 -43.38
C GLY F 318 -4.39 -21.99 -44.09
N LEU F 319 -4.07 -20.76 -43.69
CA LEU F 319 -4.62 -19.58 -44.34
C LEU F 319 -4.00 -19.37 -45.72
N PRO G 12 -0.40 -54.11 -6.21
CA PRO G 12 -0.52 -53.30 -4.99
C PRO G 12 -1.50 -52.15 -5.15
N ASN G 13 -1.65 -51.34 -4.12
CA ASN G 13 -2.55 -50.19 -4.12
C ASN G 13 -1.69 -48.93 -4.15
N TYR G 14 -1.64 -48.27 -5.30
CA TYR G 14 -0.81 -47.09 -5.49
C TYR G 14 -1.68 -45.84 -5.58
N TYR G 15 -1.26 -44.79 -4.88
CA TYR G 15 -1.94 -43.51 -4.88
C TYR G 15 -0.97 -42.41 -5.29
N LEU G 16 -1.47 -41.44 -6.05
CA LEU G 16 -0.70 -40.28 -6.47
C LEU G 16 -1.30 -39.05 -5.79
N TYR G 17 -0.70 -38.63 -4.69
CA TYR G 17 -1.09 -37.41 -4.00
C TYR G 17 -0.24 -36.26 -4.50
N GLY G 18 -0.83 -35.07 -4.55
CA GLY G 18 -0.11 -33.91 -5.03
C GLY G 18 -0.70 -32.58 -4.64
N THR G 19 0.17 -31.64 -4.25
CA THR G 19 -0.21 -30.26 -4.03
C THR G 19 0.47 -29.41 -5.11
N VAL G 20 -0.34 -28.67 -5.85
CA VAL G 20 0.13 -27.92 -7.01
C VAL G 20 -0.22 -26.44 -6.82
N LEU G 21 0.78 -25.58 -7.05
CA LEU G 21 0.65 -24.15 -6.89
C LEU G 21 0.61 -23.48 -8.26
N THR G 22 -0.24 -22.48 -8.39
CA THR G 22 -0.41 -21.76 -9.65
C THR G 22 0.44 -20.48 -9.66
N ARG G 23 0.48 -19.83 -10.81
CA ARG G 23 1.25 -18.62 -10.98
C ARG G 23 0.54 -17.43 -10.34
N TYR G 24 1.28 -16.33 -10.21
CA TYR G 24 0.73 -15.10 -9.66
C TYR G 24 0.00 -14.32 -10.74
N GLY G 25 -1.18 -13.84 -10.40
CA GLY G 25 -1.96 -13.05 -11.34
C GLY G 25 -3.27 -12.61 -10.70
N LEU G 26 -4.04 -11.86 -11.50
CA LEU G 26 -5.34 -11.37 -11.06
C LEU G 26 -6.41 -12.39 -11.42
N ALA G 27 -7.23 -12.75 -10.44
CA ALA G 27 -8.14 -13.89 -10.59
C ALA G 27 -9.54 -13.53 -10.10
N SER G 28 -10.53 -13.94 -10.87
CA SER G 28 -11.94 -13.79 -10.51
C SER G 28 -12.73 -15.03 -10.93
N LEU G 29 -12.20 -16.21 -10.64
CA LEU G 29 -12.77 -17.44 -11.18
C LEU G 29 -13.88 -18.03 -10.32
N ASN G 30 -14.24 -17.41 -9.20
CA ASN G 30 -15.09 -18.07 -8.23
C ASN G 30 -16.22 -17.17 -7.74
N HIS G 31 -16.94 -16.56 -8.67
CA HIS G 31 -18.09 -15.75 -8.28
C HIS G 31 -19.16 -16.62 -7.61
N ASP G 32 -19.69 -16.13 -6.51
CA ASP G 32 -20.85 -16.75 -5.86
C ASP G 32 -22.10 -15.92 -6.15
N ILE G 33 -23.18 -16.23 -5.45
CA ILE G 33 -24.42 -15.46 -5.60
C ILE G 33 -24.13 -13.98 -5.36
N ARG G 34 -24.36 -13.17 -6.38
CA ARG G 34 -24.03 -11.75 -6.30
C ARG G 34 -24.98 -11.01 -5.36
N ARG G 35 -24.43 -10.01 -4.69
CA ARG G 35 -25.20 -9.15 -3.79
C ARG G 35 -25.46 -7.82 -4.50
N GLY G 36 -26.67 -7.66 -5.04
CA GLY G 36 -27.04 -6.44 -5.70
C GLY G 36 -26.24 -6.13 -6.94
N ASN G 37 -25.37 -5.12 -6.87
CA ASN G 37 -24.62 -4.65 -8.02
C ASN G 37 -23.29 -5.38 -8.18
N LYS G 38 -22.54 -5.52 -7.09
CA LYS G 38 -21.19 -6.04 -7.17
C LYS G 38 -21.18 -7.56 -7.20
N THR G 39 -20.26 -8.12 -7.99
CA THR G 39 -20.12 -9.56 -8.16
C THR G 39 -19.12 -10.06 -7.12
N ILE G 40 -19.62 -10.82 -6.15
CA ILE G 40 -18.79 -11.31 -5.06
C ILE G 40 -18.12 -12.62 -5.48
N LEU G 41 -16.82 -12.72 -5.26
CA LEU G 41 -16.10 -13.96 -5.51
C LEU G 41 -16.08 -14.79 -4.23
N GLN G 42 -16.10 -16.11 -4.39
CA GLN G 42 -16.21 -17.02 -3.26
C GLN G 42 -15.01 -16.89 -2.34
N LYS G 43 -15.27 -16.75 -1.04
CA LYS G 43 -14.21 -16.58 -0.07
C LYS G 43 -14.65 -17.13 1.27
N GLY G 44 -13.68 -17.32 2.17
CA GLY G 44 -13.96 -17.82 3.49
C GLY G 44 -12.69 -17.82 4.32
N TYR G 45 -12.83 -18.28 5.55
CA TYR G 45 -11.71 -18.26 6.49
C TYR G 45 -10.74 -19.39 6.20
N TRP G 46 -9.47 -19.14 6.54
CA TRP G 46 -8.37 -20.04 6.25
C TRP G 46 -7.33 -19.85 7.36
N ASN G 47 -6.08 -20.25 7.07
CA ASN G 47 -4.96 -20.10 7.99
C ASN G 47 -5.04 -18.82 8.81
N ASN G 48 -4.84 -18.96 10.12
CA ASN G 48 -4.71 -17.88 11.10
C ASN G 48 -5.79 -16.79 10.97
N GLY G 49 -6.99 -17.17 10.54
CA GLY G 49 -8.16 -16.34 10.73
C GLY G 49 -8.41 -15.26 9.70
N LYS G 50 -7.64 -15.22 8.61
CA LYS G 50 -7.88 -14.23 7.57
C LYS G 50 -8.67 -14.87 6.42
N ILE G 51 -9.40 -14.03 5.71
CA ILE G 51 -10.30 -14.50 4.66
C ILE G 51 -9.52 -14.73 3.38
N HIS G 52 -9.63 -15.92 2.81
CA HIS G 52 -8.99 -16.29 1.56
C HIS G 52 -10.05 -16.58 0.51
N SER G 53 -9.67 -16.42 -0.74
CA SER G 53 -10.57 -16.69 -1.86
C SER G 53 -10.36 -18.13 -2.32
N PHE G 54 -11.46 -18.87 -2.46
CA PHE G 54 -11.44 -20.27 -2.81
C PHE G 54 -11.95 -20.47 -4.23
N VAL G 55 -11.28 -21.35 -4.98
CA VAL G 55 -11.74 -21.81 -6.28
C VAL G 55 -12.23 -23.24 -6.11
N GLY G 56 -13.47 -23.48 -6.51
CA GLY G 56 -14.06 -24.80 -6.29
C GLY G 56 -13.33 -25.89 -7.02
N SER G 57 -13.30 -27.08 -6.41
CA SER G 57 -12.66 -28.22 -7.04
C SER G 57 -13.45 -28.73 -8.23
N SER G 58 -14.76 -28.46 -8.26
CA SER G 58 -15.55 -28.82 -9.44
C SER G 58 -15.07 -28.06 -10.67
N ALA G 59 -14.53 -26.85 -10.49
CA ALA G 59 -13.95 -26.13 -11.61
C ALA G 59 -12.77 -26.87 -12.19
N ILE G 60 -11.87 -27.38 -11.34
CA ILE G 60 -10.71 -28.09 -11.82
C ILE G 60 -11.12 -29.42 -12.44
N ARG G 61 -12.13 -30.08 -11.88
CA ARG G 61 -12.63 -31.31 -12.47
C ARG G 61 -13.23 -31.07 -13.85
N TRP G 62 -13.98 -29.97 -14.00
CA TRP G 62 -14.51 -29.62 -15.31
C TRP G 62 -13.38 -29.31 -16.30
N ALA G 63 -12.34 -28.62 -15.83
CA ALA G 63 -11.21 -28.33 -16.69
C ALA G 63 -10.51 -29.61 -17.15
N LEU G 64 -10.35 -30.57 -16.24
CA LEU G 64 -9.76 -31.85 -16.62
C LEU G 64 -10.64 -32.61 -17.62
N ARG G 65 -11.96 -32.58 -17.40
CA ARG G 65 -12.87 -33.20 -18.36
C ARG G 65 -12.76 -32.55 -19.73
N PHE G 66 -12.67 -31.22 -19.77
CA PHE G 66 -12.53 -30.52 -21.03
C PHE G 66 -11.20 -30.85 -21.70
N TYR G 67 -10.14 -30.99 -20.92
CA TYR G 67 -8.85 -31.40 -21.48
C TYR G 67 -8.95 -32.77 -22.12
N LEU G 68 -9.60 -33.72 -21.42
CA LEU G 68 -9.76 -35.05 -21.97
C LEU G 68 -10.58 -35.03 -23.25
N GLN G 69 -11.62 -34.21 -23.29
CA GLN G 69 -12.43 -34.09 -24.49
C GLN G 69 -11.63 -33.49 -25.65
N LYS G 70 -10.86 -32.44 -25.38
CA LYS G 70 -10.13 -31.75 -26.45
C LYS G 70 -9.00 -32.61 -26.99
N GLN G 71 -8.33 -33.38 -26.13
CA GLN G 71 -7.21 -34.19 -26.57
C GLN G 71 -7.64 -35.36 -27.45
N GLY G 72 -8.93 -35.65 -27.54
CA GLY G 72 -9.42 -36.70 -28.39
C GLY G 72 -9.75 -38.00 -27.69
N TYR G 73 -9.65 -38.06 -26.37
CA TYR G 73 -10.00 -39.27 -25.65
C TYR G 73 -11.50 -39.48 -25.64
N LEU G 74 -11.91 -40.74 -25.54
CA LEU G 74 -13.32 -41.08 -25.53
C LEU G 74 -13.94 -40.63 -24.22
N VAL G 75 -14.85 -39.65 -24.30
CA VAL G 75 -15.46 -39.04 -23.13
C VAL G 75 -16.97 -39.12 -23.28
N ASN G 76 -17.66 -39.59 -22.24
CA ASN G 76 -19.11 -39.75 -22.29
C ASN G 76 -19.81 -38.40 -22.39
N ARG G 77 -19.45 -37.46 -21.52
CA ARG G 77 -20.12 -36.16 -21.47
C ARG G 77 -19.38 -35.19 -22.38
N VAL G 78 -19.95 -34.94 -23.55
CA VAL G 78 -19.36 -34.03 -24.51
C VAL G 78 -19.92 -32.63 -24.29
N TRP G 79 -19.02 -31.65 -24.22
CA TRP G 79 -19.37 -30.26 -23.96
C TRP G 79 -19.37 -29.50 -25.28
N ASP G 80 -20.52 -28.97 -25.65
CA ASP G 80 -20.63 -28.18 -26.89
C ASP G 80 -20.18 -26.75 -26.62
N GLU G 81 -19.04 -26.36 -27.20
CA GLU G 81 -18.52 -25.02 -26.98
C GLU G 81 -19.43 -23.97 -27.60
N GLU G 82 -19.98 -24.24 -28.77
CA GLU G 82 -20.83 -23.26 -29.44
C GLU G 82 -22.21 -23.18 -28.80
N GLU G 83 -22.72 -24.29 -28.27
CA GLU G 83 -24.04 -24.32 -27.69
C GLU G 83 -24.04 -24.14 -26.17
N HIS G 84 -22.89 -24.30 -25.52
CA HIS G 84 -22.77 -24.18 -24.07
C HIS G 84 -23.74 -25.12 -23.35
N ILE G 85 -23.83 -26.35 -23.86
CA ILE G 85 -24.67 -27.38 -23.26
C ILE G 85 -23.85 -28.66 -23.16
N ASN G 86 -24.32 -29.57 -22.31
CA ASN G 86 -23.67 -30.85 -22.06
C ASN G 86 -24.52 -31.97 -22.64
N ARG G 87 -23.89 -32.85 -23.42
CA ARG G 87 -24.58 -33.96 -24.05
C ARG G 87 -23.87 -35.26 -23.71
N LEU G 88 -24.66 -36.31 -23.49
CA LEU G 88 -24.15 -37.63 -23.14
C LEU G 88 -24.22 -38.53 -24.37
N THR G 89 -23.07 -39.09 -24.76
CA THR G 89 -23.05 -40.01 -25.88
C THR G 89 -23.86 -41.27 -25.58
N SER G 90 -23.73 -41.80 -24.37
CA SER G 90 -24.48 -42.96 -23.94
C SER G 90 -25.23 -42.61 -22.66
N GLU G 91 -26.54 -42.89 -22.64
CA GLU G 91 -27.33 -42.60 -21.45
C GLU G 91 -26.91 -43.47 -20.28
N ASP G 92 -26.42 -44.68 -20.56
CA ASP G 92 -25.92 -45.57 -19.54
C ASP G 92 -24.42 -45.35 -19.38
N PHE G 93 -23.99 -44.98 -18.18
CA PHE G 93 -22.58 -44.72 -17.93
C PHE G 93 -21.79 -46.02 -18.01
N ASP G 94 -20.69 -46.00 -18.76
CA ASP G 94 -19.84 -47.17 -18.96
C ASP G 94 -18.41 -46.78 -18.61
N PRO G 95 -17.99 -46.98 -17.37
CA PRO G 95 -16.61 -46.63 -16.99
C PRO G 95 -15.55 -47.43 -17.72
N GLU G 96 -15.91 -48.58 -18.29
CA GLU G 96 -14.92 -49.39 -19.01
C GLU G 96 -14.50 -48.72 -20.31
N LYS G 97 -15.40 -47.98 -20.96
CA LYS G 97 -15.14 -47.40 -22.27
C LYS G 97 -14.83 -45.91 -22.23
N PHE G 98 -15.49 -45.17 -21.35
CA PHE G 98 -15.38 -43.71 -21.33
C PHE G 98 -14.37 -43.28 -20.26
N TYR G 99 -13.48 -42.36 -20.64
CA TYR G 99 -12.48 -41.87 -19.69
C TYR G 99 -13.11 -41.11 -18.55
N ASP G 100 -14.08 -40.23 -18.85
CA ASP G 100 -14.65 -39.38 -17.80
C ASP G 100 -15.42 -40.20 -16.77
N ASP G 101 -16.17 -41.20 -17.23
CA ASP G 101 -16.90 -42.05 -16.28
C ASP G 101 -15.93 -42.85 -15.42
N ASP G 102 -14.84 -43.34 -16.01
CA ASP G 102 -13.86 -44.11 -15.26
C ASP G 102 -13.17 -43.25 -14.21
N ILE G 103 -12.85 -41.99 -14.56
CA ILE G 103 -12.01 -41.15 -13.72
C ILE G 103 -12.85 -40.42 -12.68
N PHE G 104 -13.81 -39.62 -13.13
CA PHE G 104 -14.59 -38.76 -12.25
C PHE G 104 -15.81 -39.44 -11.67
N GLY G 105 -16.15 -40.65 -12.12
CA GLY G 105 -17.33 -41.31 -11.61
C GLY G 105 -18.62 -40.71 -12.15
N PHE G 106 -19.72 -41.18 -11.60
CA PHE G 106 -21.05 -40.73 -12.01
C PHE G 106 -22.04 -41.10 -10.93
N ALA G 107 -23.24 -40.51 -11.04
CA ALA G 107 -24.32 -40.81 -10.10
C ALA G 107 -25.63 -40.52 -10.81
N LEU G 108 -26.32 -41.58 -11.24
CA LEU G 108 -27.61 -41.45 -11.93
C LEU G 108 -28.71 -41.53 -10.89
N LEU G 109 -29.33 -40.39 -10.61
CA LEU G 109 -30.37 -40.29 -9.58
C LEU G 109 -31.68 -39.94 -10.27
N GLU G 110 -32.46 -40.97 -10.59
CA GLU G 110 -33.75 -40.80 -11.22
C GLU G 110 -34.67 -41.94 -10.81
N SER G 111 -35.97 -41.71 -10.92
CA SER G 111 -36.96 -42.70 -10.53
C SER G 111 -36.96 -43.89 -11.49
N SER G 131 -28.99 -53.81 -14.21
CA SER G 131 -27.83 -54.34 -14.91
C SER G 131 -26.57 -53.57 -14.54
N THR G 132 -26.30 -52.50 -15.28
CA THR G 132 -25.14 -51.69 -15.02
C THR G 132 -25.30 -50.91 -13.71
N PRO G 133 -24.21 -50.67 -12.99
CA PRO G 133 -24.30 -49.89 -11.74
C PRO G 133 -24.75 -48.47 -12.01
N ASN G 134 -25.44 -47.89 -11.04
CA ASN G 134 -25.97 -46.54 -11.17
C ASN G 134 -25.03 -45.46 -10.67
N GLN G 135 -23.90 -45.84 -10.06
CA GLN G 135 -22.98 -44.85 -9.52
C GLN G 135 -21.57 -45.44 -9.47
N ARG G 136 -20.59 -44.55 -9.40
CA ARG G 136 -19.19 -44.94 -9.28
C ARG G 136 -18.46 -43.94 -8.40
N MET G 137 -17.50 -44.44 -7.64
CA MET G 137 -16.80 -43.59 -6.68
C MET G 137 -15.79 -42.67 -7.34
N GLY G 138 -15.28 -43.03 -8.51
CA GLY G 138 -14.34 -42.17 -9.21
C GLY G 138 -12.94 -42.25 -8.66
N ALA G 139 -11.96 -42.42 -9.55
CA ALA G 139 -10.57 -42.54 -9.10
C ALA G 139 -10.02 -41.22 -8.59
N LEU G 140 -10.38 -40.12 -9.24
CA LEU G 140 -9.80 -38.83 -8.91
C LEU G 140 -10.54 -38.18 -7.74
N GLY G 141 -9.79 -37.80 -6.72
CA GLY G 141 -10.33 -37.04 -5.62
C GLY G 141 -9.58 -35.73 -5.44
N MET G 142 -10.30 -34.61 -5.52
CA MET G 142 -9.69 -33.29 -5.54
C MET G 142 -10.29 -32.43 -4.42
N ASN G 143 -9.47 -31.52 -3.89
CA ASN G 143 -9.90 -30.59 -2.87
C ASN G 143 -9.95 -29.17 -3.43
N MET G 144 -10.60 -28.29 -2.69
CA MET G 144 -10.82 -26.93 -3.14
C MET G 144 -9.51 -26.17 -3.25
N ALA G 145 -9.44 -25.28 -4.24
CA ALA G 145 -8.25 -24.47 -4.49
C ALA G 145 -8.28 -23.25 -3.58
N VAL G 146 -7.19 -23.02 -2.86
CA VAL G 146 -7.13 -21.97 -1.86
C VAL G 146 -6.09 -20.94 -2.27
N SER G 147 -6.46 -19.67 -2.20
CA SER G 147 -5.52 -18.59 -2.47
C SER G 147 -4.41 -18.60 -1.44
N LEU G 148 -3.16 -18.50 -1.90
CA LEU G 148 -2.03 -18.51 -0.99
C LEU G 148 -1.98 -17.26 -0.12
N THR G 149 -2.49 -16.15 -0.63
CA THR G 149 -2.48 -14.86 0.02
C THR G 149 -3.88 -14.46 0.48
N PRO G 150 -4.03 -13.94 1.70
CA PRO G 150 -5.36 -13.53 2.16
C PRO G 150 -5.95 -12.44 1.28
N TYR G 151 -7.28 -12.47 1.15
CA TYR G 151 -7.98 -11.55 0.28
C TYR G 151 -8.00 -10.16 0.90
N ASP G 152 -7.43 -9.18 0.21
CA ASP G 152 -7.34 -7.82 0.74
C ASP G 152 -8.68 -7.10 0.66
N GLY G 153 -9.42 -7.29 -0.44
CA GLY G 153 -10.68 -6.60 -0.62
C GLY G 153 -10.71 -5.76 -1.88
N ALA G 154 -9.85 -6.10 -2.84
CA ALA G 154 -9.78 -5.34 -4.08
C ALA G 154 -11.05 -5.53 -4.91
N VAL G 155 -11.52 -4.43 -5.51
CA VAL G 155 -12.67 -4.45 -6.39
C VAL G 155 -12.34 -3.64 -7.63
N LYS G 156 -13.02 -3.95 -8.74
CA LYS G 156 -12.82 -3.26 -10.00
C LYS G 156 -14.18 -2.80 -10.53
N LEU G 157 -14.25 -1.55 -10.95
CA LEU G 157 -15.48 -0.98 -11.50
C LEU G 157 -15.56 -1.24 -13.00
N GLY G 158 -16.71 -1.71 -13.45
CA GLY G 158 -16.99 -1.83 -14.87
C GLY G 158 -18.21 -1.00 -15.23
N ALA G 159 -18.16 -0.41 -16.42
CA ALA G 159 -19.25 0.47 -16.85
C ALA G 159 -19.35 0.43 -18.37
N LYS G 160 -20.58 0.30 -18.87
CA LYS G 160 -20.80 0.27 -20.31
C LYS G 160 -20.55 1.66 -20.90
N SER G 161 -19.81 1.71 -21.99
CA SER G 161 -19.53 2.99 -22.65
C SER G 161 -20.81 3.56 -23.26
N GLY G 162 -20.87 4.88 -23.30
CA GLY G 162 -22.02 5.55 -23.86
C GLY G 162 -22.73 6.39 -22.81
N ARG G 163 -23.22 7.55 -23.22
CA ARG G 163 -23.97 8.42 -22.32
C ARG G 163 -25.41 7.96 -22.12
N GLU G 164 -25.88 7.02 -22.93
CA GLU G 164 -27.19 6.41 -22.73
C GLU G 164 -27.04 5.33 -21.67
N LYS G 165 -27.34 5.68 -20.42
CA LYS G 165 -27.07 4.82 -19.28
C LYS G 165 -28.38 4.33 -18.67
N ASP G 166 -28.43 3.04 -18.34
CA ASP G 166 -29.62 2.43 -17.76
C ASP G 166 -29.26 1.68 -16.48
N SER G 167 -30.20 0.87 -15.98
CA SER G 167 -29.99 0.17 -14.72
C SER G 167 -28.77 -0.75 -14.78
N THR G 168 -28.44 -1.27 -15.96
CA THR G 168 -27.31 -2.17 -16.13
C THR G 168 -26.08 -1.46 -16.71
N SER G 169 -25.86 -0.21 -16.33
CA SER G 169 -24.76 0.56 -16.91
C SER G 169 -23.43 0.25 -16.21
N LEU G 170 -23.36 0.51 -14.90
CA LEU G 170 -22.13 0.35 -14.15
C LEU G 170 -22.25 -0.80 -13.16
N HIS G 171 -21.11 -1.43 -12.86
CA HIS G 171 -21.08 -2.59 -12.00
C HIS G 171 -19.69 -2.74 -11.41
N PHE G 172 -19.59 -3.62 -10.41
CA PHE G 172 -18.32 -3.89 -9.73
C PHE G 172 -18.03 -5.38 -9.76
N THR G 173 -16.77 -5.72 -9.94
CA THR G 173 -16.31 -7.11 -9.93
C THR G 173 -15.11 -7.22 -9.01
N GLU G 174 -15.15 -8.20 -8.11
CA GLU G 174 -14.07 -8.43 -7.17
C GLU G 174 -13.01 -9.33 -7.80
N TYR G 175 -11.76 -8.93 -7.66
CA TYR G 175 -10.62 -9.69 -8.16
C TYR G 175 -9.62 -9.90 -7.04
N HIS G 176 -8.69 -10.82 -7.26
CA HIS G 176 -7.70 -11.16 -6.26
C HIS G 176 -6.36 -11.44 -6.94
N ALA G 177 -5.32 -10.75 -6.49
CA ALA G 177 -3.97 -10.93 -7.02
C ALA G 177 -3.23 -11.89 -6.09
N THR G 178 -3.21 -13.17 -6.46
CA THR G 178 -2.63 -14.19 -5.61
C THR G 178 -2.31 -15.42 -6.44
N ARG G 179 -1.74 -16.41 -5.77
CA ARG G 179 -1.53 -17.73 -6.34
C ARG G 179 -2.45 -18.73 -5.66
N TYR G 180 -3.05 -19.62 -6.45
CA TYR G 180 -3.97 -20.61 -5.94
C TYR G 180 -3.28 -21.97 -5.84
N GLN G 181 -3.46 -22.63 -4.71
CA GLN G 181 -2.93 -23.97 -4.50
C GLN G 181 -4.08 -24.91 -4.19
N TYR G 182 -4.00 -26.12 -4.71
CA TYR G 182 -5.05 -27.11 -4.49
C TYR G 182 -4.41 -28.49 -4.34
N TYR G 183 -5.16 -29.38 -3.69
CA TYR G 183 -4.69 -30.70 -3.34
C TYR G 183 -5.58 -31.74 -4.01
N PHE G 184 -4.95 -32.74 -4.63
CA PHE G 184 -5.67 -33.78 -5.34
C PHE G 184 -5.08 -35.14 -4.97
N GLY G 185 -5.90 -36.18 -5.11
CA GLY G 185 -5.47 -37.53 -4.85
C GLY G 185 -6.08 -38.51 -5.83
N ILE G 186 -5.26 -39.44 -6.34
CA ILE G 186 -5.69 -40.41 -7.33
C ILE G 186 -5.49 -41.80 -6.77
N ASP G 187 -6.53 -42.63 -6.84
CA ASP G 187 -6.45 -44.05 -6.50
C ASP G 187 -6.25 -44.80 -7.82
N ALA G 188 -4.99 -45.08 -8.14
CA ALA G 188 -4.66 -45.67 -9.44
C ALA G 188 -5.30 -47.04 -9.60
N THR G 189 -5.31 -47.85 -8.55
CA THR G 189 -5.90 -49.18 -8.63
C THR G 189 -7.40 -49.10 -8.86
N HIS G 190 -8.05 -48.04 -8.40
CA HIS G 190 -9.48 -47.88 -8.59
C HIS G 190 -9.85 -47.66 -10.05
N LEU G 191 -8.90 -47.25 -10.88
CA LEU G 191 -9.18 -47.03 -12.30
C LEU G 191 -9.52 -48.33 -12.99
N LYS G 192 -10.55 -48.28 -13.85
CA LYS G 192 -10.89 -49.46 -14.64
C LYS G 192 -9.76 -49.81 -15.59
N ASP G 193 -9.15 -48.81 -16.22
CA ASP G 193 -7.97 -48.99 -17.05
C ASP G 193 -6.83 -48.22 -16.40
N PHE G 194 -5.74 -48.94 -16.10
CA PHE G 194 -4.63 -48.33 -15.37
C PHE G 194 -3.91 -47.29 -16.20
N SER G 195 -3.92 -47.43 -17.53
CA SER G 195 -3.20 -46.50 -18.40
C SER G 195 -3.83 -45.12 -18.44
N ARG G 196 -5.04 -44.95 -17.90
CA ARG G 196 -5.73 -43.67 -17.95
C ARG G 196 -5.17 -42.65 -16.98
N ILE G 197 -4.24 -43.05 -16.09
CA ILE G 197 -3.69 -42.08 -15.14
C ILE G 197 -2.76 -41.09 -15.84
N LEU G 198 -2.06 -41.52 -16.88
CA LEU G 198 -1.14 -40.62 -17.59
C LEU G 198 -1.86 -39.44 -18.23
N PRO G 199 -2.97 -39.62 -18.95
CA PRO G 199 -3.69 -38.43 -19.46
C PRO G 199 -4.13 -37.50 -18.36
N MET G 200 -4.47 -38.01 -17.18
CA MET G 200 -4.85 -37.14 -16.07
C MET G 200 -3.68 -36.28 -15.62
N ILE G 201 -2.48 -36.86 -15.53
CA ILE G 201 -1.30 -36.10 -15.18
C ILE G 201 -1.01 -35.04 -16.24
N ASP G 202 -1.11 -35.42 -17.51
CA ASP G 202 -0.89 -34.46 -18.59
C ASP G 202 -1.89 -33.32 -18.51
N GLY G 203 -3.15 -33.62 -18.21
CA GLY G 203 -4.15 -32.58 -18.06
C GLY G 203 -3.87 -31.68 -16.87
N ILE G 204 -3.40 -32.27 -15.77
CA ILE G 204 -3.04 -31.46 -14.61
C ILE G 204 -1.94 -30.48 -14.96
N MET G 205 -0.93 -30.94 -15.71
CA MET G 205 0.15 -30.03 -16.10
C MET G 205 -0.22 -29.17 -17.30
N ASN G 206 -1.29 -29.51 -18.02
CA ASN G 206 -1.73 -28.71 -19.15
C ASN G 206 -3.20 -28.34 -18.98
N LEU G 207 -3.55 -27.83 -17.81
CA LEU G 207 -4.95 -27.58 -17.49
C LEU G 207 -5.50 -26.48 -18.40
N PRO G 208 -6.65 -26.70 -19.04
CA PRO G 208 -7.30 -25.62 -19.80
C PRO G 208 -7.83 -24.55 -18.87
N LYS G 209 -8.55 -23.57 -19.42
CA LYS G 209 -9.10 -22.51 -18.60
C LYS G 209 -9.99 -23.09 -17.51
N VAL G 210 -9.72 -22.68 -16.27
CA VAL G 210 -10.56 -23.05 -15.13
C VAL G 210 -11.68 -22.02 -15.04
N GLY G 211 -12.91 -22.52 -14.95
CA GLY G 211 -14.11 -21.68 -15.02
C GLY G 211 -14.01 -20.38 -14.25
N GLY G 212 -14.11 -19.27 -14.97
CA GLY G 212 -13.98 -17.96 -14.36
C GLY G 212 -14.40 -16.84 -15.28
N SER G 213 -13.72 -15.71 -15.22
CA SER G 213 -13.98 -14.58 -16.11
C SER G 213 -12.75 -14.40 -17.00
N SER G 214 -12.71 -15.18 -18.08
CA SER G 214 -11.55 -15.15 -18.98
C SER G 214 -11.50 -13.89 -19.82
N ASN G 215 -12.65 -13.25 -20.06
CA ASN G 215 -12.68 -12.06 -20.90
C ASN G 215 -11.87 -10.92 -20.29
N ILE G 216 -12.00 -10.72 -18.98
CA ILE G 216 -11.35 -9.60 -18.32
C ILE G 216 -10.31 -10.03 -17.29
N PHE G 217 -10.37 -11.24 -16.76
CA PHE G 217 -9.36 -11.74 -15.81
C PHE G 217 -8.90 -13.11 -16.30
N ASN G 218 -7.93 -13.10 -17.22
CA ASN G 218 -7.43 -14.33 -17.82
C ASN G 218 -6.33 -14.88 -16.91
N TYR G 219 -6.69 -15.85 -16.08
CA TYR G 219 -5.78 -16.41 -15.09
C TYR G 219 -5.35 -17.81 -15.52
N PRO G 220 -4.12 -18.01 -15.98
CA PRO G 220 -3.69 -19.36 -16.33
C PRO G 220 -3.51 -20.22 -15.08
N PHE G 221 -4.12 -21.40 -15.11
CA PHE G 221 -4.11 -22.32 -13.98
C PHE G 221 -3.07 -23.42 -14.13
N CYS G 222 -2.15 -23.28 -15.08
CA CYS G 222 -1.10 -24.27 -15.25
C CYS G 222 -0.17 -24.27 -14.04
N PRO G 223 0.32 -25.44 -13.63
CA PRO G 223 1.17 -25.52 -12.45
C PRO G 223 2.49 -24.81 -12.62
N ASP G 224 2.99 -24.24 -11.53
CA ASP G 224 4.33 -23.68 -11.49
C ASP G 224 5.13 -24.17 -10.29
N SER G 225 4.55 -25.00 -9.44
CA SER G 225 5.26 -25.60 -8.31
C SER G 225 4.50 -26.83 -7.87
N LEU G 226 5.16 -27.98 -7.88
CA LEU G 226 4.52 -29.26 -7.57
C LEU G 226 5.19 -29.95 -6.40
N VAL G 227 4.38 -30.65 -5.62
CA VAL G 227 4.87 -31.60 -4.63
C VAL G 227 4.02 -32.85 -4.77
N PHE G 228 4.54 -33.85 -5.48
CA PHE G 228 3.82 -35.08 -5.74
C PHE G 228 4.35 -36.21 -4.86
N GLN G 229 3.50 -37.21 -4.64
CA GLN G 229 3.86 -38.36 -3.84
C GLN G 229 3.25 -39.61 -4.47
N TRP G 230 4.11 -40.52 -4.93
CA TRP G 230 3.69 -41.77 -5.55
C TRP G 230 4.10 -42.89 -4.60
N THR G 231 3.18 -43.28 -3.73
CA THR G 231 3.47 -44.25 -2.69
C THR G 231 2.33 -45.26 -2.60
N ASN G 232 2.65 -46.44 -2.08
CA ASN G 232 1.66 -47.47 -1.83
C ASN G 232 1.01 -47.35 -0.46
N HIS G 233 1.50 -46.46 0.40
CA HIS G 233 0.88 -46.19 1.68
C HIS G 233 -0.23 -45.16 1.51
N PHE G 234 -1.30 -45.32 2.27
CA PHE G 234 -2.49 -44.49 2.10
C PHE G 234 -2.31 -43.10 2.68
N ALA G 235 -1.36 -42.90 3.59
CA ALA G 235 -1.20 -41.62 4.26
C ALA G 235 -0.48 -40.62 3.36
N SER G 236 -0.93 -39.36 3.43
CA SER G 236 -0.33 -38.28 2.67
C SER G 236 -0.14 -37.08 3.60
N TYR G 237 1.06 -36.48 3.54
CA TYR G 237 1.39 -35.34 4.38
C TYR G 237 1.84 -34.14 3.56
N ILE G 238 1.28 -33.99 2.35
CA ILE G 238 1.68 -32.95 1.42
C ILE G 238 0.54 -32.02 1.07
N SER G 239 -0.62 -32.18 1.72
CA SER G 239 -1.79 -31.36 1.39
C SER G 239 -1.55 -29.93 1.85
N TYR G 240 -1.61 -28.99 0.90
CA TYR G 240 -1.45 -27.55 1.17
C TYR G 240 -0.13 -27.28 1.90
N CYS G 241 0.96 -27.62 1.22
CA CYS G 241 2.30 -27.53 1.80
C CYS G 241 3.03 -26.24 1.43
N PHE G 242 2.36 -25.31 0.78
CA PHE G 242 2.96 -24.04 0.38
C PHE G 242 2.51 -22.91 1.29
N GLU G 243 3.40 -21.97 1.54
CA GLU G 243 3.11 -20.84 2.40
C GLU G 243 3.67 -19.56 1.77
N TYR G 244 3.27 -18.42 2.33
CA TYR G 244 3.72 -17.13 1.86
C TYR G 244 4.76 -16.55 2.82
N CYS G 245 5.76 -15.87 2.26
CA CYS G 245 6.75 -15.19 3.09
C CYS G 245 6.18 -13.90 3.68
N ASP G 246 5.36 -13.19 2.92
CA ASP G 246 4.75 -11.94 3.35
C ASP G 246 3.25 -12.01 3.06
N PRO G 247 2.42 -11.42 3.93
CA PRO G 247 0.96 -11.53 3.73
C PRO G 247 0.49 -10.98 2.40
N LYS G 248 1.18 -9.98 1.85
CA LYS G 248 0.84 -9.42 0.53
C LYS G 248 2.12 -9.46 -0.31
N SER G 249 2.38 -10.60 -0.94
CA SER G 249 3.59 -10.74 -1.76
C SER G 249 3.47 -11.99 -2.61
N LYS G 250 4.24 -12.01 -3.69
CA LYS G 250 4.37 -13.17 -4.56
C LYS G 250 5.71 -13.82 -4.22
N GLU G 251 5.70 -14.66 -3.19
CA GLU G 251 6.91 -15.34 -2.76
C GLU G 251 6.78 -16.86 -2.83
N ALA G 252 5.77 -17.43 -2.16
CA ALA G 252 5.42 -18.85 -2.28
C ALA G 252 6.58 -19.76 -1.88
N LYS G 253 6.90 -19.72 -0.59
CA LYS G 253 7.89 -20.61 -0.02
C LYS G 253 7.23 -21.88 0.51
N LEU G 254 8.03 -22.95 0.61
CA LEU G 254 7.55 -24.20 1.18
C LEU G 254 7.34 -24.05 2.68
N SER G 255 6.27 -24.67 3.17
CA SER G 255 5.92 -24.54 4.58
C SER G 255 6.97 -25.22 5.46
N GLN G 256 7.11 -24.70 6.69
CA GLN G 256 8.09 -25.26 7.61
C GLN G 256 7.67 -26.64 8.11
N GLU G 257 6.35 -26.88 8.24
CA GLU G 257 5.89 -28.18 8.71
C GLU G 257 6.25 -29.28 7.73
N PHE G 258 6.07 -29.03 6.43
CA PHE G 258 6.43 -30.02 5.42
C PHE G 258 7.92 -30.31 5.43
N ILE G 259 8.74 -29.25 5.54
CA ILE G 259 10.18 -29.44 5.60
C ILE G 259 10.57 -30.25 6.82
N ASP G 260 9.97 -29.93 7.97
CA ASP G 260 10.27 -30.67 9.20
C ASP G 260 9.88 -32.13 9.09
N GLU G 261 8.72 -32.41 8.47
CA GLU G 261 8.30 -33.79 8.30
C GLU G 261 9.21 -34.53 7.33
N VAL G 262 9.81 -33.83 6.38
CA VAL G 262 10.83 -34.47 5.55
C VAL G 262 12.09 -34.74 6.36
N GLU G 263 12.51 -33.79 7.19
CA GLU G 263 13.72 -33.97 7.98
C GLU G 263 13.59 -35.14 8.95
N CYS G 264 12.45 -35.26 9.63
CA CYS G 264 12.30 -36.28 10.65
C CYS G 264 12.25 -37.69 10.05
N GLY G 265 11.96 -37.80 8.75
CA GLY G 265 11.87 -39.08 8.10
C GLY G 265 10.46 -39.60 7.90
N GLN G 266 9.42 -38.81 8.23
CA GLN G 266 8.05 -39.27 8.03
C GLN G 266 7.75 -39.49 6.55
N ILE G 267 8.19 -38.57 5.70
CA ILE G 267 7.97 -38.65 4.26
C ILE G 267 9.22 -39.26 3.64
N ASP G 268 9.05 -40.35 2.91
CA ASP G 268 10.16 -41.01 2.25
C ASP G 268 10.64 -40.14 1.10
N PRO G 269 11.90 -39.68 1.09
CA PRO G 269 12.36 -38.84 -0.03
C PRO G 269 12.31 -39.53 -1.37
N SER G 270 12.43 -40.86 -1.41
CA SER G 270 12.38 -41.57 -2.68
C SER G 270 10.99 -41.56 -3.30
N LYS G 271 9.95 -41.20 -2.55
CA LYS G 271 8.59 -41.10 -3.07
C LYS G 271 8.16 -39.66 -3.28
N LEU G 272 9.05 -38.70 -3.08
CA LEU G 272 8.73 -37.28 -3.21
C LEU G 272 9.15 -36.77 -4.58
N TRP G 273 8.28 -35.98 -5.21
CA TRP G 273 8.55 -35.39 -6.51
C TRP G 273 8.25 -33.90 -6.41
N ILE G 274 9.30 -33.08 -6.44
CA ILE G 274 9.18 -31.63 -6.31
C ILE G 274 9.65 -31.00 -7.61
N GLY G 275 8.80 -30.18 -8.21
CA GLY G 275 9.14 -29.52 -9.46
C GLY G 275 8.53 -28.14 -9.52
N GLY G 276 9.17 -27.27 -10.28
CA GLY G 276 8.68 -25.91 -10.45
C GLY G 276 9.64 -24.86 -9.97
N THR G 277 9.12 -23.67 -9.65
CA THR G 277 9.97 -22.57 -9.19
C THR G 277 10.38 -22.72 -7.73
N ILE G 278 9.72 -23.58 -6.96
CA ILE G 278 10.12 -23.82 -5.58
C ILE G 278 11.44 -24.55 -5.52
N VAL G 279 11.87 -25.16 -6.62
CA VAL G 279 13.13 -25.90 -6.65
C VAL G 279 14.30 -24.97 -6.38
N LYS G 280 14.28 -23.78 -6.97
CA LYS G 280 15.36 -22.82 -6.74
C LYS G 280 15.46 -22.44 -5.26
N ASP G 281 14.32 -22.13 -4.64
CA ASP G 281 14.32 -21.77 -3.23
C ASP G 281 14.80 -22.93 -2.37
N LEU G 282 14.39 -24.15 -2.71
CA LEU G 282 14.87 -25.32 -1.97
C LEU G 282 16.38 -25.47 -2.10
N GLN G 283 16.91 -25.27 -3.31
CA GLN G 283 18.34 -25.44 -3.55
C GLN G 283 19.17 -24.33 -2.90
N GLN G 284 18.59 -23.14 -2.70
CA GLN G 284 19.33 -22.09 -2.00
C GLN G 284 19.26 -22.22 -0.48
N LEU G 285 18.53 -23.22 0.04
CA LEU G 285 18.46 -23.41 1.47
C LEU G 285 19.81 -23.84 2.04
N ASP G 286 20.08 -23.40 3.26
CA ASP G 286 21.32 -23.77 3.93
C ASP G 286 21.29 -25.25 4.32
N ASN G 287 22.45 -25.89 4.23
CA ASN G 287 22.59 -27.31 4.55
C ASN G 287 21.66 -28.18 3.71
N PHE G 288 21.38 -27.75 2.47
CA PHE G 288 20.50 -28.53 1.61
C PHE G 288 21.16 -29.84 1.20
N GLU G 289 22.47 -29.83 0.96
CA GLU G 289 23.16 -31.04 0.53
C GLU G 289 23.18 -32.12 1.61
N SER G 290 23.00 -31.75 2.87
CA SER G 290 22.96 -32.71 3.96
C SER G 290 21.56 -33.08 4.41
N SER G 291 20.54 -32.34 3.97
CA SER G 291 19.18 -32.63 4.38
C SER G 291 18.63 -33.83 3.61
N PRO G 292 17.73 -34.60 4.23
CA PRO G 292 17.05 -35.67 3.49
C PRO G 292 16.22 -35.17 2.32
N LEU G 293 15.86 -33.89 2.28
CA LEU G 293 15.17 -33.34 1.12
C LEU G 293 16.03 -33.38 -0.14
N ASN G 294 17.35 -33.49 0.01
CA ASN G 294 18.23 -33.51 -1.16
C ASN G 294 18.00 -34.75 -2.00
N LYS G 295 17.85 -35.92 -1.36
CA LYS G 295 17.73 -37.18 -2.09
C LYS G 295 16.33 -37.41 -2.65
N ALA G 296 15.48 -36.40 -2.65
CA ALA G 296 14.18 -36.49 -3.29
C ALA G 296 14.30 -36.13 -4.77
N HIS G 297 13.31 -36.57 -5.55
CA HIS G 297 13.29 -36.28 -6.98
C HIS G 297 12.95 -34.81 -7.18
N ILE G 298 13.98 -34.01 -7.43
CA ILE G 298 13.84 -32.56 -7.55
C ILE G 298 14.26 -32.16 -8.95
N TYR G 299 13.35 -31.50 -9.68
CA TYR G 299 13.60 -31.07 -11.05
C TYR G 299 13.12 -29.64 -11.23
N ARG G 300 14.02 -28.77 -11.70
CA ARG G 300 13.59 -27.42 -12.05
C ARG G 300 12.60 -27.43 -13.20
N ASN G 301 12.86 -28.24 -14.22
CA ASN G 301 11.95 -28.38 -15.36
C ASN G 301 10.81 -29.32 -14.97
N ARG G 302 9.58 -28.83 -15.12
CA ARG G 302 8.42 -29.66 -14.76
C ARG G 302 8.22 -30.79 -15.75
N ASN G 303 8.60 -30.60 -17.01
CA ASN G 303 8.45 -31.66 -18.00
C ASN G 303 9.34 -32.85 -17.66
N GLU G 304 10.58 -32.59 -17.23
CA GLU G 304 11.46 -33.69 -16.85
C GLU G 304 10.94 -34.44 -15.63
N MET G 305 10.43 -33.70 -14.64
CA MET G 305 9.85 -34.33 -13.47
C MET G 305 8.66 -35.19 -13.85
N ILE G 306 7.80 -34.68 -14.74
CA ILE G 306 6.64 -35.44 -15.18
C ILE G 306 7.06 -36.69 -15.94
N GLU G 307 8.08 -36.58 -16.79
CA GLU G 307 8.56 -37.74 -17.53
C GLU G 307 9.10 -38.81 -16.58
N ALA G 308 9.90 -38.40 -15.60
CA ALA G 308 10.45 -39.36 -14.65
C ALA G 308 9.35 -40.01 -13.82
N LEU G 309 8.39 -39.20 -13.35
CA LEU G 309 7.28 -39.74 -12.55
C LEU G 309 6.44 -40.70 -13.38
N LYS G 310 6.20 -40.37 -14.64
CA LYS G 310 5.41 -41.26 -15.50
C LYS G 310 6.16 -42.55 -15.80
N THR G 311 7.48 -42.48 -15.95
CA THR G 311 8.26 -43.71 -16.10
C THR G 311 8.14 -44.59 -14.86
N VAL G 312 8.24 -43.99 -13.68
CA VAL G 312 8.10 -44.74 -12.44
C VAL G 312 6.71 -45.35 -12.33
N ILE G 313 5.68 -44.58 -12.67
CA ILE G 313 4.31 -45.06 -12.58
C ILE G 313 4.07 -46.21 -13.55
N LYS G 314 4.58 -46.09 -14.78
CA LYS G 314 4.42 -47.16 -15.76
C LYS G 314 5.14 -48.42 -15.31
N ARG G 315 6.33 -48.27 -14.72
CA ARG G 315 7.03 -49.44 -14.21
C ARG G 315 6.26 -50.09 -13.06
N ASP G 316 5.69 -49.27 -12.16
CA ASP G 316 5.01 -49.82 -11.00
C ASP G 316 3.70 -50.50 -11.38
N LEU G 317 2.95 -49.90 -12.30
CA LEU G 317 1.66 -50.44 -12.72
C LEU G 317 1.77 -51.46 -13.84
N GLY G 318 2.97 -51.71 -14.34
CA GLY G 318 3.15 -52.69 -15.40
C GLY G 318 2.48 -52.32 -16.71
N LEU G 319 2.59 -51.06 -17.11
CA LEU G 319 2.00 -50.61 -18.36
C LEU G 319 2.95 -50.83 -19.53
N PRO H 12 -4.49 -60.94 32.45
CA PRO H 12 -4.17 -59.51 32.51
C PRO H 12 -4.63 -58.76 31.27
N ASN H 13 -5.63 -57.91 31.42
CA ASN H 13 -6.15 -57.15 30.30
C ASN H 13 -5.10 -56.16 29.79
N TYR H 14 -5.13 -55.90 28.49
CA TYR H 14 -4.24 -54.94 27.85
C TYR H 14 -5.07 -54.09 26.89
N TYR H 15 -5.18 -52.80 27.18
CA TYR H 15 -5.96 -51.88 26.36
C TYR H 15 -5.03 -50.90 25.67
N LEU H 16 -5.39 -50.52 24.44
CA LEU H 16 -4.67 -49.50 23.69
C LEU H 16 -5.64 -48.35 23.42
N TYR H 17 -5.48 -47.27 24.17
CA TYR H 17 -6.25 -46.06 23.96
C TYR H 17 -5.43 -45.05 23.18
N GLY H 18 -6.12 -44.19 22.43
CA GLY H 18 -5.42 -43.21 21.64
C GLY H 18 -6.26 -42.06 21.14
N THR H 19 -5.70 -40.85 21.20
CA THR H 19 -6.32 -39.66 20.62
C THR H 19 -5.47 -39.23 19.43
N VAL H 20 -6.12 -39.11 18.27
CA VAL H 20 -5.42 -38.82 17.03
C VAL H 20 -6.00 -37.54 16.44
N LEU H 21 -5.12 -36.64 16.01
CA LEU H 21 -5.50 -35.39 15.37
C LEU H 21 -5.18 -35.46 13.89
N THR H 22 -6.09 -34.96 13.06
CA THR H 22 -5.93 -35.00 11.62
C THR H 22 -5.33 -33.69 11.10
N ARG H 23 -4.89 -33.72 9.86
CA ARG H 23 -4.28 -32.56 9.24
C ARG H 23 -5.33 -31.48 8.98
N TYR H 24 -4.86 -30.24 8.86
CA TYR H 24 -5.73 -29.11 8.56
C TYR H 24 -6.13 -29.14 7.09
N GLY H 25 -7.42 -28.95 6.83
CA GLY H 25 -7.90 -28.94 5.45
C GLY H 25 -9.38 -28.68 5.41
N LEU H 26 -9.90 -28.56 4.20
CA LEU H 26 -11.32 -28.32 4.00
C LEU H 26 -12.06 -29.65 4.01
N ALA H 27 -13.08 -29.75 4.86
CA ALA H 27 -13.77 -31.02 5.08
C ALA H 27 -15.28 -30.83 5.00
N SER H 28 -15.94 -31.76 4.32
CA SER H 28 -17.39 -31.85 4.28
C SER H 28 -17.79 -33.32 4.46
N LEU H 29 -17.25 -33.95 5.49
CA LEU H 29 -17.18 -35.40 5.54
C LEU H 29 -18.56 -36.04 5.73
N ASN H 30 -19.17 -35.83 6.89
CA ASN H 30 -20.28 -36.72 7.24
C ASN H 30 -21.61 -36.28 6.65
N HIS H 31 -21.95 -34.99 6.78
CA HIS H 31 -23.20 -34.42 6.26
C HIS H 31 -24.42 -34.92 7.03
N ASP H 32 -25.52 -34.17 6.91
CA ASP H 32 -26.78 -34.49 7.56
C ASP H 32 -27.88 -34.52 6.52
N ILE H 33 -29.14 -34.59 6.96
CA ILE H 33 -30.27 -34.57 6.04
C ILE H 33 -30.31 -33.23 5.31
N ARG H 34 -30.48 -33.28 4.00
CA ARG H 34 -30.44 -32.09 3.17
C ARG H 34 -31.65 -31.19 3.46
N ARG H 35 -31.47 -29.90 3.17
CA ARG H 35 -32.51 -28.88 3.37
C ARG H 35 -32.47 -27.96 2.15
N GLY H 36 -33.31 -28.25 1.16
CA GLY H 36 -33.30 -27.48 -0.07
C GLY H 36 -32.08 -27.79 -0.92
N ASN H 37 -31.30 -26.75 -1.27
CA ASN H 37 -30.02 -26.97 -1.93
C ASN H 37 -28.89 -27.23 -0.96
N LYS H 38 -29.10 -27.06 0.33
CA LYS H 38 -28.03 -27.16 1.31
C LYS H 38 -27.84 -28.61 1.75
N THR H 39 -26.61 -29.09 1.65
CA THR H 39 -26.23 -30.36 2.27
C THR H 39 -25.61 -30.02 3.61
N ILE H 40 -26.37 -30.21 4.67
CA ILE H 40 -25.96 -29.75 5.99
C ILE H 40 -24.88 -30.68 6.55
N LEU H 41 -23.74 -30.11 6.92
CA LEU H 41 -22.79 -30.83 7.76
C LEU H 41 -23.43 -31.11 9.11
N GLN H 42 -23.26 -32.32 9.62
CA GLN H 42 -23.83 -32.66 10.90
C GLN H 42 -22.95 -32.08 12.00
N LYS H 43 -23.58 -31.51 13.02
CA LYS H 43 -22.83 -30.78 14.04
C LYS H 43 -23.61 -30.81 15.35
N GLY H 44 -22.92 -30.45 16.41
CA GLY H 44 -23.53 -30.41 17.73
C GLY H 44 -22.67 -29.62 18.68
N TYR H 45 -23.16 -29.48 19.89
CA TYR H 45 -22.47 -28.70 20.89
C TYR H 45 -21.25 -29.44 21.42
N TRP H 46 -20.27 -28.67 21.89
CA TRP H 46 -19.07 -29.22 22.49
C TRP H 46 -18.58 -28.24 23.54
N ASN H 47 -17.30 -28.34 23.91
CA ASN H 47 -16.70 -27.50 24.94
C ASN H 47 -17.10 -26.04 24.80
N ASN H 48 -17.46 -25.44 25.93
CA ASN H 48 -17.89 -24.04 26.04
C ASN H 48 -19.19 -23.76 25.32
N GLY H 49 -19.93 -24.80 24.92
CA GLY H 49 -21.22 -24.61 24.28
C GLY H 49 -21.16 -24.25 22.82
N LYS H 50 -19.99 -24.17 22.22
CA LYS H 50 -19.87 -23.84 20.81
C LYS H 50 -20.22 -25.04 19.95
N ILE H 51 -20.62 -24.76 18.70
CA ILE H 51 -21.06 -25.79 17.78
C ILE H 51 -19.86 -26.25 16.96
N HIS H 52 -19.57 -27.55 17.02
CA HIS H 52 -18.49 -28.15 16.26
C HIS H 52 -19.06 -29.18 15.29
N SER H 53 -18.40 -29.33 14.15
CA SER H 53 -18.82 -30.32 13.16
C SER H 53 -18.34 -31.70 13.58
N PHE H 54 -19.22 -32.68 13.46
CA PHE H 54 -18.95 -34.03 13.91
C PHE H 54 -18.71 -34.97 12.72
N VAL H 55 -18.06 -36.09 13.02
CA VAL H 55 -17.95 -37.23 12.12
C VAL H 55 -18.34 -38.47 12.91
N GLY H 56 -19.37 -39.17 12.45
CA GLY H 56 -19.90 -40.27 13.22
C GLY H 56 -18.89 -41.37 13.43
N SER H 57 -19.04 -42.07 14.56
CA SER H 57 -18.14 -43.18 14.85
C SER H 57 -18.27 -44.29 13.82
N SER H 58 -19.50 -44.52 13.34
CA SER H 58 -19.71 -45.53 12.30
C SER H 58 -18.93 -45.20 11.05
N ALA H 59 -18.70 -43.91 10.77
CA ALA H 59 -17.90 -43.53 9.61
C ALA H 59 -16.47 -44.03 9.75
N ILE H 60 -15.85 -43.81 10.91
CA ILE H 60 -14.47 -44.23 11.09
C ILE H 60 -14.37 -45.75 11.15
N ARG H 61 -15.37 -46.41 11.77
CA ARG H 61 -15.37 -47.86 11.77
C ARG H 61 -15.50 -48.42 10.35
N TRP H 62 -16.33 -47.78 9.52
CA TRP H 62 -16.44 -48.18 8.12
C TRP H 62 -15.11 -47.97 7.40
N ALA H 63 -14.42 -46.86 7.69
CA ALA H 63 -13.14 -46.62 7.06
C ALA H 63 -12.13 -47.70 7.43
N LEU H 64 -12.09 -48.09 8.70
CA LEU H 64 -11.18 -49.16 9.12
C LEU H 64 -11.57 -50.49 8.48
N ARG H 65 -12.87 -50.77 8.40
CA ARG H 65 -13.33 -51.98 7.74
C ARG H 65 -12.85 -52.03 6.29
N PHE H 66 -13.00 -50.91 5.58
CA PHE H 66 -12.58 -50.85 4.20
C PHE H 66 -11.06 -50.96 4.06
N TYR H 67 -10.31 -50.38 4.99
CA TYR H 67 -8.86 -50.55 4.97
C TYR H 67 -8.49 -52.03 5.11
N LEU H 68 -9.12 -52.71 6.06
CA LEU H 68 -8.83 -54.13 6.25
C LEU H 68 -9.20 -54.93 5.01
N GLN H 69 -10.33 -54.62 4.40
CA GLN H 69 -10.75 -55.33 3.19
C GLN H 69 -9.78 -55.07 2.04
N LYS H 70 -9.26 -53.84 1.94
CA LYS H 70 -8.46 -53.44 0.78
C LYS H 70 -7.10 -54.13 0.72
N GLN H 71 -6.57 -54.60 1.85
CA GLN H 71 -5.27 -55.26 1.89
C GLN H 71 -5.47 -56.67 2.42
N GLY H 72 -5.84 -57.59 1.53
CA GLY H 72 -6.12 -58.96 1.92
C GLY H 72 -7.02 -59.02 3.13
N TYR H 73 -6.55 -59.66 4.21
CA TYR H 73 -7.19 -59.62 5.52
C TYR H 73 -8.66 -60.04 5.42
N LEU H 74 -8.84 -61.33 5.15
CA LEU H 74 -10.15 -61.93 4.94
C LEU H 74 -11.18 -61.39 5.91
N VAL H 75 -12.26 -60.82 5.38
CA VAL H 75 -13.29 -60.16 6.16
C VAL H 75 -14.65 -60.72 5.75
N ASN H 76 -15.54 -60.82 6.74
CA ASN H 76 -16.88 -61.34 6.48
C ASN H 76 -17.73 -60.31 5.75
N ARG H 77 -17.63 -59.03 6.14
CA ARG H 77 -18.44 -57.96 5.58
C ARG H 77 -17.65 -57.31 4.45
N VAL H 78 -17.88 -57.78 3.23
CA VAL H 78 -17.18 -57.28 2.05
C VAL H 78 -18.02 -56.20 1.40
N TRP H 79 -17.39 -55.05 1.12
CA TRP H 79 -18.08 -53.92 0.51
C TRP H 79 -17.94 -54.00 -1.00
N ASP H 80 -19.06 -54.18 -1.70
CA ASP H 80 -19.06 -54.28 -3.15
C ASP H 80 -18.92 -52.87 -3.74
N GLU H 81 -17.75 -52.57 -4.29
CA GLU H 81 -17.51 -51.24 -4.82
C GLU H 81 -18.33 -50.99 -6.09
N GLU H 82 -18.58 -52.03 -6.89
CA GLU H 82 -19.34 -51.84 -8.12
C GLU H 82 -20.79 -51.50 -7.83
N GLU H 83 -21.44 -52.26 -6.95
CA GLU H 83 -22.85 -52.07 -6.65
C GLU H 83 -23.10 -51.16 -5.47
N HIS H 84 -22.04 -50.68 -4.81
CA HIS H 84 -22.17 -49.82 -3.64
C HIS H 84 -23.07 -50.43 -2.58
N ILE H 85 -22.88 -51.73 -2.34
CA ILE H 85 -23.65 -52.47 -1.36
C ILE H 85 -22.70 -53.32 -0.52
N ASN H 86 -23.16 -53.70 0.67
CA ASN H 86 -22.39 -54.52 1.58
C ASN H 86 -22.87 -55.96 1.48
N ARG H 87 -21.92 -56.89 1.33
CA ARG H 87 -22.22 -58.30 1.17
C ARG H 87 -21.57 -59.10 2.28
N LEU H 88 -22.21 -60.19 2.68
CA LEU H 88 -21.74 -61.04 3.76
C LEU H 88 -21.29 -62.37 3.17
N THR H 89 -20.03 -62.72 3.39
CA THR H 89 -19.51 -63.99 2.87
C THR H 89 -20.13 -65.18 3.59
N SER H 90 -20.27 -65.08 4.91
CA SER H 90 -20.85 -66.15 5.72
C SER H 90 -21.92 -65.55 6.61
N GLU H 91 -23.13 -66.10 6.54
CA GLU H 91 -24.23 -65.62 7.38
C GLU H 91 -23.95 -65.87 8.86
N ASP H 92 -23.27 -66.98 9.18
CA ASP H 92 -22.86 -67.26 10.55
C ASP H 92 -21.51 -66.61 10.80
N PHE H 93 -21.51 -65.52 11.56
CA PHE H 93 -20.28 -64.79 11.82
C PHE H 93 -19.30 -65.67 12.60
N ASP H 94 -18.04 -65.65 12.17
CA ASP H 94 -16.98 -66.46 12.78
C ASP H 94 -15.81 -65.55 13.13
N PRO H 95 -15.77 -65.05 14.36
CA PRO H 95 -14.66 -64.16 14.76
C PRO H 95 -13.31 -64.83 14.73
N GLU H 96 -13.26 -66.16 14.84
CA GLU H 96 -11.97 -66.86 14.82
C GLU H 96 -11.31 -66.85 13.45
N LYS H 97 -12.08 -66.60 12.39
CA LYS H 97 -11.56 -66.62 11.02
C LYS H 97 -11.50 -65.24 10.38
N PHE H 98 -12.50 -64.39 10.59
CA PHE H 98 -12.58 -63.11 9.92
C PHE H 98 -12.03 -62.00 10.82
N TYR H 99 -11.19 -61.14 10.25
CA TYR H 99 -10.71 -59.97 10.97
C TYR H 99 -11.86 -59.04 11.33
N ASP H 100 -12.80 -58.86 10.41
CA ASP H 100 -13.92 -57.94 10.61
C ASP H 100 -14.75 -58.33 11.82
N ASP H 101 -15.16 -59.59 11.90
CA ASP H 101 -15.97 -60.04 13.03
C ASP H 101 -15.17 -60.02 14.33
N ASP H 102 -13.88 -60.35 14.24
CA ASP H 102 -13.04 -60.38 15.44
C ASP H 102 -12.89 -58.99 16.04
N ILE H 103 -12.71 -57.97 15.19
CA ILE H 103 -12.40 -56.63 15.69
C ILE H 103 -13.67 -55.85 15.96
N PHE H 104 -14.55 -55.74 14.97
CA PHE H 104 -15.73 -54.89 15.07
C PHE H 104 -16.94 -55.58 15.67
N GLY H 105 -16.89 -56.89 15.88
CA GLY H 105 -18.03 -57.58 16.45
C GLY H 105 -19.16 -57.77 15.44
N PHE H 106 -20.26 -58.32 15.94
CA PHE H 106 -21.41 -58.59 15.10
C PHE H 106 -22.64 -58.76 15.98
N ALA H 107 -23.80 -58.70 15.34
CA ALA H 107 -25.08 -58.94 15.99
C ALA H 107 -25.97 -59.73 15.06
N LEU H 108 -26.60 -60.78 15.57
CA LEU H 108 -27.45 -61.66 14.78
C LEU H 108 -28.92 -61.35 15.05
N LEU H 109 -29.78 -62.03 14.28
CA LEU H 109 -31.22 -61.83 14.43
C LEU H 109 -31.69 -62.25 15.82
N GLU H 110 -31.23 -63.40 16.30
CA GLU H 110 -31.65 -63.88 17.61
C GLU H 110 -31.10 -63.03 18.75
N SER H 111 -30.10 -62.20 18.49
CA SER H 111 -29.54 -61.35 19.53
C SER H 111 -30.53 -60.29 20.03
N ALA H 112 -31.53 -59.96 19.22
CA ALA H 112 -32.50 -58.93 19.59
C ALA H 112 -33.74 -59.50 20.27
N GLU H 113 -33.99 -60.80 20.15
CA GLU H 113 -35.18 -61.43 20.73
C GLU H 113 -34.84 -62.31 21.92
N THR H 114 -33.74 -62.01 22.61
CA THR H 114 -33.36 -62.75 23.80
C THR H 114 -32.52 -61.84 24.69
N GLU H 115 -32.43 -62.22 25.97
CA GLU H 115 -31.68 -61.42 26.94
C GLU H 115 -30.26 -61.90 27.11
N GLU H 116 -30.02 -63.20 26.99
CA GLU H 116 -28.67 -63.73 27.13
C GLU H 116 -27.87 -63.56 25.84
N ASP H 117 -26.57 -63.80 25.93
CA ASP H 117 -25.68 -63.65 24.78
C ASP H 117 -25.47 -64.95 24.03
N THR H 118 -26.14 -66.02 24.41
CA THR H 118 -26.02 -67.31 23.74
C THR H 118 -27.42 -67.87 23.48
N SER H 119 -27.53 -68.61 22.37
CA SER H 119 -28.80 -69.21 21.98
C SER H 119 -28.59 -70.51 21.21
N SER H 131 -24.07 -74.32 22.05
CA SER H 131 -24.79 -73.26 21.37
C SER H 131 -23.83 -72.20 20.83
N THR H 132 -24.02 -71.83 19.57
CA THR H 132 -23.17 -70.82 18.95
C THR H 132 -23.42 -69.47 19.62
N PRO H 133 -22.40 -68.62 19.73
CA PRO H 133 -22.61 -67.29 20.31
C PRO H 133 -23.63 -66.49 19.52
N ASN H 134 -24.48 -65.76 20.24
CA ASN H 134 -25.52 -64.96 19.60
C ASN H 134 -25.01 -63.61 19.13
N GLN H 135 -23.87 -63.15 19.65
CA GLN H 135 -23.37 -61.81 19.35
C GLN H 135 -21.91 -61.75 19.78
N ARG H 136 -21.29 -60.60 19.54
CA ARG H 136 -19.94 -60.34 20.02
C ARG H 136 -19.74 -58.83 20.10
N MET H 137 -19.43 -58.34 21.30
CA MET H 137 -19.07 -56.93 21.44
C MET H 137 -17.72 -56.69 20.78
N GLY H 138 -17.67 -55.72 19.87
CA GLY H 138 -16.43 -55.46 19.16
C GLY H 138 -15.32 -55.05 20.11
N ALA H 139 -14.13 -55.60 19.89
CA ALA H 139 -12.98 -55.27 20.72
C ALA H 139 -12.50 -53.84 20.51
N LEU H 140 -12.94 -53.18 19.44
CA LEU H 140 -12.55 -51.81 19.14
C LEU H 140 -13.75 -50.89 19.28
N GLY H 141 -13.57 -49.80 20.03
CA GLY H 141 -14.59 -48.77 20.14
C GLY H 141 -14.00 -47.39 19.98
N MET H 142 -14.57 -46.59 19.09
CA MET H 142 -14.05 -45.25 18.82
C MET H 142 -15.16 -44.22 18.98
N ASN H 143 -14.85 -43.14 19.69
CA ASN H 143 -15.76 -42.02 19.79
C ASN H 143 -15.81 -41.26 18.46
N MET H 144 -16.84 -40.45 18.30
CA MET H 144 -17.00 -39.69 17.07
C MET H 144 -15.95 -38.59 16.98
N ALA H 145 -15.55 -38.27 15.75
CA ALA H 145 -14.57 -37.21 15.52
C ALA H 145 -15.25 -35.85 15.55
N VAL H 146 -14.59 -34.90 16.22
CA VAL H 146 -15.11 -33.54 16.33
C VAL H 146 -14.05 -32.58 15.79
N SER H 147 -14.53 -31.45 15.27
CA SER H 147 -13.61 -30.43 14.77
C SER H 147 -12.93 -29.72 15.94
N LEU H 148 -11.62 -29.51 15.80
CA LEU H 148 -10.87 -28.82 16.85
C LEU H 148 -11.24 -27.35 16.95
N THR H 149 -11.92 -26.81 15.94
CA THR H 149 -12.30 -25.41 15.87
C THR H 149 -13.81 -25.30 15.68
N PRO H 150 -14.46 -24.37 16.39
CA PRO H 150 -15.93 -24.23 16.26
C PRO H 150 -16.32 -23.91 14.83
N TYR H 151 -17.49 -24.42 14.44
CA TYR H 151 -17.93 -24.33 13.06
C TYR H 151 -18.58 -22.97 12.79
N ASP H 152 -18.13 -22.32 11.73
CA ASP H 152 -18.77 -21.11 11.22
C ASP H 152 -19.42 -21.42 9.88
N GLY H 153 -20.60 -20.86 9.65
CA GLY H 153 -21.35 -21.17 8.45
C GLY H 153 -20.60 -20.86 7.16
N ALA H 154 -20.13 -21.91 6.49
CA ALA H 154 -19.41 -21.78 5.22
C ALA H 154 -20.04 -22.72 4.22
N VAL H 155 -20.45 -22.18 3.06
CA VAL H 155 -21.12 -22.95 2.03
C VAL H 155 -20.43 -22.70 0.69
N LYS H 156 -20.70 -23.59 -0.25
CA LYS H 156 -20.14 -23.50 -1.59
C LYS H 156 -21.25 -23.55 -2.63
N LEU H 157 -21.05 -22.82 -3.72
CA LEU H 157 -21.98 -22.85 -4.84
C LEU H 157 -21.78 -24.12 -5.67
N GLY H 158 -22.86 -24.58 -6.29
CA GLY H 158 -22.80 -25.82 -7.02
C GLY H 158 -23.53 -25.83 -8.35
N ALA H 159 -23.55 -24.69 -9.03
CA ALA H 159 -24.22 -24.64 -10.33
C ALA H 159 -23.47 -25.48 -11.35
N LYS H 160 -24.20 -26.37 -12.03
CA LYS H 160 -23.61 -27.26 -13.00
C LYS H 160 -23.55 -26.58 -14.37
N SER H 161 -22.51 -26.91 -15.13
CA SER H 161 -22.28 -26.25 -16.41
C SER H 161 -23.40 -26.57 -17.39
N GLY H 162 -23.70 -25.60 -18.25
CA GLY H 162 -24.71 -25.78 -19.27
C GLY H 162 -25.73 -24.66 -19.33
N ARG H 163 -26.18 -24.33 -20.53
CA ARG H 163 -27.21 -23.31 -20.69
C ARG H 163 -28.57 -23.81 -20.20
N GLU H 164 -28.81 -25.11 -20.27
CA GLU H 164 -30.07 -25.71 -19.83
C GLU H 164 -30.07 -25.75 -18.32
N LYS H 165 -30.63 -24.70 -17.72
CA LYS H 165 -30.65 -24.55 -16.26
C LYS H 165 -31.99 -25.06 -15.74
N ASP H 166 -32.08 -26.37 -15.55
CA ASP H 166 -33.24 -27.00 -14.95
C ASP H 166 -33.04 -27.09 -13.44
N SER H 167 -33.85 -27.91 -12.76
CA SER H 167 -33.63 -28.17 -11.35
C SER H 167 -32.44 -29.09 -11.17
N THR H 168 -32.19 -29.54 -9.94
CA THR H 168 -31.01 -30.34 -9.62
C THR H 168 -29.74 -29.58 -9.95
N SER H 169 -29.81 -28.26 -9.94
CA SER H 169 -28.66 -27.39 -10.15
C SER H 169 -28.69 -26.29 -9.10
N LEU H 170 -27.56 -25.60 -8.97
CA LEU H 170 -27.38 -24.57 -7.94
C LEU H 170 -27.60 -25.14 -6.55
N HIS H 171 -26.74 -26.08 -6.17
CA HIS H 171 -26.80 -26.64 -4.84
C HIS H 171 -25.74 -25.98 -3.95
N PHE H 172 -25.93 -26.12 -2.64
CA PHE H 172 -25.04 -25.56 -1.65
C PHE H 172 -24.46 -26.68 -0.80
N THR H 173 -23.14 -26.69 -0.64
CA THR H 173 -22.45 -27.70 0.15
C THR H 173 -21.75 -27.01 1.31
N GLU H 174 -22.04 -27.46 2.53
CA GLU H 174 -21.39 -26.94 3.71
C GLU H 174 -20.05 -27.63 3.92
N TYR H 175 -18.99 -26.85 4.13
CA TYR H 175 -17.66 -27.38 4.37
C TYR H 175 -17.12 -26.77 5.66
N HIS H 176 -15.98 -27.29 6.09
CA HIS H 176 -15.36 -26.84 7.33
C HIS H 176 -13.84 -26.99 7.19
N ALA H 177 -13.12 -25.87 7.28
CA ALA H 177 -11.67 -25.87 7.10
C ALA H 177 -11.01 -25.85 8.48
N THR H 178 -11.02 -27.01 9.13
CA THR H 178 -10.35 -27.21 10.41
C THR H 178 -9.74 -28.61 10.44
N ARG H 179 -9.26 -28.99 11.62
CA ARG H 179 -8.75 -30.33 11.88
C ARG H 179 -9.77 -31.11 12.71
N TYR H 180 -9.79 -32.42 12.51
CA TYR H 180 -10.68 -33.31 13.25
C TYR H 180 -9.87 -34.19 14.18
N GLN H 181 -10.41 -34.41 15.38
CA GLN H 181 -9.78 -35.28 16.36
C GLN H 181 -10.81 -36.29 16.84
N TYR H 182 -10.36 -37.53 17.06
CA TYR H 182 -11.23 -38.59 17.55
C TYR H 182 -10.47 -39.47 18.52
N TYR H 183 -11.21 -40.19 19.34
CA TYR H 183 -10.66 -41.03 20.39
C TYR H 183 -11.13 -42.46 20.20
N PHE H 184 -10.21 -43.40 20.33
CA PHE H 184 -10.50 -44.82 20.13
C PHE H 184 -9.90 -45.62 21.27
N GLY H 185 -10.42 -46.83 21.45
CA GLY H 185 -9.89 -47.75 22.43
C GLY H 185 -10.14 -49.20 22.04
N ILE H 186 -9.12 -50.04 22.16
CA ILE H 186 -9.23 -51.45 21.84
C ILE H 186 -8.80 -52.28 23.03
N ASP H 187 -9.61 -53.25 23.41
CA ASP H 187 -9.23 -54.25 24.39
C ASP H 187 -8.49 -55.36 23.64
N ALA H 188 -7.15 -55.28 23.62
CA ALA H 188 -6.36 -56.22 22.86
C ALA H 188 -6.56 -57.66 23.36
N THR H 189 -6.81 -57.83 24.65
CA THR H 189 -7.07 -59.16 25.18
C THR H 189 -8.35 -59.75 24.63
N HIS H 190 -9.37 -58.92 24.42
CA HIS H 190 -10.65 -59.40 23.90
C HIS H 190 -10.55 -59.99 22.50
N LEU H 191 -9.47 -59.66 21.77
CA LEU H 191 -9.33 -60.17 20.41
C LEU H 191 -9.18 -61.69 20.40
N LYS H 192 -9.88 -62.34 19.47
CA LYS H 192 -9.73 -63.78 19.32
C LYS H 192 -8.32 -64.15 18.89
N ASP H 193 -7.75 -63.38 17.97
CA ASP H 193 -6.36 -63.52 17.56
C ASP H 193 -5.63 -62.24 17.97
N PHE H 194 -4.66 -62.39 18.88
CA PHE H 194 -3.99 -61.21 19.43
C PHE H 194 -3.20 -60.45 18.38
N SER H 195 -2.75 -61.14 17.33
CA SER H 195 -1.95 -60.50 16.29
C SER H 195 -2.75 -59.55 15.42
N ARG H 196 -4.07 -59.53 15.54
CA ARG H 196 -4.91 -58.68 14.69
C ARG H 196 -4.85 -57.22 15.09
N ILE H 197 -4.24 -56.88 16.23
CA ILE H 197 -4.18 -55.48 16.64
C ILE H 197 -3.22 -54.69 15.76
N LEU H 198 -2.15 -55.34 15.28
CA LEU H 198 -1.18 -54.64 14.43
C LEU H 198 -1.79 -54.12 13.13
N PRO H 199 -2.55 -54.91 12.37
CA PRO H 199 -3.21 -54.34 11.19
C PRO H 199 -4.16 -53.21 11.53
N MET H 200 -4.83 -53.26 12.69
CA MET H 200 -5.71 -52.17 13.07
C MET H 200 -4.93 -50.88 13.33
N ILE H 201 -3.76 -50.99 13.96
CA ILE H 201 -2.91 -49.81 14.14
C ILE H 201 -2.47 -49.26 12.79
N ASP H 202 -2.03 -50.16 11.89
CA ASP H 202 -1.63 -49.72 10.56
C ASP H 202 -2.78 -49.02 9.84
N GLY H 203 -4.00 -49.52 10.00
CA GLY H 203 -5.15 -48.87 9.40
C GLY H 203 -5.44 -47.51 10.01
N ILE H 204 -5.27 -47.40 11.32
CA ILE H 204 -5.50 -46.11 11.99
C ILE H 204 -4.52 -45.07 11.46
N MET H 205 -3.25 -45.43 11.33
CA MET H 205 -2.30 -44.47 10.77
C MET H 205 -2.51 -44.29 9.27
N ASN H 206 -2.68 -45.38 8.54
CA ASN H 206 -2.92 -45.31 7.10
C ASN H 206 -4.42 -45.41 6.79
N LEU H 207 -5.18 -44.47 7.35
CA LEU H 207 -6.62 -44.46 7.11
C LEU H 207 -6.89 -43.96 5.70
N PRO H 208 -7.55 -44.76 4.85
CA PRO H 208 -7.72 -44.35 3.45
C PRO H 208 -8.54 -43.08 3.29
N LYS H 209 -9.78 -43.13 3.76
CA LYS H 209 -10.73 -42.03 3.60
C LYS H 209 -11.95 -42.24 4.48
N VAL H 210 -12.29 -41.26 5.30
CA VAL H 210 -13.51 -41.29 6.08
C VAL H 210 -14.65 -40.78 5.20
N GLY H 211 -15.75 -41.53 5.15
CA GLY H 211 -16.84 -41.28 4.23
C GLY H 211 -17.24 -39.83 4.07
N GLY H 212 -17.12 -39.31 2.85
CA GLY H 212 -17.45 -37.92 2.62
C GLY H 212 -17.25 -37.58 1.16
N SER H 213 -17.50 -36.30 0.84
CA SER H 213 -17.43 -35.81 -0.52
C SER H 213 -15.96 -35.70 -0.93
N SER H 214 -15.35 -36.87 -1.17
CA SER H 214 -13.96 -36.89 -1.60
C SER H 214 -13.77 -36.33 -3.00
N ASN H 215 -14.83 -36.30 -3.80
CA ASN H 215 -14.74 -35.72 -5.14
C ASN H 215 -14.50 -34.21 -5.07
N ILE H 216 -15.19 -33.54 -4.16
CA ILE H 216 -15.10 -32.09 -4.04
C ILE H 216 -14.19 -31.66 -2.90
N PHE H 217 -14.29 -32.32 -1.75
CA PHE H 217 -13.48 -32.00 -0.58
C PHE H 217 -12.70 -33.26 -0.19
N ASN H 218 -11.53 -33.44 -0.80
CA ASN H 218 -10.66 -34.57 -0.48
C ASN H 218 -9.93 -34.24 0.80
N TYR H 219 -10.31 -34.91 1.90
CA TYR H 219 -9.75 -34.63 3.22
C TYR H 219 -9.04 -35.87 3.74
N PRO H 220 -7.71 -35.93 3.69
CA PRO H 220 -7.00 -37.08 4.24
C PRO H 220 -7.16 -37.15 5.75
N PHE H 221 -7.51 -38.34 6.25
CA PHE H 221 -7.72 -38.57 7.67
C PHE H 221 -6.51 -39.18 8.34
N CYS H 222 -5.37 -39.21 7.67
CA CYS H 222 -4.16 -39.73 8.29
C CYS H 222 -3.75 -38.85 9.47
N PRO H 223 -3.32 -39.45 10.57
CA PRO H 223 -2.99 -38.65 11.76
C PRO H 223 -1.75 -37.81 11.56
N ASP H 224 -1.72 -36.67 12.26
CA ASP H 224 -0.52 -35.86 12.35
C ASP H 224 -0.14 -35.54 13.79
N SER H 225 -0.83 -36.12 14.77
CA SER H 225 -0.51 -35.94 16.18
C SER H 225 -1.21 -37.03 16.97
N LEU H 226 -0.46 -37.80 17.76
CA LEU H 226 -1.00 -38.91 18.52
C LEU H 226 -0.65 -38.79 20.00
N VAL H 227 -1.57 -39.25 20.83
CA VAL H 227 -1.30 -39.52 22.24
C VAL H 227 -1.85 -40.92 22.50
N PHE H 228 -1.01 -41.93 22.38
CA PHE H 228 -1.42 -43.30 22.60
C PHE H 228 -1.08 -43.72 24.02
N GLN H 229 -1.77 -44.76 24.50
CA GLN H 229 -1.55 -45.26 25.86
C GLN H 229 -1.74 -46.76 25.85
N TRP H 230 -0.63 -47.49 26.02
CA TRP H 230 -0.66 -48.94 26.15
C TRP H 230 -0.58 -49.28 27.63
N THR H 231 -1.72 -49.64 28.22
CA THR H 231 -1.80 -49.86 29.65
C THR H 231 -2.78 -50.99 29.94
N ASN H 232 -2.67 -51.53 31.15
CA ASN H 232 -3.59 -52.55 31.64
C ASN H 232 -4.74 -51.96 32.45
N HIS H 233 -4.82 -50.64 32.54
CA HIS H 233 -5.88 -49.98 33.28
C HIS H 233 -7.13 -49.84 32.42
N PHE H 234 -8.30 -50.06 33.02
CA PHE H 234 -9.55 -50.00 32.29
C PHE H 234 -9.93 -48.57 31.90
N ALA H 235 -9.24 -47.57 32.44
CA ALA H 235 -9.57 -46.17 32.20
C ALA H 235 -8.34 -45.43 31.67
N SER H 236 -8.58 -44.50 30.75
CA SER H 236 -7.52 -43.65 30.20
C SER H 236 -8.07 -42.23 30.11
N TYR H 237 -7.45 -41.32 30.84
CA TYR H 237 -7.92 -39.93 30.89
C TYR H 237 -7.23 -39.07 29.83
N ILE H 238 -7.21 -39.56 28.60
CA ILE H 238 -6.50 -38.89 27.51
C ILE H 238 -7.38 -38.80 26.27
N SER H 239 -8.70 -38.82 26.48
CA SER H 239 -9.63 -38.98 25.36
C SER H 239 -9.52 -37.84 24.36
N TYR H 240 -9.61 -36.59 24.82
CA TYR H 240 -9.56 -35.42 23.94
C TYR H 240 -8.55 -34.44 24.53
N CYS H 241 -7.28 -34.63 24.18
CA CYS H 241 -6.20 -33.82 24.72
C CYS H 241 -5.77 -32.68 23.79
N PHE H 242 -6.29 -32.63 22.57
CA PHE H 242 -5.93 -31.57 21.64
C PHE H 242 -7.04 -30.54 21.58
N GLU H 243 -6.68 -29.28 21.81
CA GLU H 243 -7.62 -28.17 21.70
C GLU H 243 -6.88 -26.84 21.69
N TYR H 244 -7.30 -25.91 20.83
CA TYR H 244 -6.74 -24.57 20.87
C TYR H 244 -7.88 -23.57 20.77
N CYS H 245 -9.02 -24.03 20.25
CA CYS H 245 -10.24 -23.22 20.09
C CYS H 245 -9.89 -22.03 19.19
N ASP H 246 -10.00 -20.78 19.67
CA ASP H 246 -9.71 -19.51 18.98
C ASP H 246 -10.01 -19.64 17.48
N PRO H 247 -11.30 -19.77 17.11
CA PRO H 247 -11.68 -20.26 15.78
C PRO H 247 -10.94 -19.63 14.60
N LYS H 248 -10.91 -20.37 13.49
CA LYS H 248 -10.14 -20.02 12.30
C LYS H 248 -8.64 -19.98 12.63
N SER H 249 -8.14 -21.13 13.07
CA SER H 249 -6.72 -21.32 13.35
C SER H 249 -6.43 -22.81 13.34
N LYS H 250 -5.13 -23.16 13.32
CA LYS H 250 -4.75 -24.56 13.26
C LYS H 250 -3.57 -24.92 14.16
N GLU H 251 -3.26 -24.10 15.17
CA GLU H 251 -2.09 -24.40 16.00
C GLU H 251 -2.28 -25.70 16.78
N ALA H 252 -3.46 -25.89 17.38
CA ALA H 252 -3.85 -27.15 18.01
C ALA H 252 -2.86 -27.57 19.10
N LYS H 253 -2.80 -26.75 20.15
CA LYS H 253 -1.94 -27.06 21.28
C LYS H 253 -2.56 -28.16 22.14
N LEU H 254 -1.72 -28.76 22.98
CA LEU H 254 -2.20 -29.74 23.95
C LEU H 254 -3.05 -29.07 25.02
N SER H 255 -4.13 -29.73 25.41
CA SER H 255 -5.05 -29.15 26.39
C SER H 255 -4.36 -29.02 27.74
N GLN H 256 -4.70 -27.95 28.46
CA GLN H 256 -4.09 -27.69 29.76
C GLN H 256 -4.48 -28.76 30.77
N GLU H 257 -5.72 -29.24 30.72
CA GLU H 257 -6.17 -30.22 31.70
C GLU H 257 -5.45 -31.55 31.53
N PHE H 258 -5.11 -31.93 30.29
CA PHE H 258 -4.35 -33.15 30.08
C PHE H 258 -2.97 -33.06 30.72
N ILE H 259 -2.29 -31.92 30.53
CA ILE H 259 -0.98 -31.73 31.14
C ILE H 259 -1.11 -31.72 32.66
N ASP H 260 -2.17 -31.08 33.18
CA ASP H 260 -2.37 -31.04 34.62
C ASP H 260 -2.59 -32.44 35.18
N GLU H 261 -3.37 -33.26 34.48
CA GLU H 261 -3.59 -34.63 34.94
C GLU H 261 -2.32 -35.46 34.85
N VAL H 262 -1.48 -35.21 33.86
CA VAL H 262 -0.18 -35.88 33.79
C VAL H 262 0.68 -35.49 34.97
N GLU H 263 0.70 -34.20 35.33
CA GLU H 263 1.49 -33.74 36.46
C GLU H 263 0.92 -34.25 37.79
N CYS H 264 -0.38 -34.49 37.86
CA CYS H 264 -1.01 -34.86 39.13
C CYS H 264 -0.48 -36.17 39.65
N GLY H 265 -0.28 -37.16 38.77
CA GLY H 265 0.21 -38.45 39.19
C GLY H 265 -0.47 -39.60 38.47
N GLN H 266 -1.74 -39.41 38.10
CA GLN H 266 -2.40 -40.39 37.25
C GLN H 266 -1.94 -40.20 35.80
N ILE H 267 -2.29 -41.18 34.96
CA ILE H 267 -1.75 -41.29 33.61
C ILE H 267 -0.23 -41.42 33.72
N ASP H 268 0.25 -42.63 33.93
CA ASP H 268 1.68 -42.86 34.09
C ASP H 268 2.40 -42.46 32.80
N PRO H 269 3.38 -41.55 32.85
CA PRO H 269 4.06 -41.13 31.62
C PRO H 269 4.73 -42.26 30.87
N SER H 270 5.20 -43.30 31.59
CA SER H 270 5.84 -44.43 30.91
C SER H 270 4.86 -45.19 30.02
N LYS H 271 3.56 -45.03 30.24
CA LYS H 271 2.56 -45.68 29.41
C LYS H 271 2.08 -44.81 28.25
N LEU H 272 2.56 -43.57 28.16
CA LEU H 272 2.12 -42.65 27.12
C LEU H 272 3.04 -42.73 25.91
N TRP H 273 2.44 -42.53 24.73
CA TRP H 273 3.16 -42.51 23.46
C TRP H 273 2.68 -41.30 22.68
N ILE H 274 3.56 -40.30 22.53
CA ILE H 274 3.22 -39.04 21.88
C ILE H 274 4.05 -38.91 20.61
N GLY H 275 3.37 -38.59 19.51
CA GLY H 275 4.06 -38.41 18.24
C GLY H 275 3.31 -37.46 17.34
N GLY H 276 4.00 -37.01 16.30
CA GLY H 276 3.45 -36.09 15.34
C GLY H 276 4.06 -34.70 15.45
N THR H 277 3.33 -33.72 14.92
CA THR H 277 3.80 -32.34 14.95
C THR H 277 3.67 -31.71 16.34
N ILE H 278 2.88 -32.31 17.24
CA ILE H 278 2.78 -31.79 18.59
C ILE H 278 4.07 -32.00 19.37
N VAL H 279 4.94 -32.89 18.89
CA VAL H 279 6.21 -33.15 19.57
C VAL H 279 7.07 -31.88 19.56
N LYS H 280 7.08 -31.16 18.44
CA LYS H 280 7.86 -29.93 18.35
C LYS H 280 7.38 -28.90 19.37
N ASP H 281 6.07 -28.72 19.49
CA ASP H 281 5.52 -27.78 20.46
C ASP H 281 5.83 -28.23 21.89
N LEU H 282 5.73 -29.53 22.16
CA LEU H 282 6.05 -30.04 23.49
C LEU H 282 7.50 -29.77 23.84
N GLN H 283 8.41 -30.01 22.90
CA GLN H 283 9.82 -29.78 23.17
C GLN H 283 10.15 -28.31 23.31
N GLN H 284 9.47 -27.44 22.56
CA GLN H 284 9.71 -26.01 22.67
C GLN H 284 9.24 -25.42 23.99
N LEU H 285 8.45 -26.15 24.77
CA LEU H 285 7.99 -25.65 26.05
C LEU H 285 9.14 -25.55 27.04
N ASP H 286 9.13 -24.51 27.85
CA ASP H 286 10.11 -24.38 28.92
C ASP H 286 9.78 -25.35 30.05
N ASN H 287 10.82 -25.73 30.80
CA ASN H 287 10.75 -26.67 31.93
C ASN H 287 10.42 -28.08 31.45
N PHE H 288 10.25 -28.29 30.14
CA PHE H 288 9.86 -29.60 29.62
C PHE H 288 10.90 -30.67 29.95
N GLU H 289 12.17 -30.28 30.06
CA GLU H 289 13.21 -31.25 30.40
C GLU H 289 13.02 -31.84 31.78
N SER H 290 12.41 -31.10 32.71
CA SER H 290 12.14 -31.58 34.05
C SER H 290 10.69 -31.93 34.28
N SER H 291 9.82 -31.71 33.28
CA SER H 291 8.41 -32.00 33.45
C SER H 291 8.16 -33.51 33.48
N PRO H 292 7.13 -33.96 34.19
CA PRO H 292 6.78 -35.39 34.14
C PRO H 292 6.40 -35.88 32.76
N LEU H 293 5.99 -35.00 31.85
CA LEU H 293 5.71 -35.40 30.48
C LEU H 293 6.97 -35.80 29.72
N ASN H 294 8.15 -35.49 30.25
CA ASN H 294 9.39 -35.79 29.53
C ASN H 294 9.68 -37.28 29.47
N LYS H 295 9.33 -38.03 30.50
CA LYS H 295 9.63 -39.46 30.56
C LYS H 295 8.64 -40.30 29.76
N ALA H 296 7.84 -39.67 28.91
CA ALA H 296 6.95 -40.40 28.01
C ALA H 296 7.66 -40.67 26.69
N HIS H 297 7.24 -41.73 26.01
CA HIS H 297 7.82 -42.09 24.73
C HIS H 297 7.41 -41.06 23.68
N ILE H 298 8.32 -40.16 23.33
CA ILE H 298 8.04 -39.03 22.45
C ILE H 298 8.91 -39.17 21.21
N TYR H 299 8.27 -39.25 20.05
CA TYR H 299 8.96 -39.34 18.77
C TYR H 299 8.34 -38.37 17.79
N ARG H 300 9.17 -37.54 17.14
CA ARG H 300 8.65 -36.68 16.09
C ARG H 300 8.13 -37.50 14.92
N ASN H 301 8.85 -38.55 14.55
CA ASN H 301 8.44 -39.42 13.46
C ASN H 301 7.37 -40.37 13.97
N ARG H 302 6.20 -40.36 13.32
CA ARG H 302 5.12 -41.26 13.72
C ARG H 302 5.49 -42.72 13.46
N ASN H 303 6.22 -42.98 12.38
CA ASN H 303 6.60 -44.35 12.06
C ASN H 303 7.50 -44.94 13.14
N GLU H 304 8.47 -44.17 13.64
CA GLU H 304 9.34 -44.65 14.69
C GLU H 304 8.57 -44.96 15.97
N MET H 305 7.67 -44.05 16.36
CA MET H 305 6.87 -44.29 17.55
C MET H 305 5.98 -45.51 17.39
N ILE H 306 5.39 -45.69 16.21
CA ILE H 306 4.55 -46.85 15.98
C ILE H 306 5.36 -48.13 16.00
N GLU H 307 6.57 -48.11 15.46
CA GLU H 307 7.42 -49.29 15.51
C GLU H 307 7.77 -49.64 16.96
N ALA H 308 8.14 -48.65 17.76
CA ALA H 308 8.47 -48.92 19.16
C ALA H 308 7.25 -49.42 19.92
N LEU H 309 6.09 -48.80 19.69
CA LEU H 309 4.87 -49.21 20.38
C LEU H 309 4.48 -50.63 19.98
N LYS H 310 4.62 -50.98 18.70
CA LYS H 310 4.30 -52.33 18.26
C LYS H 310 5.28 -53.34 18.81
N THR H 311 6.55 -52.96 18.96
CA THR H 311 7.51 -53.84 19.63
C THR H 311 7.07 -54.10 21.07
N VAL H 312 6.68 -53.05 21.77
CA VAL H 312 6.22 -53.21 23.15
C VAL H 312 4.97 -54.08 23.21
N ILE H 313 4.04 -53.86 22.28
CA ILE H 313 2.79 -54.62 22.25
C ILE H 313 3.06 -56.09 21.98
N LYS H 314 3.94 -56.38 21.03
CA LYS H 314 4.27 -57.77 20.72
C LYS H 314 4.98 -58.44 21.90
N ARG H 315 5.84 -57.69 22.60
CA ARG H 315 6.48 -58.26 23.79
C ARG H 315 5.46 -58.55 24.88
N ASP H 316 4.49 -57.65 25.09
CA ASP H 316 3.55 -57.82 26.18
C ASP H 316 2.53 -58.91 25.88
N LEU H 317 2.06 -58.98 24.64
CA LEU H 317 1.01 -59.92 24.26
C LEU H 317 1.55 -61.28 23.85
N GLY H 318 2.86 -61.46 23.81
CA GLY H 318 3.44 -62.72 23.40
C GLY H 318 3.34 -63.00 21.92
N LEU H 319 3.20 -61.97 21.08
CA LEU H 319 3.09 -62.16 19.64
C LEU H 319 4.41 -62.57 18.99
N GLU H 320 5.52 -62.51 19.73
CA GLU H 320 6.82 -62.88 19.18
C GLU H 320 6.87 -64.36 18.79
N THR I 13 -67.54 -49.61 45.20
CA THR I 13 -66.83 -50.87 45.42
C THR I 13 -65.37 -50.73 45.04
N GLN I 14 -64.84 -51.75 44.36
CA GLN I 14 -63.45 -51.73 43.92
C GLN I 14 -63.37 -51.28 42.47
N PRO I 15 -62.66 -50.19 42.16
CA PRO I 15 -62.56 -49.75 40.77
C PRO I 15 -61.84 -50.80 39.92
N LYS I 16 -62.43 -51.11 38.75
CA LYS I 16 -61.82 -52.09 37.87
C LYS I 16 -60.64 -51.50 37.11
N ILE I 17 -60.65 -50.19 36.87
CA ILE I 17 -59.53 -49.50 36.25
C ILE I 17 -59.25 -48.25 37.07
N SER I 18 -58.01 -48.11 37.53
CA SER I 18 -57.57 -46.96 38.30
C SER I 18 -56.37 -46.33 37.64
N LEU I 19 -56.43 -45.03 37.38
CA LEU I 19 -55.37 -44.28 36.73
C LEU I 19 -55.07 -43.04 37.54
N SER I 20 -53.78 -42.77 37.75
CA SER I 20 -53.35 -41.62 38.53
C SER I 20 -52.15 -40.96 37.88
N LEU I 21 -52.05 -39.63 38.04
CA LEU I 21 -50.87 -38.91 37.57
C LEU I 21 -49.66 -39.16 38.44
N HIS I 22 -49.86 -39.62 39.68
CA HIS I 22 -48.76 -39.83 40.61
C HIS I 22 -48.08 -41.18 40.43
N ALA I 23 -48.59 -42.04 39.55
CA ALA I 23 -47.98 -43.35 39.37
C ALA I 23 -46.57 -43.20 38.79
N ALA I 24 -45.63 -43.95 39.36
CA ALA I 24 -44.22 -43.78 39.04
C ALA I 24 -43.85 -44.39 37.69
N ASP I 25 -44.64 -45.31 37.17
CA ASP I 25 -44.31 -46.01 35.94
C ASP I 25 -44.84 -45.33 34.69
N THR I 26 -45.47 -44.16 34.81
CA THR I 26 -46.05 -43.49 33.66
C THR I 26 -45.06 -42.55 33.01
N THR I 27 -45.21 -42.38 31.69
CA THR I 27 -44.46 -41.40 30.92
C THR I 27 -45.38 -40.24 30.56
N ILE I 28 -44.85 -39.32 29.75
CA ILE I 28 -45.63 -38.15 29.36
C ILE I 28 -46.84 -38.56 28.53
N MET I 29 -46.65 -39.51 27.61
CA MET I 29 -47.76 -39.95 26.77
C MET I 29 -48.86 -40.59 27.60
N HIS I 30 -48.50 -41.35 28.62
CA HIS I 30 -49.50 -41.95 29.49
C HIS I 30 -50.34 -40.88 30.19
N ARG I 31 -49.69 -39.83 30.70
CA ARG I 31 -50.42 -38.77 31.40
C ARG I 31 -51.31 -38.00 30.43
N VAL I 32 -50.82 -37.74 29.22
CA VAL I 32 -51.67 -37.10 28.21
C VAL I 32 -52.88 -37.97 27.91
N GLY I 33 -52.67 -39.29 27.88
CA GLY I 33 -53.78 -40.18 27.65
C GLY I 33 -54.81 -40.16 28.77
N MET I 34 -54.35 -40.13 30.02
CA MET I 34 -55.29 -40.00 31.12
C MET I 34 -56.04 -38.68 31.05
N THR I 35 -55.36 -37.60 30.63
CA THR I 35 -56.05 -36.32 30.47
C THR I 35 -57.13 -36.41 29.39
N GLY I 36 -56.82 -37.05 28.27
CA GLY I 36 -57.82 -37.23 27.23
C GLY I 36 -58.99 -38.06 27.70
N LEU I 37 -58.72 -39.13 28.45
CA LEU I 37 -59.79 -39.94 29.02
C LEU I 37 -60.63 -39.13 29.99
N TYR I 38 -59.99 -38.27 30.78
CA TYR I 38 -60.72 -37.41 31.71
C TYR I 38 -61.66 -36.47 30.96
N MET I 39 -61.17 -35.85 29.90
CA MET I 39 -62.02 -34.96 29.11
C MET I 39 -63.17 -35.72 28.47
N THR I 40 -62.89 -36.90 27.92
CA THR I 40 -63.94 -37.71 27.29
C THR I 40 -64.98 -38.14 28.31
N LEU I 41 -64.54 -38.51 29.51
CA LEU I 41 -65.47 -38.92 30.55
C LEU I 41 -66.33 -37.75 31.02
N LYS I 42 -65.75 -36.56 31.13
CA LYS I 42 -66.55 -35.38 31.47
C LYS I 42 -67.62 -35.13 30.42
N ARG I 43 -67.23 -35.18 29.14
CA ARG I 43 -68.20 -34.94 28.08
C ARG I 43 -69.28 -36.02 28.05
N LEU I 44 -68.91 -37.28 28.25
CA LEU I 44 -69.88 -38.36 28.27
C LEU I 44 -70.84 -38.23 29.45
N GLU I 45 -70.32 -37.86 30.62
CA GLU I 45 -71.17 -37.66 31.79
C GLU I 45 -72.15 -36.53 31.55
N LYS I 46 -71.71 -35.48 30.85
CA LYS I 46 -72.67 -34.43 30.45
C LYS I 46 -73.68 -34.99 29.47
N GLN I 47 -73.27 -35.87 28.57
CA GLN I 47 -74.19 -36.43 27.58
C GLN I 47 -75.12 -37.47 28.21
N TYR I 48 -74.59 -38.30 29.10
CA TYR I 48 -75.35 -39.37 29.75
C TYR I 48 -75.30 -39.15 31.26
N PRO I 49 -76.22 -38.33 31.79
CA PRO I 49 -76.18 -38.06 33.25
C PRO I 49 -76.36 -39.29 34.11
N LEU I 50 -77.16 -40.25 33.69
CA LEU I 50 -77.49 -41.42 34.50
C LEU I 50 -76.64 -42.61 34.08
N SER I 51 -76.14 -43.34 35.07
CA SER I 51 -75.30 -44.51 34.79
C SER I 51 -76.10 -45.63 34.13
N ARG I 52 -77.41 -45.67 34.35
CA ARG I 52 -78.23 -46.71 33.72
C ARG I 52 -78.29 -46.52 32.21
N GLN I 53 -78.22 -45.28 31.74
CA GLN I 53 -78.19 -45.03 30.30
C GLN I 53 -76.96 -45.63 29.66
N ARG I 54 -75.81 -45.51 30.33
CA ARG I 54 -74.56 -46.02 29.78
C ARG I 54 -74.56 -47.55 29.80
N GLY I 55 -74.04 -48.13 28.71
CA GLY I 55 -73.96 -49.57 28.59
C GLY I 55 -73.11 -50.21 29.66
N GLY I 56 -73.62 -51.27 30.28
CA GLY I 56 -72.90 -51.94 31.34
C GLY I 56 -72.89 -51.23 32.67
N HIS I 57 -73.69 -50.17 32.81
CA HIS I 57 -73.75 -49.37 34.04
C HIS I 57 -72.37 -48.84 34.43
N ILE I 58 -71.61 -48.42 33.42
CA ILE I 58 -70.27 -47.90 33.68
C ILE I 58 -70.37 -46.54 34.35
N SER I 59 -69.62 -46.36 35.43
CA SER I 59 -69.59 -45.10 36.15
C SER I 59 -68.15 -44.78 36.51
N TRP I 60 -67.86 -43.49 36.68
CA TRP I 60 -66.50 -43.04 36.95
C TRP I 60 -66.50 -42.03 38.08
N PHE I 61 -65.36 -41.95 38.78
CA PHE I 61 -65.12 -40.95 39.81
C PHE I 61 -63.85 -40.20 39.41
N LEU I 62 -64.00 -38.93 39.02
CA LEU I 62 -62.90 -38.13 38.51
C LEU I 62 -62.47 -37.12 39.56
N THR I 63 -61.17 -37.09 39.84
CA THR I 63 -60.57 -36.12 40.74
C THR I 63 -59.58 -35.27 39.96
N ALA I 64 -58.82 -34.44 40.68
CA ALA I 64 -57.83 -33.60 40.03
C ALA I 64 -56.74 -34.41 39.34
N ASP I 65 -56.34 -35.52 39.94
CA ASP I 65 -55.23 -36.31 39.38
C ASP I 65 -55.49 -37.81 39.44
N THR I 66 -56.74 -38.26 39.49
CA THR I 66 -57.04 -39.68 39.56
C THR I 66 -58.30 -39.97 38.76
N ILE I 67 -58.31 -41.12 38.09
CA ILE I 67 -59.47 -41.59 37.33
C ILE I 67 -59.76 -43.03 37.77
N GLU I 68 -61.00 -43.27 38.19
CA GLU I 68 -61.44 -44.60 38.61
C GLU I 68 -62.70 -44.96 37.84
N LEU I 69 -62.73 -46.18 37.30
CA LEU I 69 -63.86 -46.64 36.50
C LEU I 69 -64.53 -47.83 37.19
N PHE I 70 -65.85 -47.77 37.32
CA PHE I 70 -66.65 -48.85 37.85
C PHE I 70 -67.67 -49.27 36.81
N TRP I 71 -67.83 -50.58 36.62
CA TRP I 71 -68.86 -51.09 35.75
C TRP I 71 -69.28 -52.48 36.22
N GLU I 72 -70.45 -52.91 35.76
CA GLU I 72 -71.03 -54.19 36.14
C GLU I 72 -71.10 -55.11 34.92
N GLY I 73 -71.17 -56.41 35.20
CA GLY I 73 -71.29 -57.38 34.13
C GLY I 73 -69.96 -57.61 33.42
N SER I 74 -70.05 -58.01 32.15
CA SER I 74 -68.87 -58.30 31.37
C SER I 74 -68.04 -57.04 31.13
N ASP I 75 -66.72 -57.17 31.27
CA ASP I 75 -65.83 -56.05 31.00
C ASP I 75 -65.84 -55.65 29.54
N PHE I 76 -65.99 -56.63 28.64
CA PHE I 76 -65.96 -56.34 27.21
C PHE I 76 -67.08 -55.41 26.80
N ILE I 77 -68.29 -55.63 27.32
CA ILE I 77 -69.44 -54.82 26.92
C ILE I 77 -69.24 -53.37 27.36
N ALA I 78 -68.84 -53.17 28.62
CA ALA I 78 -68.65 -51.81 29.12
C ALA I 78 -67.51 -51.11 28.39
N LEU I 79 -66.39 -51.81 28.19
CA LEU I 79 -65.27 -51.19 27.49
C LEU I 79 -65.63 -50.86 26.04
N SER I 80 -66.37 -51.76 25.38
CA SER I 80 -66.80 -51.49 24.01
C SER I 80 -67.72 -50.30 23.95
N TRP I 81 -68.66 -50.18 24.90
CA TRP I 81 -69.54 -49.02 24.92
C TRP I 81 -68.74 -47.74 25.10
N LEU I 82 -67.83 -47.72 26.09
CA LEU I 82 -67.05 -46.52 26.36
C LEU I 82 -66.21 -46.12 25.16
N ILE I 83 -65.54 -47.10 24.53
CA ILE I 83 -64.65 -46.80 23.42
C ILE I 83 -65.43 -46.37 22.19
N ASN I 84 -66.56 -47.05 21.90
CA ASN I 84 -67.36 -46.68 20.75
C ASN I 84 -67.97 -45.29 20.91
N GLU I 85 -68.41 -44.95 22.13
CA GLU I 85 -68.92 -43.62 22.35
C GLU I 85 -67.81 -42.57 22.31
N SER I 86 -66.60 -42.94 22.73
CA SER I 86 -65.49 -41.98 22.75
C SER I 86 -65.05 -41.62 21.34
N PHE I 87 -64.85 -42.63 20.49
CA PHE I 87 -64.37 -42.42 19.12
C PHE I 87 -65.51 -42.72 18.16
N GLN I 88 -65.92 -41.71 17.39
CA GLN I 88 -67.07 -41.82 16.51
C GLN I 88 -66.73 -41.26 15.14
N LEU I 89 -67.64 -41.50 14.19
CA LEU I 89 -67.52 -40.96 12.84
C LEU I 89 -68.86 -40.34 12.47
N ASP I 90 -68.82 -39.09 12.01
CA ASP I 90 -70.05 -38.42 11.61
C ASP I 90 -70.48 -38.92 10.22
N ASP I 91 -71.54 -38.30 9.69
CA ASP I 91 -72.04 -38.68 8.38
C ASP I 91 -71.01 -38.40 7.28
N THR I 92 -70.29 -37.28 7.40
CA THR I 92 -69.31 -36.90 6.39
C THR I 92 -68.06 -37.79 6.43
N GLY I 93 -67.89 -38.60 7.48
CA GLY I 93 -66.74 -39.48 7.58
C GLY I 93 -65.56 -38.91 8.34
N LEU I 94 -65.72 -37.77 9.00
CA LEU I 94 -64.64 -37.18 9.78
C LEU I 94 -64.56 -37.83 11.16
N ILE I 95 -63.35 -37.82 11.72
CA ILE I 95 -63.15 -38.36 13.06
C ILE I 95 -63.85 -37.47 14.07
N HIS I 96 -64.74 -38.06 14.85
CA HIS I 96 -65.57 -37.33 15.82
C HIS I 96 -65.17 -37.78 17.21
N LEU I 97 -64.33 -37.00 17.87
CA LEU I 97 -63.91 -37.27 19.25
C LEU I 97 -64.85 -36.51 20.18
N VAL I 98 -65.64 -37.26 20.96
CA VAL I 98 -66.59 -36.62 21.86
C VAL I 98 -65.89 -35.93 23.02
N GLY I 99 -64.61 -36.21 23.23
CA GLY I 99 -63.86 -35.47 24.23
C GLY I 99 -63.79 -33.99 23.92
N LEU I 100 -63.71 -33.66 22.64
CA LEU I 100 -63.73 -32.27 22.19
C LEU I 100 -65.18 -31.81 21.99
N ASP I 101 -65.41 -30.53 22.25
CA ASP I 101 -66.73 -29.93 22.05
C ASP I 101 -66.94 -29.74 20.56
N ASN I 102 -67.53 -30.76 19.92
CA ASN I 102 -67.64 -30.74 18.46
C ASN I 102 -68.71 -29.79 17.96
N ASP I 103 -69.67 -29.40 18.79
CA ASP I 103 -70.65 -28.40 18.38
C ASP I 103 -70.00 -27.05 18.18
N ARG I 104 -69.10 -26.67 19.09
CA ARG I 104 -68.49 -25.35 19.03
C ARG I 104 -67.49 -25.24 17.89
N ILE I 105 -66.75 -26.30 17.60
CA ILE I 105 -65.73 -26.26 16.56
C ILE I 105 -66.39 -26.25 15.19
N ASP I 106 -65.79 -25.51 14.25
CA ASP I 106 -66.34 -25.40 12.90
C ASP I 106 -65.86 -26.56 12.03
N LEU I 107 -66.37 -26.60 10.79
CA LEU I 107 -66.04 -27.70 9.89
C LEU I 107 -64.57 -27.71 9.50
N ARG I 108 -63.99 -26.53 9.25
CA ARG I 108 -62.61 -26.46 8.80
C ARG I 108 -61.64 -26.97 9.87
N GLN I 109 -61.84 -26.58 11.12
CA GLN I 109 -60.96 -27.05 12.18
C GLN I 109 -61.15 -28.54 12.46
N LYS I 110 -62.39 -29.02 12.31
CA LYS I 110 -62.63 -30.47 12.42
C LYS I 110 -61.88 -31.21 11.34
N ILE I 111 -61.90 -30.70 10.11
CA ILE I 111 -61.14 -31.32 9.03
C ILE I 111 -59.65 -31.27 9.33
N HIS I 112 -59.17 -30.16 9.88
CA HIS I 112 -57.76 -30.04 10.24
C HIS I 112 -57.36 -31.10 11.26
N ILE I 113 -58.18 -31.27 12.30
CA ILE I 113 -57.88 -32.25 13.34
C ILE I 113 -57.93 -33.67 12.77
N HIS I 114 -58.93 -33.95 11.93
CA HIS I 114 -59.05 -35.26 11.32
C HIS I 114 -57.84 -35.59 10.45
N GLU I 115 -57.41 -34.62 9.63
CA GLU I 115 -56.23 -34.84 8.78
C GLU I 115 -54.97 -35.03 9.62
N GLY I 116 -54.82 -34.25 10.70
CA GLY I 116 -53.66 -34.43 11.56
C GLY I 116 -53.62 -35.80 12.21
N ILE I 117 -54.78 -36.27 12.70
CA ILE I 117 -54.84 -37.59 13.31
C ILE I 117 -54.53 -38.67 12.27
N CYS I 118 -55.10 -38.53 11.06
CA CYS I 118 -54.87 -39.52 10.03
C CYS I 118 -53.42 -39.52 9.54
N GLY I 119 -52.75 -38.38 9.62
CA GLY I 119 -51.38 -38.30 9.14
C GLY I 119 -50.33 -38.60 10.19
N VAL I 120 -50.71 -38.56 11.46
CA VAL I 120 -49.79 -38.79 12.57
C VAL I 120 -50.03 -40.14 13.23
N PHE I 121 -51.25 -40.37 13.73
CA PHE I 121 -51.55 -41.61 14.44
C PHE I 121 -51.93 -42.73 13.48
N LEU I 122 -52.86 -42.48 12.57
CA LEU I 122 -53.30 -43.50 11.62
C LEU I 122 -52.52 -43.42 10.32
N ARG I 123 -51.19 -43.48 10.42
CA ARG I 123 -50.34 -43.42 9.24
C ARG I 123 -50.53 -44.61 8.33
N LEU I 124 -51.04 -45.73 8.84
CA LEU I 124 -51.06 -46.99 8.13
C LEU I 124 -52.48 -47.41 7.79
N ASN I 125 -52.66 -47.90 6.57
CA ASN I 125 -53.96 -48.42 6.14
C ASN I 125 -54.38 -49.65 6.93
N LYS I 126 -53.46 -50.30 7.63
CA LYS I 126 -53.82 -51.42 8.48
C LYS I 126 -54.63 -51.01 9.69
N PHE I 127 -54.73 -49.71 9.98
CA PHE I 127 -55.46 -49.23 11.14
C PHE I 127 -56.60 -48.29 10.76
N TYR I 128 -56.96 -48.20 9.49
CA TYR I 128 -58.13 -47.45 9.07
C TYR I 128 -58.59 -47.94 7.71
N GLN I 129 -59.90 -47.95 7.50
CA GLN I 129 -60.49 -48.24 6.19
C GLN I 129 -61.02 -46.94 5.62
N ALA I 130 -60.53 -46.57 4.45
CA ALA I 130 -60.85 -45.27 3.85
C ALA I 130 -62.10 -45.37 2.99
N GLY I 131 -62.91 -44.33 3.04
CA GLY I 131 -64.08 -44.20 2.19
C GLY I 131 -63.77 -43.41 0.94
N GLU I 132 -64.78 -42.69 0.44
CA GLU I 132 -64.59 -41.86 -0.73
C GLU I 132 -64.00 -40.50 -0.33
N ILE I 133 -63.42 -39.83 -1.31
CA ILE I 133 -62.85 -38.51 -1.10
C ILE I 133 -63.98 -37.48 -1.15
N ILE I 134 -64.45 -37.06 0.02
CA ILE I 134 -65.56 -36.13 0.09
C ILE I 134 -65.07 -34.72 -0.21
N ASN I 135 -65.76 -34.03 -1.12
CA ASN I 135 -65.43 -32.67 -1.50
C ASN I 135 -66.56 -31.74 -1.05
N THR I 136 -66.19 -30.70 -0.31
CA THR I 136 -67.15 -29.70 0.17
C THR I 136 -66.66 -28.31 -0.19
N GLU I 137 -67.59 -27.46 -0.64
CA GLU I 137 -67.27 -26.11 -1.11
C GLU I 137 -67.91 -25.11 -0.13
N LEU I 138 -67.14 -24.72 0.88
CA LEU I 138 -67.60 -23.69 1.81
C LEU I 138 -67.18 -22.31 1.33
N ARG I 139 -68.12 -21.39 1.29
CA ARG I 139 -67.86 -20.04 0.81
C ARG I 139 -67.02 -19.26 1.81
N PHE I 140 -66.08 -18.48 1.29
CA PHE I 140 -65.22 -17.65 2.14
C PHE I 140 -64.85 -16.41 1.33
N GLU I 141 -65.31 -15.24 1.80
CA GLU I 141 -65.10 -13.97 1.11
C GLU I 141 -65.63 -14.03 -0.32
N GLU I 142 -66.87 -14.50 -0.45
CA GLU I 142 -67.55 -14.63 -1.74
C GLU I 142 -66.78 -15.55 -2.70
N LYS I 143 -66.13 -16.57 -2.15
CA LYS I 143 -65.42 -17.57 -2.96
C LYS I 143 -65.63 -18.93 -2.32
N GLN I 144 -66.05 -19.90 -3.13
CA GLN I 144 -66.32 -21.26 -2.66
C GLN I 144 -65.08 -22.10 -2.94
N VAL I 145 -64.34 -22.43 -1.88
CA VAL I 145 -63.15 -23.25 -2.01
C VAL I 145 -63.50 -24.69 -1.65
N GLU I 146 -63.04 -25.63 -2.48
CA GLU I 146 -63.40 -27.04 -2.35
C GLU I 146 -62.35 -27.75 -1.50
N TYR I 147 -62.68 -28.00 -0.23
CA TYR I 147 -61.84 -28.85 0.59
C TYR I 147 -62.06 -30.31 0.21
N GLN I 148 -60.97 -31.04 0.03
CA GLN I 148 -61.03 -32.46 -0.32
C GLN I 148 -60.26 -33.25 0.74
N TYR I 149 -60.98 -34.05 1.52
CA TYR I 149 -60.38 -34.88 2.56
C TYR I 149 -60.82 -36.33 2.37
N LYS I 150 -60.01 -37.23 2.91
CA LYS I 150 -60.28 -38.66 2.82
C LYS I 150 -61.17 -39.08 3.98
N SER I 151 -62.43 -39.36 3.68
CA SER I 151 -63.35 -39.83 4.71
C SER I 151 -63.01 -41.26 5.13
N LEU I 152 -63.37 -41.60 6.36
CA LEU I 152 -63.07 -42.90 6.92
C LEU I 152 -64.35 -43.67 7.22
N THR I 153 -64.23 -44.98 7.28
CA THR I 153 -65.31 -45.85 7.70
C THR I 153 -65.01 -46.61 8.99
N TRP I 154 -63.75 -46.71 9.39
CA TRP I 154 -63.34 -47.39 10.62
C TRP I 154 -61.90 -47.04 10.90
N TYR I 155 -61.56 -46.98 12.19
CA TYR I 155 -60.18 -46.85 12.63
C TYR I 155 -59.98 -47.62 13.92
N ALA I 156 -58.73 -48.01 14.17
CA ALA I 156 -58.42 -48.97 15.23
C ALA I 156 -58.83 -48.47 16.60
N HIS I 157 -58.89 -47.15 16.79
CA HIS I 157 -59.32 -46.59 18.07
C HIS I 157 -60.74 -47.04 18.40
N GLN I 158 -61.58 -47.23 17.37
CA GLN I 158 -62.96 -47.62 17.61
C GLN I 158 -63.06 -49.03 18.16
N THR I 159 -62.26 -49.96 17.65
CA THR I 159 -62.39 -51.38 17.96
C THR I 159 -61.22 -51.93 18.76
N PHE I 160 -60.45 -51.06 19.42
CA PHE I 160 -59.39 -51.56 20.30
C PHE I 160 -59.95 -52.27 21.53
N ALA I 161 -61.26 -52.15 21.79
CA ALA I 161 -61.86 -52.83 22.93
C ALA I 161 -61.70 -54.34 22.83
N GLU I 162 -61.69 -54.89 21.61
CA GLU I 162 -61.43 -56.31 21.43
C GLU I 162 -60.02 -56.67 21.88
N LYS I 163 -59.04 -55.82 21.55
CA LYS I 163 -57.67 -56.09 21.98
C LYS I 163 -57.50 -55.89 23.48
N LEU I 164 -58.35 -55.05 24.10
CA LEU I 164 -58.22 -54.83 25.53
C LEU I 164 -58.69 -56.02 26.35
N CYS I 165 -59.63 -56.80 25.82
CA CYS I 165 -60.25 -57.89 26.57
C CYS I 165 -59.91 -59.24 25.96
N GLU I 166 -60.02 -60.28 26.78
CA GLU I 166 -59.76 -61.64 26.32
C GLU I 166 -60.82 -62.08 25.32
N ALA I 167 -60.41 -62.97 24.41
CA ALA I 167 -61.32 -63.42 23.37
C ALA I 167 -62.39 -64.34 23.91
N ASP I 168 -62.03 -65.25 24.82
CA ASP I 168 -62.97 -66.27 25.29
C ASP I 168 -63.79 -65.75 26.47
N THR I 169 -63.12 -65.38 27.56
CA THR I 169 -63.81 -64.96 28.77
C THR I 169 -64.42 -63.57 28.66
N GLN I 170 -64.02 -62.78 27.67
CA GLN I 170 -64.51 -61.42 27.48
C GLN I 170 -64.30 -60.58 28.75
N GLN I 171 -63.10 -60.66 29.30
CA GLN I 171 -62.72 -59.92 30.49
C GLN I 171 -61.39 -59.23 30.26
N LEU I 172 -61.11 -58.24 31.11
CA LEU I 172 -59.87 -57.47 30.99
C LEU I 172 -58.67 -58.39 31.16
N ARG I 173 -57.69 -58.24 30.27
CA ARG I 173 -56.50 -59.09 30.30
C ARG I 173 -55.67 -58.80 31.55
N HIS I 174 -55.10 -59.87 32.11
CA HIS I 174 -54.25 -59.77 33.29
C HIS I 174 -52.77 -59.70 32.92
N ASP I 175 -52.44 -59.68 31.64
CA ASP I 175 -51.06 -59.64 31.18
C ASP I 175 -50.85 -58.36 30.38
N TYR I 176 -49.61 -58.16 29.92
CA TYR I 176 -49.27 -56.98 29.15
C TYR I 176 -49.81 -57.10 27.72
N ILE I 177 -50.19 -55.97 27.15
CA ILE I 177 -50.73 -55.91 25.80
C ILE I 177 -49.67 -55.34 24.87
N GLN I 178 -49.37 -56.05 23.80
CA GLN I 178 -48.40 -55.58 22.81
C GLN I 178 -49.03 -54.47 21.98
N ILE I 179 -48.40 -53.30 22.00
CA ILE I 179 -48.92 -52.13 21.31
C ILE I 179 -48.05 -51.84 20.10
N THR I 180 -48.50 -50.88 19.28
CA THR I 180 -47.81 -50.54 18.05
C THR I 180 -47.67 -49.02 17.99
N SER I 181 -47.08 -48.53 16.90
CA SER I 181 -46.78 -47.11 16.76
C SER I 181 -48.03 -46.24 16.68
N TRP I 182 -49.18 -46.80 16.32
CA TRP I 182 -50.40 -46.00 16.27
C TRP I 182 -50.91 -45.65 17.65
N LEU I 183 -50.61 -46.49 18.65
CA LEU I 183 -50.99 -46.18 20.02
C LEU I 183 -49.97 -45.25 20.67
N TYR I 184 -48.72 -45.71 20.76
CA TYR I 184 -47.62 -44.93 21.30
C TYR I 184 -46.80 -44.39 20.13
N LEU I 185 -46.77 -43.07 19.98
CA LEU I 185 -45.99 -42.47 18.92
C LEU I 185 -44.51 -42.79 19.11
N GLY I 186 -43.86 -43.26 18.05
CA GLY I 186 -42.49 -43.69 18.13
C GLY I 186 -42.27 -45.10 18.62
N GLY I 187 -43.34 -45.81 19.01
CA GLY I 187 -43.23 -47.18 19.43
C GLY I 187 -43.11 -48.13 18.25
N ILE I 188 -42.05 -47.96 17.48
CA ILE I 188 -41.85 -48.71 16.24
C ILE I 188 -41.21 -50.04 16.56
N VAL I 189 -41.50 -51.05 15.75
CA VAL I 189 -40.76 -52.32 15.81
C VAL I 189 -39.53 -52.17 14.91
N ARG I 190 -38.36 -52.01 15.52
CA ARG I 190 -37.15 -51.74 14.73
C ARG I 190 -36.83 -52.90 13.80
N HIS I 191 -36.91 -54.12 14.29
CA HIS I 191 -36.58 -55.31 13.51
C HIS I 191 -37.89 -56.01 13.14
N ALA I 192 -38.23 -55.96 11.85
CA ALA I 192 -39.49 -56.53 11.39
C ALA I 192 -39.49 -58.05 11.51
N ARG I 193 -38.31 -58.68 11.49
CA ARG I 193 -38.23 -60.14 11.60
C ARG I 193 -38.53 -60.63 13.01
N THR I 194 -38.61 -59.74 13.99
CA THR I 194 -38.93 -60.09 15.37
C THR I 194 -40.24 -59.44 15.80
N GLN I 195 -41.25 -59.48 14.93
CA GLN I 195 -42.50 -58.78 15.20
C GLN I 195 -43.25 -59.36 16.39
N ASN I 196 -43.12 -60.67 16.64
CA ASN I 196 -43.84 -61.27 17.76
C ASN I 196 -43.28 -60.81 19.10
N THR I 197 -41.95 -60.78 19.23
CA THR I 197 -41.31 -60.56 20.53
C THR I 197 -40.99 -59.09 20.78
N THR I 198 -40.19 -58.48 19.91
CA THR I 198 -39.70 -57.12 20.12
C THR I 198 -40.81 -56.12 19.81
N LYS I 199 -41.81 -56.12 20.70
CA LYS I 199 -42.94 -55.20 20.61
C LYS I 199 -43.17 -54.56 21.97
N LEU I 200 -43.43 -53.26 21.99
CA LEU I 200 -43.68 -52.57 23.24
C LEU I 200 -44.95 -53.11 23.89
N GLU I 201 -44.88 -53.36 25.19
CA GLU I 201 -45.98 -53.95 25.94
C GLU I 201 -46.39 -53.03 27.08
N GLU I 202 -47.70 -52.87 27.26
CA GLU I 202 -48.25 -51.99 28.27
C GLU I 202 -49.41 -52.68 28.98
N LYS I 203 -49.69 -52.22 30.19
CA LYS I 203 -50.85 -52.71 30.92
C LYS I 203 -52.14 -52.23 30.26
N PRO I 204 -53.24 -52.97 30.42
CA PRO I 204 -54.48 -52.59 29.73
C PRO I 204 -54.97 -51.18 30.05
N GLU I 205 -54.85 -50.74 31.30
CA GLU I 205 -55.26 -49.38 31.63
C GLU I 205 -54.40 -48.35 30.92
N TYR I 206 -53.09 -48.56 30.88
CA TYR I 206 -52.22 -47.66 30.13
C TYR I 206 -52.47 -47.77 28.64
N ALA I 207 -52.91 -48.94 28.16
CA ALA I 207 -53.32 -49.06 26.77
C ALA I 207 -54.54 -48.19 26.48
N LEU I 208 -55.51 -48.17 27.40
CA LEU I 208 -56.65 -47.29 27.25
C LEU I 208 -56.24 -45.83 27.27
N ALA I 209 -55.30 -45.48 28.14
CA ALA I 209 -54.77 -44.11 28.15
C ALA I 209 -54.14 -43.76 26.80
N LEU I 210 -53.30 -44.65 26.28
CA LEU I 210 -52.69 -44.39 24.97
C LEU I 210 -53.74 -44.31 23.88
N LEU I 211 -54.85 -45.04 24.04
CA LEU I 211 -55.99 -44.90 23.13
C LEU I 211 -56.54 -43.48 23.17
N PHE I 212 -56.69 -42.93 24.36
CA PHE I 212 -57.27 -41.59 24.51
C PHE I 212 -56.26 -40.48 24.33
N VAL I 213 -54.99 -40.80 24.07
CA VAL I 213 -53.96 -39.78 23.86
C VAL I 213 -54.37 -38.71 22.84
N PRO I 214 -54.87 -39.05 21.64
CA PRO I 214 -55.01 -38.02 20.59
C PRO I 214 -55.94 -36.86 20.94
N VAL I 215 -56.79 -37.01 21.95
CA VAL I 215 -57.74 -35.95 22.26
C VAL I 215 -57.03 -34.69 22.73
N VAL I 216 -56.05 -34.83 23.62
CA VAL I 216 -55.41 -33.67 24.23
C VAL I 216 -54.41 -33.03 23.27
N CYS I 217 -53.54 -33.85 22.67
CA CYS I 217 -52.49 -33.31 21.83
C CYS I 217 -53.07 -32.58 20.63
N HIS I 218 -52.35 -31.54 20.18
CA HIS I 218 -52.81 -30.68 19.11
C HIS I 218 -51.82 -30.74 17.95
N TYR I 219 -52.31 -30.40 16.76
CA TYR I 219 -51.59 -30.63 15.52
C TYR I 219 -51.39 -29.30 14.79
N CYS I 220 -50.16 -29.04 14.37
CA CYS I 220 -49.81 -27.84 13.65
C CYS I 220 -49.07 -28.21 12.36
N LEU I 221 -49.23 -27.38 11.33
CA LEU I 221 -48.60 -27.59 10.04
C LEU I 221 -47.34 -26.74 9.95
N LEU I 222 -46.24 -27.35 9.53
CA LEU I 222 -44.95 -26.68 9.44
C LEU I 222 -44.70 -26.26 8.01
N HIS I 223 -44.41 -24.97 7.80
CA HIS I 223 -44.14 -24.42 6.48
C HIS I 223 -42.64 -24.20 6.33
N ILE I 224 -42.05 -24.82 5.32
CA ILE I 224 -40.65 -24.61 4.99
C ILE I 224 -40.54 -23.34 4.17
N PRO I 225 -39.77 -22.35 4.62
CA PRO I 225 -39.70 -21.08 3.87
C PRO I 225 -38.82 -21.14 2.64
N SER I 226 -37.92 -22.12 2.52
CA SER I 226 -37.10 -22.24 1.33
C SER I 226 -37.96 -22.47 0.09
N GLU I 227 -38.96 -23.35 0.21
CA GLU I 227 -39.91 -23.55 -0.87
C GLU I 227 -41.05 -22.54 -0.76
N ASP I 228 -41.51 -22.07 -1.91
CA ASP I 228 -42.63 -21.14 -1.94
C ASP I 228 -43.93 -21.84 -1.53
N LEU I 229 -44.78 -21.12 -0.82
CA LEU I 229 -46.04 -21.71 -0.37
C LEU I 229 -46.92 -22.11 -1.55
N LYS I 230 -47.01 -21.24 -2.58
CA LYS I 230 -47.83 -21.55 -3.74
C LYS I 230 -47.31 -22.76 -4.49
N GLU I 231 -45.98 -22.86 -4.63
CA GLU I 231 -45.39 -23.91 -5.45
C GLU I 231 -45.52 -25.29 -4.83
N ARG I 232 -45.72 -25.38 -3.51
CA ARG I 232 -46.01 -26.66 -2.87
C ARG I 232 -46.73 -26.41 -1.55
N LYS I 233 -47.85 -27.11 -1.35
CA LYS I 233 -48.57 -27.02 -0.10
C LYS I 233 -47.81 -27.74 1.01
N PRO I 234 -47.99 -27.33 2.27
CA PRO I 234 -47.25 -27.97 3.37
C PRO I 234 -47.71 -29.41 3.60
N HIS I 235 -46.78 -30.22 4.08
CA HIS I 235 -47.09 -31.60 4.45
C HIS I 235 -46.49 -32.03 5.79
N ARG I 236 -45.53 -31.29 6.35
CA ARG I 236 -44.98 -31.64 7.64
C ARG I 236 -45.97 -31.36 8.75
N TYR I 237 -46.12 -32.30 9.67
CA TYR I 237 -47.07 -32.19 10.78
C TYR I 237 -46.31 -32.08 12.09
N LEU I 238 -46.70 -31.13 12.93
CA LEU I 238 -46.13 -30.96 14.26
C LEU I 238 -47.18 -31.34 15.29
N VAL I 239 -46.79 -32.23 16.21
CA VAL I 239 -47.67 -32.70 17.27
C VAL I 239 -47.21 -32.09 18.57
N VAL I 240 -48.08 -31.29 19.20
CA VAL I 240 -47.76 -30.63 20.46
C VAL I 240 -48.32 -31.49 21.58
N ILE I 241 -47.43 -32.16 22.31
CA ILE I 241 -47.80 -33.03 23.42
C ILE I 241 -47.46 -32.29 24.71
N PRO I 242 -48.44 -31.83 25.47
CA PRO I 242 -48.15 -31.05 26.67
C PRO I 242 -47.78 -31.93 27.85
N GLU I 243 -47.06 -31.33 28.80
CA GLU I 243 -46.75 -31.99 30.06
C GLU I 243 -47.86 -31.68 31.06
N ILE I 244 -48.52 -32.72 31.54
CA ILE I 244 -49.74 -32.56 32.35
C ILE I 244 -49.36 -32.29 33.79
N LYS I 245 -49.87 -31.19 34.34
CA LYS I 245 -49.77 -30.90 35.76
C LYS I 245 -51.04 -31.20 36.52
N ASP I 246 -52.19 -31.10 35.86
CA ASP I 246 -53.48 -31.35 36.48
C ASP I 246 -54.48 -31.67 35.38
N PHE I 247 -55.42 -32.57 35.67
CA PHE I 247 -56.42 -32.92 34.68
C PHE I 247 -57.29 -31.72 34.33
N GLU I 248 -57.75 -30.98 35.36
CA GLU I 248 -58.61 -29.83 35.11
C GLU I 248 -57.88 -28.74 34.34
N ASP I 249 -56.62 -28.48 34.69
CA ASP I 249 -55.86 -27.43 34.02
C ASP I 249 -55.68 -27.73 32.54
N ALA I 250 -55.25 -28.95 32.22
CA ALA I 250 -55.03 -29.32 30.83
C ALA I 250 -56.35 -29.39 30.06
N SER I 251 -57.41 -29.87 30.70
CA SER I 251 -58.72 -29.90 30.04
C SER I 251 -59.18 -28.49 29.69
N GLN I 252 -59.06 -27.56 30.64
CA GLN I 252 -59.44 -26.18 30.36
C GLN I 252 -58.55 -25.57 29.28
N ARG I 253 -57.25 -25.90 29.29
CA ARG I 253 -56.36 -25.37 28.27
C ARG I 253 -56.75 -25.85 26.88
N ARG I 254 -57.08 -27.14 26.75
CA ARG I 254 -57.47 -27.66 25.44
C ARG I 254 -58.81 -27.06 24.98
N TRP I 255 -59.79 -26.99 25.89
CA TRP I 255 -61.08 -26.43 25.52
C TRP I 255 -60.98 -24.94 25.22
N ARG I 256 -59.99 -24.25 25.79
CA ARG I 256 -59.74 -22.87 25.42
C ARG I 256 -59.03 -22.78 24.07
N LEU I 257 -58.07 -23.67 23.81
CA LEU I 257 -57.41 -23.72 22.52
C LEU I 257 -58.39 -23.98 21.39
N GLN I 258 -59.53 -24.59 21.71
CA GLN I 258 -60.60 -24.74 20.71
C GLN I 258 -61.03 -23.41 20.10
N GLN I 259 -60.70 -22.28 20.72
CA GLN I 259 -61.07 -20.97 20.17
C GLN I 259 -60.25 -20.58 18.95
N LEU I 260 -59.03 -21.08 18.82
CA LEU I 260 -58.10 -20.56 17.82
C LEU I 260 -58.58 -20.83 16.41
N GLU I 261 -58.29 -19.90 15.51
CA GLU I 261 -58.62 -20.06 14.10
C GLU I 261 -57.68 -21.04 13.44
N THR I 262 -58.17 -21.70 12.39
CA THR I 262 -57.38 -22.72 11.71
C THR I 262 -56.12 -22.13 11.09
N LYS I 263 -56.14 -20.87 10.69
CA LYS I 263 -54.97 -20.25 10.08
C LYS I 263 -53.84 -20.04 11.08
N GLN I 264 -54.13 -20.03 12.38
CA GLN I 264 -53.08 -19.88 13.38
C GLN I 264 -52.27 -21.15 13.58
N PHE I 265 -52.78 -22.30 13.15
CA PHE I 265 -52.09 -23.56 13.36
C PHE I 265 -51.00 -23.82 12.34
N HIS I 266 -50.85 -22.94 11.36
CA HIS I 266 -49.76 -23.05 10.38
C HIS I 266 -48.59 -22.22 10.88
N VAL I 267 -47.46 -22.87 11.12
CA VAL I 267 -46.28 -22.23 11.69
C VAL I 267 -45.08 -22.57 10.83
N SER I 268 -43.98 -21.86 11.08
CA SER I 268 -42.71 -22.10 10.39
C SER I 268 -41.61 -22.54 11.34
N SER I 269 -41.93 -22.86 12.59
CA SER I 269 -40.96 -23.35 13.54
C SER I 269 -41.68 -24.14 14.62
N LEU I 270 -40.95 -25.09 15.22
CA LEU I 270 -41.53 -25.90 16.29
C LEU I 270 -41.84 -25.07 17.52
N GLY I 271 -40.96 -24.12 17.85
CA GLY I 271 -41.19 -23.27 19.01
C GLY I 271 -42.46 -22.46 18.89
N GLU I 272 -42.79 -22.02 17.68
CA GLU I 272 -44.03 -21.27 17.49
C GLU I 272 -45.24 -22.12 17.83
N ALA I 273 -45.26 -23.38 17.41
CA ALA I 273 -46.36 -24.27 17.76
C ALA I 273 -46.40 -24.52 19.26
N GLY I 274 -45.24 -24.74 19.87
CA GLY I 274 -45.19 -24.96 21.30
C GLY I 274 -45.75 -23.78 22.09
N LEU I 275 -45.43 -22.55 21.65
CA LEU I 275 -45.95 -21.37 22.31
C LEU I 275 -47.42 -21.14 21.98
N LEU I 276 -47.84 -21.51 20.76
CA LEU I 276 -49.23 -21.33 20.36
C LEU I 276 -50.15 -22.22 21.18
N TYR I 277 -49.67 -23.41 21.55
CA TYR I 277 -50.47 -24.26 22.43
C TYR I 277 -50.77 -23.56 23.75
N TYR I 278 -49.87 -22.71 24.23
CA TYR I 278 -50.03 -22.01 25.50
C TYR I 278 -50.32 -20.53 25.32
N SER I 279 -50.62 -20.08 24.10
CA SER I 279 -50.79 -18.66 23.84
C SER I 279 -51.99 -18.09 24.60
N LEU I 280 -53.09 -18.83 24.66
CA LEU I 280 -54.31 -18.34 25.29
C LEU I 280 -54.28 -18.39 26.80
N ASP I 281 -53.21 -18.94 27.39
CA ASP I 281 -53.14 -19.07 28.84
C ASP I 281 -53.13 -17.70 29.51
N ASP I 282 -53.88 -17.58 30.61
CA ASP I 282 -53.92 -16.35 31.38
C ASP I 282 -52.77 -16.33 32.38
N ILE I 283 -52.02 -15.22 32.39
CA ILE I 283 -50.87 -15.06 33.26
C ILE I 283 -51.32 -14.42 34.56
N GLN I 284 -51.02 -15.09 35.68
CA GLN I 284 -51.35 -14.58 37.00
C GLN I 284 -50.10 -14.03 37.66
N PRO I 285 -50.04 -12.74 37.99
CA PRO I 285 -48.82 -12.19 38.60
C PRO I 285 -48.44 -12.85 39.91
N GLU I 286 -49.42 -13.24 40.72
CA GLU I 286 -49.11 -13.84 42.02
C GLU I 286 -48.67 -15.29 41.92
N VAL I 287 -49.03 -15.97 40.84
CA VAL I 287 -48.70 -17.39 40.66
C VAL I 287 -47.50 -17.52 39.74
N ALA I 288 -46.53 -18.33 40.16
CA ALA I 288 -45.34 -18.60 39.35
C ALA I 288 -45.73 -19.50 38.18
N TYR I 289 -45.84 -18.92 36.99
CA TYR I 289 -46.24 -19.67 35.81
C TYR I 289 -45.09 -20.51 35.29
N TYR I 290 -45.36 -21.78 35.02
CA TYR I 290 -44.37 -22.67 34.40
C TYR I 290 -45.10 -23.80 33.71
N GLN I 291 -44.86 -23.95 32.40
CA GLN I 291 -45.44 -25.03 31.63
C GLN I 291 -44.39 -25.60 30.69
N ALA I 292 -44.56 -26.88 30.33
CA ALA I 292 -43.63 -27.55 29.43
C ALA I 292 -44.43 -28.40 28.45
N CYS I 293 -43.84 -28.62 27.27
CA CYS I 293 -44.48 -29.42 26.24
C CYS I 293 -43.41 -29.96 25.30
N GLN I 294 -43.80 -30.96 24.52
CA GLN I 294 -42.93 -31.56 23.51
C GLN I 294 -43.59 -31.42 22.15
N VAL I 295 -42.79 -31.06 21.15
CA VAL I 295 -43.27 -30.92 19.78
C VAL I 295 -42.60 -32.00 18.95
N TRP I 296 -43.42 -32.84 18.31
CA TRP I 296 -42.94 -33.95 17.51
C TRP I 296 -43.14 -33.64 16.03
N LEU I 297 -42.07 -33.75 15.25
CA LEU I 297 -42.11 -33.43 13.83
C LEU I 297 -42.27 -34.70 13.03
N TYR I 298 -43.33 -34.75 12.21
CA TYR I 298 -43.59 -35.86 11.31
C TYR I 298 -43.44 -35.37 9.88
N GLU I 299 -42.58 -36.02 9.11
CA GLU I 299 -42.22 -35.54 7.78
C GLU I 299 -41.91 -36.73 6.88
N LYS I 300 -42.32 -36.65 5.62
CA LYS I 300 -42.02 -37.69 4.66
C LYS I 300 -40.55 -37.65 4.30
N THR I 301 -39.89 -38.82 4.34
CA THR I 301 -38.47 -38.88 4.04
C THR I 301 -38.19 -38.51 2.59
N ASN I 302 -38.99 -38.99 1.66
CA ASN I 302 -38.85 -38.68 0.24
C ASN I 302 -40.21 -38.29 -0.32
N LYS I 303 -40.21 -37.88 -1.59
CA LYS I 303 -41.45 -37.44 -2.23
C LYS I 303 -42.46 -38.57 -2.32
N ALA I 304 -42.00 -39.78 -2.66
CA ALA I 304 -42.88 -40.93 -2.82
C ALA I 304 -43.13 -41.68 -1.53
N SER I 305 -42.80 -41.09 -0.38
CA SER I 305 -43.04 -41.75 0.90
C SER I 305 -44.53 -41.98 1.12
N ARG I 306 -44.86 -43.20 1.53
CA ARG I 306 -46.26 -43.56 1.76
C ARG I 306 -46.79 -42.99 3.06
N GLN I 307 -45.94 -42.89 4.09
CA GLN I 307 -46.37 -42.43 5.40
C GLN I 307 -45.32 -41.49 5.97
N ARG I 308 -45.75 -40.64 6.88
CA ARG I 308 -44.84 -39.72 7.55
C ARG I 308 -43.99 -40.45 8.58
N THR I 309 -42.83 -39.88 8.87
CA THR I 309 -41.87 -40.47 9.78
C THR I 309 -41.49 -39.46 10.86
N LEU I 310 -41.34 -39.94 12.09
CA LEU I 310 -40.92 -39.09 13.19
C LEU I 310 -39.45 -38.71 13.00
N MET I 311 -39.19 -37.41 12.83
CA MET I 311 -37.85 -36.94 12.53
C MET I 311 -37.15 -36.31 13.72
N SER I 312 -37.85 -35.47 14.49
CA SER I 312 -37.23 -34.80 15.62
C SER I 312 -38.27 -34.55 16.70
N ILE I 313 -37.82 -34.57 17.94
CA ILE I 313 -38.64 -34.25 19.10
C ILE I 313 -37.96 -33.11 19.84
N GLU I 314 -38.69 -32.03 20.07
CA GLU I 314 -38.16 -30.84 20.73
C GLU I 314 -38.93 -30.59 22.01
N GLU I 315 -38.21 -30.44 23.12
CA GLU I 315 -38.81 -30.14 24.40
C GLU I 315 -38.77 -28.64 24.64
N ILE I 316 -39.92 -28.06 24.97
CA ILE I 316 -40.07 -26.62 25.16
C ILE I 316 -40.53 -26.38 26.59
N LYS I 317 -39.76 -25.57 27.32
CA LYS I 317 -40.13 -25.12 28.66
C LYS I 317 -40.31 -23.60 28.60
N ILE I 318 -41.48 -23.13 29.02
CA ILE I 318 -41.84 -21.72 28.93
C ILE I 318 -42.18 -21.21 30.33
N ASP I 319 -41.70 -20.01 30.62
CA ASP I 319 -41.97 -19.32 31.88
C ASP I 319 -42.87 -18.12 31.62
N LYS I 320 -43.07 -17.31 32.67
CA LYS I 320 -43.95 -16.16 32.55
C LYS I 320 -43.42 -15.16 31.52
N ASN I 321 -42.12 -14.88 31.54
CA ASN I 321 -41.55 -13.89 30.63
C ASN I 321 -41.69 -14.32 29.18
N ILE I 322 -41.42 -15.60 28.89
CA ILE I 322 -41.54 -16.10 27.52
C ILE I 322 -42.96 -15.99 27.03
N LEU I 323 -43.92 -16.38 27.86
CA LEU I 323 -45.33 -16.32 27.47
C LEU I 323 -45.76 -14.87 27.23
N ILE I 324 -45.34 -13.96 28.11
CA ILE I 324 -45.71 -12.55 27.95
C ILE I 324 -45.13 -12.00 26.65
N THR I 325 -43.86 -12.30 26.38
CA THR I 325 -43.23 -11.81 25.15
C THR I 325 -43.91 -12.38 23.92
N TYR I 326 -44.25 -13.67 23.95
CA TYR I 326 -44.92 -14.27 22.79
C TYR I 326 -46.32 -13.69 22.60
N GLN I 327 -47.02 -13.41 23.69
CA GLN I 327 -48.34 -12.79 23.57
C GLN I 327 -48.24 -11.40 22.97
N GLN I 328 -47.24 -10.62 23.40
CA GLN I 328 -47.03 -9.30 22.80
C GLN I 328 -46.70 -9.43 21.32
N VAL I 329 -45.84 -10.39 20.96
CA VAL I 329 -45.48 -10.60 19.56
C VAL I 329 -46.71 -10.95 18.73
N GLN I 330 -47.55 -11.84 19.24
CA GLN I 330 -48.77 -12.20 18.53
C GLN I 330 -49.70 -11.00 18.38
N LYS I 331 -49.82 -10.20 19.44
CA LYS I 331 -50.72 -9.05 19.39
C LYS I 331 -50.27 -8.01 18.38
N TYR I 332 -48.95 -7.77 18.30
CA TYR I 332 -48.44 -6.63 17.53
C TYR I 332 -47.96 -7.01 16.13
N PHE I 333 -47.35 -8.17 15.96
CA PHE I 333 -46.89 -8.56 14.63
C PHE I 333 -48.07 -8.97 13.75
N LYS I 334 -47.84 -8.93 12.44
CA LYS I 334 -48.89 -9.25 11.48
C LYS I 334 -49.33 -10.70 11.63
N THR I 335 -50.63 -10.93 11.53
CA THR I 335 -51.19 -12.27 11.62
C THR I 335 -50.95 -13.02 10.32
N ASN I 336 -51.34 -14.30 10.30
CA ASN I 336 -51.15 -15.12 9.11
C ASN I 336 -52.12 -14.70 8.02
N TYR I 337 -51.59 -14.45 6.83
CA TYR I 337 -52.41 -14.07 5.69
C TYR I 337 -53.09 -15.31 5.10
N GLN I 338 -54.30 -15.11 4.58
CA GLN I 338 -55.07 -16.19 3.97
C GLN I 338 -55.23 -15.89 2.48
N ILE I 339 -54.23 -16.30 1.71
CA ILE I 339 -54.30 -16.17 0.26
C ILE I 339 -55.21 -17.26 -0.26
N ILE I 340 -56.23 -16.88 -1.02
CA ILE I 340 -57.27 -17.80 -1.47
C ILE I 340 -57.24 -17.84 -3.00
N LYS I 341 -56.76 -18.94 -3.55
CA LYS I 341 -56.75 -19.21 -4.98
C LYS I 341 -57.77 -20.31 -5.30
N TYR I 342 -57.70 -20.86 -6.51
CA TYR I 342 -58.73 -21.81 -6.96
C TYR I 342 -58.78 -23.08 -6.12
N LYS I 343 -59.89 -23.24 -5.39
CA LYS I 343 -60.16 -24.42 -4.55
C LYS I 343 -59.02 -24.76 -3.60
N GLN I 344 -58.23 -23.75 -3.23
CA GLN I 344 -57.09 -23.96 -2.34
C GLN I 344 -56.93 -22.73 -1.46
N ILE I 345 -56.76 -22.94 -0.16
CA ILE I 345 -56.55 -21.86 0.79
C ILE I 345 -55.08 -21.92 1.19
N PHE I 346 -54.26 -21.10 0.53
CA PHE I 346 -52.84 -21.03 0.86
C PHE I 346 -52.66 -20.05 2.01
N ILE I 347 -52.29 -20.57 3.18
CA ILE I 347 -52.15 -19.75 4.38
C ILE I 347 -50.69 -19.32 4.46
N LYS I 348 -50.44 -18.03 4.21
CA LYS I 348 -49.10 -17.49 4.25
C LYS I 348 -48.72 -17.14 5.68
N VAL I 349 -47.72 -17.83 6.22
CA VAL I 349 -47.31 -17.65 7.60
C VAL I 349 -46.42 -16.42 7.71
N ASN I 350 -46.20 -15.95 8.94
CA ASN I 350 -45.34 -14.81 9.17
C ASN I 350 -43.96 -15.30 9.60
N PRO I 351 -42.94 -15.18 8.76
CA PRO I 351 -41.60 -15.67 9.15
C PRO I 351 -41.03 -14.97 10.36
N ILE I 352 -41.34 -13.69 10.51
CA ILE I 352 -40.81 -12.93 11.64
C ILE I 352 -41.21 -13.56 12.96
N ARG I 353 -42.51 -13.63 13.21
CA ARG I 353 -42.98 -14.21 14.46
C ARG I 353 -42.35 -15.57 14.70
N SER I 354 -42.50 -16.48 13.74
CA SER I 354 -41.90 -17.80 13.88
C SER I 354 -40.49 -17.68 14.41
N LEU I 355 -39.63 -16.96 13.69
CA LEU I 355 -38.27 -16.76 14.14
C LEU I 355 -38.25 -16.29 15.58
N ILE I 356 -38.98 -15.22 15.87
CA ILE I 356 -38.96 -14.68 17.23
C ILE I 356 -39.41 -15.73 18.24
N ALA I 357 -40.42 -16.52 17.89
CA ALA I 357 -40.88 -17.57 18.80
C ALA I 357 -39.79 -18.62 19.01
N ASP I 358 -39.11 -19.03 17.94
CA ASP I 358 -38.04 -19.99 18.07
C ASP I 358 -36.90 -19.44 18.93
N ASN I 359 -36.55 -18.17 18.72
CA ASN I 359 -35.48 -17.56 19.52
C ASN I 359 -35.87 -17.49 20.98
N LEU I 360 -37.14 -17.15 21.27
CA LEU I 360 -37.61 -17.11 22.65
C LEU I 360 -37.56 -18.50 23.28
N VAL I 361 -37.96 -19.52 22.53
CA VAL I 361 -37.94 -20.89 23.05
C VAL I 361 -36.51 -21.31 23.36
N LYS I 362 -35.58 -21.02 22.45
CA LYS I 362 -34.19 -21.43 22.65
C LYS I 362 -33.49 -20.63 23.74
N GLY I 363 -34.11 -19.57 24.25
CA GLY I 363 -33.49 -18.77 25.30
C GLY I 363 -32.44 -17.80 24.83
N ILE I 364 -32.39 -17.52 23.53
CA ILE I 364 -31.43 -16.58 22.97
C ILE I 364 -32.16 -15.30 22.60
N HIS I 365 -31.38 -14.30 22.18
CA HIS I 365 -31.96 -13.03 21.76
C HIS I 365 -32.98 -13.25 20.65
N TRP I 366 -34.05 -12.44 20.67
CA TRP I 366 -35.10 -12.56 19.68
C TRP I 366 -34.64 -12.20 18.28
N TRP I 367 -33.45 -11.60 18.13
CA TRP I 367 -32.89 -11.21 16.86
C TRP I 367 -31.69 -12.07 16.47
N SER I 368 -31.58 -13.27 17.06
CA SER I 368 -30.32 -14.02 16.99
C SER I 368 -29.97 -14.41 15.55
N ASN I 369 -30.96 -14.86 14.78
CA ASN I 369 -30.70 -15.38 13.44
C ASN I 369 -31.55 -14.64 12.41
N PHE I 370 -31.61 -13.31 12.52
CA PHE I 370 -32.47 -12.56 11.60
C PHE I 370 -31.85 -12.45 10.21
N TRP I 371 -30.54 -12.26 10.13
CA TRP I 371 -29.92 -11.96 8.84
C TRP I 371 -29.95 -13.15 7.89
N GLU I 372 -29.29 -14.25 8.26
CA GLU I 372 -29.18 -15.36 7.33
C GLU I 372 -30.52 -16.06 7.12
N LYS I 373 -31.52 -15.75 7.94
CA LYS I 373 -32.86 -16.28 7.74
C LYS I 373 -33.83 -15.32 7.08
N LEU I 374 -33.45 -14.05 6.90
CA LEU I 374 -34.35 -13.06 6.32
C LEU I 374 -33.82 -12.45 5.04
N VAL I 375 -32.53 -12.22 4.93
CA VAL I 375 -31.95 -11.61 3.74
C VAL I 375 -31.25 -12.65 2.87
N ILE I 376 -30.46 -13.53 3.48
CA ILE I 376 -29.73 -14.54 2.72
C ILE I 376 -30.68 -15.52 2.06
N GLU I 377 -31.72 -15.96 2.77
CA GLU I 377 -32.65 -16.95 2.28
C GLU I 377 -33.93 -16.32 1.73
N ASP I 378 -33.81 -15.15 1.11
CA ASP I 378 -34.95 -14.46 0.51
C ASP I 378 -34.78 -14.47 -1.01
N SER I 379 -35.81 -14.93 -1.72
CA SER I 379 -35.70 -15.11 -3.16
C SER I 379 -35.92 -13.81 -3.92
N LYS I 380 -37.12 -13.24 -3.80
CA LYS I 380 -37.51 -12.04 -4.55
C LYS I 380 -38.08 -11.00 -3.58
N GLU I 381 -37.35 -10.76 -2.49
CA GLU I 381 -37.77 -9.83 -1.45
C GLU I 381 -39.10 -10.23 -0.83
N TYR I 382 -39.41 -11.53 -0.89
CA TYR I 382 -40.65 -12.02 -0.28
C TYR I 382 -40.61 -11.86 1.23
N LEU I 383 -39.50 -12.25 1.85
CA LEU I 383 -39.34 -12.05 3.29
C LEU I 383 -39.00 -10.61 3.63
N PHE I 384 -38.26 -9.92 2.74
CA PHE I 384 -37.84 -8.56 3.03
C PHE I 384 -39.03 -7.61 3.11
N ASN I 385 -40.02 -7.79 2.24
CA ASN I 385 -41.17 -6.89 2.23
C ASN I 385 -41.98 -6.97 3.51
N GLN I 386 -41.98 -8.12 4.18
CA GLN I 386 -42.75 -8.27 5.41
C GLN I 386 -42.16 -7.49 6.58
N LEU I 387 -40.90 -7.06 6.47
CA LEU I 387 -40.30 -6.28 7.54
C LEU I 387 -41.01 -4.96 7.75
N PHE I 388 -41.36 -4.28 6.65
CA PHE I 388 -42.04 -3.00 6.78
C PHE I 388 -43.49 -3.16 7.23
N SER I 389 -44.07 -4.34 7.01
CA SER I 389 -45.39 -4.62 7.56
C SER I 389 -45.33 -4.93 9.05
N ASN I 390 -44.23 -5.56 9.50
CA ASN I 390 -44.04 -5.87 10.91
C ASN I 390 -43.23 -4.80 11.63
N ARG I 391 -43.06 -3.64 11.01
CA ARG I 391 -42.37 -2.51 11.64
C ARG I 391 -42.92 -2.20 13.03
N GLU I 392 -44.24 -2.20 13.19
CA GLU I 392 -44.82 -1.88 14.50
C GLU I 392 -44.44 -2.92 15.54
N GLY I 393 -44.47 -4.21 15.16
CA GLY I 393 -44.02 -5.24 16.07
C GLY I 393 -42.56 -5.09 16.43
N PHE I 394 -41.73 -4.70 15.46
CA PHE I 394 -40.32 -4.46 15.73
C PHE I 394 -40.15 -3.33 16.74
N ILE I 395 -40.90 -2.25 16.57
CA ILE I 395 -40.81 -1.11 17.48
C ILE I 395 -41.23 -1.52 18.88
N ILE I 396 -42.31 -2.29 18.97
CA ILE I 396 -42.78 -2.75 20.29
C ILE I 396 -41.74 -3.65 20.94
N MET I 397 -41.16 -4.58 20.17
CA MET I 397 -40.19 -5.50 20.73
C MET I 397 -38.95 -4.76 21.20
N ALA I 398 -38.49 -3.77 20.43
CA ALA I 398 -37.33 -2.99 20.84
C ALA I 398 -37.64 -2.17 22.10
N GLU I 399 -38.80 -1.53 22.13
CA GLU I 399 -39.15 -0.69 23.28
C GLU I 399 -39.29 -1.51 24.55
N ASN I 400 -39.95 -2.68 24.46
CA ASN I 400 -40.17 -3.55 25.61
C ASN I 400 -39.09 -4.60 25.77
N SER I 401 -37.87 -4.32 25.29
CA SER I 401 -36.77 -5.27 25.44
C SER I 401 -36.43 -5.45 26.92
N GLU I 402 -36.17 -6.70 27.30
CA GLU I 402 -35.84 -7.00 28.69
C GLU I 402 -34.49 -6.44 29.11
N GLU I 403 -33.61 -6.15 28.16
CA GLU I 403 -32.28 -5.63 28.45
C GLU I 403 -31.69 -5.06 27.17
N ASP I 404 -30.46 -4.55 27.27
CA ASP I 404 -29.67 -4.10 26.13
C ASP I 404 -30.35 -2.94 25.40
N LYS I 405 -30.43 -1.81 26.11
CA LYS I 405 -30.89 -0.56 25.51
C LYS I 405 -29.79 0.17 24.75
N GLN I 406 -28.53 -0.20 24.96
CA GLN I 406 -27.45 0.40 24.19
C GLN I 406 -27.62 0.13 22.70
N TYR I 407 -28.10 -1.07 22.36
CA TYR I 407 -28.27 -1.37 20.96
C TYR I 407 -29.49 -0.67 20.38
N LEU I 408 -30.48 -0.33 21.22
CA LEU I 408 -31.54 0.56 20.77
C LEU I 408 -31.02 1.96 20.49
N ILE I 409 -30.09 2.44 21.33
CA ILE I 409 -29.42 3.70 21.03
C ILE I 409 -28.71 3.61 19.68
N PHE I 410 -28.06 2.47 19.42
CA PHE I 410 -27.45 2.26 18.12
C PHE I 410 -28.49 2.25 17.00
N ILE I 411 -29.67 1.70 17.26
CA ILE I 411 -30.75 1.75 16.28
C ILE I 411 -31.08 3.20 15.95
N LYS I 412 -31.19 4.04 16.98
CA LYS I 412 -31.50 5.45 16.74
C LYS I 412 -30.41 6.11 15.92
N VAL I 413 -29.14 5.82 16.25
CA VAL I 413 -28.03 6.40 15.51
C VAL I 413 -28.09 5.99 14.03
N PHE I 414 -28.30 4.70 13.79
CA PHE I 414 -28.34 4.19 12.42
C PHE I 414 -29.54 4.75 11.66
N GLN I 415 -30.68 4.92 12.35
CA GLN I 415 -31.84 5.49 11.68
C GLN I 415 -31.60 6.94 11.31
N GLN I 416 -30.93 7.70 12.18
CA GLN I 416 -30.57 9.08 11.83
C GLN I 416 -29.63 9.11 10.63
N ALA I 417 -28.64 8.21 10.62
CA ALA I 417 -27.71 8.14 9.49
C ALA I 417 -28.44 7.78 8.20
N MET I 418 -29.38 6.83 8.27
CA MET I 418 -30.18 6.47 7.11
C MET I 418 -31.02 7.64 6.63
N LYS I 419 -31.59 8.39 7.56
CA LYS I 419 -32.36 9.58 7.21
C LYS I 419 -31.48 10.56 6.44
N GLY I 420 -30.27 10.81 6.94
CA GLY I 420 -29.38 11.74 6.25
C GLY I 420 -28.99 11.24 4.86
N ASN I 421 -28.61 9.96 4.76
CA ASN I 421 -28.19 9.40 3.48
C ASN I 421 -29.31 9.46 2.46
N PHE I 422 -30.53 9.10 2.87
CA PHE I 422 -31.66 9.11 1.96
C PHE I 422 -32.04 10.53 1.58
N ALA I 423 -32.02 11.45 2.55
CA ALA I 423 -32.40 12.83 2.29
C ALA I 423 -31.43 13.51 1.33
N LYS I 424 -30.15 13.13 1.36
CA LYS I 424 -29.20 13.69 0.39
C LYS I 424 -29.68 13.46 -1.04
N ILE I 425 -29.89 12.20 -1.41
CA ILE I 425 -30.31 11.89 -2.77
C ILE I 425 -31.72 12.40 -3.04
N TYR I 426 -32.60 12.35 -2.04
CA TYR I 426 -33.97 12.82 -2.25
C TYR I 426 -34.03 14.32 -2.49
N ALA I 427 -33.07 15.07 -1.94
CA ALA I 427 -32.93 16.47 -2.31
C ALA I 427 -32.28 16.61 -3.68
N LYS I 428 -31.35 15.72 -4.01
CA LYS I 428 -30.76 15.74 -5.34
C LYS I 428 -31.80 15.45 -6.42
N THR I 429 -32.69 14.50 -6.15
CA THR I 429 -33.72 14.11 -7.13
C THR I 429 -34.97 14.95 -6.91
N GLU I 430 -35.43 15.61 -7.97
CA GLU I 430 -36.61 16.45 -7.89
C GLU I 430 -37.88 15.60 -7.93
N GLU I 431 -39.03 16.27 -7.87
CA GLU I 431 -40.32 15.57 -7.90
C GLU I 431 -40.47 14.77 -9.19
N GLY I 432 -40.98 13.56 -9.06
CA GLY I 432 -41.03 12.64 -10.19
C GLY I 432 -39.75 11.85 -10.35
N LYS I 433 -38.60 12.52 -10.25
CA LYS I 433 -37.32 11.82 -10.25
C LYS I 433 -37.01 11.19 -8.91
N ASP I 434 -37.76 11.52 -7.87
CA ASP I 434 -37.54 10.94 -6.55
C ASP I 434 -37.87 9.46 -6.57
N PRO I 435 -36.94 8.58 -6.20
CA PRO I 435 -37.25 7.15 -6.13
C PRO I 435 -37.93 6.82 -4.82
N PRO I 436 -38.74 5.75 -4.78
CA PRO I 436 -39.39 5.37 -3.53
C PRO I 436 -38.39 4.83 -2.53
N ILE I 437 -38.87 4.67 -1.29
CA ILE I 437 -38.02 4.15 -0.23
C ILE I 437 -37.56 2.73 -0.54
N LYS I 438 -38.32 2.01 -1.37
CA LYS I 438 -38.03 0.60 -1.63
C LYS I 438 -36.67 0.42 -2.30
N LYS I 439 -36.41 1.21 -3.35
CA LYS I 439 -35.17 1.03 -4.11
C LYS I 439 -33.94 1.39 -3.27
N LYS I 440 -34.01 2.50 -2.54
CA LYS I 440 -32.89 2.90 -1.70
C LYS I 440 -32.65 1.90 -0.57
N VAL I 441 -33.73 1.39 0.03
CA VAL I 441 -33.59 0.41 1.10
C VAL I 441 -33.00 -0.89 0.55
N GLU I 442 -33.41 -1.28 -0.67
CA GLU I 442 -32.85 -2.48 -1.29
C GLU I 442 -31.36 -2.30 -1.56
N ARG I 443 -30.97 -1.12 -2.05
CA ARG I 443 -29.55 -0.87 -2.28
C ARG I 443 -28.76 -0.91 -0.98
N LEU I 444 -29.32 -0.33 0.09
CA LEU I 444 -28.66 -0.36 1.39
C LEU I 444 -28.51 -1.78 1.90
N ARG I 445 -29.56 -2.61 1.72
CA ARG I 445 -29.49 -4.00 2.13
C ARG I 445 -28.43 -4.75 1.34
N ALA I 446 -28.35 -4.50 0.03
CA ALA I 446 -27.33 -5.16 -0.78
C ALA I 446 -25.93 -4.75 -0.34
N GLU I 447 -25.73 -3.46 -0.06
CA GLU I 447 -24.41 -3.01 0.40
C GLU I 447 -24.06 -3.61 1.76
N LEU I 448 -25.04 -3.75 2.65
CA LEU I 448 -24.79 -4.42 3.91
C LEU I 448 -24.44 -5.89 3.69
N ASN I 449 -25.11 -6.54 2.74
CA ASN I 449 -24.81 -7.93 2.44
C ASN I 449 -23.44 -8.09 1.81
N TYR I 450 -22.92 -7.04 1.18
CA TYR I 450 -21.60 -7.10 0.58
C TYR I 450 -20.52 -7.41 1.60
N CYS I 451 -20.65 -6.84 2.81
CA CYS I 451 -19.61 -6.98 3.83
C CYS I 451 -19.42 -8.46 4.20
N TYR I 452 -18.16 -8.87 4.29
CA TYR I 452 -17.81 -10.27 4.54
C TYR I 452 -17.04 -10.51 5.82
N ASP I 453 -16.33 -9.51 6.36
CA ASP I 453 -15.60 -9.67 7.59
C ASP I 453 -15.79 -8.42 8.45
N GLU I 454 -15.14 -8.41 9.61
CA GLU I 454 -15.31 -7.32 10.56
C GLU I 454 -14.81 -6.01 9.99
N LEU I 455 -13.63 -6.02 9.37
CA LEU I 455 -13.02 -4.78 8.90
C LEU I 455 -13.88 -4.09 7.84
N SER I 456 -14.30 -4.85 6.82
CA SER I 456 -15.08 -4.27 5.73
C SER I 456 -16.42 -3.75 6.24
N PHE I 457 -17.10 -4.53 7.08
CA PHE I 457 -18.41 -4.11 7.58
C PHE I 457 -18.30 -2.86 8.44
N LYS I 458 -17.30 -2.83 9.33
CA LYS I 458 -17.15 -1.65 10.18
C LYS I 458 -16.76 -0.43 9.37
N GLU I 459 -15.91 -0.60 8.35
CA GLU I 459 -15.58 0.50 7.47
C GLU I 459 -16.81 1.05 6.77
N TYR I 460 -17.62 0.16 6.20
CA TYR I 460 -18.82 0.61 5.50
C TYR I 460 -19.80 1.29 6.46
N LEU I 461 -20.00 0.70 7.64
CA LEU I 461 -20.93 1.30 8.61
C LEU I 461 -20.46 2.66 9.06
N SER I 462 -19.15 2.81 9.33
CA SER I 462 -18.63 4.09 9.75
C SER I 462 -18.75 5.14 8.65
N ASP I 463 -18.46 4.76 7.40
CA ASP I 463 -18.61 5.69 6.29
C ASP I 463 -20.07 6.09 6.11
N PHE I 464 -20.99 5.14 6.29
CA PHE I 464 -22.42 5.45 6.22
C PHE I 464 -22.82 6.43 7.31
N LEU I 465 -22.34 6.21 8.53
CA LEU I 465 -22.64 7.13 9.63
C LEU I 465 -22.13 8.53 9.34
N VAL I 466 -20.90 8.63 8.80
CA VAL I 466 -20.37 9.94 8.46
C VAL I 466 -21.18 10.60 7.35
N ARG I 467 -21.52 9.85 6.31
CA ARG I 467 -22.31 10.40 5.21
C ARG I 467 -23.72 10.79 5.66
N GLY I 468 -24.19 10.24 6.77
CA GLY I 468 -25.48 10.62 7.31
C GLY I 468 -25.51 11.99 7.95
N GLY I 469 -24.39 12.71 7.96
CA GLY I 469 -24.36 14.05 8.52
C GLY I 469 -24.30 14.03 10.04
N LEU I 470 -24.71 15.15 10.62
CA LEU I 470 -24.70 15.29 12.07
C LEU I 470 -25.66 14.28 12.69
N ASN I 471 -25.19 13.56 13.69
CA ASN I 471 -25.96 12.53 14.38
C ASN I 471 -26.03 12.89 15.85
N LYS I 472 -27.17 13.45 16.26
CA LYS I 472 -27.34 13.88 17.65
C LYS I 472 -27.30 12.70 18.61
N TYR I 473 -27.89 11.58 18.23
CA TYR I 473 -27.89 10.40 19.10
C TYR I 473 -26.47 9.89 19.33
N PHE I 474 -25.65 9.86 18.27
CA PHE I 474 -24.25 9.49 18.43
C PHE I 474 -23.52 10.48 19.32
N ASN I 475 -23.80 11.78 19.15
CA ASN I 475 -23.14 12.80 19.95
C ASN I 475 -23.45 12.63 21.43
N GLU I 476 -24.73 12.39 21.75
CA GLU I 476 -25.11 12.25 23.15
C GLU I 476 -24.58 10.98 23.78
N HIS I 477 -24.21 9.99 22.98
CA HIS I 477 -23.73 8.69 23.46
C HIS I 477 -22.42 8.32 22.77
N GLN I 478 -21.47 9.26 22.77
CA GLN I 478 -20.20 9.05 22.09
C GLN I 478 -19.50 7.78 22.60
N GLU I 479 -19.19 7.75 23.90
CA GLU I 479 -18.40 6.65 24.45
C GLU I 479 -19.13 5.31 24.31
N GLU I 480 -20.42 5.29 24.65
CA GLU I 480 -21.16 4.03 24.64
C GLU I 480 -21.27 3.45 23.24
N ILE I 481 -21.69 4.27 22.27
CA ILE I 481 -21.86 3.77 20.92
C ILE I 481 -20.52 3.43 20.29
N ALA I 482 -19.48 4.23 20.58
CA ALA I 482 -18.16 3.93 20.05
C ALA I 482 -17.64 2.59 20.57
N LEU I 483 -17.77 2.35 21.87
CA LEU I 483 -17.36 1.07 22.44
C LEU I 483 -18.20 -0.06 21.88
N LEU I 484 -19.50 0.16 21.69
CA LEU I 484 -20.37 -0.87 21.16
C LEU I 484 -19.96 -1.26 19.76
N ILE I 485 -19.66 -0.27 18.91
CA ILE I 485 -19.23 -0.56 17.55
C ILE I 485 -17.88 -1.27 17.55
N LYS I 486 -16.95 -0.80 18.39
CA LYS I 486 -15.60 -1.38 18.38
C LYS I 486 -15.60 -2.82 18.88
N LYS I 487 -16.39 -3.12 19.91
CA LYS I 487 -16.29 -4.40 20.60
C LYS I 487 -17.23 -5.47 20.05
N SER I 488 -18.46 -5.10 19.70
CA SER I 488 -19.47 -6.09 19.37
C SER I 488 -19.12 -6.81 18.07
N PRO I 489 -19.52 -8.08 17.94
CA PRO I 489 -19.32 -8.79 16.67
C PRO I 489 -20.06 -8.11 15.53
N TRP I 490 -19.46 -8.14 14.35
CA TRP I 490 -20.00 -7.40 13.21
C TRP I 490 -21.31 -8.01 12.72
N GLN I 491 -21.51 -9.31 12.91
CA GLN I 491 -22.77 -9.93 12.49
C GLN I 491 -23.94 -9.41 13.30
N GLU I 492 -23.76 -9.25 14.61
CA GLU I 492 -24.83 -8.69 15.44
C GLU I 492 -25.14 -7.26 15.03
N ILE I 493 -24.10 -6.47 14.73
CA ILE I 493 -24.31 -5.09 14.29
C ILE I 493 -25.07 -5.07 12.97
N ARG I 494 -24.75 -6.01 12.07
CA ARG I 494 -25.47 -6.09 10.80
C ARG I 494 -26.93 -6.46 11.02
N ILE I 495 -27.21 -7.41 11.91
CA ILE I 495 -28.59 -7.79 12.21
C ILE I 495 -29.36 -6.60 12.77
N TRP I 496 -28.75 -5.88 13.70
CA TRP I 496 -29.43 -4.73 14.28
C TRP I 496 -29.61 -3.59 13.28
N SER I 497 -28.66 -3.43 12.36
CA SER I 497 -28.85 -2.47 11.29
C SER I 497 -30.01 -2.88 10.40
N LEU I 498 -30.14 -4.17 10.12
CA LEU I 498 -31.27 -4.65 9.33
C LEU I 498 -32.59 -4.35 10.01
N LEU I 499 -32.69 -4.64 11.31
CA LEU I 499 -33.97 -4.40 11.98
C LEU I 499 -34.20 -2.94 12.31
N ALA I 500 -33.16 -2.10 12.26
CA ALA I 500 -33.36 -0.65 12.30
C ALA I 500 -33.86 -0.13 10.97
N ILE I 501 -33.41 -0.74 9.87
CA ILE I 501 -33.98 -0.45 8.56
C ILE I 501 -35.45 -0.83 8.52
N ALA I 502 -35.78 -1.99 9.11
CA ALA I 502 -37.17 -2.44 9.12
C ALA I 502 -38.07 -1.48 9.88
N SER I 503 -37.61 -0.97 11.03
CA SER I 503 -38.38 -0.07 11.86
C SER I 503 -38.10 1.41 11.56
N TYR I 504 -37.69 1.72 10.33
CA TYR I 504 -37.37 3.10 9.97
C TYR I 504 -38.65 3.84 9.61
N LYS I 505 -38.89 4.99 10.26
CA LYS I 505 -40.06 5.80 10.00
C LYS I 505 -39.67 6.97 9.13
N PRO I 506 -40.10 7.03 7.86
CA PRO I 506 -39.78 8.14 6.95
C PRO I 506 -40.27 9.49 7.46
N ASN J 4 27.47 -4.36 11.51
CA ASN J 4 26.58 -4.93 10.50
C ASN J 4 26.37 -3.94 9.34
N SER J 5 26.61 -4.42 8.12
CA SER J 5 26.40 -3.62 6.90
C SER J 5 27.23 -2.33 6.93
N GLU J 6 28.55 -2.54 6.88
CA GLU J 6 29.54 -1.60 7.43
C GLU J 6 29.37 -0.15 6.95
N GLU J 7 28.49 0.14 5.99
CA GLU J 7 28.21 1.53 5.65
C GLU J 7 27.81 2.33 6.90
N ASP J 8 27.02 1.75 7.80
CA ASP J 8 26.66 2.51 8.99
C ASP J 8 27.85 2.63 9.92
N LYS J 9 28.77 1.65 9.91
CA LYS J 9 29.99 1.78 10.69
C LYS J 9 30.80 3.00 10.23
N GLN J 10 30.93 3.17 8.91
CA GLN J 10 31.60 4.35 8.38
C GLN J 10 30.86 5.62 8.76
N TYR J 11 29.53 5.59 8.67
CA TYR J 11 28.73 6.73 9.07
C TYR J 11 28.97 7.09 10.54
N LEU J 12 29.03 6.09 11.41
CA LEU J 12 29.18 6.34 12.84
C LEU J 12 30.57 6.86 13.18
N ILE J 13 31.62 6.27 12.59
CA ILE J 13 32.94 6.77 13.00
C ILE J 13 33.21 8.11 12.31
N PHE J 14 32.53 8.40 11.20
CA PHE J 14 32.55 9.76 10.67
C PHE J 14 31.92 10.73 11.65
N ILE J 15 30.79 10.35 12.25
CA ILE J 15 30.16 11.19 13.26
C ILE J 15 31.11 11.41 14.43
N LYS J 16 31.76 10.34 14.89
CA LYS J 16 32.66 10.45 16.03
C LYS J 16 33.84 11.36 15.73
N VAL J 17 34.45 11.19 14.55
CA VAL J 17 35.59 12.03 14.19
C VAL J 17 35.16 13.48 14.01
N PHE J 18 33.96 13.72 13.47
CA PHE J 18 33.45 15.09 13.41
C PHE J 18 33.28 15.68 14.80
N GLN J 19 32.74 14.89 15.74
CA GLN J 19 32.57 15.41 17.10
C GLN J 19 33.92 15.72 17.73
N GLN J 20 34.91 14.86 17.54
CA GLN J 20 36.25 15.13 18.08
C GLN J 20 36.87 16.37 17.45
N ALA J 21 36.73 16.52 16.14
CA ALA J 21 37.30 17.68 15.46
C ALA J 21 36.64 18.97 15.92
N MET J 22 35.31 18.95 16.06
CA MET J 22 34.64 20.15 16.56
C MET J 22 35.02 20.43 18.00
N LYS J 23 35.20 19.39 18.82
CA LYS J 23 35.66 19.61 20.19
C LYS J 23 37.03 20.26 20.22
N GLY J 24 37.94 19.79 19.35
CA GLY J 24 39.24 20.44 19.25
C GLY J 24 39.13 21.89 18.82
N ASN J 25 38.21 22.19 17.91
CA ASN J 25 38.01 23.57 17.50
C ASN J 25 37.42 24.43 18.62
N PHE J 26 36.49 23.88 19.41
CA PHE J 26 35.99 24.67 20.54
C PHE J 26 37.09 24.90 21.56
N ALA J 27 37.98 23.92 21.75
CA ALA J 27 39.13 24.12 22.63
C ALA J 27 40.05 25.21 22.09
N LYS J 28 40.26 25.24 20.77
CA LYS J 28 41.07 26.29 20.18
C LYS J 28 40.43 27.66 20.39
N ILE J 29 39.11 27.74 20.26
CA ILE J 29 38.42 29.01 20.51
C ILE J 29 38.55 29.41 21.97
N TYR J 30 38.42 28.44 22.88
CA TYR J 30 38.67 28.69 24.30
C TYR J 30 40.05 29.28 24.51
N ALA J 31 41.04 28.78 23.78
CA ALA J 31 42.37 29.37 23.82
C ALA J 31 42.37 30.79 23.24
N LYS J 32 41.52 31.04 22.23
CA LYS J 32 41.49 32.35 21.60
C LYS J 32 41.01 33.44 22.56
N THR J 33 39.93 33.17 23.29
CA THR J 33 39.34 34.18 24.15
C THR J 33 40.23 34.43 25.38
N GLU J 34 39.97 35.55 26.04
CA GLU J 34 40.79 35.97 27.17
C GLU J 34 39.95 36.82 28.12
N GLU J 35 40.46 36.97 29.34
CA GLU J 35 39.87 37.82 30.37
C GLU J 35 38.48 37.28 30.75
N GLY J 36 37.75 37.97 31.60
CA GLY J 36 36.54 37.45 32.22
C GLY J 36 35.31 37.31 31.35
N LYS J 37 35.37 37.67 30.07
CA LYS J 37 34.24 37.39 29.18
C LYS J 37 33.98 35.90 29.10
N ASP J 38 32.72 35.51 29.24
CA ASP J 38 32.35 34.11 29.17
C ASP J 38 32.51 33.61 27.74
N PRO J 39 33.34 32.58 27.50
CA PRO J 39 33.44 32.02 26.15
C PRO J 39 32.14 31.37 25.74
N PRO J 40 31.51 31.86 24.67
CA PRO J 40 30.24 31.27 24.24
C PRO J 40 30.41 29.81 23.85
N ILE J 41 29.36 29.03 24.05
CA ILE J 41 29.37 27.62 23.70
C ILE J 41 28.27 27.35 22.68
N LYS J 42 27.05 27.79 23.00
CA LYS J 42 25.94 27.65 22.05
C LYS J 42 26.19 28.49 20.81
N LYS J 43 26.73 29.71 20.98
CA LYS J 43 27.03 30.56 19.84
C LYS J 43 28.08 29.93 18.94
N LYS J 44 29.02 29.15 19.51
CA LYS J 44 29.98 28.45 18.68
C LYS J 44 29.30 27.42 17.78
N VAL J 45 28.34 26.68 18.33
CA VAL J 45 27.59 25.72 17.54
C VAL J 45 26.77 26.43 16.46
N GLU J 46 26.16 27.56 16.82
CA GLU J 46 25.41 28.33 15.83
C GLU J 46 26.32 28.81 14.71
N ARG J 47 27.52 29.28 15.05
CA ARG J 47 28.47 29.73 14.05
C ARG J 47 28.89 28.59 13.14
N LEU J 48 29.13 27.41 13.71
CA LEU J 48 29.50 26.24 12.91
C LEU J 48 28.37 25.88 11.95
N ARG J 49 27.13 25.88 12.42
CA ARG J 49 25.99 25.58 11.55
C ARG J 49 25.88 26.61 10.43
N ALA J 50 26.03 27.89 10.76
CA ALA J 50 25.93 28.93 9.75
C ALA J 50 27.01 28.78 8.69
N GLU J 51 28.24 28.48 9.11
CA GLU J 51 29.31 28.28 8.15
C GLU J 51 29.09 27.03 7.30
N LEU J 52 28.52 25.97 7.88
CA LEU J 52 28.22 24.78 7.08
C LEU J 52 27.15 25.08 6.04
N ASN J 53 26.14 25.87 6.41
CA ASN J 53 25.09 26.25 5.46
C ASN J 53 25.56 27.28 4.45
N TYR J 54 26.77 27.82 4.59
CA TYR J 54 27.24 28.88 3.71
C TYR J 54 27.72 28.35 2.36
N CYS J 55 27.85 27.05 2.20
CA CYS J 55 28.54 26.49 1.06
C CYS J 55 27.58 26.26 -0.11
N TYR J 56 28.18 26.16 -1.31
CA TYR J 56 27.44 26.07 -2.56
C TYR J 56 28.01 24.96 -3.45
N ASP J 57 28.20 23.78 -2.86
CA ASP J 57 28.44 22.51 -3.56
C ASP J 57 29.90 22.28 -3.93
N GLU J 58 30.31 21.01 -3.89
CA GLU J 58 31.61 20.54 -4.35
C GLU J 58 32.77 21.24 -3.65
N LEU J 59 33.47 22.14 -4.36
CA LEU J 59 34.66 22.76 -3.79
C LEU J 59 34.35 23.38 -2.44
N SER J 60 33.32 24.22 -2.40
CA SER J 60 32.78 24.68 -1.14
C SER J 60 32.20 23.52 -0.36
N PHE J 61 32.45 23.53 0.95
CA PHE J 61 32.12 22.50 1.93
C PHE J 61 33.05 21.29 1.84
N LYS J 62 33.73 21.09 0.72
CA LYS J 62 34.71 20.01 0.72
C LYS J 62 36.05 20.50 1.26
N GLU J 63 36.62 21.54 0.65
CA GLU J 63 37.75 22.18 1.33
C GLU J 63 37.36 22.71 2.70
N TYR J 64 36.13 23.17 2.89
CA TYR J 64 35.71 23.63 4.21
C TYR J 64 35.81 22.50 5.24
N LEU J 65 35.20 21.35 4.95
CA LEU J 65 35.15 20.31 5.98
C LEU J 65 36.50 19.62 6.13
N SER J 66 37.29 19.56 5.06
CA SER J 66 38.65 19.07 5.18
C SER J 66 39.48 19.97 6.09
N ASP J 67 39.37 21.29 5.91
CA ASP J 67 40.05 22.22 6.79
C ASP J 67 39.54 22.10 8.21
N PHE J 68 38.23 21.88 8.38
CA PHE J 68 37.65 21.71 9.71
C PHE J 68 38.26 20.51 10.41
N LEU J 69 38.35 19.37 9.70
CA LEU J 69 38.94 18.18 10.28
C LEU J 69 40.42 18.39 10.58
N VAL J 70 41.13 19.12 9.70
CA VAL J 70 42.55 19.36 9.91
C VAL J 70 42.77 20.19 11.17
N ARG J 71 42.02 21.29 11.31
CA ARG J 71 42.09 22.10 12.52
C ARG J 71 41.49 21.41 13.73
N GLY J 72 40.80 20.28 13.54
CA GLY J 72 40.35 19.50 14.69
C GLY J 72 41.47 19.05 15.60
N GLY J 73 42.69 18.95 15.07
CA GLY J 73 43.84 18.61 15.89
C GLY J 73 44.18 17.12 15.85
N LEU J 74 44.76 16.62 16.94
CA LEU J 74 45.11 15.22 17.04
C LEU J 74 43.84 14.41 17.26
N ASN J 75 43.37 13.75 16.22
CA ASN J 75 42.14 12.95 16.27
C ASN J 75 42.54 11.49 16.14
N LYS J 76 42.44 10.75 17.25
CA LYS J 76 42.92 9.37 17.27
C LYS J 76 42.14 8.50 16.30
N TYR J 77 40.80 8.54 16.37
CA TYR J 77 39.99 7.75 15.45
C TYR J 77 40.24 8.15 14.01
N PHE J 78 40.53 9.44 13.76
CA PHE J 78 40.94 9.83 12.42
C PHE J 78 42.25 9.15 12.05
N ASN J 79 43.19 9.06 12.99
CA ASN J 79 44.48 8.42 12.70
C ASN J 79 44.29 6.96 12.34
N GLU J 80 43.46 6.23 13.09
CA GLU J 80 43.12 4.86 12.69
C GLU J 80 42.19 4.81 11.50
N HIS J 81 41.53 5.90 11.14
CA HIS J 81 40.57 5.92 10.04
C HIS J 81 40.85 7.06 9.07
N GLN J 82 42.11 7.19 8.64
CA GLN J 82 42.44 8.17 7.60
C GLN J 82 41.82 7.77 6.25
N GLU J 83 42.11 6.54 5.81
CA GLU J 83 41.90 6.18 4.41
C GLU J 83 40.41 6.05 4.08
N GLU J 84 39.65 5.31 4.90
CA GLU J 84 38.25 5.10 4.58
C GLU J 84 37.42 6.36 4.81
N ILE J 85 37.79 7.18 5.78
CA ILE J 85 37.12 8.46 5.94
C ILE J 85 37.39 9.36 4.74
N ALA J 86 38.63 9.37 4.26
CA ALA J 86 38.94 10.16 3.07
C ALA J 86 38.17 9.65 1.85
N LEU J 87 38.06 8.32 1.71
CA LEU J 87 37.30 7.76 0.61
C LEU J 87 35.83 8.11 0.70
N LEU J 88 35.26 8.06 1.90
CA LEU J 88 33.87 8.46 2.10
C LEU J 88 33.68 9.94 1.78
N ILE J 89 34.67 10.76 2.11
CA ILE J 89 34.62 12.18 1.77
C ILE J 89 34.62 12.36 0.25
N LYS J 90 35.53 11.67 -0.44
CA LYS J 90 35.64 11.84 -1.89
C LYS J 90 34.39 11.34 -2.60
N LYS J 91 33.83 10.22 -2.16
CA LYS J 91 32.59 9.71 -2.72
C LYS J 91 31.40 10.35 -2.00
N SER J 92 30.19 9.90 -2.32
CA SER J 92 28.93 10.32 -1.71
C SER J 92 28.60 11.78 -2.03
N PRO J 93 27.32 12.12 -2.17
CA PRO J 93 26.95 13.53 -2.40
C PRO J 93 27.34 14.40 -1.22
N TRP J 94 27.68 15.66 -1.53
CA TRP J 94 28.13 16.58 -0.49
C TRP J 94 27.01 16.94 0.48
N GLN J 95 25.76 17.00 0.00
CA GLN J 95 24.65 17.32 0.90
C GLN J 95 24.43 16.22 1.93
N GLU J 96 24.67 14.96 1.54
CA GLU J 96 24.61 13.87 2.52
C GLU J 96 25.68 14.04 3.59
N ILE J 97 26.88 14.46 3.19
CA ILE J 97 27.95 14.72 4.15
C ILE J 97 27.54 15.85 5.09
N ARG J 98 26.90 16.89 4.54
CA ARG J 98 26.42 17.99 5.37
C ARG J 98 25.37 17.52 6.36
N ILE J 99 24.47 16.64 5.93
CA ILE J 99 23.45 16.09 6.82
C ILE J 99 24.10 15.32 7.96
N TRP J 100 25.08 14.49 7.63
CA TRP J 100 25.78 13.73 8.66
C TRP J 100 26.51 14.64 9.63
N SER J 101 27.14 15.70 9.11
CA SER J 101 27.84 16.65 9.96
C SER J 101 26.88 17.37 10.90
N LEU J 102 25.70 17.77 10.38
CA LEU J 102 24.72 18.43 11.21
C LEU J 102 24.19 17.50 12.30
N LEU J 103 23.98 16.22 11.95
CA LEU J 103 23.56 15.26 12.97
C LEU J 103 24.65 15.08 14.03
N ALA J 104 25.91 15.06 13.61
CA ALA J 104 27.01 14.96 14.57
C ALA J 104 27.03 16.17 15.50
N ILE J 105 26.77 17.36 14.96
CA ILE J 105 26.69 18.56 15.79
C ILE J 105 25.56 18.41 16.80
N ALA J 106 24.39 17.96 16.34
CA ALA J 106 23.24 17.82 17.22
C ALA J 106 23.46 16.77 18.29
N SER J 107 24.34 15.80 18.05
CA SER J 107 24.62 14.75 19.02
C SER J 107 26.00 14.86 19.65
N TYR J 108 26.61 16.05 19.67
CA TYR J 108 28.00 16.17 20.12
C TYR J 108 28.13 16.36 21.62
N LYS J 109 27.14 16.97 22.28
CA LYS J 109 27.38 17.59 23.58
C LYS J 109 27.97 16.69 24.65
N PRO J 110 27.48 15.46 24.90
CA PRO J 110 27.82 14.79 26.18
C PRO J 110 29.30 14.53 26.37
N LYS J 111 30.14 14.83 25.39
CA LYS J 111 31.59 14.82 25.63
C LYS J 111 31.96 15.86 26.67
N ASP J 112 31.53 17.10 26.45
CA ASP J 112 31.59 18.23 27.38
C ASP J 112 30.48 19.22 27.06
N ASN K 4 7.78 -1.01 25.17
CA ASN K 4 8.57 -2.20 24.83
C ASN K 4 8.97 -2.17 23.36
N SER K 5 9.81 -3.13 22.97
CA SER K 5 10.34 -3.28 21.61
C SER K 5 11.30 -2.14 21.28
N GLU K 6 12.46 -2.49 20.69
CA GLU K 6 13.51 -1.50 20.47
C GLU K 6 13.05 -0.41 19.51
N GLU K 7 12.34 -0.78 18.44
CA GLU K 7 11.90 0.22 17.47
C GLU K 7 10.94 1.22 18.11
N ASP K 8 10.03 0.74 18.96
CA ASP K 8 9.08 1.63 19.61
C ASP K 8 9.79 2.58 20.58
N LYS K 9 10.77 2.08 21.33
CA LYS K 9 11.51 2.95 22.23
C LYS K 9 12.28 4.00 21.46
N GLN K 10 12.92 3.61 20.35
CA GLN K 10 13.63 4.58 19.53
C GLN K 10 12.68 5.62 18.96
N TYR K 11 11.50 5.20 18.51
CA TYR K 11 10.51 6.14 17.99
C TYR K 11 10.05 7.12 19.05
N LEU K 12 9.79 6.63 20.27
CA LEU K 12 9.34 7.50 21.35
C LEU K 12 10.42 8.51 21.73
N ILE K 13 11.66 8.05 21.88
CA ILE K 13 12.69 9.00 22.29
C ILE K 13 13.11 9.91 21.14
N PHE K 14 12.88 9.51 19.88
CA PHE K 14 13.04 10.45 18.78
C PHE K 14 11.96 11.52 18.81
N ILE K 15 10.74 11.14 19.18
CA ILE K 15 9.69 12.13 19.41
C ILE K 15 10.12 13.10 20.50
N LYS K 16 10.71 12.59 21.57
CA LYS K 16 11.23 13.45 22.63
C LYS K 16 12.32 14.39 22.10
N VAL K 17 13.22 13.86 21.27
CA VAL K 17 14.28 14.67 20.67
C VAL K 17 13.67 15.82 19.87
N PHE K 18 12.69 15.50 19.03
CA PHE K 18 12.07 16.53 18.19
C PHE K 18 11.34 17.56 19.04
N GLN K 19 10.67 17.12 20.12
CA GLN K 19 10.00 18.06 21.00
C GLN K 19 10.99 19.00 21.69
N GLN K 20 12.14 18.47 22.11
CA GLN K 20 13.17 19.32 22.69
C GLN K 20 13.70 20.31 21.65
N ALA K 21 13.85 19.86 20.41
CA ALA K 21 14.30 20.75 19.35
C ALA K 21 13.32 21.88 19.11
N MET K 22 12.01 21.57 19.11
CA MET K 22 11.03 22.64 18.94
C MET K 22 11.01 23.56 20.15
N LYS K 23 11.24 23.03 21.35
CA LYS K 23 11.37 23.89 22.52
C LYS K 23 12.51 24.88 22.34
N GLY K 24 13.66 24.38 21.87
CA GLY K 24 14.80 25.26 21.65
C GLY K 24 14.52 26.33 20.60
N ASN K 25 13.91 25.92 19.48
CA ASN K 25 13.60 26.88 18.43
C ASN K 25 12.59 27.92 18.90
N PHE K 26 11.59 27.50 19.67
CA PHE K 26 10.59 28.44 20.16
C PHE K 26 11.20 29.39 21.19
N ALA K 27 12.13 28.90 22.00
CA ALA K 27 12.85 29.79 22.91
C ALA K 27 13.69 30.80 22.14
N LYS K 28 14.32 30.36 21.06
CA LYS K 28 15.08 31.29 20.21
C LYS K 28 14.17 32.37 19.63
N ILE K 29 12.99 31.97 19.15
CA ILE K 29 12.04 32.94 18.62
C ILE K 29 11.58 33.90 19.71
N TYR K 30 11.34 33.37 20.91
CA TYR K 30 10.97 34.22 22.05
C TYR K 30 12.05 35.24 22.34
N ALA K 31 13.31 34.82 22.30
CA ALA K 31 14.40 35.76 22.52
C ALA K 31 14.51 36.78 21.39
N LYS K 32 14.17 36.37 20.17
CA LYS K 32 14.30 37.27 19.03
C LYS K 32 13.35 38.46 19.14
N THR K 33 12.09 38.20 19.51
CA THR K 33 11.11 39.27 19.60
C THR K 33 11.34 40.11 20.86
N GLU K 34 10.91 41.36 20.80
CA GLU K 34 11.09 42.29 21.91
C GLU K 34 9.92 43.27 21.92
N GLU K 35 10.01 44.28 22.79
CA GLU K 35 9.00 45.31 22.93
C GLU K 35 7.64 44.73 23.29
N GLY K 36 6.56 45.47 22.97
CA GLY K 36 5.21 45.05 23.27
C GLY K 36 4.58 44.11 22.28
N LYS K 37 5.30 43.73 21.22
CA LYS K 37 4.76 42.79 20.25
C LYS K 37 4.56 41.44 20.90
N ASP K 38 3.42 40.80 20.60
CA ASP K 38 3.11 39.51 21.19
C ASP K 38 3.97 38.43 20.56
N PRO K 39 4.78 37.70 21.33
CA PRO K 39 5.59 36.64 20.76
C PRO K 39 4.70 35.54 20.18
N PRO K 40 5.09 34.94 19.05
CA PRO K 40 4.26 33.90 18.45
C PRO K 40 4.19 32.66 19.34
N ILE K 41 3.06 31.95 19.27
CA ILE K 41 2.95 30.62 19.87
C ILE K 41 2.40 29.65 18.85
N LYS K 42 1.22 29.97 18.29
CA LYS K 42 0.56 29.05 17.37
C LYS K 42 1.04 29.23 15.93
N LYS K 43 1.25 30.47 15.50
CA LYS K 43 1.67 30.70 14.12
C LYS K 43 3.07 30.16 13.85
N LYS K 44 3.94 30.13 14.86
CA LYS K 44 5.23 29.48 14.62
C LYS K 44 5.05 27.98 14.42
N VAL K 45 4.07 27.38 15.11
CA VAL K 45 3.76 25.98 14.87
C VAL K 45 3.24 25.79 13.45
N GLU K 46 2.39 26.72 12.99
CA GLU K 46 1.91 26.65 11.62
C GLU K 46 3.06 26.80 10.62
N ARG K 47 4.01 27.69 10.91
CA ARG K 47 5.19 27.84 10.08
C ARG K 47 6.00 26.55 10.03
N LEU K 48 6.18 25.91 11.18
CA LEU K 48 6.90 24.64 11.23
C LEU K 48 6.19 23.57 10.41
N ARG K 49 4.85 23.54 10.50
CA ARG K 49 4.07 22.62 9.67
C ARG K 49 4.27 22.90 8.19
N ALA K 50 4.20 24.18 7.80
CA ALA K 50 4.37 24.53 6.39
C ALA K 50 5.75 24.16 5.89
N GLU K 51 6.78 24.37 6.70
CA GLU K 51 8.13 24.00 6.30
C GLU K 51 8.29 22.49 6.22
N LEU K 52 7.63 21.75 7.12
CA LEU K 52 7.71 20.30 7.08
C LEU K 52 7.03 19.74 5.82
N ASN K 53 5.84 20.23 5.50
CA ASN K 53 5.18 19.75 4.29
C ASN K 53 5.88 20.22 3.03
N TYR K 54 6.58 21.35 3.10
CA TYR K 54 7.42 21.76 1.98
C TYR K 54 8.66 20.87 1.97
N CYS K 55 8.53 19.67 1.42
CA CYS K 55 9.65 18.73 1.43
C CYS K 55 9.52 17.72 0.31
N TYR K 56 10.26 17.93 -0.77
CA TYR K 56 10.21 17.00 -1.89
C TYR K 56 11.40 16.07 -1.86
N ASP K 57 11.16 14.77 -2.09
CA ASP K 57 12.24 13.78 -2.05
C ASP K 57 12.84 13.65 -0.65
N GLU K 58 13.99 13.00 -0.55
CA GLU K 58 14.58 12.77 0.76
C GLU K 58 15.62 13.81 1.15
N LEU K 59 16.63 14.02 0.30
CA LEU K 59 17.70 14.95 0.67
C LEU K 59 17.17 16.17 1.39
N SER K 60 16.15 16.82 0.82
CA SER K 60 15.70 18.11 1.36
C SER K 60 15.12 17.96 2.76
N PHE K 61 14.30 16.93 2.97
CA PHE K 61 13.70 16.74 4.28
C PHE K 61 14.75 16.43 5.34
N LYS K 62 15.74 15.59 5.02
CA LYS K 62 16.78 15.28 6.00
C LYS K 62 17.63 16.51 6.27
N GLU K 63 17.92 17.31 5.25
CA GLU K 63 18.64 18.56 5.48
C GLU K 63 17.87 19.47 6.44
N TYR K 64 16.57 19.63 6.19
CA TYR K 64 15.78 20.52 7.04
C TYR K 64 15.68 19.98 8.46
N LEU K 65 15.52 18.65 8.59
CA LEU K 65 15.43 18.04 9.92
C LEU K 65 16.73 18.24 10.70
N SER K 66 17.88 18.02 10.05
CA SER K 66 19.15 18.21 10.72
C SER K 66 19.35 19.66 11.11
N ASP K 67 19.00 20.59 10.22
CA ASP K 67 19.10 22.00 10.55
C ASP K 67 18.22 22.37 11.74
N PHE K 68 17.00 21.83 11.77
CA PHE K 68 16.09 22.10 12.88
C PHE K 68 16.65 21.54 14.19
N LEU K 69 17.18 20.32 14.14
CA LEU K 69 17.74 19.71 15.35
C LEU K 69 18.92 20.52 15.87
N VAL K 70 19.79 20.97 14.98
CA VAL K 70 20.94 21.78 15.41
C VAL K 70 20.47 23.12 15.96
N ARG K 71 19.51 23.76 15.30
CA ARG K 71 18.99 25.04 15.77
C ARG K 71 18.30 24.88 17.13
N GLY K 72 17.79 23.70 17.42
CA GLY K 72 17.23 23.46 18.75
C GLY K 72 18.27 23.58 19.85
N GLY K 73 19.53 23.32 19.53
CA GLY K 73 20.60 23.51 20.48
C GLY K 73 20.81 22.33 21.42
N LEU K 74 20.83 22.61 22.72
CA LEU K 74 21.08 21.58 23.71
C LEU K 74 19.90 20.63 23.80
N ASN K 75 20.19 19.32 23.80
CA ASN K 75 19.16 18.31 24.00
C ASN K 75 19.82 17.05 24.55
N LYS K 76 19.15 16.45 25.53
CA LYS K 76 19.70 15.30 26.25
C LYS K 76 19.29 13.96 25.65
N TYR K 77 18.09 13.87 25.07
CA TYR K 77 17.64 12.59 24.54
C TYR K 77 18.50 12.15 23.36
N PHE K 78 18.88 13.09 22.49
CA PHE K 78 19.88 12.80 21.48
C PHE K 78 21.27 12.62 22.07
N ASN K 79 21.52 13.25 23.22
CA ASN K 79 22.82 13.12 23.88
C ASN K 79 23.09 11.67 24.30
N GLU K 80 22.13 11.06 25.00
CA GLU K 80 22.32 9.70 25.48
C GLU K 80 22.37 8.71 24.32
N HIS K 81 21.50 8.88 23.34
CA HIS K 81 21.36 7.95 22.22
C HIS K 81 21.92 8.60 20.96
N GLN K 82 23.19 8.34 20.67
CA GLN K 82 23.81 8.80 19.44
C GLN K 82 23.58 7.83 18.29
N GLU K 83 24.02 6.58 18.46
CA GLU K 83 23.98 5.60 17.39
C GLU K 83 22.54 5.31 16.96
N GLU K 84 21.64 5.16 17.92
CA GLU K 84 20.27 4.77 17.60
C GLU K 84 19.58 5.81 16.74
N ILE K 85 19.59 7.07 17.17
CA ILE K 85 18.92 8.13 16.41
C ILE K 85 19.67 8.45 15.13
N ALA K 86 21.01 8.37 15.15
CA ALA K 86 21.75 8.60 13.91
C ALA K 86 21.37 7.58 12.85
N LEU K 87 21.28 6.31 13.23
CA LEU K 87 20.86 5.28 12.29
C LEU K 87 19.39 5.44 11.89
N LEU K 88 18.54 5.80 12.85
CA LEU K 88 17.12 5.95 12.54
C LEU K 88 16.89 7.07 11.54
N ILE K 89 17.58 8.20 11.71
CA ILE K 89 17.42 9.31 10.78
C ILE K 89 18.07 8.98 9.44
N LYS K 90 19.28 8.42 9.46
CA LYS K 90 19.96 8.08 8.20
C LYS K 90 19.17 7.03 7.42
N LYS K 91 18.70 5.99 8.10
CA LYS K 91 17.85 4.99 7.48
C LYS K 91 16.40 5.47 7.54
N SER K 92 15.47 4.55 7.22
CA SER K 92 14.02 4.77 7.27
C SER K 92 13.57 5.73 6.17
N PRO K 93 12.40 5.50 5.59
CA PRO K 93 11.89 6.45 4.60
C PRO K 93 11.66 7.82 5.21
N TRP K 94 11.93 8.86 4.43
CA TRP K 94 11.79 10.22 4.93
C TRP K 94 10.34 10.57 5.24
N GLN K 95 9.39 9.95 4.53
CA GLN K 95 7.97 10.20 4.81
C GLN K 95 7.59 9.69 6.19
N GLU K 96 8.11 8.53 6.59
CA GLU K 96 7.85 8.01 7.93
C GLU K 96 8.41 8.94 8.99
N ILE K 97 9.61 9.46 8.77
CA ILE K 97 10.21 10.39 9.73
C ILE K 97 9.41 11.68 9.78
N ARG K 98 8.87 12.13 8.64
CA ARG K 98 8.00 13.30 8.65
C ARG K 98 6.73 13.04 9.45
N ILE K 99 6.17 11.83 9.32
CA ILE K 99 5.00 11.47 10.12
C ILE K 99 5.33 11.51 11.60
N TRP K 100 6.49 10.97 11.97
CA TRP K 100 6.91 10.99 13.37
C TRP K 100 7.12 12.42 13.86
N SER K 101 7.71 13.28 13.03
CA SER K 101 7.92 14.66 13.41
C SER K 101 6.60 15.39 13.62
N LEU K 102 5.64 15.16 12.74
CA LEU K 102 4.32 15.78 12.91
C LEU K 102 3.64 15.26 14.17
N LEU K 103 3.76 13.96 14.45
CA LEU K 103 3.18 13.42 15.67
C LEU K 103 3.81 14.04 16.90
N ALA K 104 5.12 14.29 16.86
CA ALA K 104 5.79 14.99 17.95
C ALA K 104 5.29 16.43 18.06
N ILE K 105 5.05 17.08 16.92
CA ILE K 105 4.56 18.45 16.94
C ILE K 105 3.21 18.52 17.62
N ALA K 106 2.31 17.58 17.28
CA ALA K 106 0.97 17.60 17.83
C ALA K 106 0.95 17.31 19.33
N SER K 107 2.04 16.77 19.89
CA SER K 107 2.09 16.42 21.31
C SER K 107 3.27 17.07 22.03
N TYR K 108 3.88 18.10 21.44
CA TYR K 108 4.95 18.82 22.12
C TYR K 108 4.39 19.73 23.21
N LYS K 109 3.21 20.30 22.98
CA LYS K 109 2.64 21.39 23.75
C LYS K 109 2.45 21.15 25.26
N PRO K 110 2.35 19.92 25.77
CA PRO K 110 2.21 19.79 27.24
C PRO K 110 3.37 20.41 27.99
N LYS K 111 4.56 20.42 27.38
CA LYS K 111 5.70 21.12 27.97
C LYS K 111 5.41 22.61 28.10
N ASP K 112 5.00 23.24 27.00
CA ASP K 112 4.62 24.65 26.99
C ASP K 112 3.47 24.90 26.00
N ASN L 4 -13.27 -0.36 31.84
CA ASN L 4 -12.72 -0.23 30.49
C ASN L 4 -11.27 -0.69 30.43
N SER L 5 -10.95 -1.49 29.42
CA SER L 5 -9.59 -1.96 29.23
C SER L 5 -8.70 -0.80 28.75
N GLU L 6 -7.39 -1.04 28.80
CA GLU L 6 -6.45 -0.01 28.38
C GLU L 6 -6.59 0.29 26.89
N GLU L 7 -6.87 -0.75 26.08
CA GLU L 7 -7.11 -0.52 24.66
C GLU L 7 -8.32 0.38 24.45
N ASP L 8 -9.39 0.13 25.21
CA ASP L 8 -10.58 0.97 25.11
C ASP L 8 -10.27 2.41 25.52
N LYS L 9 -9.48 2.59 26.57
CA LYS L 9 -9.12 3.93 27.02
C LYS L 9 -8.33 4.66 25.95
N GLN L 10 -7.35 3.99 25.34
CA GLN L 10 -6.57 4.62 24.28
C GLN L 10 -7.43 4.94 23.07
N TYR L 11 -8.38 4.05 22.75
CA TYR L 11 -9.28 4.30 21.64
C TYR L 11 -10.14 5.53 21.88
N LEU L 12 -10.68 5.66 23.09
CA LEU L 12 -11.48 6.84 23.43
C LEU L 12 -10.63 8.11 23.42
N ILE L 13 -9.39 8.03 23.92
CA ILE L 13 -8.52 9.20 23.91
C ILE L 13 -8.20 9.60 22.47
N PHE L 14 -8.01 8.62 21.59
CA PHE L 14 -7.78 8.94 20.18
C PHE L 14 -9.00 9.60 19.55
N ILE L 15 -10.20 9.11 19.90
CA ILE L 15 -11.42 9.74 19.40
C ILE L 15 -11.49 11.19 19.84
N LYS L 16 -11.19 11.45 21.11
CA LYS L 16 -11.21 12.81 21.62
C LYS L 16 -10.14 13.68 20.95
N VAL L 17 -8.96 13.10 20.71
CA VAL L 17 -7.90 13.82 20.02
C VAL L 17 -8.34 14.24 18.63
N PHE L 18 -8.94 13.30 17.88
CA PHE L 18 -9.40 13.63 16.54
C PHE L 18 -10.51 14.66 16.57
N GLN L 19 -11.41 14.57 17.56
CA GLN L 19 -12.48 15.56 17.65
C GLN L 19 -11.93 16.94 17.95
N GLN L 20 -10.93 17.04 18.82
CA GLN L 20 -10.31 18.33 19.09
C GLN L 20 -9.59 18.87 17.86
N ALA L 21 -8.94 17.99 17.10
CA ALA L 21 -8.28 18.42 15.88
C ALA L 21 -9.29 18.96 14.88
N MET L 22 -10.45 18.30 14.76
CA MET L 22 -11.50 18.81 13.88
C MET L 22 -12.04 20.15 14.39
N LYS L 23 -12.17 20.29 15.71
CA LYS L 23 -12.55 21.57 16.29
C LYS L 23 -11.61 22.67 15.85
N GLY L 24 -10.30 22.40 15.95
CA GLY L 24 -9.32 23.40 15.55
C GLY L 24 -9.37 23.73 14.07
N ASN L 25 -9.48 22.70 13.23
CA ASN L 25 -9.54 22.93 11.79
C ASN L 25 -10.79 23.71 11.40
N PHE L 26 -11.93 23.37 12.00
CA PHE L 26 -13.17 24.09 11.70
C PHE L 26 -13.14 25.50 12.23
N ALA L 27 -12.49 25.74 13.37
CA ALA L 27 -12.30 27.11 13.84
C ALA L 27 -11.43 27.91 12.89
N LYS L 28 -10.38 27.28 12.35
CA LYS L 28 -9.54 27.95 11.36
C LYS L 28 -10.35 28.31 10.12
N ILE L 29 -11.19 27.39 9.64
CA ILE L 29 -12.04 27.67 8.49
C ILE L 29 -13.02 28.80 8.81
N TYR L 30 -13.62 28.77 9.99
CA TYR L 30 -14.54 29.82 10.41
C TYR L 30 -13.85 31.19 10.40
N ALA L 31 -12.64 31.26 10.96
CA ALA L 31 -11.90 32.52 10.96
C ALA L 31 -11.56 32.96 9.55
N LYS L 32 -11.17 32.02 8.69
CA LYS L 32 -10.81 32.37 7.31
C LYS L 32 -12.04 32.73 6.48
N THR L 33 -13.20 32.17 6.81
CA THR L 33 -14.40 32.37 5.99
C THR L 33 -15.51 33.04 6.80
N GLU L 34 -15.17 34.10 7.53
CA GLU L 34 -16.18 34.85 8.26
C GLU L 34 -17.17 35.55 7.35
N GLU L 35 -16.78 35.83 6.10
CA GLU L 35 -17.66 36.51 5.17
C GLU L 35 -18.83 35.61 4.79
N GLY L 36 -19.96 36.24 4.47
CA GLY L 36 -21.18 35.54 4.13
C GLY L 36 -22.11 35.40 5.31
N LYS L 37 -23.25 34.75 5.04
CA LYS L 37 -24.23 34.54 6.10
C LYS L 37 -23.66 33.66 7.21
N ASP L 38 -23.02 32.55 6.84
CA ASP L 38 -22.39 31.65 7.79
C ASP L 38 -21.48 30.68 7.04
N PRO L 39 -20.26 30.47 7.52
CA PRO L 39 -19.38 29.46 6.90
C PRO L 39 -20.03 28.09 6.94
N PRO L 40 -19.90 27.30 5.88
CA PRO L 40 -20.54 25.98 5.86
C PRO L 40 -19.93 25.05 6.90
N ILE L 41 -20.76 24.16 7.43
CA ILE L 41 -20.35 23.15 8.40
C ILE L 41 -20.49 21.74 7.84
N LYS L 42 -21.61 21.46 7.18
CA LYS L 42 -21.81 20.16 6.55
C LYS L 42 -20.80 19.94 5.44
N LYS L 43 -20.50 21.00 4.67
CA LYS L 43 -19.52 20.88 3.59
C LYS L 43 -18.14 20.54 4.15
N LYS L 44 -17.79 21.09 5.31
CA LYS L 44 -16.50 20.75 5.93
C LYS L 44 -16.44 19.28 6.30
N VAL L 45 -17.53 18.74 6.85
CA VAL L 45 -17.56 17.32 7.22
C VAL L 45 -17.46 16.46 5.96
N GLU L 46 -18.15 16.84 4.90
CA GLU L 46 -18.08 16.09 3.65
C GLU L 46 -16.67 16.12 3.07
N ARG L 47 -16.01 17.29 3.14
CA ARG L 47 -14.62 17.39 2.70
C ARG L 47 -13.72 16.48 3.51
N LEU L 48 -13.89 16.46 4.83
CA LEU L 48 -13.05 15.61 5.68
C LEU L 48 -13.28 14.14 5.36
N ARG L 49 -14.54 13.74 5.16
CA ARG L 49 -14.83 12.35 4.82
C ARG L 49 -14.22 11.97 3.48
N ALA L 50 -14.33 12.85 2.49
CA ALA L 50 -13.77 12.56 1.16
C ALA L 50 -12.25 12.44 1.23
N GLU L 51 -11.61 13.33 1.98
CA GLU L 51 -10.17 13.28 2.10
C GLU L 51 -9.70 12.05 2.86
N LEU L 52 -10.44 11.64 3.89
CA LEU L 52 -10.09 10.42 4.60
C LEU L 52 -10.27 9.19 3.71
N ASN L 53 -11.34 9.15 2.92
CA ASN L 53 -11.55 8.02 2.02
C ASN L 53 -10.59 8.03 0.84
N TYR L 54 -9.97 9.18 0.54
CA TYR L 54 -9.00 9.24 -0.55
C TYR L 54 -7.78 8.36 -0.26
N CYS L 55 -7.40 8.26 1.01
CA CYS L 55 -6.19 7.52 1.37
C CYS L 55 -6.29 6.07 0.94
N TYR L 56 -5.21 5.57 0.34
CA TYR L 56 -5.19 4.24 -0.24
C TYR L 56 -4.24 3.27 0.45
N ASP L 57 -3.23 3.77 1.17
CA ASP L 57 -2.26 2.90 1.83
C ASP L 57 -1.93 3.49 3.20
N GLU L 58 -1.12 2.76 3.96
CA GLU L 58 -0.79 3.17 5.33
C GLU L 58 -0.03 4.48 5.35
N LEU L 59 0.96 4.64 4.48
CA LEU L 59 1.81 5.83 4.52
C LEU L 59 1.02 7.09 4.25
N SER L 60 0.22 7.09 3.17
CA SER L 60 -0.55 8.28 2.83
C SER L 60 -1.56 8.62 3.90
N PHE L 61 -2.27 7.61 4.42
CA PHE L 61 -3.27 7.87 5.45
C PHE L 61 -2.63 8.42 6.72
N LYS L 62 -1.50 7.85 7.14
CA LYS L 62 -0.87 8.33 8.35
C LYS L 62 -0.27 9.73 8.17
N GLU L 63 0.25 10.02 6.98
CA GLU L 63 0.71 11.37 6.68
C GLU L 63 -0.44 12.37 6.80
N TYR L 64 -1.58 12.05 6.19
CA TYR L 64 -2.74 12.93 6.28
C TYR L 64 -3.22 13.07 7.72
N LEU L 65 -3.22 11.96 8.47
CA LEU L 65 -3.69 12.01 9.85
C LEU L 65 -2.79 12.90 10.70
N SER L 66 -1.47 12.75 10.57
CA SER L 66 -0.56 13.60 11.34
C SER L 66 -0.71 15.06 10.93
N ASP L 67 -0.83 15.34 9.63
CA ASP L 67 -1.00 16.70 9.17
C ASP L 67 -2.28 17.32 9.75
N PHE L 68 -3.38 16.57 9.72
CA PHE L 68 -4.64 17.06 10.26
C PHE L 68 -4.55 17.28 11.76
N LEU L 69 -3.93 16.34 12.48
CA LEU L 69 -3.83 16.46 13.92
C LEU L 69 -3.02 17.69 14.31
N VAL L 70 -1.93 17.96 13.58
CA VAL L 70 -1.14 19.14 13.89
C VAL L 70 -1.91 20.41 13.54
N ARG L 71 -2.59 20.41 12.39
CA ARG L 71 -3.42 21.56 12.02
C ARG L 71 -4.52 21.82 13.05
N GLY L 72 -4.92 20.81 13.81
CA GLY L 72 -5.95 21.02 14.82
C GLY L 72 -5.54 22.04 15.86
N GLY L 73 -4.32 21.91 16.39
CA GLY L 73 -3.85 22.88 17.36
C GLY L 73 -3.25 22.26 18.61
N LEU L 74 -3.69 22.75 19.78
CA LEU L 74 -3.11 22.31 21.04
C LEU L 74 -3.41 20.83 21.30
N ASN L 75 -4.67 20.44 21.19
CA ASN L 75 -5.11 19.05 21.33
C ASN L 75 -4.75 18.49 22.71
N LYS L 76 -5.41 19.05 23.73
CA LYS L 76 -5.05 18.77 25.11
C LYS L 76 -5.03 17.28 25.42
N TYR L 77 -5.88 16.50 24.75
CA TYR L 77 -5.91 15.06 24.99
C TYR L 77 -4.64 14.40 24.48
N PHE L 78 -4.02 14.98 23.44
CA PHE L 78 -2.70 14.53 23.00
C PHE L 78 -1.59 15.06 23.90
N ASN L 79 -1.75 16.26 24.46
CA ASN L 79 -0.85 16.73 25.51
C ASN L 79 -0.75 15.71 26.64
N GLU L 80 -1.88 15.23 27.14
CA GLU L 80 -1.85 14.34 28.30
C GLU L 80 -1.37 12.93 27.97
N HIS L 81 -1.33 12.53 26.69
CA HIS L 81 -1.07 11.14 26.35
C HIS L 81 -0.09 10.95 25.21
N GLN L 82 1.09 11.57 25.28
CA GLN L 82 2.11 11.41 24.23
C GLN L 82 2.32 9.96 23.82
N GLU L 83 2.83 9.15 24.75
CA GLU L 83 3.35 7.84 24.39
C GLU L 83 2.23 6.90 23.95
N GLU L 84 1.11 6.87 24.68
CA GLU L 84 0.05 5.93 24.37
C GLU L 84 -0.53 6.20 22.98
N ILE L 85 -0.91 7.45 22.71
CA ILE L 85 -1.52 7.78 21.44
C ILE L 85 -0.52 7.66 20.29
N ALA L 86 0.73 8.07 20.54
CA ALA L 86 1.74 7.94 19.50
C ALA L 86 1.98 6.48 19.12
N LEU L 87 2.10 5.61 20.12
CA LEU L 87 2.27 4.18 19.85
C LEU L 87 1.05 3.60 19.17
N LEU L 88 -0.15 4.04 19.57
CA LEU L 88 -1.37 3.54 18.94
C LEU L 88 -1.42 3.92 17.47
N ILE L 89 -1.04 5.16 17.14
CA ILE L 89 -1.04 5.59 15.74
C ILE L 89 0.02 4.82 14.96
N LYS L 90 1.22 4.66 15.53
CA LYS L 90 2.31 4.02 14.81
C LYS L 90 2.03 2.54 14.58
N LYS L 91 1.42 1.86 15.56
CA LYS L 91 1.28 0.41 15.53
C LYS L 91 0.05 -0.06 14.77
N SER L 92 -1.11 0.54 15.05
CA SER L 92 -2.37 -0.01 14.58
C SER L 92 -2.46 0.05 13.06
N PRO L 93 -3.17 -0.91 12.44
CA PRO L 93 -3.39 -0.84 11.00
C PRO L 93 -4.15 0.43 10.62
N TRP L 94 -3.79 0.99 9.47
CA TRP L 94 -4.35 2.28 9.07
C TRP L 94 -5.85 2.23 8.83
N GLN L 95 -6.37 1.06 8.43
CA GLN L 95 -7.81 0.94 8.23
C GLN L 95 -8.58 1.12 9.53
N GLU L 96 -8.09 0.51 10.62
CA GLU L 96 -8.75 0.68 11.91
C GLU L 96 -8.67 2.13 12.38
N ILE L 97 -7.54 2.79 12.16
CA ILE L 97 -7.42 4.19 12.55
C ILE L 97 -8.38 5.04 11.74
N ARG L 98 -8.55 4.72 10.45
CA ARG L 98 -9.53 5.45 9.65
C ARG L 98 -10.94 5.23 10.16
N ILE L 99 -11.26 3.99 10.58
CA ILE L 99 -12.57 3.71 11.15
C ILE L 99 -12.79 4.54 12.40
N TRP L 100 -11.79 4.60 13.28
CA TRP L 100 -11.91 5.40 14.49
C TRP L 100 -12.05 6.88 14.17
N SER L 101 -11.29 7.38 13.20
CA SER L 101 -11.38 8.79 12.83
C SER L 101 -12.77 9.12 12.29
N LEU L 102 -13.33 8.24 11.45
CA LEU L 102 -14.66 8.49 10.93
C LEU L 102 -15.72 8.39 12.01
N LEU L 103 -15.54 7.48 12.98
CA LEU L 103 -16.46 7.44 14.13
C LEU L 103 -16.39 8.74 14.91
N ALA L 104 -15.18 9.27 15.11
CA ALA L 104 -15.04 10.56 15.78
C ALA L 104 -15.72 11.68 14.98
N ILE L 105 -15.61 11.62 13.65
CA ILE L 105 -16.28 12.60 12.81
C ILE L 105 -17.79 12.53 13.02
N ALA L 106 -18.34 11.31 13.01
CA ALA L 106 -19.78 11.13 13.16
C ALA L 106 -20.26 11.59 14.53
N SER L 107 -19.48 11.32 15.57
CA SER L 107 -19.86 11.65 16.94
C SER L 107 -19.41 13.05 17.36
N TYR L 108 -19.25 13.97 16.41
CA TYR L 108 -18.74 15.30 16.71
C TYR L 108 -19.90 16.26 16.98
N LYS L 109 -19.72 17.11 18.00
CA LYS L 109 -20.68 18.14 18.32
C LYS L 109 -20.07 19.51 18.03
N PRO L 110 -20.57 20.24 17.04
CA PRO L 110 -20.08 21.61 16.84
C PRO L 110 -20.39 22.49 18.03
N LYS L 111 -19.49 23.42 18.31
CA LYS L 111 -19.65 24.30 19.46
C LYS L 111 -20.83 25.24 19.25
N ASP L 112 -21.69 25.33 20.27
CA ASP L 112 -22.87 26.18 20.19
C ASP L 112 -22.52 27.64 20.49
#